data_7U67
#
_entry.id   7U67
#
_cell.length_a   1.00
_cell.length_b   1.00
_cell.length_c   1.00
_cell.angle_alpha   90.00
_cell.angle_beta   90.00
_cell.angle_gamma   90.00
#
_symmetry.space_group_name_H-M   'P 1'
#
loop_
_entity.id
_entity.type
_entity.pdbx_description
1 polymer 'Deoxyguanosinetriphosphate triphosphohydrolase'
2 polymer 'Inhibitor of dGTPase'
3 non-polymer "GUANOSINE-5'-TRIPHOSPHATE"
4 non-polymer 'MAGNESIUM ION'
#
loop_
_entity_poly.entity_id
_entity_poly.type
_entity_poly.pdbx_seq_one_letter_code
_entity_poly.pdbx_strand_id
1 'polypeptide(L)'
;MAQIDFRKKINWHRRYRSPQGVKTEHEILRIFESDRGRIINSPAIRRLQQKTQVFPLERNAAVRTRLTHSMEVQQVGRYI
AKEILSRLKELKLLEAYGLDELTGPFESIVEMSCLMHDIGNPPFGHFGEAAINDWFRQRLHPEDAESQPLTDDRCSVAAL
RLRDGEEPLNELRRKIRQDLCHFEGNAQGIRLVHTLMRMNLTWAQVGGILKYTRPAWWRGETPETHHYLMKKPGYYLSEE
AYIARLRKELNLALYSRFPLTWIMEAADDISYCVADLEDAVEKRIFTVEQLYHHLHEAWGQHEKGSLFSLVVENAWEKSR
SNSLSRSTEDQFFMYLRVNTLNKLVPYAAQRFIDNLPAIFAGTFNHALLEDASECSDLLKLYKNVAVKHVFSHPDVERLE
LQGYRVISGLLEIYRPLLSLSLSDFTELVEKERVKRFPIESRLFHKLSTRHRLAYVEAVSKLPSDSPEFPLWEYYYRCRL
LQDYISGMTDLYAWDEYRRLMAVEQ
;
A,D,C,B,F,E
2 'polypeptide(L)'
;GSFTMGRLYSGNLAAFKAATNKLFQLDLAVIYDDWYDAYTRKDCIRLRIEDRSGNLIDTSTFYHHDEDVLFNMCTDWLNH
MYDQLKDWK
;
G,J,I,H,L,K
#
# COMPACT_ATOMS: atom_id res chain seq x y z
N GLN A 3 30.59 58.80 16.76
CA GLN A 3 29.87 59.32 15.61
C GLN A 3 29.20 58.21 14.83
N ILE A 4 27.88 58.28 14.72
CA ILE A 4 27.10 57.29 14.00
C ILE A 4 27.05 57.66 12.53
N ASP A 5 27.47 56.72 11.67
CA ASP A 5 27.48 56.95 10.23
C ASP A 5 27.18 55.62 9.55
N PHE A 6 25.97 55.49 9.00
CA PHE A 6 25.53 54.24 8.39
C PHE A 6 26.14 53.99 7.03
N ARG A 7 26.83 54.97 6.45
CA ARG A 7 27.52 54.74 5.18
C ARG A 7 28.69 53.78 5.34
N LYS A 8 29.30 53.72 6.51
CA LYS A 8 30.39 52.81 6.79
C LYS A 8 29.91 51.39 7.13
N LYS A 9 28.60 51.19 7.27
CA LYS A 9 28.03 49.90 7.57
C LYS A 9 27.33 49.26 6.37
N ILE A 10 26.63 50.05 5.57
CA ILE A 10 25.96 49.54 4.38
C ILE A 10 26.98 49.40 3.25
N ASN A 11 27.47 48.19 3.07
CA ASN A 11 28.49 47.91 2.06
C ASN A 11 27.85 47.21 0.87
N TRP A 12 28.03 47.79 -0.32
CA TRP A 12 27.47 47.23 -1.55
C TRP A 12 28.52 46.51 -2.40
N HIS A 13 29.70 46.27 -1.86
CA HIS A 13 30.74 45.54 -2.57
C HIS A 13 30.51 44.03 -2.44
N ARG A 14 31.13 43.28 -3.34
CA ARG A 14 31.05 41.84 -3.38
C ARG A 14 32.44 41.23 -3.20
N ARG A 15 32.49 39.91 -3.09
CA ARG A 15 33.75 39.19 -2.96
C ARG A 15 34.38 38.88 -4.30
N TYR A 16 33.58 38.57 -5.31
CA TYR A 16 34.06 38.27 -6.65
C TYR A 16 33.43 39.23 -7.65
N ARG A 17 34.26 39.78 -8.54
CA ARG A 17 33.83 40.75 -9.54
C ARG A 17 33.11 41.93 -8.86
N SER A 18 33.71 42.44 -7.80
CA SER A 18 33.08 43.48 -7.01
C SER A 18 32.92 44.76 -7.84
N PRO A 19 31.78 45.44 -7.73
CA PRO A 19 31.61 46.72 -8.43
C PRO A 19 32.46 47.82 -7.81
N GLN A 20 33.39 48.37 -8.59
CA GLN A 20 34.28 49.42 -8.13
C GLN A 20 33.81 50.77 -8.65
N GLY A 21 34.41 51.83 -8.10
CA GLY A 21 34.08 53.19 -8.50
C GLY A 21 32.96 53.79 -7.68
N VAL A 22 32.73 55.07 -7.93
CA VAL A 22 31.69 55.82 -7.23
C VAL A 22 30.35 55.56 -7.92
N LYS A 23 29.31 55.37 -7.10
CA LYS A 23 27.97 55.07 -7.61
C LYS A 23 26.99 56.10 -7.05
N THR A 24 25.96 56.40 -7.85
CA THR A 24 24.93 57.31 -7.42
C THR A 24 23.87 56.57 -6.61
N GLU A 25 22.86 57.32 -6.15
CA GLU A 25 21.82 56.74 -5.32
C GLU A 25 20.94 55.76 -6.09
N HIS A 26 20.82 55.91 -7.41
CA HIS A 26 19.95 55.04 -8.18
C HIS A 26 20.61 53.69 -8.46
N GLU A 27 21.86 53.70 -8.91
CA GLU A 27 22.54 52.44 -9.20
C GLU A 27 22.88 51.67 -7.94
N ILE A 28 23.00 52.33 -6.79
CA ILE A 28 23.19 51.62 -5.53
C ILE A 28 21.97 50.77 -5.21
N LEU A 29 20.77 51.32 -5.43
CA LEU A 29 19.54 50.58 -5.21
C LEU A 29 19.44 49.38 -6.16
N ARG A 30 19.90 49.51 -7.39
CA ARG A 30 19.86 48.40 -8.34
C ARG A 30 20.70 47.22 -7.88
N ILE A 31 21.77 47.47 -7.11
CA ILE A 31 22.59 46.38 -6.60
C ILE A 31 21.82 45.54 -5.59
N PHE A 32 20.98 46.15 -4.77
CA PHE A 32 20.25 45.46 -3.73
C PHE A 32 18.96 44.81 -4.25
N GLU A 33 18.61 45.02 -5.52
CA GLU A 33 17.48 44.32 -6.14
C GLU A 33 17.91 43.02 -6.81
N SER A 34 19.11 43.01 -7.42
CA SER A 34 19.64 41.75 -7.96
C SER A 34 19.85 40.73 -6.86
N ASP A 35 20.24 41.18 -5.66
CA ASP A 35 20.36 40.26 -4.53
C ASP A 35 19.01 39.64 -4.18
N ARG A 36 17.96 40.46 -4.23
CA ARG A 36 16.63 39.96 -3.97
C ARG A 36 16.21 38.95 -5.03
N GLY A 37 16.52 39.21 -6.29
CA GLY A 37 16.21 38.26 -7.34
C GLY A 37 16.97 36.95 -7.17
N ARG A 38 18.24 37.04 -6.76
CA ARG A 38 19.03 35.85 -6.52
C ARG A 38 18.47 35.01 -5.39
N ILE A 39 18.12 35.67 -4.27
CA ILE A 39 17.68 34.94 -3.09
C ILE A 39 16.31 34.31 -3.32
N ILE A 40 15.37 35.06 -3.91
CA ILE A 40 14.01 34.55 -4.07
C ILE A 40 13.98 33.39 -5.05
N ASN A 41 14.81 33.42 -6.10
CA ASN A 41 14.84 32.37 -7.11
C ASN A 41 15.97 31.36 -6.87
N SER A 42 16.28 31.07 -5.59
CA SER A 42 17.34 30.15 -5.23
C SER A 42 16.76 28.79 -4.83
N PRO A 43 17.47 27.70 -5.14
CA PRO A 43 16.99 26.37 -4.73
C PRO A 43 16.87 26.21 -3.22
N ALA A 44 17.66 26.96 -2.44
CA ALA A 44 17.59 26.83 -0.99
C ALA A 44 16.26 27.34 -0.45
N ILE A 45 15.70 28.38 -1.07
CA ILE A 45 14.42 28.91 -0.59
C ILE A 45 13.27 28.03 -1.04
N ARG A 46 13.37 27.43 -2.23
CA ARG A 46 12.31 26.54 -2.72
C ARG A 46 12.15 25.32 -1.83
N ARG A 47 13.27 24.81 -1.30
CA ARG A 47 13.23 23.63 -0.45
C ARG A 47 12.55 23.88 0.89
N LEU A 48 12.28 25.14 1.24
CA LEU A 48 11.68 25.45 2.53
C LEU A 48 10.22 25.03 2.62
N GLN A 49 9.56 24.78 1.49
CA GLN A 49 8.15 24.39 1.51
C GLN A 49 7.95 22.90 1.75
N GLN A 50 9.03 22.12 1.83
CA GLN A 50 8.95 20.70 2.13
C GLN A 50 9.49 20.37 3.51
N LYS A 51 9.71 21.39 4.34
CA LYS A 51 10.14 21.22 5.72
C LYS A 51 9.02 21.68 6.64
N THR A 52 8.77 20.89 7.69
CA THR A 52 7.64 21.13 8.57
C THR A 52 8.02 22.07 9.71
N GLN A 53 7.08 22.91 10.13
CA GLN A 53 7.28 23.73 11.31
C GLN A 53 6.96 22.95 12.57
N VAL A 54 5.70 22.54 12.73
CA VAL A 54 5.29 21.66 13.82
C VAL A 54 4.54 20.46 13.26
N PHE A 55 3.49 20.72 12.47
CA PHE A 55 2.63 19.67 11.93
C PHE A 55 3.05 19.32 10.52
N PRO A 56 3.24 18.02 10.21
CA PRO A 56 3.67 17.58 8.88
C PRO A 56 2.61 17.84 7.81
N ALA A 62 -3.38 22.94 4.88
CA ALA A 62 -3.54 24.35 5.21
C ALA A 62 -2.63 24.75 6.37
N VAL A 63 -1.73 23.84 6.76
CA VAL A 63 -0.80 24.10 7.84
C VAL A 63 0.40 24.85 7.30
N ARG A 64 1.05 25.61 8.18
CA ARG A 64 2.18 26.44 7.78
C ARG A 64 3.45 25.60 7.67
N THR A 65 4.24 25.90 6.64
CA THR A 65 5.57 25.34 6.48
C THR A 65 6.59 26.41 6.86
N ARG A 66 7.88 26.10 6.67
CA ARG A 66 8.91 27.09 6.96
C ARG A 66 8.88 28.24 5.97
N LEU A 67 8.48 27.98 4.72
CA LEU A 67 8.38 29.05 3.74
C LEU A 67 7.27 30.02 4.09
N THR A 68 6.10 29.51 4.49
CA THR A 68 5.01 30.37 4.91
C THR A 68 5.29 31.06 6.24
N HIS A 69 6.08 30.44 7.11
CA HIS A 69 6.44 31.08 8.37
C HIS A 69 7.41 32.22 8.16
N SER A 70 8.42 32.03 7.31
CA SER A 70 9.39 33.08 7.02
C SER A 70 8.79 34.24 6.24
N MET A 71 7.66 34.04 5.57
CA MET A 71 6.98 35.14 4.90
C MET A 71 6.26 36.05 5.87
N GLU A 72 5.80 35.51 7.00
CA GLU A 72 5.20 36.34 8.03
C GLU A 72 6.25 37.10 8.83
N VAL A 73 7.41 36.50 9.06
CA VAL A 73 8.50 37.19 9.74
C VAL A 73 9.02 38.34 8.87
N GLN A 74 9.03 38.15 7.55
CA GLN A 74 9.47 39.21 6.65
C GLN A 74 8.56 40.42 6.72
N GLN A 75 7.26 40.22 6.89
CA GLN A 75 6.33 41.34 6.98
C GLN A 75 6.50 42.11 8.28
N VAL A 76 6.76 41.41 9.38
CA VAL A 76 6.96 42.08 10.67
C VAL A 76 8.25 42.88 10.65
N GLY A 77 9.29 42.36 10.00
CA GLY A 77 10.54 43.10 9.90
C GLY A 77 10.39 44.39 9.12
N ARG A 78 9.68 44.36 8.02
CA ARG A 78 9.46 45.55 7.20
C ARG A 78 8.88 46.66 8.05
N TYR A 79 7.84 46.34 8.76
CA TYR A 79 7.13 47.23 9.62
C TYR A 79 7.95 47.82 10.79
N ILE A 80 8.96 47.13 11.31
CA ILE A 80 9.79 47.67 12.39
C ILE A 80 10.80 48.66 11.82
N ALA A 81 11.31 48.37 10.65
CA ALA A 81 12.25 49.24 9.94
C ALA A 81 11.56 50.52 9.48
N LYS A 82 10.33 50.41 8.98
CA LYS A 82 9.60 51.60 8.55
C LYS A 82 9.26 52.51 9.73
N GLU A 83 8.91 51.93 10.87
CA GLU A 83 8.65 52.73 12.07
C GLU A 83 9.91 53.43 12.56
N ILE A 84 11.06 52.75 12.50
CA ILE A 84 12.31 53.36 12.92
C ILE A 84 12.70 54.50 11.97
N LEU A 85 12.57 54.28 10.67
CA LEU A 85 12.92 55.33 9.71
C LEU A 85 12.02 56.54 9.84
N SER A 86 10.71 56.34 10.02
CA SER A 86 9.79 57.46 10.15
C SER A 86 9.96 58.23 11.44
N ARG A 87 10.34 57.56 12.54
CA ARG A 87 10.53 58.24 13.81
C ARG A 87 11.78 59.11 13.81
N LEU A 88 12.82 58.72 13.09
CA LEU A 88 14.03 59.52 13.01
C LEU A 88 13.82 60.79 12.19
N LYS A 89 12.96 60.74 11.17
CA LYS A 89 12.69 61.93 10.38
C LYS A 89 11.98 63.01 11.20
N GLU A 90 11.20 62.62 12.20
CA GLU A 90 10.56 63.60 13.07
C GLU A 90 11.58 64.36 13.91
N LEU A 91 12.67 63.70 14.27
CA LEU A 91 13.73 64.34 15.05
C LEU A 91 14.80 64.98 14.19
N LYS A 92 14.65 64.94 12.86
CA LYS A 92 15.60 65.54 11.92
C LYS A 92 17.01 64.99 12.13
N LEU A 93 17.09 63.67 12.30
CA LEU A 93 18.36 62.99 12.48
C LEU A 93 18.74 62.10 11.31
N LEU A 94 17.91 62.04 10.26
CA LEU A 94 18.20 61.17 9.13
C LEU A 94 19.46 61.61 8.40
N GLU A 95 19.63 62.93 8.20
CA GLU A 95 20.81 63.43 7.52
C GLU A 95 22.06 63.33 8.40
N ALA A 96 21.91 63.49 9.71
CA ALA A 96 23.07 63.43 10.60
C ALA A 96 23.63 62.02 10.73
N TYR A 97 22.77 61.01 10.59
CA TYR A 97 23.17 59.61 10.76
C TYR A 97 23.58 58.95 9.46
N GLY A 98 23.55 59.66 8.34
CA GLY A 98 23.97 59.11 7.07
C GLY A 98 22.93 58.30 6.33
N LEU A 99 21.67 58.32 6.78
CA LEU A 99 20.60 57.54 6.18
C LEU A 99 19.77 58.36 5.19
N ASP A 100 20.28 59.52 4.75
CA ASP A 100 19.54 60.35 3.83
C ASP A 100 19.33 59.66 2.48
N GLU A 101 20.37 58.98 1.99
CA GLU A 101 20.31 58.32 0.69
C GLU A 101 20.45 56.80 0.82
N LEU A 102 19.97 56.23 1.94
CA LEU A 102 20.07 54.79 2.13
C LEU A 102 18.79 54.19 2.71
N THR A 103 17.65 54.89 2.60
CA THR A 103 16.41 54.35 3.13
C THR A 103 15.92 53.12 2.36
N GLY A 104 16.36 52.95 1.12
CA GLY A 104 15.96 51.82 0.32
C GLY A 104 16.59 50.52 0.78
N PRO A 105 17.92 50.42 0.69
CA PRO A 105 18.58 49.18 1.13
C PRO A 105 18.39 48.86 2.60
N PHE A 106 18.10 49.87 3.44
CA PHE A 106 17.95 49.63 4.87
C PHE A 106 16.83 48.63 5.15
N GLU A 107 15.69 48.79 4.48
CA GLU A 107 14.59 47.85 4.64
C GLU A 107 14.82 46.54 3.87
N SER A 108 15.48 46.62 2.71
CA SER A 108 15.70 45.42 1.90
C SER A 108 16.61 44.44 2.62
N ILE A 109 17.65 44.93 3.29
CA ILE A 109 18.56 44.04 4.01
C ILE A 109 17.82 43.31 5.12
N VAL A 110 16.98 44.04 5.87
CA VAL A 110 16.20 43.41 6.94
C VAL A 110 15.23 42.39 6.37
N GLU A 111 14.60 42.71 5.26
CA GLU A 111 13.65 41.81 4.63
C GLU A 111 14.27 40.54 4.09
N MET A 112 15.47 40.61 3.53
CA MET A 112 16.17 39.42 3.07
C MET A 112 16.82 38.64 4.21
N SER A 113 17.21 39.31 5.29
CA SER A 113 17.72 38.58 6.45
C SER A 113 16.61 37.81 7.14
N CYS A 114 15.41 38.40 7.23
CA CYS A 114 14.27 37.70 7.79
C CYS A 114 13.86 36.52 6.93
N LEU A 115 13.96 36.67 5.60
CA LEU A 115 13.55 35.58 4.71
C LEU A 115 14.43 34.35 4.89
N MET A 116 15.75 34.51 4.80
CA MET A 116 16.68 33.38 4.89
C MET A 116 17.25 33.25 6.30
N HIS A 117 16.36 33.14 7.28
CA HIS A 117 16.76 32.94 8.67
C HIS A 117 16.63 31.49 9.11
N ASP A 118 16.18 30.60 8.23
CA ASP A 118 16.05 29.18 8.56
C ASP A 118 16.50 28.27 7.43
N ILE A 119 17.41 28.73 6.57
CA ILE A 119 17.82 27.93 5.42
C ILE A 119 18.83 26.85 5.79
N GLY A 120 19.47 26.95 6.95
CA GLY A 120 20.47 26.00 7.37
C GLY A 120 20.02 24.95 8.37
N ASN A 121 18.73 24.88 8.66
CA ASN A 121 18.24 23.89 9.62
C ASN A 121 18.27 22.49 9.00
N PRO A 122 18.66 21.49 9.76
CA PRO A 122 18.69 20.11 9.24
C PRO A 122 17.29 19.54 9.20
N PRO A 123 17.09 18.41 8.49
CA PRO A 123 15.78 17.75 8.50
C PRO A 123 15.38 17.36 9.91
N PHE A 124 14.08 17.46 10.19
CA PHE A 124 13.43 17.18 11.47
C PHE A 124 13.78 18.20 12.54
N GLY A 125 14.56 19.23 12.21
CA GLY A 125 14.73 20.36 13.13
C GLY A 125 15.59 20.01 14.32
N HIS A 126 15.10 20.38 15.51
CA HIS A 126 15.91 20.32 16.72
C HIS A 126 16.44 18.91 16.99
N PHE A 127 15.56 17.92 16.95
CA PHE A 127 16.00 16.55 17.19
C PHE A 127 16.84 16.00 16.04
N GLY A 128 16.74 16.60 14.86
CA GLY A 128 17.69 16.29 13.81
C GLY A 128 19.06 16.91 14.06
N GLU A 129 19.11 18.02 14.80
CA GLU A 129 20.37 18.64 15.17
C GLU A 129 21.09 17.86 16.28
N ALA A 130 20.34 17.35 17.25
CA ALA A 130 20.96 16.58 18.33
C ALA A 130 21.54 15.28 17.82
N ALA A 131 20.83 14.60 16.93
CA ALA A 131 21.28 13.28 16.46
C ALA A 131 22.64 13.36 15.78
N ILE A 132 22.88 14.42 15.01
CA ILE A 132 24.19 14.60 14.38
C ILE A 132 25.27 14.81 15.44
N ASN A 133 24.93 15.50 16.53
CA ASN A 133 25.93 15.83 17.54
C ASN A 133 26.32 14.60 18.37
N ASP A 134 25.35 13.79 18.78
CA ASP A 134 25.67 12.62 19.59
C ASP A 134 26.49 11.60 18.82
N TRP A 135 26.10 11.34 17.56
CA TRP A 135 26.78 10.33 16.76
C TRP A 135 28.25 10.65 16.61
N PHE A 136 28.59 11.92 16.38
CA PHE A 136 30.00 12.31 16.32
C PHE A 136 30.65 12.31 17.69
N ARG A 137 29.88 12.59 18.75
CA ARG A 137 30.47 12.68 20.09
C ARG A 137 31.01 11.33 20.55
N GLN A 138 30.48 10.26 19.98
CA GLN A 138 30.92 8.92 20.31
C GLN A 138 32.14 8.51 19.52
N ARG A 139 32.45 9.21 18.46
CA ARG A 139 33.57 8.88 17.64
C ARG A 139 34.76 9.80 17.88
N LEU A 140 34.54 10.98 18.44
CA LEU A 140 35.60 11.94 18.62
C LEU A 140 35.97 12.27 20.04
N HIS A 141 35.09 12.05 20.99
CA HIS A 141 35.32 12.32 22.41
C HIS A 141 36.09 13.58 22.71
N PRO A 142 35.45 14.72 22.46
CA PRO A 142 36.05 16.06 22.66
C PRO A 142 36.46 16.35 24.09
N GLU A 143 35.78 15.78 25.06
CA GLU A 143 36.10 16.03 26.45
C GLU A 143 37.43 15.46 26.90
N ASP A 144 38.05 14.60 26.09
CA ASP A 144 39.34 14.03 26.44
C ASP A 144 40.52 14.82 25.90
N ALA A 145 40.27 15.90 25.16
CA ALA A 145 41.33 16.72 24.60
C ALA A 145 41.42 18.09 25.26
N GLU A 146 40.73 18.29 26.39
CA GLU A 146 40.75 19.60 27.05
C GLU A 146 42.10 19.90 27.66
N SER A 147 42.78 18.88 28.17
CA SER A 147 44.02 19.06 28.91
C SER A 147 45.11 18.19 28.29
N GLN A 148 46.24 18.06 28.98
CA GLN A 148 47.39 17.24 28.59
C GLN A 148 46.95 15.84 28.19
N PRO A 149 47.74 15.13 27.35
CA PRO A 149 47.31 13.81 26.88
C PRO A 149 46.99 12.84 27.99
N LEU A 150 45.89 12.10 27.82
CA LEU A 150 45.41 11.19 28.85
C LEU A 150 45.94 9.78 28.63
N ASP A 153 42.83 8.03 26.04
CA ASP A 153 42.25 8.64 24.85
C ASP A 153 41.28 7.68 24.17
N ARG A 154 40.00 8.06 24.12
CA ARG A 154 38.95 7.23 23.56
C ARG A 154 38.67 7.54 22.10
N CYS A 155 39.48 8.39 21.46
CA CYS A 155 39.25 8.75 20.08
C CYS A 155 39.40 7.54 19.17
N SER A 156 38.51 7.42 18.20
CA SER A 156 38.51 6.30 17.26
C SER A 156 39.33 6.57 16.01
N VAL A 157 39.94 7.75 15.89
CA VAL A 157 40.75 8.12 14.74
C VAL A 157 42.19 8.26 15.20
N ALA A 158 43.11 7.58 14.51
CA ALA A 158 44.51 7.61 14.90
C ALA A 158 45.11 9.01 14.69
N ALA A 159 44.73 9.68 13.60
CA ALA A 159 45.30 10.98 13.28
C ALA A 159 44.84 12.09 14.23
N LEU A 160 43.69 11.93 14.87
CA LEU A 160 43.16 12.96 15.77
C LEU A 160 43.38 12.63 17.24
N ARG A 161 44.18 11.61 17.54
CA ARG A 161 44.49 11.26 18.92
C ARG A 161 45.71 12.05 19.41
N LEU A 162 45.61 12.56 20.62
CA LEU A 162 46.70 13.36 21.19
C LEU A 162 47.90 12.47 21.47
N ARG A 163 49.08 12.92 21.04
CA ARG A 163 50.30 12.15 21.22
C ARG A 163 51.45 13.06 21.70
N GLU A 166 54.38 16.81 20.79
CA GLU A 166 53.67 17.31 19.62
C GLU A 166 52.73 18.45 20.02
N GLU A 167 53.29 19.46 20.71
CA GLU A 167 52.48 20.59 21.14
C GLU A 167 51.88 21.37 19.96
N PRO A 168 52.63 21.72 18.91
CA PRO A 168 52.01 22.50 17.82
C PRO A 168 50.89 21.78 17.09
N LEU A 169 50.86 20.44 17.11
CA LEU A 169 49.83 19.68 16.40
C LEU A 169 48.64 19.31 17.27
N ASN A 170 48.76 19.37 18.60
CA ASN A 170 47.65 19.01 19.46
C ASN A 170 46.57 20.08 19.48
N GLU A 171 46.94 21.36 19.33
CA GLU A 171 45.95 22.43 19.33
C GLU A 171 44.99 22.28 18.16
N LEU A 172 45.53 21.98 16.97
CA LEU A 172 44.67 21.72 15.82
C LEU A 172 43.80 20.50 16.04
N ARG A 173 44.35 19.46 16.67
CA ARG A 173 43.58 18.25 16.93
C ARG A 173 42.39 18.55 17.82
N ARG A 174 42.60 19.26 18.93
CA ARG A 174 41.50 19.56 19.83
C ARG A 174 40.51 20.53 19.21
N LYS A 175 40.99 21.49 18.41
CA LYS A 175 40.07 22.40 17.72
C LYS A 175 39.17 21.63 16.76
N ILE A 176 39.74 20.71 15.99
CA ILE A 176 38.96 19.94 15.03
C ILE A 176 37.99 19.03 15.76
N ARG A 177 38.43 18.41 16.86
CA ARG A 177 37.56 17.52 17.60
C ARG A 177 36.39 18.27 18.24
N GLN A 178 36.64 19.49 18.72
CA GLN A 178 35.56 20.27 19.33
C GLN A 178 34.59 20.82 18.29
N ASP A 179 35.12 21.28 17.15
CA ASP A 179 34.25 21.90 16.15
C ASP A 179 33.29 20.88 15.55
N LEU A 180 33.77 19.66 15.29
CA LEU A 180 32.96 18.68 14.58
C LEU A 180 31.76 18.21 15.40
N CYS A 181 31.79 18.36 16.72
CA CYS A 181 30.69 17.97 17.59
C CYS A 181 29.74 19.13 17.88
N HIS A 182 29.90 20.27 17.19
CA HIS A 182 29.06 21.44 17.38
C HIS A 182 28.46 21.84 16.03
N PHE A 183 27.32 21.23 15.70
CA PHE A 183 26.58 21.58 14.50
C PHE A 183 25.41 22.48 14.86
N GLU A 184 25.34 23.64 14.24
CA GLU A 184 24.30 24.60 14.49
C GLU A 184 23.75 25.03 13.16
N GLY A 185 22.46 25.30 13.08
CA GLY A 185 21.86 25.72 11.82
C GLY A 185 22.29 27.10 11.37
N ASN A 186 22.47 28.03 12.31
CA ASN A 186 22.93 29.37 11.94
C ASN A 186 24.34 29.33 11.36
N ALA A 187 25.21 28.52 11.94
CA ALA A 187 26.56 28.37 11.40
C ALA A 187 26.53 27.70 10.03
N GLN A 188 25.57 26.81 9.79
CA GLN A 188 25.44 26.18 8.49
C GLN A 188 24.88 27.14 7.44
N GLY A 189 24.13 28.15 7.88
CA GLY A 189 23.58 29.12 6.94
C GLY A 189 24.65 29.92 6.22
N ILE A 190 25.68 30.35 6.96
CA ILE A 190 26.78 31.10 6.34
C ILE A 190 27.52 30.23 5.34
N ARG A 191 27.80 28.97 5.72
CA ARG A 191 28.51 28.06 4.82
C ARG A 191 27.70 27.77 3.57
N LEU A 192 26.39 27.57 3.72
CA LEU A 192 25.54 27.28 2.57
C LEU A 192 25.48 28.46 1.61
N VAL A 193 25.39 29.68 2.15
CA VAL A 193 25.22 30.86 1.31
C VAL A 193 26.49 31.23 0.55
N HIS A 194 27.67 30.87 1.06
CA HIS A 194 28.93 31.29 0.47
C HIS A 194 29.64 30.17 -0.30
N THR A 195 29.85 29.02 0.34
CA THR A 195 30.67 27.97 -0.26
C THR A 195 29.88 27.04 -1.15
N LEU A 196 28.66 26.65 -0.75
CA LEU A 196 27.90 25.65 -1.50
C LEU A 196 27.08 26.28 -2.62
N MET A 197 26.18 27.21 -2.29
CA MET A 197 25.32 27.81 -3.30
C MET A 197 26.06 28.80 -4.19
N ARG A 198 27.09 29.47 -3.67
CA ARG A 198 27.88 30.45 -4.42
C ARG A 198 26.99 31.56 -4.98
N MET A 199 26.19 32.15 -4.08
CA MET A 199 25.28 33.22 -4.48
C MET A 199 26.01 34.55 -4.68
N ASN A 200 27.13 34.76 -3.98
CA ASN A 200 27.94 35.97 -4.11
C ASN A 200 27.13 37.22 -3.74
N LEU A 201 26.67 37.25 -2.49
CA LEU A 201 25.89 38.38 -2.00
C LEU A 201 26.81 39.49 -1.50
N THR A 202 26.22 40.65 -1.26
CA THR A 202 26.95 41.79 -0.74
C THR A 202 27.34 41.55 0.71
N TRP A 203 28.34 42.32 1.17
CA TRP A 203 28.82 42.18 2.54
C TRP A 203 27.73 42.52 3.56
N ALA A 204 26.95 43.56 3.28
CA ALA A 204 25.90 43.95 4.21
C ALA A 204 24.82 42.88 4.33
N GLN A 205 24.53 42.17 3.23
CA GLN A 205 23.52 41.12 3.27
C GLN A 205 24.00 39.91 4.08
N VAL A 206 25.28 39.54 3.94
CA VAL A 206 25.79 38.40 4.70
C VAL A 206 25.85 38.72 6.19
N GLY A 207 26.15 39.96 6.56
CA GLY A 207 26.22 40.32 7.97
C GLY A 207 24.89 40.30 8.69
N GLY A 208 23.78 40.33 7.95
CA GLY A 208 22.47 40.30 8.57
C GLY A 208 22.04 38.93 9.05
N ILE A 209 22.74 37.88 8.67
CA ILE A 209 22.41 36.52 9.06
C ILE A 209 23.44 35.95 10.04
N LEU A 210 24.27 36.82 10.62
CA LEU A 210 25.26 36.41 11.62
C LEU A 210 24.67 36.71 12.99
N LYS A 211 23.87 35.79 13.47
CA LYS A 211 23.19 35.96 14.73
C LYS A 211 24.07 35.93 15.97
N TYR A 212 25.02 35.01 16.02
CA TYR A 212 25.91 34.85 17.16
C TYR A 212 27.36 34.88 16.71
N THR A 213 28.26 35.16 17.66
CA THR A 213 29.66 35.38 17.36
C THR A 213 30.61 34.35 17.97
N ARG A 214 30.10 33.37 18.70
CA ARG A 214 30.97 32.39 19.33
C ARG A 214 31.48 31.39 18.29
N PRO A 215 32.80 31.20 18.19
CA PRO A 215 33.31 30.17 17.27
C PRO A 215 32.89 28.77 17.69
N ALA A 216 32.75 27.90 16.70
CA ALA A 216 32.31 26.53 16.97
C ALA A 216 33.35 25.72 17.74
N TRP A 217 34.64 26.06 17.62
CA TRP A 217 35.70 25.36 18.31
C TRP A 217 36.01 25.96 19.68
N TRP A 218 35.23 26.87 20.17
CA TRP A 218 35.48 27.47 21.45
C TRP A 218 35.27 26.57 22.62
N ARG A 219 36.26 26.44 23.50
CA ARG A 219 36.08 25.65 24.71
C ARG A 219 36.51 26.49 25.89
N GLY A 220 35.65 26.67 26.87
CA GLY A 220 35.99 27.45 28.05
C GLY A 220 34.87 28.38 28.44
N GLU A 221 35.19 29.40 29.22
CA GLU A 221 34.21 30.40 29.62
C GLU A 221 34.32 31.64 28.74
N THR A 222 33.17 32.16 28.33
CA THR A 222 33.09 33.36 27.52
C THR A 222 33.20 34.60 28.38
N PRO A 223 33.69 35.71 27.82
CA PRO A 223 33.76 36.95 28.60
C PRO A 223 32.38 37.41 29.05
N GLU A 224 32.32 38.00 30.25
CA GLU A 224 31.06 38.46 30.79
C GLU A 224 30.47 39.63 30.00
N THR A 225 31.29 40.33 29.23
CA THR A 225 30.79 41.45 28.44
C THR A 225 30.01 40.96 27.21
N HIS A 226 30.23 39.71 26.80
CA HIS A 226 29.55 39.14 25.65
C HIS A 226 28.89 37.80 25.97
N HIS A 227 28.37 37.64 27.19
CA HIS A 227 27.79 36.35 27.57
C HIS A 227 26.48 36.05 26.86
N TYR A 228 25.81 37.07 26.30
CA TYR A 228 24.59 36.83 25.56
C TYR A 228 24.84 36.67 24.07
N LEU A 229 25.76 37.47 23.51
CA LEU A 229 26.04 37.38 22.08
C LEU A 229 26.84 36.13 21.71
N MET A 230 27.35 35.40 22.70
CA MET A 230 28.13 34.20 22.47
C MET A 230 27.54 32.99 23.18
N LYS A 231 26.22 32.93 23.28
CA LYS A 231 25.53 31.82 23.91
C LYS A 231 25.45 30.58 23.01
N LYS A 232 25.57 30.73 21.70
CA LYS A 232 25.51 29.64 20.75
C LYS A 232 26.60 29.83 19.72
N PRO A 233 27.06 28.76 19.07
CA PRO A 233 28.06 28.90 18.02
C PRO A 233 27.53 29.71 16.85
N GLY A 234 28.43 30.46 16.21
CA GLY A 234 28.05 31.33 15.12
C GLY A 234 28.60 30.93 13.76
N TYR A 235 29.80 30.37 13.74
CA TYR A 235 30.43 29.98 12.48
C TYR A 235 31.42 28.85 12.74
N TYR A 236 31.79 28.17 11.67
CA TYR A 236 32.69 27.02 11.74
C TYR A 236 34.14 27.45 11.56
N LEU A 237 35.04 26.48 11.67
CA LEU A 237 36.46 26.75 11.49
C LEU A 237 36.83 26.92 10.02
N SER A 238 36.11 26.24 9.11
CA SER A 238 36.38 26.36 7.69
C SER A 238 36.01 27.73 7.12
N GLU A 239 35.30 28.56 7.89
CA GLU A 239 34.94 29.91 7.47
C GLU A 239 35.68 30.99 8.25
N GLU A 240 36.75 30.62 8.96
CA GLU A 240 37.46 31.59 9.78
C GLU A 240 38.07 32.70 8.92
N ALA A 241 38.64 32.35 7.78
CA ALA A 241 39.21 33.37 6.89
C ALA A 241 38.13 34.24 6.28
N TYR A 242 36.95 33.68 5.99
CA TYR A 242 35.87 34.47 5.42
C TYR A 242 35.27 35.44 6.43
N ILE A 243 35.17 35.03 7.69
CA ILE A 243 34.60 35.91 8.71
C ILE A 243 35.53 37.08 9.02
N ALA A 244 36.85 36.87 8.99
CA ALA A 244 37.78 37.96 9.22
C ALA A 244 37.68 39.02 8.14
N ARG A 245 37.56 38.60 6.88
CA ARG A 245 37.37 39.56 5.79
C ARG A 245 36.06 40.31 5.95
N LEU A 246 35.00 39.63 6.37
CA LEU A 246 33.71 40.29 6.60
C LEU A 246 33.82 41.33 7.71
N ARG A 247 34.52 40.99 8.80
CA ARG A 247 34.70 41.95 9.88
C ARG A 247 35.52 43.15 9.43
N LYS A 248 36.56 42.92 8.63
CA LYS A 248 37.35 44.03 8.11
C LYS A 248 36.53 44.90 7.17
N GLU A 249 35.60 44.30 6.42
CA GLU A 249 34.80 45.07 5.47
C GLU A 249 33.71 45.89 6.15
N LEU A 250 33.12 45.37 7.23
CA LEU A 250 32.01 46.04 7.91
C LEU A 250 32.45 46.79 9.16
N ASN A 251 33.76 46.89 9.41
CA ASN A 251 34.29 47.61 10.57
C ASN A 251 33.68 47.11 11.88
N LEU A 252 33.77 45.80 12.10
CA LEU A 252 33.28 45.17 13.31
C LEU A 252 34.45 44.62 14.12
N ALA A 253 34.42 44.85 15.42
CA ALA A 253 35.44 44.33 16.31
C ALA A 253 35.21 42.83 16.53
N LEU A 254 36.15 42.21 17.25
CA LEU A 254 36.04 40.79 17.56
C LEU A 254 34.80 40.54 18.42
N TYR A 255 34.04 39.51 18.07
CA TYR A 255 32.85 39.10 18.80
C TYR A 255 31.78 40.19 18.81
N SER A 256 31.65 40.94 17.72
CA SER A 256 30.67 42.01 17.60
C SER A 256 29.57 41.62 16.62
N ARG A 257 28.46 42.35 16.70
CA ARG A 257 27.28 42.08 15.90
C ARG A 257 27.03 43.21 14.91
N PHE A 258 26.36 42.87 13.81
CA PHE A 258 25.91 43.85 12.84
C PHE A 258 24.68 44.58 13.39
N PRO A 259 24.59 45.90 13.19
CA PRO A 259 23.48 46.65 13.79
C PRO A 259 22.10 46.19 13.35
N LEU A 260 21.93 45.76 12.10
CA LEU A 260 20.61 45.40 11.59
C LEU A 260 20.16 44.02 12.06
N THR A 261 21.04 43.22 12.67
CA THR A 261 20.65 41.89 13.12
C THR A 261 19.63 41.95 14.25
N TRP A 262 19.63 43.03 15.03
CA TRP A 262 18.70 43.14 16.14
C TRP A 262 17.25 43.20 15.68
N ILE A 263 16.98 43.88 14.56
CA ILE A 263 15.62 43.96 14.05
C ILE A 263 15.11 42.60 13.61
N MET A 264 15.97 41.80 12.97
CA MET A 264 15.56 40.46 12.56
C MET A 264 15.28 39.56 13.77
N GLU A 265 16.06 39.71 14.85
CA GLU A 265 15.84 38.91 16.03
C GLU A 265 14.50 39.22 16.69
N ALA A 266 14.11 40.49 16.73
CA ALA A 266 12.84 40.86 17.34
C ALA A 266 11.65 40.38 16.53
N ALA A 267 11.80 40.33 15.21
CA ALA A 267 10.71 39.87 14.36
C ALA A 267 10.41 38.39 14.58
N ASP A 268 11.44 37.57 14.80
CA ASP A 268 11.22 36.15 15.05
C ASP A 268 10.55 35.92 16.40
N ASP A 269 10.90 36.73 17.40
CA ASP A 269 10.31 36.57 18.72
C ASP A 269 8.82 36.91 18.75
N ILE A 270 8.38 37.84 17.90
CA ILE A 270 6.96 38.17 17.85
C ILE A 270 6.17 37.02 17.23
N SER A 271 6.66 36.45 16.12
CA SER A 271 5.99 35.36 15.44
C SER A 271 6.51 34.00 15.90
N TYR A 272 6.42 33.71 17.18
CA TYR A 272 6.93 32.48 17.72
C TYR A 272 5.87 31.38 17.95
N CYS A 273 4.75 31.70 18.59
CA CYS A 273 3.72 30.70 18.90
C CYS A 273 2.35 31.03 18.34
N VAL A 274 2.09 32.27 17.90
CA VAL A 274 0.76 32.66 17.47
C VAL A 274 0.27 31.85 16.28
N ALA A 275 1.16 31.52 15.35
CA ALA A 275 0.76 30.72 14.19
C ALA A 275 0.42 29.29 14.57
N ASP A 276 1.17 28.72 15.52
CA ASP A 276 0.91 27.33 15.92
C ASP A 276 -0.45 27.20 16.60
N LEU A 277 -0.87 28.21 17.37
CA LEU A 277 -2.18 28.17 17.99
C LEU A 277 -3.29 28.15 16.94
N GLU A 278 -3.15 28.95 15.88
CA GLU A 278 -4.10 28.91 14.79
C GLU A 278 -4.07 27.59 14.04
N ASP A 279 -2.87 27.03 13.85
CA ASP A 279 -2.76 25.74 13.17
C ASP A 279 -3.39 24.62 13.98
N ALA A 280 -3.37 24.74 15.31
CA ALA A 280 -3.98 23.73 16.17
C ALA A 280 -5.49 23.66 15.96
N VAL A 281 -6.14 24.81 15.80
CA VAL A 281 -7.58 24.83 15.61
C VAL A 281 -7.96 24.16 14.29
N GLU A 282 -7.18 24.40 13.23
CA GLU A 282 -7.46 23.80 11.93
C GLU A 282 -7.32 22.28 11.95
N LYS A 283 -6.62 21.71 12.93
CA LYS A 283 -6.50 20.27 13.08
C LYS A 283 -7.48 19.70 14.10
N ARG A 284 -8.44 20.51 14.55
CA ARG A 284 -9.50 20.08 15.46
C ARG A 284 -8.95 19.58 16.80
N ILE A 285 -7.82 20.12 17.23
CA ILE A 285 -7.34 19.84 18.58
C ILE A 285 -8.31 20.41 19.61
N PHE A 286 -8.76 21.63 19.34
CA PHE A 286 -9.80 22.28 20.12
C PHE A 286 -10.56 23.24 19.23
N THR A 287 -11.49 23.98 19.79
CA THR A 287 -12.27 24.93 19.03
C THR A 287 -11.85 26.35 19.38
N VAL A 288 -12.40 27.31 18.63
CA VAL A 288 -12.06 28.72 18.86
C VAL A 288 -12.51 29.16 20.25
N GLU A 289 -13.72 28.75 20.65
CA GLU A 289 -14.21 29.09 21.99
C GLU A 289 -13.34 28.46 23.08
N GLN A 290 -12.92 27.21 22.87
CA GLN A 290 -12.04 26.56 23.84
C GLN A 290 -10.71 27.29 23.95
N LEU A 291 -10.14 27.70 22.82
CA LEU A 291 -8.88 28.44 22.84
C LEU A 291 -9.04 29.78 23.53
N TYR A 292 -10.16 30.47 23.29
CA TYR A 292 -10.42 31.73 23.95
C TYR A 292 -10.55 31.54 25.46
N HIS A 293 -11.23 30.49 25.89
CA HIS A 293 -11.35 30.20 27.31
C HIS A 293 -9.98 29.88 27.92
N HIS A 294 -9.16 29.12 27.20
CA HIS A 294 -7.83 28.80 27.69
C HIS A 294 -6.97 30.05 27.83
N LEU A 295 -7.05 30.96 26.85
CA LEU A 295 -6.30 32.20 26.93
C LEU A 295 -6.79 33.07 28.09
N HIS A 296 -8.10 33.12 28.30
CA HIS A 296 -8.65 33.90 29.42
C HIS A 296 -8.19 33.32 30.75
N GLU A 297 -8.16 31.99 30.87
CA GLU A 297 -7.71 31.36 32.10
C GLU A 297 -6.23 31.60 32.34
N ALA A 298 -5.41 31.50 31.28
CA ALA A 298 -3.97 31.65 31.44
C ALA A 298 -3.55 33.10 31.64
N TRP A 299 -4.31 34.05 31.12
CA TRP A 299 -3.93 35.46 31.22
C TRP A 299 -4.00 35.95 32.66
N GLY A 300 -5.07 35.63 33.36
CA GLY A 300 -5.25 36.05 34.73
C GLY A 300 -6.53 36.80 34.98
N PHE A 308 -4.92 41.93 27.37
CA PHE A 308 -5.88 40.94 26.90
C PHE A 308 -7.15 41.62 26.39
N SER A 309 -7.66 42.57 27.19
CA SER A 309 -8.87 43.29 26.79
C SER A 309 -8.65 44.12 25.54
N LEU A 310 -7.50 44.81 25.46
CA LEU A 310 -7.25 45.68 24.31
C LEU A 310 -6.87 44.88 23.07
N VAL A 311 -6.29 43.69 23.25
CA VAL A 311 -5.75 42.90 22.15
C VAL A 311 -6.65 41.72 21.80
N VAL A 312 -6.95 40.86 22.78
CA VAL A 312 -7.66 39.62 22.51
C VAL A 312 -9.16 39.87 22.53
N GLU A 313 -9.65 40.61 23.53
CA GLU A 313 -11.09 40.86 23.63
C GLU A 313 -11.60 41.66 22.44
N ASN A 314 -10.81 42.62 21.95
CA ASN A 314 -11.23 43.39 20.79
C ASN A 314 -11.42 42.50 19.57
N ALA A 315 -10.52 41.53 19.38
CA ALA A 315 -10.63 40.61 18.25
C ALA A 315 -11.77 39.61 18.44
N TRP A 316 -12.03 39.21 19.68
CA TRP A 316 -13.08 38.21 19.93
C TRP A 316 -14.46 38.75 19.58
N GLU A 317 -14.73 40.01 19.92
CA GLU A 317 -16.01 40.63 19.64
C GLU A 317 -16.12 41.17 18.23
N LYS A 318 -15.06 41.09 17.44
CA LYS A 318 -15.06 41.59 16.07
C LYS A 318 -15.23 40.48 15.04
N SER A 319 -15.61 39.27 15.49
CA SER A 319 -15.79 38.14 14.59
C SER A 319 -17.20 37.55 14.68
N THR A 328 -15.96 32.95 12.23
CA THR A 328 -15.42 33.18 13.56
C THR A 328 -13.99 32.69 13.74
N GLU A 329 -13.52 31.78 12.89
CA GLU A 329 -12.16 31.26 12.99
C GLU A 329 -11.17 32.14 12.23
N ASP A 330 -11.55 32.55 11.03
CA ASP A 330 -10.70 33.39 10.19
C ASP A 330 -10.99 34.86 10.45
N GLN A 331 -11.58 35.15 11.61
CA GLN A 331 -11.91 36.51 11.98
C GLN A 331 -11.47 36.84 13.40
N PHE A 332 -10.91 35.86 14.09
CA PHE A 332 -10.44 36.06 15.46
C PHE A 332 -8.95 36.37 15.48
N PHE A 333 -8.18 35.60 14.71
CA PHE A 333 -6.74 35.80 14.67
C PHE A 333 -6.37 37.00 13.78
N MET A 334 -7.19 37.25 12.74
CA MET A 334 -6.89 38.33 11.81
C MET A 334 -6.85 39.68 12.51
N TYR A 335 -7.60 39.85 13.59
CA TYR A 335 -7.56 41.08 14.37
C TYR A 335 -6.65 40.99 15.58
N LEU A 336 -6.46 39.78 16.13
CA LEU A 336 -5.52 39.60 17.22
C LEU A 336 -4.10 39.94 16.78
N ARG A 337 -3.72 39.52 15.58
CA ARG A 337 -2.39 39.84 15.05
C ARG A 337 -2.20 41.34 14.92
N VAL A 338 -3.20 42.03 14.38
CA VAL A 338 -3.11 43.49 14.25
C VAL A 338 -3.01 44.15 15.61
N ASN A 339 -3.83 43.69 16.56
CA ASN A 339 -3.86 44.30 17.88
C ASN A 339 -2.52 44.13 18.60
N THR A 340 -1.89 42.95 18.48
CA THR A 340 -0.61 42.77 19.14
C THR A 340 0.52 43.49 18.40
N LEU A 341 0.44 43.59 17.06
CA LEU A 341 1.46 44.32 16.32
C LEU A 341 1.45 45.80 16.69
N ASN A 342 0.25 46.40 16.73
CA ASN A 342 0.14 47.83 17.04
C ASN A 342 0.64 48.17 18.42
N LYS A 343 0.78 47.18 19.31
CA LYS A 343 1.32 47.42 20.65
C LYS A 343 2.77 47.00 20.80
N LEU A 344 3.25 46.08 19.96
CA LEU A 344 4.62 45.60 20.08
C LEU A 344 5.61 46.33 19.20
N VAL A 345 5.21 46.71 17.98
CA VAL A 345 6.16 47.34 17.05
C VAL A 345 6.70 48.67 17.57
N PRO A 346 5.86 49.62 18.05
CA PRO A 346 6.42 50.87 18.57
C PRO A 346 7.38 50.69 19.72
N TYR A 347 7.12 49.71 20.60
CA TYR A 347 8.05 49.45 21.70
C TYR A 347 9.42 49.01 21.18
N ALA A 348 9.42 48.12 20.18
CA ALA A 348 10.68 47.67 19.59
C ALA A 348 11.41 48.83 18.92
N ALA A 349 10.68 49.68 18.21
CA ALA A 349 11.31 50.83 17.57
C ALA A 349 11.93 51.77 18.59
N GLN A 350 11.20 52.05 19.67
CA GLN A 350 11.74 52.92 20.73
C GLN A 350 12.95 52.30 21.40
N ARG A 351 12.92 50.99 21.66
CA ARG A 351 14.08 50.33 22.26
C ARG A 351 15.29 50.39 21.33
N PHE A 352 15.06 50.21 20.03
CA PHE A 352 16.17 50.32 19.07
C PHE A 352 16.74 51.73 19.05
N ILE A 353 15.87 52.74 19.06
CA ILE A 353 16.34 54.11 18.96
C ILE A 353 17.07 54.56 20.24
N ASP A 354 16.57 54.15 21.41
CA ASP A 354 17.15 54.62 22.67
C ASP A 354 18.59 54.13 22.83
N ASN A 355 18.82 52.84 22.65
CA ASN A 355 20.16 52.26 22.79
C ASN A 355 20.88 52.20 21.44
N LEU A 356 21.01 53.34 20.78
CA LEU A 356 21.57 53.38 19.43
C LEU A 356 23.10 53.29 19.42
N PRO A 357 23.83 54.05 20.25
CA PRO A 357 25.31 53.93 20.20
C PRO A 357 25.83 52.52 20.47
N ALA A 358 25.23 51.82 21.44
CA ALA A 358 25.69 50.47 21.75
C ALA A 358 25.38 49.51 20.63
N ILE A 359 24.20 49.62 20.01
CA ILE A 359 23.86 48.75 18.88
C ILE A 359 24.78 49.02 17.70
N PHE A 360 25.07 50.30 17.43
CA PHE A 360 25.96 50.65 16.33
C PHE A 360 27.37 50.13 16.59
N ALA A 361 27.84 50.22 17.83
CA ALA A 361 29.16 49.67 18.15
C ALA A 361 29.17 48.15 18.08
N GLY A 362 28.01 47.52 18.27
CA GLY A 362 27.92 46.07 18.23
C GLY A 362 28.18 45.38 19.55
N THR A 363 28.14 46.10 20.67
CA THR A 363 28.43 45.54 21.98
C THR A 363 27.21 45.53 22.90
N PHE A 364 26.01 45.64 22.35
CA PHE A 364 24.80 45.60 23.15
C PHE A 364 24.51 44.16 23.56
N ASN A 365 24.60 43.88 24.87
CA ASN A 365 24.50 42.52 25.39
C ASN A 365 23.08 42.16 25.80
N HIS A 366 22.07 42.78 25.20
CA HIS A 366 20.68 42.49 25.51
C HIS A 366 19.88 42.41 24.22
N ALA A 367 18.62 42.01 24.35
CA ALA A 367 17.68 41.97 23.23
C ALA A 367 16.70 43.12 23.33
N LEU A 368 16.08 43.45 22.20
CA LEU A 368 15.13 44.56 22.17
C LEU A 368 13.92 44.28 23.05
N LEU A 369 13.42 43.05 23.02
CA LEU A 369 12.27 42.67 23.84
C LEU A 369 12.72 41.95 25.10
N ALA A 372 11.09 43.37 30.26
CA ALA A 372 10.51 43.18 31.58
C ALA A 372 9.39 44.19 31.83
N SER A 373 8.35 44.13 31.02
CA SER A 373 7.22 45.04 31.14
C SER A 373 5.96 44.29 30.68
N GLU A 374 4.88 45.03 30.46
CA GLU A 374 3.62 44.44 30.04
C GLU A 374 3.73 43.88 28.62
N CYS A 375 4.73 44.34 27.87
CA CYS A 375 4.93 43.88 26.50
C CYS A 375 5.59 42.50 26.48
N SER A 376 6.68 42.33 27.22
CA SER A 376 7.35 41.04 27.29
C SER A 376 6.53 39.99 28.03
N ASP A 377 5.70 40.40 29.00
CA ASP A 377 4.86 39.45 29.71
C ASP A 377 3.75 38.91 28.82
N LEU A 378 3.32 39.69 27.83
CA LEU A 378 2.28 39.24 26.91
C LEU A 378 2.73 38.06 26.07
N LEU A 379 3.97 38.07 25.59
CA LEU A 379 4.47 36.96 24.76
C LEU A 379 4.48 35.65 25.54
N LYS A 380 4.79 35.70 26.83
CA LYS A 380 4.79 34.50 27.66
C LYS A 380 3.39 33.89 27.75
N LEU A 381 2.35 34.69 27.54
CA LEU A 381 0.99 34.16 27.54
C LEU A 381 0.80 33.16 26.41
N TYR A 382 1.25 33.54 25.22
CA TYR A 382 1.16 32.68 24.06
C TYR A 382 2.17 31.55 24.18
N LYS A 383 3.29 31.81 24.84
CA LYS A 383 4.32 30.80 25.03
C LYS A 383 3.83 29.66 25.90
N ASN A 384 3.15 29.99 27.00
CA ASN A 384 2.75 28.96 27.96
C ASN A 384 1.58 28.12 27.45
N VAL A 385 0.66 28.74 26.73
CA VAL A 385 -0.48 28.00 26.19
C VAL A 385 -0.02 27.02 25.11
N ALA A 386 0.94 27.42 24.28
CA ALA A 386 1.40 26.56 23.19
C ALA A 386 2.16 25.33 23.70
N VAL A 387 2.97 25.48 24.75
CA VAL A 387 3.77 24.36 25.21
C VAL A 387 2.91 23.34 25.96
N LYS A 388 1.76 23.76 26.49
CA LYS A 388 0.94 22.87 27.31
C LYS A 388 -0.14 22.16 26.51
N HIS A 389 -0.68 22.78 25.47
CA HIS A 389 -1.81 22.24 24.74
C HIS A 389 -1.51 21.83 23.31
N VAL A 390 -0.39 22.27 22.74
CA VAL A 390 -0.04 21.99 21.35
C VAL A 390 1.23 21.17 21.24
N PHE A 391 2.30 21.60 21.92
CA PHE A 391 3.58 20.92 21.79
C PHE A 391 3.58 19.57 22.52
N SER A 392 2.59 19.33 23.38
CA SER A 392 2.50 18.09 24.14
C SER A 392 1.55 17.08 23.51
N HIS A 393 1.05 17.34 22.31
CA HIS A 393 0.14 16.43 21.66
C HIS A 393 0.88 15.13 21.31
N PRO A 394 0.22 13.97 21.42
CA PRO A 394 0.91 12.71 21.10
C PRO A 394 1.41 12.63 19.67
N ASP A 395 0.68 13.21 18.71
CA ASP A 395 1.12 13.15 17.32
C ASP A 395 2.37 13.98 17.08
N VAL A 396 2.50 15.12 17.77
CA VAL A 396 3.69 15.94 17.64
C VAL A 396 4.89 15.23 18.29
N GLU A 397 4.66 14.59 19.44
CA GLU A 397 5.75 13.94 20.16
C GLU A 397 6.27 12.72 19.42
N ARG A 398 5.40 11.99 18.72
CA ARG A 398 5.84 10.79 18.00
C ARG A 398 6.80 11.13 16.88
N LEU A 399 6.52 12.21 16.13
CA LEU A 399 7.37 12.58 15.00
C LEU A 399 8.77 12.98 15.46
N GLU A 400 8.91 13.44 16.67
CA GLU A 400 10.18 13.83 17.17
C GLU A 400 11.06 12.64 17.43
N LEU A 401 10.49 11.56 17.91
CA LEU A 401 11.26 10.34 18.13
C LEU A 401 11.60 9.62 16.85
N GLN A 402 10.70 9.64 15.85
CA GLN A 402 10.98 8.99 14.58
C GLN A 402 12.09 9.71 13.82
N GLY A 403 12.10 11.05 13.89
CA GLY A 403 13.14 11.81 13.22
C GLY A 403 14.53 11.57 13.79
N TYR A 404 14.63 11.37 15.10
CA TYR A 404 15.92 11.09 15.72
C TYR A 404 16.47 9.75 15.24
N ARG A 405 15.60 8.76 15.03
CA ARG A 405 16.04 7.45 14.58
C ARG A 405 16.50 7.48 13.12
N VAL A 406 15.85 8.31 12.29
CA VAL A 406 16.17 8.33 10.86
C VAL A 406 17.57 8.90 10.63
N ILE A 407 17.90 10.00 11.32
CA ILE A 407 19.20 10.64 11.10
C ILE A 407 20.33 9.76 11.62
N SER A 408 20.12 9.09 12.75
CA SER A 408 21.15 8.20 13.29
C SER A 408 21.43 7.04 12.34
N GLY A 409 20.39 6.48 11.73
CA GLY A 409 20.58 5.38 10.81
C GLY A 409 21.32 5.78 9.54
N LEU A 410 21.05 6.97 9.02
CA LEU A 410 21.73 7.42 7.81
C LEU A 410 23.22 7.60 8.04
N LEU A 411 23.62 8.08 9.22
CA LEU A 411 25.03 8.24 9.51
C LEU A 411 25.75 6.91 9.65
N GLU A 412 25.04 5.87 10.07
CA GLU A 412 25.66 4.55 10.19
C GLU A 412 25.84 3.93 8.82
N ILE A 413 24.95 4.20 7.89
CA ILE A 413 25.07 3.63 6.56
C ILE A 413 26.33 4.14 5.86
N TYR A 414 26.64 5.42 6.02
CA TYR A 414 27.80 6.04 5.39
C TYR A 414 29.06 5.94 6.24
N ARG A 415 29.02 5.19 7.32
CA ARG A 415 30.20 5.07 8.13
C ARG A 415 31.43 4.46 7.42
N PRO A 416 31.26 3.49 6.49
CA PRO A 416 32.45 2.99 5.78
C PRO A 416 33.23 4.07 5.04
N LEU A 417 32.57 5.16 4.61
CA LEU A 417 33.29 6.23 3.94
C LEU A 417 34.30 6.89 4.86
N LEU A 418 34.00 6.99 6.15
CA LEU A 418 34.90 7.61 7.12
C LEU A 418 36.01 6.68 7.59
N SER A 419 35.91 5.38 7.32
CA SER A 419 36.91 4.42 7.77
C SER A 419 38.02 4.20 6.76
N LEU A 420 37.93 4.77 5.57
CA LEU A 420 38.96 4.57 4.54
C LEU A 420 40.21 5.38 4.87
N SER A 421 41.27 5.17 4.10
CA SER A 421 42.52 5.89 4.28
C SER A 421 42.60 7.06 3.30
N LEU A 422 43.63 7.89 3.47
CA LEU A 422 43.80 9.04 2.60
C LEU A 422 44.02 8.62 1.14
N SER A 423 44.89 7.63 0.92
CA SER A 423 45.16 7.18 -0.43
C SER A 423 43.93 6.56 -1.09
N ASP A 424 43.19 5.75 -0.34
CA ASP A 424 41.99 5.12 -0.89
C ASP A 424 40.94 6.15 -1.27
N PHE A 425 40.71 7.14 -0.41
CA PHE A 425 39.73 8.16 -0.72
C PHE A 425 40.19 9.05 -1.87
N THR A 426 41.50 9.32 -1.96
CA THR A 426 42.02 10.09 -3.09
C THR A 426 41.81 9.34 -4.40
N GLU A 427 42.06 8.03 -4.38
CA GLU A 427 41.82 7.21 -5.57
C GLU A 427 40.33 7.20 -5.92
N LEU A 428 39.47 7.14 -4.90
CA LEU A 428 38.04 7.15 -5.14
C LEU A 428 37.58 8.46 -5.78
N VAL A 429 38.09 9.59 -5.29
CA VAL A 429 37.66 10.88 -5.82
C VAL A 429 38.32 11.18 -7.17
N GLU A 430 39.45 10.54 -7.48
CA GLU A 430 40.15 10.83 -8.71
C GLU A 430 39.77 9.90 -9.86
N LYS A 431 39.73 8.59 -9.61
CA LYS A 431 39.48 7.62 -10.67
C LYS A 431 37.98 7.46 -10.96
N GLU A 432 37.17 7.36 -9.91
CA GLU A 432 35.71 7.19 -9.93
C GLU A 432 35.31 5.80 -10.39
N ARG A 433 36.25 4.95 -10.82
CA ARG A 433 35.98 3.56 -11.21
C ARG A 433 37.02 2.69 -10.50
N VAL A 434 36.72 2.28 -9.28
CA VAL A 434 37.64 1.53 -8.44
C VAL A 434 37.19 0.08 -8.39
N LYS A 435 38.13 -0.83 -8.64
CA LYS A 435 37.87 -2.26 -8.58
C LYS A 435 38.16 -2.88 -7.22
N ARG A 436 38.67 -2.09 -6.27
CA ARG A 436 38.99 -2.60 -4.94
C ARG A 436 37.94 -2.26 -3.90
N PHE A 437 37.10 -1.26 -4.13
CA PHE A 437 36.09 -0.82 -3.18
C PHE A 437 34.75 -0.74 -3.88
N PRO A 438 34.07 -1.87 -4.09
CA PRO A 438 32.77 -1.83 -4.77
C PRO A 438 31.68 -1.18 -3.94
N ILE A 439 31.60 -1.48 -2.64
CA ILE A 439 30.57 -0.90 -1.80
C ILE A 439 30.83 0.58 -1.55
N GLU A 440 32.09 0.95 -1.28
CA GLU A 440 32.40 2.33 -0.93
C GLU A 440 32.21 3.26 -2.12
N SER A 441 32.57 2.80 -3.33
CA SER A 441 32.44 3.65 -4.51
C SER A 441 30.98 3.97 -4.82
N ARG A 442 30.09 2.99 -4.66
CA ARG A 442 28.67 3.21 -4.97
C ARG A 442 28.03 4.19 -3.99
N LEU A 443 28.42 4.15 -2.72
CA LEU A 443 27.93 5.13 -1.76
C LEU A 443 28.42 6.53 -2.11
N PHE A 444 29.62 6.62 -2.68
CA PHE A 444 30.19 7.93 -3.02
C PHE A 444 29.41 8.64 -4.11
N HIS A 445 28.86 7.89 -5.07
CA HIS A 445 28.13 8.51 -6.17
C HIS A 445 26.77 9.04 -5.75
N LYS A 446 26.29 8.70 -4.57
CA LYS A 446 25.00 9.20 -4.10
C LYS A 446 25.08 10.63 -3.57
N LEU A 447 26.27 11.11 -3.22
CA LEU A 447 26.42 12.48 -2.74
C LEU A 447 26.19 13.46 -3.87
N SER A 448 25.64 14.62 -3.52
CA SER A 448 25.36 15.66 -4.51
C SER A 448 26.66 16.19 -5.11
N THR A 449 26.57 16.66 -6.35
CA THR A 449 27.75 17.12 -7.06
C THR A 449 28.31 18.41 -6.47
N ARG A 450 27.45 19.29 -5.94
CA ARG A 450 27.94 20.54 -5.38
C ARG A 450 28.79 20.31 -4.15
N HIS A 451 28.39 19.36 -3.29
CA HIS A 451 29.19 19.06 -2.10
C HIS A 451 30.55 18.46 -2.49
N ARG A 452 30.56 17.58 -3.49
CA ARG A 452 31.84 17.03 -3.96
C ARG A 452 32.73 18.10 -4.55
N LEU A 453 32.15 19.02 -5.31
CA LEU A 453 32.94 20.13 -5.87
C LEU A 453 33.50 21.01 -4.76
N ALA A 454 32.71 21.28 -3.73
CA ALA A 454 33.19 22.06 -2.60
C ALA A 454 34.33 21.34 -1.90
N TYR A 455 34.22 20.03 -1.71
CA TYR A 455 35.30 19.27 -1.10
C TYR A 455 36.57 19.33 -1.94
N VAL A 456 36.42 19.18 -3.25
CA VAL A 456 37.59 19.21 -4.14
C VAL A 456 38.26 20.58 -4.08
N GLU A 457 37.47 21.65 -4.12
CA GLU A 457 38.04 22.99 -4.03
C GLU A 457 38.73 23.22 -2.69
N ALA A 458 38.14 22.71 -1.60
CA ALA A 458 38.72 22.93 -0.28
C ALA A 458 40.05 22.20 -0.13
N VAL A 459 40.11 20.92 -0.55
CA VAL A 459 41.34 20.17 -0.38
C VAL A 459 42.36 20.50 -1.47
N SER A 460 41.95 21.19 -2.53
CA SER A 460 42.87 21.56 -3.61
C SER A 460 43.72 22.79 -3.28
N LYS A 461 43.78 23.19 -2.01
CA LYS A 461 44.52 24.38 -1.62
C LYS A 461 45.54 24.15 -0.50
N LEU A 462 45.35 23.13 0.32
CA LEU A 462 46.26 22.91 1.44
C LEU A 462 47.62 22.45 0.95
N PRO A 463 48.70 22.87 1.62
CA PRO A 463 50.04 22.38 1.28
C PRO A 463 50.14 20.86 1.41
N SER A 464 50.42 20.19 0.29
CA SER A 464 50.51 18.73 0.31
C SER A 464 51.67 18.24 1.17
N ASP A 465 52.82 18.91 1.10
CA ASP A 465 54.01 18.49 1.85
C ASP A 465 54.04 19.21 3.20
N SER A 466 53.05 18.90 4.01
CA SER A 466 52.92 19.46 5.36
C SER A 466 52.48 18.35 6.31
N PRO A 467 52.84 18.46 7.58
CA PRO A 467 52.40 17.44 8.56
C PRO A 467 50.98 17.64 9.04
N GLU A 468 50.25 18.55 8.40
CA GLU A 468 48.87 18.83 8.76
C GLU A 468 47.85 18.37 7.72
N PHE A 469 48.30 17.77 6.62
CA PHE A 469 47.38 17.37 5.55
C PHE A 469 46.35 16.34 6.00
N PRO A 470 46.70 15.24 6.69
CA PRO A 470 45.66 14.27 7.07
C PRO A 470 44.58 14.85 7.97
N LEU A 471 44.95 15.73 8.91
CA LEU A 471 43.96 16.30 9.82
C LEU A 471 42.95 17.16 9.06
N TRP A 472 43.44 18.04 8.20
CA TRP A 472 42.54 18.89 7.41
C TRP A 472 41.70 18.06 6.45
N GLU A 473 42.30 17.01 5.86
CA GLU A 473 41.54 16.15 4.96
C GLU A 473 40.41 15.45 5.69
N TYR A 474 40.67 14.94 6.89
CA TYR A 474 39.62 14.30 7.67
C TYR A 474 38.54 15.30 8.07
N TYR A 475 38.94 16.51 8.46
CA TYR A 475 37.96 17.53 8.82
C TYR A 475 37.05 17.87 7.64
N TYR A 476 37.65 18.03 6.45
CA TYR A 476 36.86 18.36 5.27
C TYR A 476 35.98 17.19 4.84
N ARG A 477 36.45 15.95 5.02
CA ARG A 477 35.60 14.79 4.73
C ARG A 477 34.40 14.74 5.67
N CYS A 478 34.61 14.99 6.96
CA CYS A 478 33.50 15.03 7.90
C CYS A 478 32.53 16.15 7.56
N ARG A 479 33.05 17.31 7.16
CA ARG A 479 32.18 18.42 6.75
C ARG A 479 31.38 18.05 5.51
N LEU A 480 32.02 17.36 4.55
CA LEU A 480 31.31 16.91 3.37
C LEU A 480 30.19 15.94 3.72
N LEU A 481 30.45 15.04 4.68
CA LEU A 481 29.39 14.14 5.13
C LEU A 481 28.26 14.89 5.82
N GLN A 482 28.59 15.91 6.60
CA GLN A 482 27.56 16.66 7.32
C GLN A 482 26.73 17.52 6.39
N ASP A 483 27.34 18.04 5.31
CA ASP A 483 26.58 18.86 4.37
C ASP A 483 25.50 18.06 3.66
N TYR A 484 25.79 16.80 3.31
CA TYR A 484 24.83 15.98 2.58
C TYR A 484 23.60 15.67 3.41
N ILE A 485 23.78 15.39 4.70
CA ILE A 485 22.67 15.03 5.56
C ILE A 485 21.77 16.23 5.82
N SER A 486 22.36 17.39 6.12
CA SER A 486 21.59 18.57 6.52
C SER A 486 20.89 19.25 5.35
N GLY A 487 21.20 18.87 4.11
CA GLY A 487 20.60 19.52 2.96
C GLY A 487 19.40 18.80 2.40
N MET A 488 18.76 17.97 3.22
CA MET A 488 17.63 17.16 2.78
C MET A 488 16.33 17.65 3.39
N THR A 489 15.25 17.45 2.64
CA THR A 489 13.92 17.58 3.22
C THR A 489 13.60 16.33 4.03
N ASP A 490 12.75 16.54 5.02
CA ASP A 490 12.27 15.50 5.93
C ASP A 490 11.70 14.33 5.20
N LEU A 491 10.99 14.60 4.13
CA LEU A 491 10.35 13.56 3.35
C LEU A 491 11.35 12.77 2.52
N TYR A 492 12.39 13.43 2.00
CA TYR A 492 13.41 12.74 1.22
C TYR A 492 14.29 11.86 2.11
N ALA A 493 14.64 12.35 3.30
CA ALA A 493 15.49 11.58 4.18
C ALA A 493 14.82 10.29 4.64
N TRP A 494 13.51 10.37 4.96
CA TRP A 494 12.78 9.18 5.36
C TRP A 494 12.74 8.15 4.25
N ASP A 495 12.46 8.60 3.01
CA ASP A 495 12.42 7.68 1.89
C ASP A 495 13.77 7.04 1.62
N GLU A 496 14.85 7.84 1.69
CA GLU A 496 16.18 7.27 1.47
C GLU A 496 16.56 6.28 2.57
N TYR A 497 16.20 6.59 3.81
CA TYR A 497 16.49 5.67 4.91
C TYR A 497 15.75 4.36 4.75
N ARG A 498 14.47 4.43 4.36
CA ARG A 498 13.70 3.20 4.16
C ARG A 498 14.21 2.41 2.96
N ARG A 499 14.63 3.05 1.89
CA ARG A 499 15.14 2.34 0.75
C ARG A 499 16.51 1.73 0.96
N LEU A 500 17.37 2.42 1.66
CA LEU A 500 18.71 1.89 1.91
C LEU A 500 18.73 0.74 2.92
N MET A 501 17.65 0.54 3.67
CA MET A 501 17.54 -0.57 4.60
C MET A 501 16.76 -1.74 4.03
N ALA A 502 16.48 -1.73 2.72
CA ALA A 502 15.77 -2.82 2.05
C ALA A 502 14.39 -3.06 2.66
N VAL A 503 13.71 -1.98 3.03
CA VAL A 503 12.36 -2.05 3.58
C VAL A 503 11.32 -1.69 2.53
N GLU A 504 11.56 -0.65 1.74
CA GLU A 504 10.62 -0.25 0.71
C GLU A 504 11.03 -0.79 -0.66
N GLY B 6 14.90 29.59 21.09
CA GLY B 6 14.22 29.63 22.38
C GLY B 6 14.55 28.45 23.26
N ARG B 7 14.61 27.27 22.67
CA ARG B 7 14.90 26.05 23.39
C ARG B 7 16.37 25.92 23.67
N LEU B 8 16.73 25.12 24.67
CA LEU B 8 18.12 24.93 25.05
C LEU B 8 18.88 24.23 23.93
N TYR B 9 20.11 24.70 23.67
CA TYR B 9 20.94 24.12 22.63
C TYR B 9 21.57 22.82 23.12
N SER B 10 21.78 21.88 22.17
CA SER B 10 22.26 20.56 22.52
C SER B 10 23.67 20.61 23.11
N GLY B 11 24.53 21.46 22.55
CA GLY B 11 25.90 21.53 23.03
C GLY B 11 26.01 21.96 24.47
N ASN B 12 25.16 22.89 24.91
CA ASN B 12 25.20 23.32 26.29
C ASN B 12 24.82 22.19 27.24
N LEU B 13 23.78 21.43 26.89
CA LEU B 13 23.40 20.28 27.70
C LEU B 13 24.50 19.22 27.73
N ALA B 14 25.14 18.99 26.58
CA ALA B 14 26.24 18.04 26.54
C ALA B 14 27.40 18.49 27.43
N ALA B 15 27.73 19.78 27.41
CA ALA B 15 28.80 20.28 28.25
C ALA B 15 28.43 20.18 29.73
N PHE B 16 27.17 20.46 30.06
CA PHE B 16 26.72 20.32 31.45
C PHE B 16 26.86 18.88 31.93
N LYS B 17 26.42 17.92 31.09
CA LYS B 17 26.55 16.51 31.45
C LYS B 17 28.02 16.09 31.56
N ALA B 18 28.86 16.61 30.66
CA ALA B 18 30.28 16.29 30.72
C ALA B 18 30.91 16.79 32.02
N ALA B 19 30.57 18.02 32.43
CA ALA B 19 31.07 18.55 33.69
C ALA B 19 30.56 17.73 34.87
N THR B 20 29.28 17.34 34.84
CA THR B 20 28.72 16.51 35.90
C THR B 20 29.47 15.19 36.03
N ASN B 21 29.74 14.54 34.90
CA ASN B 21 30.49 13.28 34.93
C ASN B 21 31.93 13.50 35.37
N LYS B 22 32.54 14.61 34.95
CA LYS B 22 33.91 14.90 35.33
C LYS B 22 34.04 15.06 36.84
N LEU B 23 33.09 15.76 37.45
CA LEU B 23 33.08 15.85 38.91
C LEU B 23 32.62 14.57 39.58
N PHE B 24 31.86 13.73 38.87
CA PHE B 24 31.43 12.45 39.43
C PHE B 24 32.58 11.46 39.47
N GLN B 25 33.60 11.66 38.61
CA GLN B 25 34.78 10.81 38.61
C GLN B 25 35.59 10.92 39.89
N LEU B 26 35.32 11.92 40.72
CA LEU B 26 35.95 12.08 42.03
C LEU B 26 35.03 11.64 43.16
N ASP B 27 34.29 10.56 42.94
CA ASP B 27 33.30 9.99 43.87
C ASP B 27 32.51 11.10 44.59
N LEU B 28 31.86 11.93 43.80
CA LEU B 28 30.99 13.00 44.27
C LEU B 28 29.61 12.85 43.64
N ALA B 29 28.72 13.79 43.98
CA ALA B 29 27.37 13.77 43.45
C ALA B 29 26.84 15.20 43.37
N VAL B 30 25.84 15.38 42.50
CA VAL B 30 25.21 16.68 42.28
C VAL B 30 23.69 16.50 42.31
N ILE B 31 23.02 17.34 43.07
CA ILE B 31 21.56 17.41 43.06
C ILE B 31 21.15 18.62 42.25
N TYR B 32 20.01 18.51 41.57
CA TYR B 32 19.54 19.54 40.65
C TYR B 32 18.12 19.93 41.02
N ASP B 33 17.88 21.23 41.14
CA ASP B 33 16.54 21.75 41.35
C ASP B 33 16.30 22.92 40.40
N ASP B 34 15.06 23.05 39.93
CA ASP B 34 14.72 24.08 38.96
C ASP B 34 13.31 24.55 39.22
N TRP B 35 13.08 25.86 39.10
CA TRP B 35 11.74 26.41 39.29
C TRP B 35 11.69 27.80 38.66
N TYR B 36 10.55 28.46 38.82
CA TYR B 36 10.31 29.81 38.30
C TYR B 36 10.02 30.73 39.48
N ASP B 37 10.67 31.90 39.48
CA ASP B 37 10.54 32.81 40.62
C ASP B 37 9.22 33.57 40.54
N ALA B 38 8.90 34.26 41.64
CA ALA B 38 7.61 34.92 41.75
C ALA B 38 7.51 36.14 40.85
N TYR B 39 8.38 37.13 41.07
CA TYR B 39 8.27 38.41 40.37
C TYR B 39 9.50 38.81 39.58
N THR B 40 10.64 38.16 39.77
CA THR B 40 11.84 38.51 39.01
C THR B 40 11.73 38.13 37.54
N ARG B 41 10.74 37.32 37.17
CA ARG B 41 10.50 36.93 35.78
C ARG B 41 11.72 36.26 35.16
N LYS B 42 12.31 35.32 35.90
CA LYS B 42 13.47 34.59 35.41
C LYS B 42 13.54 33.24 36.10
N ASP B 43 13.92 32.22 35.33
CA ASP B 43 14.03 30.87 35.88
C ASP B 43 15.20 30.76 36.84
N CYS B 44 15.06 29.88 37.83
CA CYS B 44 16.08 29.67 38.85
C CYS B 44 16.46 28.21 38.91
N ILE B 45 17.77 27.95 39.02
CA ILE B 45 18.30 26.61 39.14
C ILE B 45 19.25 26.57 40.34
N ARG B 46 19.03 25.61 41.23
CA ARG B 46 19.84 25.41 42.42
C ARG B 46 20.61 24.10 42.32
N LEU B 47 21.91 24.16 42.58
CA LEU B 47 22.78 23.00 42.60
C LEU B 47 23.39 22.83 43.99
N ARG B 48 23.51 21.57 44.41
CA ARG B 48 24.14 21.22 45.69
C ARG B 48 25.18 20.17 45.42
N ILE B 49 26.39 20.35 45.97
CA ILE B 49 27.46 19.37 45.83
C ILE B 49 27.72 18.71 47.16
N GLU B 50 27.70 17.37 47.17
CA GLU B 50 27.95 16.60 48.37
C GLU B 50 28.57 15.26 47.97
N ASP B 51 29.25 14.64 48.92
CA ASP B 51 29.89 13.36 48.69
C ASP B 51 28.88 12.23 48.84
N ARG B 52 29.37 10.99 48.73
CA ARG B 52 28.48 9.83 48.79
C ARG B 52 27.86 9.64 50.16
N SER B 53 28.60 9.96 51.23
CA SER B 53 28.08 9.78 52.58
C SER B 53 26.95 10.74 52.92
N GLY B 54 26.71 11.76 52.10
CA GLY B 54 25.64 12.69 52.33
C GLY B 54 26.01 13.97 53.03
N ASN B 55 27.30 14.25 53.21
CA ASN B 55 27.76 15.48 53.85
C ASN B 55 27.77 16.60 52.81
N LEU B 56 26.89 17.58 52.99
CA LEU B 56 26.79 18.68 52.05
C LEU B 56 28.06 19.52 52.08
N ILE B 57 28.61 19.82 50.91
CA ILE B 57 29.80 20.65 50.82
C ILE B 57 29.43 22.12 50.61
N ASP B 58 28.70 22.42 49.55
CA ASP B 58 28.27 23.78 49.26
C ASP B 58 27.09 23.73 48.30
N THR B 59 26.41 24.87 48.15
CA THR B 59 25.26 25.01 47.27
C THR B 59 25.37 26.34 46.53
N SER B 60 24.63 26.45 45.44
CA SER B 60 24.55 27.69 44.69
C SER B 60 23.22 27.77 43.97
N THR B 61 22.79 29.01 43.69
CA THR B 61 21.55 29.27 42.99
C THR B 61 21.79 30.30 41.92
N PHE B 62 21.29 30.05 40.71
CA PHE B 62 21.48 30.94 39.58
C PHE B 62 20.13 31.31 38.99
N TYR B 63 19.96 32.60 38.67
CA TYR B 63 18.72 33.12 38.13
C TYR B 63 18.99 33.78 36.79
N HIS B 64 18.16 33.44 35.80
CA HIS B 64 18.26 34.05 34.47
C HIS B 64 17.01 33.71 33.68
N HIS B 65 16.67 34.60 32.75
CA HIS B 65 15.51 34.42 31.89
C HIS B 65 15.85 33.70 30.58
N ASP B 66 17.12 33.38 30.35
CA ASP B 66 17.54 32.65 29.16
C ASP B 66 18.14 31.32 29.58
N GLU B 67 17.79 30.27 28.83
CA GLU B 67 18.22 28.92 29.20
C GLU B 67 19.71 28.72 28.94
N ASP B 68 20.18 29.20 27.79
CA ASP B 68 21.56 29.04 27.36
C ASP B 68 22.58 29.66 28.28
N VAL B 69 22.32 30.87 28.73
CA VAL B 69 23.20 31.58 29.65
C VAL B 69 23.17 30.92 31.02
N LEU B 70 21.97 30.53 31.48
CA LEU B 70 21.83 29.89 32.78
C LEU B 70 22.60 28.58 32.83
N PHE B 71 22.47 27.76 31.79
CA PHE B 71 23.18 26.50 31.75
C PHE B 71 24.69 26.69 31.64
N ASN B 72 25.14 27.70 30.89
CA ASN B 72 26.57 27.98 30.81
C ASN B 72 27.11 28.41 32.17
N MET B 73 26.36 29.24 32.91
CA MET B 73 26.78 29.63 34.25
C MET B 73 26.86 28.43 35.17
N CYS B 74 25.86 27.55 35.10
CA CYS B 74 25.90 26.33 35.92
C CYS B 74 27.11 25.48 35.57
N THR B 75 27.40 25.32 34.27
CA THR B 75 28.52 24.49 33.86
C THR B 75 29.85 25.07 34.32
N ASP B 76 30.03 26.39 34.19
CA ASP B 76 31.30 26.98 34.61
C ASP B 76 31.44 26.98 36.13
N TRP B 77 30.35 27.13 36.87
CA TRP B 77 30.43 26.99 38.32
C TRP B 77 30.81 25.56 38.72
N LEU B 78 30.24 24.56 38.03
CA LEU B 78 30.63 23.17 38.30
C LEU B 78 32.11 22.95 37.99
N ASN B 79 32.59 23.53 36.88
CA ASN B 79 34.00 23.39 36.53
C ASN B 79 34.90 24.04 37.57
N HIS B 80 34.52 25.23 38.06
CA HIS B 80 35.28 25.88 39.13
C HIS B 80 35.28 25.05 40.40
N MET B 81 34.14 24.44 40.74
CA MET B 81 34.08 23.56 41.90
C MET B 81 35.04 22.39 41.74
N TYR B 82 35.04 21.76 40.56
CA TYR B 82 35.94 20.65 40.30
C TYR B 82 37.40 21.09 40.41
N ASP B 83 37.73 22.26 39.85
CA ASP B 83 39.08 22.79 39.89
C ASP B 83 39.54 23.02 41.32
N GLN B 84 38.67 23.62 42.13
CA GLN B 84 39.00 23.92 43.52
C GLN B 84 39.11 22.68 44.37
N LEU B 85 38.30 21.68 44.06
CA LEU B 85 38.32 20.42 44.79
C LEU B 85 39.46 19.51 44.36
N LYS B 86 40.06 19.74 43.19
CA LYS B 86 41.25 19.00 42.79
C LYS B 86 42.53 19.80 43.00
N ASP B 87 42.44 21.07 43.39
CA ASP B 87 43.63 21.79 43.84
C ASP B 87 44.22 21.12 45.06
N TRP B 88 43.37 20.72 46.00
CA TRP B 88 43.76 19.88 47.12
C TRP B 88 42.58 18.97 47.45
N LYS B 89 42.88 17.78 47.95
CA LYS B 89 41.87 16.72 48.13
C LYS B 89 41.22 16.40 46.79
N GLY C 6 -8.97 -25.64 -28.37
CA GLY C 6 -9.80 -26.69 -27.81
C GLY C 6 -11.17 -26.23 -27.40
N ARG C 7 -11.23 -25.04 -26.80
CA ARG C 7 -12.48 -24.46 -26.34
C ARG C 7 -13.26 -23.86 -27.47
N LEU C 8 -14.57 -23.71 -27.30
CA LEU C 8 -15.42 -23.14 -28.34
C LEU C 8 -15.06 -21.69 -28.60
N TYR C 9 -15.04 -21.32 -29.88
CA TYR C 9 -14.72 -19.95 -30.28
C TYR C 9 -15.91 -19.04 -30.04
N SER C 10 -15.62 -17.79 -29.72
CA SER C 10 -16.67 -16.82 -29.37
C SER C 10 -17.60 -16.56 -30.55
N GLY C 11 -17.04 -16.44 -31.76
CA GLY C 11 -17.85 -16.13 -32.91
C GLY C 11 -18.90 -17.18 -33.22
N ASN C 12 -18.55 -18.47 -33.03
CA ASN C 12 -19.52 -19.53 -33.27
C ASN C 12 -20.69 -19.44 -32.29
N LEU C 13 -20.41 -19.19 -31.02
CA LEU C 13 -21.47 -19.02 -30.03
C LEU C 13 -22.33 -17.80 -30.36
N ALA C 14 -21.70 -16.71 -30.78
CA ALA C 14 -22.45 -15.52 -31.16
C ALA C 14 -23.36 -15.80 -32.35
N ALA C 15 -22.87 -16.54 -33.34
CA ALA C 15 -23.70 -16.88 -34.50
C ALA C 15 -24.86 -17.80 -34.10
N PHE C 16 -24.59 -18.75 -33.20
CA PHE C 16 -25.65 -19.63 -32.72
C PHE C 16 -26.74 -18.84 -32.00
N LYS C 17 -26.34 -17.91 -31.13
CA LYS C 17 -27.31 -17.07 -30.44
C LYS C 17 -28.08 -16.18 -31.42
N ALA C 18 -27.38 -15.65 -32.43
CA ALA C 18 -28.04 -14.81 -33.42
C ALA C 18 -29.09 -15.61 -34.20
N ALA C 19 -28.77 -16.84 -34.59
CA ALA C 19 -29.74 -17.69 -35.27
C ALA C 19 -30.92 -18.01 -34.36
N THR C 20 -30.64 -18.29 -33.08
CA THR C 20 -31.72 -18.57 -32.13
C THR C 20 -32.66 -17.39 -32.01
N ASN C 21 -32.12 -16.18 -31.89
CA ASN C 21 -32.96 -14.99 -31.80
C ASN C 21 -33.71 -14.73 -33.11
N LYS C 22 -33.05 -14.98 -34.25
CA LYS C 22 -33.69 -14.77 -35.54
C LYS C 22 -34.91 -15.67 -35.70
N LEU C 23 -34.79 -16.94 -35.29
CA LEU C 23 -35.95 -17.82 -35.30
C LEU C 23 -36.93 -17.51 -34.18
N PHE C 24 -36.48 -16.88 -33.09
CA PHE C 24 -37.39 -16.51 -32.01
C PHE C 24 -38.24 -15.30 -32.41
N GLN C 25 -37.77 -14.51 -33.38
CA GLN C 25 -38.54 -13.39 -33.88
C GLN C 25 -39.82 -13.81 -34.58
N LEU C 26 -39.97 -15.10 -34.90
CA LEU C 26 -41.18 -15.65 -35.49
C LEU C 26 -42.01 -16.40 -34.45
N ASP C 27 -42.08 -15.85 -33.22
CA ASP C 27 -42.78 -16.43 -32.08
C ASP C 27 -42.62 -17.96 -32.02
N LEU C 28 -41.37 -18.39 -31.96
CA LEU C 28 -41.00 -19.79 -31.83
C LEU C 28 -40.08 -19.96 -30.62
N ALA C 29 -39.64 -21.20 -30.40
CA ALA C 29 -38.77 -21.51 -29.28
C ALA C 29 -37.88 -22.69 -29.64
N VAL C 30 -36.75 -22.79 -28.96
CA VAL C 30 -35.78 -23.85 -29.16
C VAL C 30 -35.38 -24.42 -27.80
N ILE C 31 -35.41 -25.75 -27.70
CA ILE C 31 -34.89 -26.45 -26.53
C ILE C 31 -33.53 -27.02 -26.89
N TYR C 32 -32.64 -27.08 -25.90
CA TYR C 32 -31.25 -27.48 -26.11
C TYR C 32 -30.92 -28.61 -25.15
N ASP C 33 -30.35 -29.70 -25.66
CA ASP C 33 -29.84 -30.78 -24.85
C ASP C 33 -28.45 -31.17 -25.33
N ASP C 34 -27.59 -31.55 -24.38
CA ASP C 34 -26.22 -31.88 -24.71
C ASP C 34 -25.74 -32.99 -23.79
N TRP C 35 -24.99 -33.94 -24.33
CA TRP C 35 -24.44 -35.04 -23.54
C TRP C 35 -23.27 -35.67 -24.28
N TYR C 36 -22.74 -36.74 -23.71
CA TYR C 36 -21.62 -37.49 -24.27
C TYR C 36 -22.08 -38.92 -24.53
N ASP C 37 -21.78 -39.44 -25.71
CA ASP C 37 -22.26 -40.75 -26.10
C ASP C 37 -21.41 -41.85 -25.43
N ALA C 38 -21.90 -43.09 -25.52
CA ALA C 38 -21.27 -44.19 -24.82
C ALA C 38 -19.94 -44.58 -25.45
N TYR C 39 -19.96 -45.00 -26.72
CA TYR C 39 -18.77 -45.55 -27.36
C TYR C 39 -18.34 -44.82 -28.61
N THR C 40 -19.18 -43.97 -29.20
CA THR C 40 -18.78 -43.23 -30.40
C THR C 40 -17.70 -42.20 -30.13
N ARG C 41 -17.44 -41.87 -28.86
CA ARG C 41 -16.37 -40.93 -28.48
C ARG C 41 -16.56 -39.57 -29.14
N LYS C 42 -17.79 -39.07 -29.08
CA LYS C 42 -18.10 -37.76 -29.65
C LYS C 42 -19.31 -37.17 -28.92
N ASP C 43 -19.26 -35.86 -28.69
CA ASP C 43 -20.36 -35.19 -28.00
C ASP C 43 -21.59 -35.12 -28.89
N CYS C 44 -22.77 -35.12 -28.26
CA CYS C 44 -24.04 -35.10 -28.96
C CYS C 44 -24.88 -33.93 -28.46
N ILE C 45 -25.51 -33.23 -29.39
CA ILE C 45 -26.41 -32.12 -29.08
C ILE C 45 -27.72 -32.33 -29.81
N ARG C 46 -28.82 -32.26 -29.07
CA ARG C 46 -30.17 -32.42 -29.61
C ARG C 46 -30.93 -31.11 -29.51
N LEU C 47 -31.55 -30.71 -30.61
CA LEU C 47 -32.37 -29.51 -30.69
C LEU C 47 -33.80 -29.90 -31.06
N ARG C 48 -34.77 -29.21 -30.45
CA ARG C 48 -36.18 -29.41 -30.74
C ARG C 48 -36.80 -28.04 -31.02
N ILE C 49 -37.56 -27.92 -32.10
CA ILE C 49 -38.23 -26.68 -32.45
C ILE C 49 -39.73 -26.84 -32.25
N GLU C 50 -40.33 -25.94 -31.49
CA GLU C 50 -41.76 -25.95 -31.24
C GLU C 50 -42.23 -24.52 -31.00
N ASP C 51 -43.53 -24.32 -31.20
CA ASP C 51 -44.13 -23.01 -31.02
C ASP C 51 -44.43 -22.76 -29.54
N ARG C 52 -45.06 -21.62 -29.25
CA ARG C 52 -45.33 -21.25 -27.86
C ARG C 52 -46.36 -22.17 -27.21
N SER C 53 -47.34 -22.65 -27.97
CA SER C 53 -48.37 -23.52 -27.41
C SER C 53 -47.85 -24.89 -27.01
N GLY C 54 -46.63 -25.24 -27.41
CA GLY C 54 -46.04 -26.51 -27.04
C GLY C 54 -46.18 -27.62 -28.05
N ASN C 55 -46.61 -27.32 -29.26
CA ASN C 55 -46.75 -28.33 -30.32
C ASN C 55 -45.39 -28.52 -30.98
N LEU C 56 -44.79 -29.70 -30.79
CA LEU C 56 -43.48 -29.98 -31.35
C LEU C 56 -43.56 -30.02 -32.87
N ILE C 57 -42.63 -29.32 -33.52
CA ILE C 57 -42.56 -29.31 -34.98
C ILE C 57 -41.62 -30.37 -35.50
N ASP C 58 -40.35 -30.31 -35.09
CA ASP C 58 -39.35 -31.29 -35.51
C ASP C 58 -38.19 -31.26 -34.51
N THR C 59 -37.33 -32.28 -34.60
CA THR C 59 -36.16 -32.41 -33.75
C THR C 59 -34.98 -32.86 -34.61
N SER C 60 -33.77 -32.67 -34.07
CA SER C 60 -32.57 -33.14 -34.73
C SER C 60 -31.50 -33.40 -33.68
N THR C 61 -30.58 -34.29 -34.03
CA THR C 61 -29.46 -34.65 -33.16
C THR C 61 -28.18 -34.65 -33.98
N PHE C 62 -27.13 -34.03 -33.44
CA PHE C 62 -25.86 -33.93 -34.13
C PHE C 62 -24.75 -34.48 -33.23
N TYR C 63 -23.86 -35.26 -33.83
CA TYR C 63 -22.76 -35.89 -33.11
C TYR C 63 -21.43 -35.46 -33.72
N HIS C 64 -20.49 -35.06 -32.87
CA HIS C 64 -19.16 -34.70 -33.33
C HIS C 64 -18.24 -34.57 -32.12
N HIS C 65 -16.95 -34.83 -32.37
CA HIS C 65 -15.94 -34.75 -31.32
C HIS C 65 -15.29 -33.37 -31.23
N ASP C 66 -15.66 -32.45 -32.11
CA ASP C 66 -15.15 -31.08 -32.08
C ASP C 66 -16.29 -30.11 -31.82
N GLU C 67 -16.04 -29.13 -30.96
CA GLU C 67 -17.10 -28.21 -30.56
C GLU C 67 -17.45 -27.24 -31.68
N ASP C 68 -16.44 -26.71 -32.37
CA ASP C 68 -16.61 -25.74 -33.43
C ASP C 68 -17.44 -26.22 -34.60
N VAL C 69 -17.16 -27.43 -35.04
CA VAL C 69 -17.91 -28.04 -36.15
C VAL C 69 -19.33 -28.36 -35.71
N LEU C 70 -19.48 -28.89 -34.50
CA LEU C 70 -20.81 -29.24 -34.00
C LEU C 70 -21.70 -28.01 -33.90
N PHE C 71 -21.16 -26.92 -33.36
CA PHE C 71 -21.94 -25.70 -33.24
C PHE C 71 -22.25 -25.08 -34.60
N ASN C 72 -21.32 -25.17 -35.55
CA ASN C 72 -21.61 -24.67 -36.90
C ASN C 72 -22.73 -25.48 -37.56
N MET C 73 -22.71 -26.80 -37.37
CA MET C 73 -23.78 -27.64 -37.92
C MET C 73 -25.11 -27.28 -37.27
N CYS C 74 -25.12 -27.07 -35.96
CA CYS C 74 -26.36 -26.68 -35.30
C CYS C 74 -26.86 -25.34 -35.83
N THR C 75 -25.96 -24.38 -36.01
CA THR C 75 -26.35 -23.05 -36.48
C THR C 75 -26.91 -23.12 -37.90
N ASP C 76 -26.26 -23.88 -38.79
CA ASP C 76 -26.77 -23.95 -40.15
C ASP C 76 -28.07 -24.73 -40.24
N TRP C 77 -28.27 -25.75 -39.40
CA TRP C 77 -29.56 -26.43 -39.35
C TRP C 77 -30.66 -25.49 -38.85
N LEU C 78 -30.35 -24.66 -37.85
CA LEU C 78 -31.32 -23.68 -37.39
C LEU C 78 -31.65 -22.68 -38.48
N ASN C 79 -30.64 -22.24 -39.24
CA ASN C 79 -30.88 -21.30 -40.34
C ASN C 79 -31.74 -21.93 -41.43
N HIS C 80 -31.49 -23.21 -41.75
CA HIS C 80 -32.32 -23.91 -42.73
C HIS C 80 -33.75 -24.05 -42.24
N MET C 81 -33.93 -24.33 -40.94
CA MET C 81 -35.28 -24.39 -40.37
C MET C 81 -35.99 -23.05 -40.50
N TYR C 82 -35.30 -21.96 -40.18
CA TYR C 82 -35.88 -20.63 -40.32
C TYR C 82 -36.25 -20.34 -41.77
N ASP C 83 -35.36 -20.69 -42.70
CA ASP C 83 -35.61 -20.47 -44.13
C ASP C 83 -36.85 -21.22 -44.59
N GLN C 84 -36.95 -22.48 -44.20
CA GLN C 84 -38.08 -23.32 -44.60
C GLN C 84 -39.38 -22.89 -43.98
N LEU C 85 -39.30 -22.39 -42.76
CA LEU C 85 -40.50 -21.91 -42.06
C LEU C 85 -40.92 -20.51 -42.48
N LYS C 86 -40.04 -19.76 -43.14
CA LYS C 86 -40.44 -18.49 -43.73
C LYS C 86 -40.67 -18.57 -45.23
N ASP C 87 -40.39 -19.71 -45.86
CA ASP C 87 -40.83 -19.91 -47.24
C ASP C 87 -42.35 -19.87 -47.31
N TRP C 88 -43.03 -20.51 -46.37
CA TRP C 88 -44.47 -20.37 -46.19
C TRP C 88 -44.76 -20.46 -44.70
N LYS C 89 -45.81 -19.77 -44.27
CA LYS C 89 -46.11 -19.59 -42.84
C LYS C 89 -44.92 -18.93 -42.15
N GLY D 6 33.66 -11.81 -16.52
CA GLY D 6 34.42 -10.64 -16.94
C GLY D 6 34.94 -9.80 -15.79
N ARG D 7 34.11 -9.64 -14.78
CA ARG D 7 34.45 -8.86 -13.61
C ARG D 7 35.34 -9.63 -12.66
N LEU D 8 36.09 -8.94 -11.82
CA LEU D 8 36.99 -9.58 -10.89
C LEU D 8 36.21 -10.41 -9.86
N TYR D 9 36.73 -11.59 -9.56
CA TYR D 9 36.10 -12.48 -8.60
C TYR D 9 36.38 -12.02 -7.18
N SER D 10 35.41 -12.26 -6.29
CA SER D 10 35.51 -11.77 -4.92
C SER D 10 36.68 -12.42 -4.18
N GLY D 11 36.89 -13.72 -4.39
CA GLY D 11 37.96 -14.42 -3.69
C GLY D 11 39.34 -13.87 -3.99
N ASN D 12 39.59 -13.48 -5.24
CA ASN D 12 40.89 -12.92 -5.59
C ASN D 12 41.13 -11.60 -4.88
N LEU D 13 40.11 -10.73 -4.83
CA LEU D 13 40.24 -9.47 -4.10
C LEU D 13 40.45 -9.72 -2.61
N ALA D 14 39.74 -10.70 -2.05
CA ALA D 14 39.92 -11.02 -0.64
C ALA D 14 41.34 -11.52 -0.37
N ALA D 15 41.88 -12.35 -1.25
CA ALA D 15 43.25 -12.82 -1.08
C ALA D 15 44.26 -11.69 -1.21
N PHE D 16 44.03 -10.77 -2.15
CA PHE D 16 44.90 -9.63 -2.30
C PHE D 16 44.91 -8.76 -1.04
N LYS D 17 43.72 -8.51 -0.48
CA LYS D 17 43.64 -7.73 0.75
C LYS D 17 44.28 -8.47 1.92
N ALA D 18 44.12 -9.80 1.98
CA ALA D 18 44.74 -10.57 3.03
C ALA D 18 46.25 -10.50 2.96
N ALA D 19 46.82 -10.59 1.75
CA ALA D 19 48.26 -10.47 1.59
C ALA D 19 48.73 -9.07 1.97
N THR D 20 47.97 -8.04 1.57
CA THR D 20 48.32 -6.68 1.92
C THR D 20 48.37 -6.50 3.44
N ASN D 21 47.37 -7.02 4.14
CA ASN D 21 47.36 -6.91 5.60
C ASN D 21 48.47 -7.74 6.23
N LYS D 22 48.75 -8.92 5.66
CA LYS D 22 49.82 -9.77 6.19
C LYS D 22 51.17 -9.08 6.11
N LEU D 23 51.45 -8.41 5.00
CA LEU D 23 52.67 -7.62 4.90
C LEU D 23 52.60 -6.32 5.70
N PHE D 24 51.39 -5.81 5.97
CA PHE D 24 51.26 -4.61 6.79
C PHE D 24 51.51 -4.91 8.25
N GLN D 25 51.35 -6.18 8.65
CA GLN D 25 51.65 -6.58 10.02
C GLN D 25 53.12 -6.45 10.38
N LEU D 26 53.99 -6.26 9.38
CA LEU D 26 55.42 -6.03 9.60
C LEU D 26 55.77 -4.56 9.43
N ASP D 27 54.90 -3.68 9.91
CA ASP D 27 55.01 -2.21 9.82
C ASP D 27 55.59 -1.77 8.46
N LEU D 28 54.87 -2.18 7.42
CA LEU D 28 55.19 -1.82 6.04
C LEU D 28 53.97 -1.17 5.39
N ALA D 29 54.12 -0.82 4.10
CA ALA D 29 53.04 -0.18 3.37
C ALA D 29 53.16 -0.53 1.90
N VAL D 30 52.03 -0.44 1.18
CA VAL D 30 51.96 -0.75 -0.24
C VAL D 30 51.21 0.38 -0.93
N ILE D 31 51.78 0.88 -2.03
CA ILE D 31 51.11 1.84 -2.90
C ILE D 31 50.62 1.09 -4.12
N TYR D 32 49.49 1.52 -4.67
CA TYR D 32 48.83 0.83 -5.77
C TYR D 32 48.58 1.83 -6.89
N ASP D 33 48.97 1.46 -8.11
CA ASP D 33 48.67 2.25 -9.29
C ASP D 33 48.15 1.33 -10.39
N ASP D 34 47.20 1.83 -11.18
CA ASP D 34 46.57 1.03 -12.22
C ASP D 34 46.25 1.92 -13.41
N TRP D 35 46.46 1.39 -14.61
CA TRP D 35 46.16 2.15 -15.82
C TRP D 35 46.04 1.18 -17.00
N TYR D 36 45.84 1.74 -18.18
CA TYR D 36 45.72 0.98 -19.43
C TYR D 36 46.84 1.40 -20.37
N ASP D 37 47.52 0.44 -20.97
CA ASP D 37 48.68 0.74 -21.80
C ASP D 37 48.22 1.23 -23.17
N ALA D 38 49.19 1.76 -23.94
CA ALA D 38 48.87 2.39 -25.21
C ALA D 38 48.47 1.37 -26.26
N TYR D 39 49.37 0.44 -26.61
CA TYR D 39 49.15 -0.47 -27.71
C TYR D 39 49.19 -1.94 -27.35
N THR D 40 49.71 -2.31 -26.17
CA THR D 40 49.76 -3.70 -25.77
C THR D 40 48.37 -4.29 -25.51
N ARG D 41 47.34 -3.45 -25.38
CA ARG D 41 45.96 -3.90 -25.19
C ARG D 41 45.81 -4.77 -23.95
N LYS D 42 46.41 -4.32 -22.85
CA LYS D 42 46.33 -5.04 -21.58
C LYS D 42 46.51 -4.06 -20.43
N ASP D 43 45.75 -4.28 -19.36
CA ASP D 43 45.82 -3.41 -18.20
C ASP D 43 47.14 -3.60 -17.46
N CYS D 44 47.61 -2.54 -16.82
CA CYS D 44 48.87 -2.55 -16.09
C CYS D 44 48.64 -2.10 -14.65
N ILE D 45 49.26 -2.81 -13.72
CA ILE D 45 49.21 -2.46 -12.30
C ILE D 45 50.62 -2.41 -11.75
N ARG D 46 50.95 -1.32 -11.08
CA ARG D 46 52.26 -1.09 -10.48
C ARG D 46 52.13 -1.05 -8.97
N LEU D 47 52.98 -1.82 -8.29
CA LEU D 47 53.05 -1.87 -6.84
C LEU D 47 54.42 -1.41 -6.37
N ARG D 48 54.44 -0.66 -5.27
CA ARG D 48 55.67 -0.20 -4.64
C ARG D 48 55.62 -0.57 -3.16
N ILE D 49 56.70 -1.16 -2.65
CA ILE D 49 56.78 -1.51 -1.24
C ILE D 49 57.80 -0.61 -0.55
N GLU D 50 57.37 0.02 0.54
CA GLU D 50 58.25 0.89 1.31
C GLU D 50 57.79 0.88 2.77
N ASP D 51 58.70 1.24 3.66
CA ASP D 51 58.41 1.26 5.08
C ASP D 51 57.71 2.58 5.44
N ARG D 52 57.46 2.75 6.75
CA ARG D 52 56.72 3.93 7.20
C ARG D 52 57.50 5.22 7.01
N SER D 53 58.83 5.18 7.14
CA SER D 53 59.64 6.38 6.99
C SER D 53 59.68 6.89 5.55
N GLY D 54 59.22 6.11 4.59
CA GLY D 54 59.19 6.53 3.21
C GLY D 54 60.35 6.08 2.36
N ASN D 55 61.19 5.17 2.85
CA ASN D 55 62.32 4.66 2.08
C ASN D 55 61.82 3.54 1.17
N LEU D 56 61.85 3.78 -0.13
CA LEU D 56 61.37 2.81 -1.09
C LEU D 56 62.27 1.57 -1.08
N ILE D 57 61.66 0.40 -1.01
CA ILE D 57 62.41 -0.86 -1.04
C ILE D 57 62.52 -1.41 -2.44
N ASP D 58 61.39 -1.66 -3.09
CA ASP D 58 61.38 -2.17 -4.47
C ASP D 58 60.00 -1.87 -5.08
N THR D 59 59.92 -2.04 -6.40
CA THR D 59 58.70 -1.83 -7.16
C THR D 59 58.55 -2.94 -8.18
N SER D 60 57.34 -3.10 -8.68
CA SER D 60 57.07 -4.07 -9.75
C SER D 60 55.87 -3.60 -10.56
N THR D 61 55.83 -4.04 -11.81
CA THR D 61 54.74 -3.72 -12.72
C THR D 61 54.30 -4.99 -13.43
N PHE D 62 52.99 -5.20 -13.49
CA PHE D 62 52.42 -6.40 -14.11
C PHE D 62 51.42 -5.98 -15.17
N TYR D 63 51.48 -6.66 -16.32
CA TYR D 63 50.61 -6.37 -17.46
C TYR D 63 49.83 -7.62 -17.83
N HIS D 64 48.52 -7.46 -18.01
CA HIS D 64 47.68 -8.56 -18.44
C HIS D 64 46.31 -8.02 -18.85
N HIS D 65 45.67 -8.72 -19.78
CA HIS D 65 44.35 -8.34 -20.27
C HIS D 65 43.21 -8.98 -19.47
N ASP D 66 43.53 -9.82 -18.49
CA ASP D 66 42.52 -10.45 -17.64
C ASP D 66 42.73 -9.99 -16.20
N GLU D 67 41.62 -9.69 -15.52
CA GLU D 67 41.72 -9.14 -14.17
C GLU D 67 42.13 -10.21 -13.17
N ASP D 68 41.56 -11.40 -13.29
CA ASP D 68 41.82 -12.51 -12.38
C ASP D 68 43.25 -12.97 -12.33
N VAL D 69 43.86 -13.10 -13.48
CA VAL D 69 45.27 -13.50 -13.58
C VAL D 69 46.18 -12.39 -13.06
N LEU D 70 45.86 -11.14 -13.42
CA LEU D 70 46.67 -10.02 -12.98
C LEU D 70 46.67 -9.88 -11.47
N PHE D 71 45.49 -10.02 -10.86
CA PHE D 71 45.40 -9.93 -9.40
C PHE D 71 46.09 -11.11 -8.72
N ASN D 72 46.00 -12.31 -9.30
CA ASN D 72 46.71 -13.45 -8.73
C ASN D 72 48.21 -13.25 -8.79
N MET D 73 48.72 -12.70 -9.90
CA MET D 73 50.14 -12.42 -10.00
C MET D 73 50.57 -11.37 -8.97
N CYS D 74 49.75 -10.33 -8.80
CA CYS D 74 50.06 -9.33 -7.79
C CYS D 74 50.09 -9.95 -6.40
N THR D 75 49.12 -10.80 -6.09
CA THR D 75 49.05 -11.42 -4.77
C THR D 75 50.24 -12.33 -4.51
N ASP D 76 50.63 -13.14 -5.50
CA ASP D 76 51.76 -14.03 -5.27
C ASP D 76 53.08 -13.27 -5.21
N TRP D 77 53.22 -12.18 -5.96
CA TRP D 77 54.41 -11.34 -5.81
C TRP D 77 54.46 -10.70 -4.42
N LEU D 78 53.31 -10.25 -3.90
CA LEU D 78 53.29 -9.72 -2.54
C LEU D 78 53.66 -10.79 -1.52
N ASN D 79 53.16 -12.00 -1.72
CA ASN D 79 53.50 -13.10 -0.80
C ASN D 79 54.99 -13.43 -0.85
N HIS D 80 55.58 -13.43 -2.05
CA HIS D 80 57.02 -13.65 -2.18
C HIS D 80 57.81 -12.54 -1.50
N MET D 81 57.36 -11.29 -1.65
CA MET D 81 58.02 -10.18 -0.95
C MET D 81 57.96 -10.37 0.56
N TYR D 82 56.79 -10.76 1.09
CA TYR D 82 56.66 -11.00 2.52
C TYR D 82 57.58 -12.14 2.97
N ASP D 83 57.64 -13.21 2.19
CA ASP D 83 58.49 -14.36 2.51
C ASP D 83 59.95 -13.96 2.56
N GLN D 84 60.40 -13.20 1.58
CA GLN D 84 61.79 -12.76 1.49
C GLN D 84 62.15 -11.79 2.58
N LEU D 85 61.20 -10.95 2.95
CA LEU D 85 61.43 -9.95 4.00
C LEU D 85 61.32 -10.54 5.40
N LYS D 86 60.71 -11.72 5.55
CA LYS D 86 60.72 -12.42 6.83
C LYS D 86 61.75 -13.54 6.89
N ASP D 87 62.42 -13.85 5.78
CA ASP D 87 63.58 -14.74 5.85
C ASP D 87 64.67 -14.12 6.73
N TRP D 88 64.91 -12.83 6.58
CA TRP D 88 65.74 -12.06 7.48
C TRP D 88 65.18 -10.65 7.56
N LYS D 89 65.35 -10.02 8.71
CA LYS D 89 64.69 -8.74 9.02
C LYS D 89 63.18 -8.90 8.93
N GLY E 6 -2.68 32.63 -21.70
CA GLY E 6 -2.05 32.42 -23.00
C GLY E 6 -2.80 31.42 -23.87
N ARG E 7 -3.29 30.37 -23.25
CA ARG E 7 -4.03 29.32 -23.94
C ARG E 7 -5.45 29.74 -24.22
N LEU E 8 -6.08 29.13 -25.21
CA LEU E 8 -7.45 29.46 -25.57
C LEU E 8 -8.41 29.11 -24.44
N TYR E 9 -9.37 30.00 -24.20
CA TYR E 9 -10.35 29.80 -23.15
C TYR E 9 -11.41 28.80 -23.61
N SER E 10 -11.95 28.04 -22.64
CA SER E 10 -12.89 26.98 -22.97
C SER E 10 -14.18 27.54 -23.56
N GLY E 11 -14.67 28.65 -23.01
CA GLY E 11 -15.91 29.23 -23.48
C GLY E 11 -15.87 29.64 -24.94
N ASN E 12 -14.74 30.19 -25.39
CA ASN E 12 -14.62 30.58 -26.79
C ASN E 12 -14.69 29.37 -27.71
N LEU E 13 -14.01 28.28 -27.35
CA LEU E 13 -14.09 27.06 -28.15
C LEU E 13 -15.50 26.50 -28.15
N ALA E 14 -16.18 26.54 -27.00
CA ALA E 14 -17.56 26.06 -26.93
C ALA E 14 -18.47 26.89 -27.83
N ALA E 15 -18.30 28.22 -27.82
CA ALA E 15 -19.10 29.07 -28.68
C ALA E 15 -18.82 28.81 -30.16
N PHE E 16 -17.55 28.59 -30.51
CA PHE E 16 -17.19 28.28 -31.89
C PHE E 16 -17.86 26.99 -32.34
N LYS E 17 -17.81 25.96 -31.49
CA LYS E 17 -18.44 24.68 -31.82
C LYS E 17 -19.97 24.85 -31.92
N ALA E 18 -20.56 25.64 -31.03
CA ALA E 18 -22.00 25.88 -31.09
C ALA E 18 -22.39 26.56 -32.38
N ALA E 19 -21.62 27.56 -32.82
CA ALA E 19 -21.90 28.21 -34.08
C ALA E 19 -21.74 27.25 -35.26
N THR E 20 -20.70 26.41 -35.21
CA THR E 20 -20.49 25.42 -36.27
C THR E 20 -21.69 24.48 -36.36
N ASN E 21 -22.17 23.98 -35.22
CA ASN E 21 -23.34 23.09 -35.25
C ASN E 21 -24.60 23.83 -35.68
N LYS E 22 -24.75 25.09 -35.27
CA LYS E 22 -25.91 25.87 -35.66
C LYS E 22 -25.98 26.03 -37.17
N LEU E 23 -24.85 26.32 -37.80
CA LEU E 23 -24.81 26.39 -39.26
C LEU E 23 -24.87 25.01 -39.90
N PHE E 24 -24.46 23.96 -39.19
CA PHE E 24 -24.56 22.61 -39.73
C PHE E 24 -25.99 22.11 -39.74
N GLN E 25 -26.84 22.69 -38.89
CA GLN E 25 -28.26 22.34 -38.87
C GLN E 25 -28.98 22.72 -40.15
N LEU E 26 -28.36 23.54 -41.00
CA LEU E 26 -28.90 23.91 -42.31
C LEU E 26 -28.21 23.14 -43.42
N ASP E 27 -27.94 21.85 -43.19
CA ASP E 27 -27.23 20.95 -44.11
C ASP E 27 -26.10 21.66 -44.86
N LEU E 28 -25.17 22.20 -44.07
CA LEU E 28 -23.98 22.87 -44.57
C LEU E 28 -22.74 22.23 -43.94
N ALA E 29 -21.57 22.77 -44.29
CA ALA E 29 -20.32 22.25 -43.77
C ALA E 29 -19.29 23.37 -43.71
N VAL E 30 -18.29 23.19 -42.84
CA VAL E 30 -17.22 24.16 -42.65
C VAL E 30 -15.89 23.43 -42.68
N ILE E 31 -14.95 23.95 -43.46
CA ILE E 31 -13.57 23.47 -43.46
C ILE E 31 -12.73 24.45 -42.66
N TYR E 32 -11.71 23.94 -41.99
CA TYR E 32 -10.89 24.73 -41.08
C TYR E 32 -9.43 24.56 -41.46
N ASP E 33 -8.72 25.67 -41.60
CA ASP E 33 -7.28 25.66 -41.83
C ASP E 33 -6.62 26.67 -40.90
N ASP E 34 -5.43 26.33 -40.43
CA ASP E 34 -4.72 27.19 -39.48
C ASP E 34 -3.22 27.09 -39.73
N TRP E 35 -2.52 28.21 -39.65
CA TRP E 35 -1.08 28.23 -39.86
C TRP E 35 -0.50 29.51 -39.24
N TYR E 36 0.80 29.69 -39.42
CA TYR E 36 1.52 30.86 -38.93
C TYR E 36 2.12 31.60 -40.12
N ASP E 37 1.96 32.91 -40.15
CA ASP E 37 2.40 33.69 -41.29
C ASP E 37 3.92 33.92 -41.23
N ALA E 38 4.47 34.41 -42.34
CA ALA E 38 5.91 34.54 -42.47
C ALA E 38 6.46 35.66 -41.58
N TYR E 39 6.02 36.90 -41.82
CA TYR E 39 6.61 38.06 -41.15
C TYR E 39 5.62 38.89 -40.35
N THR E 40 4.31 38.72 -40.55
CA THR E 40 3.33 39.49 -39.79
C THR E 40 3.31 39.13 -38.31
N ARG E 41 3.93 38.00 -37.92
CA ARG E 41 4.02 37.58 -36.53
C ARG E 41 2.63 37.43 -35.89
N LYS E 42 1.73 36.76 -36.61
CA LYS E 42 0.39 36.53 -36.11
C LYS E 42 -0.18 35.28 -36.78
N ASP E 43 -0.91 34.49 -36.00
CA ASP E 43 -1.51 33.26 -36.52
C ASP E 43 -2.65 33.60 -37.48
N CYS E 44 -2.86 32.70 -38.44
CA CYS E 44 -3.89 32.88 -39.46
C CYS E 44 -4.79 31.66 -39.49
N ILE E 45 -6.09 31.91 -39.60
CA ILE E 45 -7.09 30.85 -39.70
C ILE E 45 -7.99 31.15 -40.90
N ARG E 46 -8.16 30.16 -41.76
CA ARG E 46 -8.99 30.28 -42.96
C ARG E 46 -10.19 29.34 -42.83
N LEU E 47 -11.38 29.88 -43.09
CA LEU E 47 -12.62 29.13 -43.08
C LEU E 47 -13.25 29.17 -44.47
N ARG E 48 -13.84 28.05 -44.87
CA ARG E 48 -14.56 27.93 -46.14
C ARG E 48 -15.93 27.34 -45.86
N ILE E 49 -16.98 27.95 -46.40
CA ILE E 49 -18.34 27.45 -46.24
C ILE E 49 -18.84 26.90 -47.57
N GLU E 50 -19.32 25.66 -47.54
CA GLU E 50 -19.85 25.02 -48.74
C GLU E 50 -20.90 24.01 -48.31
N ASP E 51 -21.79 23.68 -49.25
CA ASP E 51 -22.86 22.73 -48.99
C ASP E 51 -22.34 21.29 -49.13
N ARG E 52 -23.25 20.33 -49.00
CA ARG E 52 -22.86 18.92 -49.03
C ARG E 52 -22.37 18.49 -50.40
N SER E 53 -22.93 19.05 -51.48
CA SER E 53 -22.54 18.66 -52.82
C SER E 53 -21.13 19.13 -53.18
N GLY E 54 -20.53 20.00 -52.38
CA GLY E 54 -19.18 20.46 -52.63
C GLY E 54 -19.06 21.79 -53.36
N ASN E 55 -20.16 22.52 -53.53
CA ASN E 55 -20.13 23.81 -54.20
C ASN E 55 -19.71 24.87 -53.19
N LEU E 56 -18.53 25.45 -53.37
CA LEU E 56 -18.03 26.46 -52.45
C LEU E 56 -18.89 27.71 -52.51
N ILE E 57 -19.28 28.20 -51.33
CA ILE E 57 -20.07 29.43 -51.26
C ILE E 57 -19.18 30.65 -51.07
N ASP E 58 -18.39 30.68 -50.01
CA ASP E 58 -17.47 31.78 -49.75
C ASP E 58 -16.38 31.30 -48.79
N THR E 59 -15.34 32.12 -48.66
CA THR E 59 -14.20 31.84 -47.79
C THR E 59 -13.81 33.12 -47.08
N SER E 60 -13.06 32.97 -45.98
CA SER E 60 -12.53 34.10 -45.25
C SER E 60 -11.25 33.69 -44.55
N THR E 61 -10.41 34.68 -44.29
CA THR E 61 -9.14 34.46 -43.59
C THR E 61 -8.98 35.55 -42.53
N PHE E 62 -8.60 35.14 -41.33
CA PHE E 62 -8.43 36.05 -40.20
C PHE E 62 -7.03 35.90 -39.63
N TYR E 63 -6.40 37.04 -39.33
CA TYR E 63 -5.05 37.08 -38.81
C TYR E 63 -5.04 37.80 -37.46
N HIS E 64 -4.39 37.19 -36.48
CA HIS E 64 -4.25 37.82 -35.16
C HIS E 64 -3.21 37.04 -34.36
N HIS E 65 -2.54 37.77 -33.45
CA HIS E 65 -1.54 37.17 -32.58
C HIS E 65 -2.10 36.66 -31.27
N ASP E 66 -3.40 36.84 -31.03
CA ASP E 66 -4.06 36.34 -29.83
C ASP E 66 -5.11 35.32 -30.22
N GLU E 67 -5.18 34.22 -29.46
CA GLU E 67 -6.08 33.13 -29.81
C GLU E 67 -7.53 33.50 -29.53
N ASP E 68 -7.78 34.14 -28.39
CA ASP E 68 -9.12 34.52 -27.96
C ASP E 68 -9.84 35.46 -28.89
N VAL E 69 -9.15 36.47 -29.35
CA VAL E 69 -9.71 37.44 -30.28
C VAL E 69 -9.93 36.79 -31.65
N LEU E 70 -8.98 35.99 -32.09
CA LEU E 70 -9.09 35.32 -33.39
C LEU E 70 -10.30 34.39 -33.42
N PHE E 71 -10.48 33.60 -32.35
CA PHE E 71 -11.61 32.68 -32.29
C PHE E 71 -12.94 33.43 -32.19
N ASN E 72 -12.96 34.55 -31.45
CA ASN E 72 -14.18 35.35 -31.39
C ASN E 72 -14.55 35.92 -32.75
N MET E 73 -13.54 36.40 -33.50
CA MET E 73 -13.80 36.90 -34.84
C MET E 73 -14.32 35.79 -35.75
N CYS E 74 -13.73 34.60 -35.67
CA CYS E 74 -14.22 33.48 -36.46
C CYS E 74 -15.67 33.14 -36.09
N THR E 75 -15.98 33.13 -34.80
CA THR E 75 -17.33 32.78 -34.36
C THR E 75 -18.35 33.81 -34.83
N ASP E 76 -18.03 35.10 -34.72
CA ASP E 76 -18.98 36.10 -35.16
C ASP E 76 -19.13 36.14 -36.67
N TRP E 77 -18.06 35.86 -37.42
CA TRP E 77 -18.20 35.73 -38.87
C TRP E 77 -19.08 34.55 -39.24
N LEU E 78 -18.93 33.42 -38.53
CA LEU E 78 -19.80 32.28 -38.78
C LEU E 78 -21.26 32.62 -38.46
N ASN E 79 -21.48 33.35 -37.37
CA ASN E 79 -22.84 33.75 -37.01
C ASN E 79 -23.44 34.68 -38.06
N HIS E 80 -22.64 35.63 -38.57
CA HIS E 80 -23.12 36.51 -39.65
C HIS E 80 -23.44 35.71 -40.91
N MET E 81 -22.61 34.72 -41.24
CA MET E 81 -22.89 33.86 -42.39
C MET E 81 -24.21 33.12 -42.20
N TYR E 82 -24.44 32.57 -41.01
CA TYR E 82 -25.70 31.88 -40.73
C TYR E 82 -26.88 32.83 -40.84
N ASP E 83 -26.75 34.04 -40.30
CA ASP E 83 -27.80 35.03 -40.35
C ASP E 83 -28.16 35.40 -41.79
N GLN E 84 -27.14 35.62 -42.60
CA GLN E 84 -27.33 36.00 -44.00
C GLN E 84 -27.90 34.88 -44.82
N LEU E 85 -27.53 33.65 -44.51
CA LEU E 85 -28.02 32.49 -45.22
C LEU E 85 -29.41 32.06 -44.76
N LYS E 86 -29.87 32.51 -43.60
CA LYS E 86 -31.24 32.29 -43.19
C LYS E 86 -32.14 33.50 -43.41
N ASP E 87 -31.58 34.65 -43.82
CA ASP E 87 -32.43 35.74 -44.28
C ASP E 87 -33.24 35.32 -45.50
N TRP E 88 -32.60 34.61 -46.43
CA TRP E 88 -33.29 33.96 -47.53
C TRP E 88 -32.53 32.68 -47.84
N LYS E 89 -33.26 31.67 -48.32
CA LYS E 89 -32.72 30.32 -48.48
C LYS E 89 -32.21 29.79 -47.14
N GLY F 6 -35.50 1.87 16.55
CA GLY F 6 -35.77 3.24 16.96
C GLY F 6 -35.95 4.19 15.80
N ARG F 7 -35.12 4.03 14.78
CA ARG F 7 -35.16 4.87 13.60
C ARG F 7 -36.27 4.47 12.67
N LEU F 8 -36.71 5.38 11.82
CA LEU F 8 -37.80 5.11 10.88
C LEU F 8 -37.39 4.04 9.89
N TYR F 9 -38.31 3.12 9.59
CA TYR F 9 -38.05 2.05 8.65
C TYR F 9 -38.15 2.56 7.22
N SER F 10 -37.35 1.96 6.33
CA SER F 10 -37.26 2.44 4.95
C SER F 10 -38.60 2.27 4.22
N GLY F 11 -39.27 1.14 4.45
CA GLY F 11 -40.52 0.88 3.75
C GLY F 11 -41.60 1.91 4.05
N ASN F 12 -41.68 2.37 5.30
CA ASN F 12 -42.67 3.38 5.64
C ASN F 12 -42.41 4.69 4.91
N LEU F 13 -41.14 5.11 4.85
CA LEU F 13 -40.80 6.32 4.11
C LEU F 13 -41.09 6.15 2.62
N ALA F 14 -40.80 4.98 2.06
CA ALA F 14 -41.09 4.72 0.66
C ALA F 14 -42.60 4.79 0.39
N ALA F 15 -43.40 4.22 1.29
CA ALA F 15 -44.86 4.28 1.12
C ALA F 15 -45.37 5.72 1.24
N PHE F 16 -44.81 6.49 2.16
CA PHE F 16 -45.20 7.90 2.30
C PHE F 16 -44.89 8.67 1.03
N LYS F 17 -43.70 8.46 0.47
CA LYS F 17 -43.34 9.14 -0.78
C LYS F 17 -44.21 8.68 -1.94
N ALA F 18 -44.55 7.39 -1.97
CA ALA F 18 -45.42 6.88 -3.03
C ALA F 18 -46.80 7.52 -2.95
N ALA F 19 -47.35 7.64 -1.74
CA ALA F 19 -48.64 8.30 -1.57
C ALA F 19 -48.57 9.77 -1.97
N THR F 20 -47.47 10.44 -1.59
CA THR F 20 -47.30 11.84 -1.97
C THR F 20 -47.28 12.01 -3.48
N ASN F 21 -46.55 11.14 -4.18
CA ASN F 21 -46.51 11.22 -5.64
C ASN F 21 -47.85 10.85 -6.26
N LYS F 22 -48.55 9.88 -5.67
CA LYS F 22 -49.85 9.47 -6.18
C LYS F 22 -50.85 10.62 -6.13
N LEU F 23 -50.85 11.35 -5.01
CA LEU F 23 -51.70 12.54 -4.93
C LEU F 23 -51.15 13.71 -5.73
N PHE F 24 -49.85 13.73 -6.02
CA PHE F 24 -49.28 14.79 -6.85
C PHE F 24 -49.64 14.58 -8.31
N GLN F 25 -49.96 13.34 -8.70
CA GLN F 25 -50.39 13.06 -10.06
C GLN F 25 -51.71 13.72 -10.42
N LEU F 26 -52.44 14.23 -9.44
CA LEU F 26 -53.69 14.98 -9.64
C LEU F 26 -53.46 16.48 -9.50
N ASP F 27 -52.33 16.97 -10.00
CA ASP F 27 -51.90 18.37 -9.92
C ASP F 27 -52.25 19.00 -8.57
N LEU F 28 -51.74 18.38 -7.51
CA LEU F 28 -51.89 18.84 -6.14
C LEU F 28 -50.52 19.01 -5.50
N ALA F 29 -50.52 19.40 -4.23
CA ALA F 29 -49.28 19.61 -3.49
C ALA F 29 -49.52 19.34 -2.01
N VAL F 30 -48.44 19.01 -1.31
CA VAL F 30 -48.47 18.73 0.12
C VAL F 30 -47.35 19.50 0.80
N ILE F 31 -47.69 20.19 1.89
CA ILE F 31 -46.71 20.84 2.74
C ILE F 31 -46.52 19.97 3.98
N TYR F 32 -45.31 19.97 4.51
CA TYR F 32 -44.95 19.10 5.62
C TYR F 32 -44.35 19.95 6.74
N ASP F 33 -44.84 19.76 7.96
CA ASP F 33 -44.26 20.40 9.14
C ASP F 33 -44.11 19.36 10.24
N ASP F 34 -43.04 19.50 11.03
CA ASP F 34 -42.75 18.52 12.08
C ASP F 34 -42.12 19.25 13.25
N TRP F 35 -42.50 18.86 14.46
CA TRP F 35 -41.93 19.46 15.67
C TRP F 35 -42.17 18.53 16.85
N TYR F 36 -41.78 18.99 18.03
CA TYR F 36 -41.95 18.25 19.29
C TYR F 36 -42.82 19.08 20.21
N ASP F 37 -43.81 18.43 20.83
CA ASP F 37 -44.77 19.15 21.66
C ASP F 37 -44.16 19.47 23.03
N ALA F 38 -44.86 20.32 23.78
CA ALA F 38 -44.32 20.80 25.05
C ALA F 38 -44.32 19.71 26.11
N TYR F 39 -45.51 19.19 26.46
CA TYR F 39 -45.62 18.28 27.60
C TYR F 39 -46.23 16.92 27.24
N THR F 40 -46.83 16.76 26.06
CA THR F 40 -47.40 15.48 25.70
C THR F 40 -46.34 14.42 25.44
N ARG F 41 -45.06 14.81 25.30
CA ARG F 41 -43.96 13.88 25.12
C ARG F 41 -44.15 13.00 23.88
N LYS F 42 -44.54 13.63 22.77
CA LYS F 42 -44.73 12.92 21.52
C LYS F 42 -44.55 13.87 20.36
N ASP F 43 -43.92 13.38 19.29
CA ASP F 43 -43.67 14.20 18.12
C ASP F 43 -44.97 14.49 17.37
N CYS F 44 -45.01 15.65 16.72
CA CYS F 44 -46.20 16.10 16.00
C CYS F 44 -45.83 16.41 14.55
N ILE F 45 -46.67 15.98 13.63
CA ILE F 45 -46.49 16.26 12.21
C ILE F 45 -47.79 16.82 11.66
N ARG F 46 -47.70 17.96 10.97
CA ARG F 46 -48.83 18.64 10.36
C ARG F 46 -48.71 18.60 8.85
N LEU F 47 -49.79 18.20 8.18
CA LEU F 47 -49.87 18.16 6.73
C LEU F 47 -50.97 19.10 6.26
N ARG F 48 -50.72 19.78 5.14
CA ARG F 48 -51.69 20.66 4.51
C ARG F 48 -51.79 20.29 3.04
N ILE F 49 -53.01 20.13 2.53
CA ILE F 49 -53.23 19.81 1.12
C ILE F 49 -53.84 21.01 0.42
N GLU F 50 -53.22 21.44 -0.67
CA GLU F 50 -53.71 22.56 -1.46
C GLU F 50 -53.30 22.36 -2.91
N ASP F 51 -54.01 23.02 -3.80
CA ASP F 51 -53.74 22.92 -5.23
C ASP F 51 -52.60 23.86 -5.61
N ARG F 52 -52.31 23.93 -6.92
CA ARG F 52 -51.19 24.74 -7.39
C ARG F 52 -51.44 26.23 -7.21
N SER F 53 -52.68 26.68 -7.34
CA SER F 53 -52.99 28.10 -7.21
C SER F 53 -52.84 28.61 -5.78
N GLY F 54 -52.69 27.72 -4.81
CA GLY F 54 -52.50 28.12 -3.43
C GLY F 54 -53.74 28.14 -2.56
N ASN F 55 -54.86 27.61 -3.05
CA ASN F 55 -56.09 27.56 -2.28
C ASN F 55 -56.05 26.35 -1.36
N LEU F 56 -55.97 26.60 -0.05
CA LEU F 56 -55.89 25.52 0.92
C LEU F 56 -57.18 24.71 0.92
N ILE F 57 -57.06 23.39 0.87
CA ILE F 57 -58.21 22.51 0.91
C ILE F 57 -58.51 22.05 2.33
N ASP F 58 -57.55 21.41 2.99
CA ASP F 58 -57.72 20.94 4.36
C ASP F 58 -56.34 20.72 4.96
N THR F 59 -56.32 20.55 6.29
CA THR F 59 -55.10 20.30 7.05
C THR F 59 -55.37 19.23 8.09
N SER F 60 -54.31 18.63 8.59
CA SER F 60 -54.41 17.65 9.67
C SER F 60 -53.12 17.65 10.47
N THR F 61 -53.23 17.23 11.73
CA THR F 61 -52.10 17.15 12.63
C THR F 61 -52.16 15.82 13.36
N PHE F 62 -51.02 15.12 13.43
CA PHE F 62 -50.94 13.82 14.06
C PHE F 62 -49.84 13.84 15.13
N TYR F 63 -50.14 13.25 16.28
CA TYR F 63 -49.22 13.22 17.40
C TYR F 63 -48.95 11.78 17.80
N HIS F 64 -47.69 11.44 17.98
CA HIS F 64 -47.30 10.11 18.43
C HIS F 64 -45.83 10.12 18.83
N HIS F 65 -45.50 9.24 19.77
CA HIS F 65 -44.13 9.10 20.25
C HIS F 65 -43.31 8.08 19.46
N ASP F 66 -43.92 7.39 18.50
CA ASP F 66 -43.22 6.43 17.66
C ASP F 66 -43.25 6.91 16.21
N GLU F 67 -42.12 6.78 15.53
CA GLU F 67 -42.00 7.30 14.17
C GLU F 67 -42.78 6.46 13.17
N ASP F 68 -42.71 5.14 13.31
CA ASP F 68 -43.36 4.19 12.42
C ASP F 68 -44.86 4.30 12.38
N VAL F 69 -45.47 4.42 13.52
CA VAL F 69 -46.92 4.57 13.63
C VAL F 69 -47.35 5.93 13.10
N LEU F 70 -46.60 6.97 13.44
CA LEU F 70 -46.93 8.31 12.99
C LEU F 70 -46.89 8.42 11.47
N PHE F 71 -45.85 7.84 10.86
CA PHE F 71 -45.74 7.88 9.41
C PHE F 71 -46.82 7.03 8.74
N ASN F 72 -47.18 5.89 9.33
CA ASN F 72 -48.26 5.08 8.78
C ASN F 72 -49.58 5.84 8.83
N MET F 73 -49.85 6.53 9.94
CA MET F 73 -51.07 7.34 10.03
C MET F 73 -51.07 8.45 8.99
N CYS F 74 -49.94 9.11 8.80
CA CYS F 74 -49.86 10.15 7.78
C CYS F 74 -50.12 9.57 6.39
N THR F 75 -49.53 8.40 6.10
CA THR F 75 -49.69 7.78 4.79
C THR F 75 -51.14 7.38 4.54
N ASP F 76 -51.80 6.78 5.54
CA ASP F 76 -53.19 6.38 5.33
C ASP F 76 -54.12 7.56 5.25
N TRP F 77 -53.84 8.65 5.98
CA TRP F 77 -54.64 9.86 5.82
C TRP F 77 -54.46 10.45 4.43
N LEU F 78 -53.24 10.45 3.91
CA LEU F 78 -53.02 10.92 2.53
C LEU F 78 -53.77 10.05 1.53
N ASN F 79 -53.76 8.73 1.75
CA ASN F 79 -54.48 7.83 0.85
C ASN F 79 -55.98 8.08 0.90
N HIS F 80 -56.52 8.31 2.09
CA HIS F 80 -57.94 8.64 2.23
C HIS F 80 -58.27 9.95 1.54
N MET F 81 -57.39 10.95 1.66
CA MET F 81 -57.58 12.21 0.95
C MET F 81 -57.61 12.00 -0.56
N TYR F 82 -56.67 11.21 -1.08
CA TYR F 82 -56.66 10.92 -2.51
C TYR F 82 -57.92 10.20 -2.94
N ASP F 83 -58.39 9.22 -2.14
CA ASP F 83 -59.58 8.47 -2.45
C ASP F 83 -60.80 9.38 -2.52
N GLN F 84 -60.94 10.27 -1.53
CA GLN F 84 -62.06 11.18 -1.45
C GLN F 84 -62.03 12.22 -2.55
N LEU F 85 -60.85 12.64 -2.94
CA LEU F 85 -60.70 13.63 -4.00
C LEU F 85 -60.81 13.02 -5.39
N LYS F 86 -60.69 11.71 -5.53
CA LYS F 86 -60.96 11.05 -6.80
C LYS F 86 -62.33 10.39 -6.84
N ASP F 87 -63.07 10.36 -5.73
CA ASP F 87 -64.47 9.96 -5.80
C ASP F 87 -65.27 10.93 -6.68
N TRP F 88 -65.00 12.22 -6.54
CA TRP F 88 -65.51 13.24 -7.46
C TRP F 88 -64.45 14.32 -7.56
N LYS F 89 -64.39 14.98 -8.72
CA LYS F 89 -63.31 15.90 -9.04
C LYS F 89 -61.96 15.19 -8.95
N GLY G 6 -1.16 -26.67 28.78
CA GLY G 6 -0.79 -27.97 28.25
C GLY G 6 0.67 -28.06 27.83
N ARG G 7 1.16 -27.00 27.20
CA ARG G 7 2.52 -26.94 26.74
C ARG G 7 3.49 -26.65 27.86
N LEU G 8 4.75 -27.00 27.69
CA LEU G 8 5.76 -26.78 28.73
C LEU G 8 5.97 -25.29 28.95
N TYR G 9 6.10 -24.91 30.22
CA TYR G 9 6.31 -23.51 30.58
C TYR G 9 7.76 -23.12 30.33
N SER G 10 7.96 -21.84 30.00
CA SER G 10 9.29 -21.36 29.62
C SER G 10 10.25 -21.43 30.80
N GLY G 11 9.79 -21.08 31.99
CA GLY G 11 10.66 -21.08 33.16
C GLY G 11 11.23 -22.44 33.48
N ASN G 12 10.44 -23.50 33.32
CA ASN G 12 10.94 -24.85 33.59
C ASN G 12 12.05 -25.23 32.61
N LEU G 13 11.88 -24.91 31.33
CA LEU G 13 12.92 -25.17 30.34
C LEU G 13 14.17 -24.36 30.65
N ALA G 14 14.00 -23.11 31.05
CA ALA G 14 15.14 -22.28 31.41
C ALA G 14 15.89 -22.85 32.59
N ALA G 15 15.17 -23.32 33.61
CA ALA G 15 15.81 -23.93 34.77
C ALA G 15 16.54 -25.22 34.39
N PHE G 16 15.93 -26.02 33.51
CA PHE G 16 16.58 -27.26 33.06
C PHE G 16 17.88 -26.94 32.34
N LYS G 17 17.85 -25.94 31.45
CA LYS G 17 19.07 -25.55 30.74
C LYS G 17 20.12 -24.99 31.69
N ALA G 18 19.68 -24.22 32.69
CA ALA G 18 20.60 -23.66 33.67
C ALA G 18 21.28 -24.77 34.46
N ALA G 19 20.53 -25.78 34.88
CA ALA G 19 21.12 -26.92 35.58
C ALA G 19 22.09 -27.69 34.68
N THR G 20 21.72 -27.87 33.41
CA THR G 20 22.60 -28.55 32.47
C THR G 20 23.92 -27.81 32.33
N ASN G 21 23.86 -26.48 32.18
CA ASN G 21 25.09 -25.70 32.07
C ASN G 21 25.88 -25.72 33.38
N LYS G 22 25.19 -25.67 34.52
CA LYS G 22 25.86 -25.70 35.80
C LYS G 22 26.67 -26.98 35.98
N LEU G 23 26.08 -28.11 35.60
CA LEU G 23 26.82 -29.36 35.64
C LEU G 23 27.85 -29.47 34.51
N PHE G 24 27.65 -28.74 33.41
CA PHE G 24 28.63 -28.75 32.34
C PHE G 24 29.87 -27.95 32.70
N GLN G 25 29.74 -27.03 33.65
CA GLN G 25 30.88 -26.25 34.13
C GLN G 25 31.91 -27.12 34.85
N LEU G 26 31.57 -28.35 35.19
CA LEU G 26 32.50 -29.31 35.79
C LEU G 26 32.97 -30.34 34.78
N ASP G 27 33.23 -29.88 33.55
CA ASP G 27 33.66 -30.71 32.41
C ASP G 27 32.94 -32.07 32.38
N LEU G 28 31.62 -31.98 32.33
CA LEU G 28 30.75 -33.15 32.24
C LEU G 28 29.83 -33.01 31.02
N ALA G 29 28.95 -33.99 30.84
CA ALA G 29 28.03 -33.97 29.72
C ALA G 29 26.77 -34.73 30.10
N VAL G 30 25.67 -34.40 29.41
CA VAL G 30 24.37 -35.02 29.63
C VAL G 30 23.79 -35.44 28.29
N ILE G 31 23.32 -36.68 28.21
CA ILE G 31 22.57 -37.16 27.05
C ILE G 31 21.09 -37.17 27.42
N TYR G 32 20.24 -36.92 26.43
CA TYR G 32 18.81 -36.78 26.66
C TYR G 32 18.07 -37.71 25.71
N ASP G 33 17.14 -38.49 26.25
CA ASP G 33 16.26 -39.33 25.45
C ASP G 33 14.83 -39.16 25.93
N ASP G 34 13.89 -39.21 25.00
CA ASP G 34 12.48 -38.99 25.33
C ASP G 34 11.62 -39.87 24.42
N TRP G 35 10.57 -40.44 24.99
CA TRP G 35 9.66 -41.29 24.22
C TRP G 35 8.34 -41.41 24.97
N TYR G 36 7.43 -42.21 24.42
CA TYR G 36 6.12 -42.48 25.00
C TYR G 36 6.02 -43.97 25.28
N ASP G 37 5.55 -44.32 26.48
CA ASP G 37 5.50 -45.71 26.89
C ASP G 37 4.31 -46.42 26.24
N ALA G 38 4.30 -47.75 26.37
CA ALA G 38 3.30 -48.56 25.68
C ALA G 38 1.92 -48.40 26.32
N TYR G 39 1.78 -48.77 27.60
CA TYR G 39 0.48 -48.82 28.24
C TYR G 39 0.35 -47.96 29.48
N THR G 40 1.46 -47.46 30.05
CA THR G 40 1.38 -46.61 31.23
C THR G 40 0.75 -45.25 30.94
N ARG G 41 0.62 -44.88 29.67
CA ARG G 41 -0.01 -43.62 29.26
C ARG G 41 0.68 -42.41 29.88
N LYS G 42 2.01 -42.41 29.82
CA LYS G 42 2.78 -41.30 30.36
C LYS G 42 4.12 -41.22 29.63
N ASP G 43 4.57 -40.00 29.37
CA ASP G 43 5.83 -39.80 28.67
C ASP G 43 7.01 -40.18 29.56
N CYS G 44 8.09 -40.63 28.93
CA CYS G 44 9.28 -41.06 29.64
C CYS G 44 10.50 -40.31 29.11
N ILE G 45 11.35 -39.87 30.04
CA ILE G 45 12.59 -39.19 29.69
C ILE G 45 13.74 -39.87 30.44
N ARG G 46 14.78 -40.22 29.70
CA ARG G 46 15.97 -40.86 30.25
C ARG G 46 17.17 -39.94 30.12
N LEU G 47 17.90 -39.76 31.22
CA LEU G 47 19.11 -38.97 31.27
C LEU G 47 20.29 -39.86 31.65
N ARG G 48 21.44 -39.59 31.03
CA ARG G 48 22.68 -40.29 31.34
C ARG G 48 23.76 -39.25 31.58
N ILE G 49 24.52 -39.41 32.67
CA ILE G 49 25.61 -38.50 32.99
C ILE G 49 26.94 -39.21 32.81
N GLU G 50 27.83 -38.61 32.03
CA GLU G 50 29.15 -39.17 31.78
C GLU G 50 30.12 -38.03 31.51
N ASP G 51 31.41 -38.32 31.72
CA ASP G 51 32.45 -37.33 31.50
C ASP G 51 32.81 -37.25 30.02
N ARG G 52 33.82 -36.43 29.71
CA ARG G 52 34.21 -36.22 28.31
C ARG G 52 34.81 -37.47 27.69
N SER G 53 35.54 -38.27 28.47
CA SER G 53 36.17 -39.47 27.93
C SER G 53 35.17 -40.54 27.55
N GLY G 54 33.91 -40.41 27.95
CA GLY G 54 32.89 -41.38 27.61
C GLY G 54 32.60 -42.43 28.65
N ASN G 55 33.13 -42.30 29.85
CA ASN G 55 32.88 -43.26 30.93
C ASN G 55 31.55 -42.91 31.59
N LEU G 56 30.56 -43.79 31.42
CA LEU G 56 29.24 -43.55 31.99
C LEU G 56 29.31 -43.57 33.50
N ILE G 57 28.71 -42.56 34.13
CA ILE G 57 28.66 -42.50 35.59
C ILE G 57 27.38 -43.12 36.14
N ASP G 58 26.22 -42.60 35.72
CA ASP G 58 24.94 -43.13 36.15
C ASP G 58 23.87 -42.68 35.15
N THR G 59 22.69 -43.30 35.26
CA THR G 59 21.55 -43.00 34.41
C THR G 59 20.29 -42.96 35.27
N SER G 60 19.25 -42.35 34.73
CA SER G 60 17.96 -42.32 35.40
C SER G 60 16.85 -42.18 34.35
N THR G 61 15.67 -42.66 34.71
CA THR G 61 14.50 -42.58 33.84
C THR G 61 13.32 -42.10 34.66
N PHE G 62 12.57 -41.14 34.11
CA PHE G 62 11.43 -40.54 34.78
C PHE G 62 10.20 -40.66 33.90
N TYR G 63 9.08 -41.04 34.50
CA TYR G 63 7.82 -41.23 33.80
C TYR G 63 6.75 -40.33 34.39
N HIS G 64 6.03 -39.62 33.53
CA HIS G 64 4.93 -38.77 33.97
C HIS G 64 4.11 -38.34 32.77
N HIS G 65 2.83 -38.10 33.00
CA HIS G 65 1.92 -37.66 31.96
C HIS G 65 1.82 -36.15 31.84
N ASP G 66 2.52 -35.40 32.70
CA ASP G 66 2.55 -33.95 32.64
C ASP G 66 3.98 -33.48 32.36
N GLU G 67 4.11 -32.50 31.47
CA GLU G 67 5.43 -32.04 31.06
C GLU G 67 6.14 -31.26 32.15
N ASP G 68 5.39 -30.39 32.82
CA ASP G 68 5.92 -29.52 33.87
C ASP G 68 6.51 -30.25 35.06
N VAL G 69 5.81 -31.25 35.53
CA VAL G 69 6.27 -32.07 36.64
C VAL G 69 7.47 -32.91 36.23
N LEU G 70 7.41 -33.49 35.02
CA LEU G 70 8.50 -34.32 34.53
C LEU G 70 9.79 -33.52 34.40
N PHE G 71 9.69 -32.30 33.84
CA PHE G 71 10.88 -31.47 33.70
C PHE G 71 11.40 -30.99 35.05
N ASN G 72 10.51 -30.69 36.00
CA ASN G 72 10.97 -30.32 37.33
C ASN G 72 11.70 -31.47 38.02
N MET G 73 11.20 -32.69 37.87
CA MET G 73 11.87 -33.85 38.43
C MET G 73 13.24 -34.05 37.79
N CYS G 74 13.33 -33.89 36.46
CA CYS G 74 14.61 -33.99 35.79
C CYS G 74 15.58 -32.92 36.30
N THR G 75 15.11 -31.69 36.45
CA THR G 75 15.97 -30.60 36.91
C THR G 75 16.47 -30.85 38.32
N ASP G 76 15.59 -31.29 39.22
CA ASP G 76 16.04 -31.51 40.60
C ASP G 76 16.96 -32.72 40.71
N TRP G 77 16.75 -33.75 39.88
CA TRP G 77 17.70 -34.86 39.86
C TRP G 77 19.06 -34.42 39.34
N LEU G 78 19.08 -33.56 38.31
CA LEU G 78 20.36 -33.02 37.84
C LEU G 78 21.04 -32.19 38.92
N ASN G 79 20.26 -31.39 39.66
CA ASN G 79 20.84 -30.59 40.73
C ASN G 79 21.40 -31.48 41.84
N HIS G 80 20.70 -32.55 42.19
CA HIS G 80 21.22 -33.49 43.18
C HIS G 80 22.49 -34.17 42.70
N MET G 81 22.55 -34.54 41.42
CA MET G 81 23.76 -35.10 40.85
C MET G 81 24.93 -34.12 40.95
N TYR G 82 24.69 -32.85 40.61
CA TYR G 82 25.73 -31.84 40.72
C TYR G 82 26.19 -31.67 42.17
N ASP G 83 25.24 -31.65 43.11
CA ASP G 83 25.56 -31.49 44.52
C ASP G 83 26.42 -32.65 45.01
N GLN G 84 26.06 -33.87 44.64
CA GLN G 84 26.78 -35.06 45.07
C GLN G 84 28.15 -35.15 44.45
N LEU G 85 28.27 -34.69 43.21
CA LEU G 85 29.54 -34.71 42.51
C LEU G 85 30.46 -33.57 42.90
N LYS G 86 29.93 -32.52 43.54
CA LYS G 86 30.78 -31.48 44.10
C LYS G 86 30.97 -31.61 45.60
N ASP G 87 30.29 -32.55 46.25
CA ASP G 87 30.62 -32.88 47.64
C ASP G 87 32.06 -33.40 47.72
N TRP G 88 32.43 -34.27 46.78
CA TRP G 88 33.82 -34.68 46.61
C TRP G 88 34.04 -34.91 45.12
N LYS G 89 35.28 -34.67 44.68
CA LYS G 89 35.61 -34.64 43.26
C LYS G 89 34.77 -33.60 42.54
N GLN H 3 2.65 -36.37 -57.80
CA GLN H 3 4.08 -36.42 -57.54
C GLN H 3 4.45 -35.52 -56.38
N ILE H 4 5.01 -36.11 -55.32
CA ILE H 4 5.41 -35.36 -54.13
C ILE H 4 6.81 -34.81 -54.35
N ASP H 5 6.96 -33.50 -54.18
CA ASP H 5 8.25 -32.84 -54.36
C ASP H 5 8.32 -31.67 -53.37
N PHE H 6 9.11 -31.82 -52.32
CA PHE H 6 9.18 -30.82 -51.27
C PHE H 6 10.02 -29.60 -51.67
N ARG H 7 10.71 -29.65 -52.80
CA ARG H 7 11.43 -28.47 -53.27
C ARG H 7 10.47 -27.36 -53.72
N LYS H 8 9.27 -27.71 -54.16
CA LYS H 8 8.27 -26.72 -54.54
C LYS H 8 7.51 -26.15 -53.34
N LYS H 9 7.73 -26.69 -52.15
CA LYS H 9 7.08 -26.21 -50.93
C LYS H 9 8.01 -25.41 -50.03
N ILE H 10 9.28 -25.83 -49.91
CA ILE H 10 10.25 -25.12 -49.09
C ILE H 10 10.78 -23.93 -49.88
N ASN H 11 10.23 -22.75 -49.61
CA ASN H 11 10.60 -21.53 -50.34
C ASN H 11 11.48 -20.67 -49.45
N TRP H 12 12.67 -20.33 -49.94
CA TRP H 12 13.62 -19.51 -49.20
C TRP H 12 13.66 -18.06 -49.68
N HIS H 13 12.70 -17.66 -50.52
CA HIS H 13 12.63 -16.28 -50.98
C HIS H 13 11.91 -15.41 -49.95
N ARG H 14 12.11 -14.10 -50.07
CA ARG H 14 11.52 -13.11 -49.19
C ARG H 14 10.64 -12.16 -50.00
N ARG H 15 9.93 -11.29 -49.29
CA ARG H 15 9.08 -10.30 -49.94
C ARG H 15 9.85 -9.04 -50.33
N TYR H 16 10.81 -8.62 -49.51
CA TYR H 16 11.62 -7.45 -49.78
C TYR H 16 13.09 -7.84 -49.82
N ARG H 17 13.80 -7.35 -50.83
CA ARG H 17 15.21 -7.67 -51.04
C ARG H 17 15.43 -9.19 -51.08
N SER H 18 14.57 -9.85 -51.85
CA SER H 18 14.60 -11.32 -51.88
C SER H 18 15.91 -11.81 -52.49
N PRO H 19 16.51 -12.86 -51.92
CA PRO H 19 17.72 -13.43 -52.51
C PRO H 19 17.43 -14.15 -53.82
N GLN H 20 18.01 -13.69 -54.91
CA GLN H 20 17.82 -14.27 -56.23
C GLN H 20 19.02 -15.14 -56.61
N GLY H 21 18.84 -15.90 -57.68
CA GLY H 21 19.89 -16.77 -58.18
C GLY H 21 19.85 -18.15 -57.57
N VAL H 22 20.72 -19.01 -58.10
CA VAL H 22 20.82 -20.38 -57.63
C VAL H 22 21.71 -20.43 -56.40
N LYS H 23 21.30 -21.22 -55.41
CA LYS H 23 22.02 -21.35 -54.15
C LYS H 23 22.35 -22.81 -53.89
N THR H 24 23.48 -23.04 -53.23
CA THR H 24 23.89 -24.39 -52.87
C THR H 24 23.22 -24.80 -51.56
N GLU H 25 23.52 -26.02 -51.13
CA GLU H 25 22.91 -26.56 -49.92
C GLU H 25 23.40 -25.85 -48.66
N HIS H 26 24.59 -25.28 -48.69
CA HIS H 26 25.13 -24.63 -47.49
C HIS H 26 24.53 -23.24 -47.29
N GLU H 27 24.50 -22.43 -48.34
CA GLU H 27 23.94 -21.08 -48.22
C GLU H 27 22.43 -21.10 -48.04
N ILE H 28 21.74 -22.14 -48.48
CA ILE H 28 20.31 -22.26 -48.20
C ILE H 28 20.07 -22.41 -46.71
N LEU H 29 20.89 -23.22 -46.04
CA LEU H 29 20.78 -23.37 -44.58
C LEU H 29 21.06 -22.07 -43.85
N ARG H 30 21.99 -21.25 -44.35
CA ARG H 30 22.28 -19.97 -43.72
C ARG H 30 21.08 -19.02 -43.74
N ILE H 31 20.21 -19.15 -44.74
CA ILE H 31 19.02 -18.30 -44.80
C ILE H 31 18.07 -18.62 -43.66
N PHE H 32 17.95 -19.90 -43.30
CA PHE H 32 17.01 -20.33 -42.27
C PHE H 32 17.56 -20.16 -40.86
N GLU H 33 18.82 -19.76 -40.72
CA GLU H 33 19.40 -19.44 -39.42
C GLU H 33 19.22 -17.97 -39.05
N SER H 34 19.33 -17.08 -40.04
CA SER H 34 19.03 -15.67 -39.80
C SER H 34 17.59 -15.47 -39.37
N ASP H 35 16.67 -16.27 -39.92
CA ASP H 35 15.28 -16.21 -39.48
C ASP H 35 15.16 -16.60 -38.01
N ARG H 36 15.91 -17.61 -37.60
CA ARG H 36 15.91 -18.01 -36.21
C ARG H 36 16.46 -16.90 -35.32
N GLY H 37 17.52 -16.24 -35.75
CA GLY H 37 18.07 -15.12 -35.00
C GLY H 37 17.09 -13.97 -34.89
N ARG H 38 16.37 -13.70 -35.98
CA ARG H 38 15.38 -12.63 -35.96
C ARG H 38 14.23 -12.95 -35.01
N ILE H 39 13.72 -14.19 -35.05
CA ILE H 39 12.56 -14.54 -34.25
C ILE H 39 12.92 -14.59 -32.76
N ILE H 40 14.05 -15.21 -32.43
CA ILE H 40 14.41 -15.37 -31.02
C ILE H 40 14.70 -14.03 -30.37
N ASN H 41 15.31 -13.09 -31.10
CA ASN H 41 15.66 -11.78 -30.56
C ASN H 41 14.63 -10.72 -30.93
N SER H 42 13.35 -11.09 -30.98
CA SER H 42 12.28 -10.16 -31.34
C SER H 42 11.53 -9.71 -30.09
N PRO H 43 11.05 -8.46 -30.08
CA PRO H 43 10.27 -7.99 -28.93
C PRO H 43 8.99 -8.77 -28.70
N ALA H 44 8.41 -9.35 -29.76
CA ALA H 44 7.18 -10.12 -29.60
C ALA H 44 7.39 -11.38 -28.77
N ILE H 45 8.56 -12.01 -28.89
CA ILE H 45 8.85 -13.21 -28.12
C ILE H 45 9.19 -12.87 -26.67
N ARG H 46 9.88 -11.75 -26.45
CA ARG H 46 10.22 -11.35 -25.10
C ARG H 46 8.98 -11.06 -24.27
N ARG H 47 7.95 -10.49 -24.89
CA ARG H 47 6.72 -10.16 -24.17
C ARG H 47 5.95 -11.40 -23.71
N LEU H 48 6.31 -12.59 -24.19
CA LEU H 48 5.59 -13.80 -23.84
C LEU H 48 5.81 -14.21 -22.38
N GLN H 49 6.85 -13.71 -21.73
CA GLN H 49 7.12 -14.09 -20.35
C GLN H 49 6.31 -13.28 -19.34
N GLN H 50 5.54 -12.29 -19.79
CA GLN H 50 4.67 -11.51 -18.92
C GLN H 50 3.19 -11.81 -19.16
N LYS H 51 2.89 -12.88 -19.89
CA LYS H 51 1.53 -13.33 -20.11
C LYS H 51 1.35 -14.68 -19.42
N THR H 52 0.20 -14.84 -18.76
CA THR H 52 -0.03 -16.01 -17.92
C THR H 52 -0.68 -17.12 -18.75
N GLN H 53 -0.34 -18.36 -18.41
CA GLN H 53 -1.02 -19.50 -19.02
C GLN H 53 -2.32 -19.82 -18.29
N VAL H 54 -2.21 -20.19 -17.01
CA VAL H 54 -3.38 -20.38 -16.15
C VAL H 54 -3.21 -19.56 -14.88
N PHE H 55 -2.09 -19.78 -14.16
CA PHE H 55 -1.84 -19.14 -12.88
C PHE H 55 -0.97 -17.90 -13.07
N PRO H 56 -1.36 -16.75 -12.51
CA PRO H 56 -0.60 -15.50 -12.64
C PRO H 56 0.76 -15.56 -11.95
N ALA H 62 7.46 -20.18 -9.90
CA ALA H 62 7.88 -21.42 -10.55
C ALA H 62 6.80 -21.93 -11.51
N VAL H 63 5.78 -21.12 -11.72
CA VAL H 63 4.68 -21.48 -12.61
C VAL H 63 5.08 -21.15 -14.04
N ARG H 64 4.48 -21.88 -14.99
CA ARG H 64 4.81 -21.72 -16.39
C ARG H 64 4.10 -20.50 -16.98
N THR H 65 4.83 -19.77 -17.82
CA THR H 65 4.27 -18.70 -18.61
C THR H 65 4.10 -19.18 -20.05
N ARG H 66 3.70 -18.28 -20.95
CA ARG H 66 3.57 -18.67 -22.35
C ARG H 66 4.92 -18.93 -23.00
N LEU H 67 5.96 -18.22 -22.55
CA LEU H 67 7.30 -18.46 -23.08
C LEU H 67 7.81 -19.86 -22.70
N THR H 68 7.63 -20.24 -21.43
CA THR H 68 8.04 -21.57 -21.00
C THR H 68 7.17 -22.66 -21.59
N HIS H 69 5.90 -22.36 -21.87
CA HIS H 69 5.02 -23.34 -22.49
C HIS H 69 5.40 -23.58 -23.95
N SER H 70 5.67 -22.51 -24.70
CA SER H 70 6.08 -22.64 -26.09
C SER H 70 7.43 -23.29 -26.26
N MET H 71 8.28 -23.28 -25.22
CA MET H 71 9.55 -23.97 -25.30
C MET H 71 9.39 -25.48 -25.19
N GLU H 72 8.36 -25.95 -24.48
CA GLU H 72 8.08 -27.37 -24.42
C GLU H 72 7.43 -27.87 -25.70
N VAL H 73 6.57 -27.05 -26.32
CA VAL H 73 5.98 -27.43 -27.59
C VAL H 73 7.04 -27.51 -28.68
N GLN H 74 8.05 -26.64 -28.61
CA GLN H 74 9.12 -26.66 -29.59
C GLN H 74 9.91 -27.96 -29.52
N GLN H 75 10.11 -28.50 -28.33
CA GLN H 75 10.86 -29.74 -28.18
C GLN H 75 10.07 -30.93 -28.72
N VAL H 76 8.75 -30.95 -28.51
CA VAL H 76 7.93 -32.04 -29.02
C VAL H 76 7.88 -32.01 -30.54
N GLY H 77 7.83 -30.81 -31.13
CA GLY H 77 7.83 -30.70 -32.58
C GLY H 77 9.12 -31.22 -33.20
N ARG H 78 10.26 -30.91 -32.61
CA ARG H 78 11.53 -31.37 -33.12
C ARG H 78 11.52 -32.89 -33.25
N TYR H 79 11.13 -33.54 -32.18
CA TYR H 79 11.07 -34.97 -32.07
C TYR H 79 10.08 -35.65 -33.05
N ILE H 80 9.01 -35.00 -33.48
CA ILE H 80 8.10 -35.61 -34.46
C ILE H 80 8.67 -35.52 -35.86
N ALA H 81 9.34 -34.43 -36.15
CA ALA H 81 10.03 -34.22 -37.43
C ALA H 81 11.21 -35.16 -37.58
N LYS H 82 11.98 -35.36 -36.52
CA LYS H 82 13.12 -36.28 -36.58
C LYS H 82 12.66 -37.73 -36.78
N GLU H 83 11.56 -38.12 -36.14
CA GLU H 83 11.03 -39.46 -36.35
C GLU H 83 10.52 -39.65 -37.77
N ILE H 84 9.88 -38.63 -38.34
CA ILE H 84 9.40 -38.72 -39.72
C ILE H 84 10.56 -38.81 -40.69
N LEU H 85 11.59 -37.98 -40.49
CA LEU H 85 12.75 -38.01 -41.39
C LEU H 85 13.49 -39.34 -41.33
N SER H 86 13.67 -39.89 -40.12
CA SER H 86 14.38 -41.15 -39.98
C SER H 86 13.59 -42.34 -40.52
N ARG H 87 12.26 -42.30 -40.44
CA ARG H 87 11.45 -43.41 -40.95
C ARG H 87 11.44 -43.46 -42.47
N LEU H 88 11.52 -42.30 -43.12
CA LEU H 88 11.55 -42.27 -44.58
C LEU H 88 12.87 -42.79 -45.14
N LYS H 89 13.97 -42.58 -44.41
CA LYS H 89 15.26 -43.08 -44.88
C LYS H 89 15.30 -44.61 -44.87
N GLU H 90 14.54 -45.25 -43.98
CA GLU H 90 14.49 -46.70 -43.98
C GLU H 90 13.79 -47.24 -45.22
N LEU H 91 12.83 -46.49 -45.77
CA LEU H 91 12.13 -46.89 -46.97
C LEU H 91 12.78 -46.37 -48.24
N LYS H 92 13.92 -45.67 -48.12
CA LYS H 92 14.65 -45.13 -49.27
C LYS H 92 13.76 -44.22 -50.13
N LEU H 93 12.99 -43.37 -49.45
CA LEU H 93 12.11 -42.42 -50.12
C LEU H 93 12.57 -40.97 -49.96
N LEU H 94 13.68 -40.72 -49.26
CA LEU H 94 14.14 -39.35 -49.05
C LEU H 94 14.52 -38.68 -50.36
N GLU H 95 15.23 -39.41 -51.23
CA GLU H 95 15.62 -38.85 -52.52
C GLU H 95 14.44 -38.70 -53.47
N ALA H 96 13.47 -39.62 -53.41
CA ALA H 96 12.33 -39.55 -54.32
C ALA H 96 11.40 -38.40 -53.97
N TYR H 97 11.35 -37.99 -52.71
CA TYR H 97 10.44 -36.94 -52.26
C TYR H 97 11.08 -35.56 -52.26
N GLY H 98 12.35 -35.45 -52.66
CA GLY H 98 13.01 -34.17 -52.73
C GLY H 98 13.59 -33.67 -51.43
N LEU H 99 13.64 -34.50 -50.40
CA LEU H 99 14.14 -34.10 -49.08
C LEU H 99 15.60 -34.50 -48.88
N ASP H 100 16.32 -34.82 -49.95
CA ASP H 100 17.72 -35.22 -49.83
C ASP H 100 18.58 -34.09 -49.30
N GLU H 101 18.35 -32.87 -49.79
CA GLU H 101 19.14 -31.70 -49.41
C GLU H 101 18.29 -30.66 -48.67
N LEU H 102 17.27 -31.10 -47.94
CA LEU H 102 16.42 -30.17 -47.21
C LEU H 102 16.10 -30.65 -45.79
N THR H 103 16.87 -31.59 -45.24
CA THR H 103 16.61 -32.07 -43.89
C THR H 103 16.85 -31.02 -42.83
N GLY H 104 17.65 -30.01 -43.12
CA GLY H 104 17.93 -28.95 -42.18
C GLY H 104 16.76 -28.02 -41.96
N PRO H 105 16.35 -27.30 -43.01
CA PRO H 105 15.21 -26.38 -42.87
C PRO H 105 13.91 -27.07 -42.49
N PHE H 106 13.77 -28.37 -42.79
CA PHE H 106 12.53 -29.08 -42.50
C PHE H 106 12.21 -29.05 -41.00
N GLU H 107 13.20 -29.30 -40.16
CA GLU H 107 13.01 -29.22 -38.72
C GLU H 107 12.98 -27.79 -38.20
N SER H 108 13.76 -26.90 -38.82
CA SER H 108 13.82 -25.51 -38.35
C SER H 108 12.47 -24.81 -38.53
N ILE H 109 11.80 -25.05 -39.66
CA ILE H 109 10.50 -24.43 -39.90
C ILE H 109 9.50 -24.88 -38.84
N VAL H 110 9.49 -26.18 -38.54
CA VAL H 110 8.57 -26.70 -37.52
C VAL H 110 8.90 -26.10 -36.16
N GLU H 111 10.17 -25.99 -35.85
CA GLU H 111 10.60 -25.45 -34.58
C GLU H 111 10.26 -23.99 -34.39
N MET H 112 10.36 -23.18 -35.44
CA MET H 112 9.98 -21.78 -35.36
C MET H 112 8.47 -21.57 -35.42
N SER H 113 7.74 -22.47 -36.11
CA SER H 113 6.29 -22.39 -36.09
C SER H 113 5.73 -22.75 -34.72
N CYS H 114 6.33 -23.74 -34.06
CA CYS H 114 5.91 -24.08 -32.71
C CYS H 114 6.24 -22.97 -31.73
N LEU H 115 7.37 -22.28 -31.92
CA LEU H 115 7.74 -21.20 -31.00
C LEU H 115 6.75 -20.05 -31.04
N MET H 116 6.47 -19.52 -32.22
CA MET H 116 5.57 -18.37 -32.36
C MET H 116 4.15 -18.81 -32.72
N HIS H 117 3.58 -19.69 -31.90
CA HIS H 117 2.21 -20.13 -32.09
C HIS H 117 1.23 -19.43 -31.16
N ASP H 118 1.71 -18.52 -30.31
CA ASP H 118 0.83 -17.79 -29.41
C ASP H 118 1.21 -16.32 -29.29
N ILE H 119 1.84 -15.74 -30.32
CA ILE H 119 2.29 -14.36 -30.24
C ILE H 119 1.16 -13.36 -30.47
N GLY H 120 0.04 -13.79 -31.02
CA GLY H 120 -1.07 -12.91 -31.32
C GLY H 120 -2.22 -12.94 -30.32
N ASN H 121 -2.07 -13.64 -29.21
CA ASN H 121 -3.15 -13.71 -28.23
C ASN H 121 -3.28 -12.38 -27.49
N PRO H 122 -4.51 -11.94 -27.23
CA PRO H 122 -4.69 -10.68 -26.50
C PRO H 122 -4.46 -10.88 -25.01
N PRO H 123 -4.32 -9.80 -24.25
CA PRO H 123 -4.20 -9.93 -22.80
C PRO H 123 -5.41 -10.63 -22.20
N PHE H 124 -5.17 -11.43 -21.17
CA PHE H 124 -6.14 -12.25 -20.45
C PHE H 124 -6.68 -13.42 -21.29
N GLY H 125 -6.19 -13.59 -22.52
CA GLY H 125 -6.50 -14.81 -23.26
C GLY H 125 -7.93 -14.85 -23.76
N HIS H 126 -8.59 -15.98 -23.52
CA HIS H 126 -9.89 -16.26 -24.13
C HIS H 126 -10.92 -15.19 -23.78
N PHE H 127 -11.05 -14.88 -22.49
CA PHE H 127 -12.01 -13.86 -22.09
C PHE H 127 -11.59 -12.47 -22.51
N GLY H 128 -10.29 -12.25 -22.78
CA GLY H 128 -9.88 -11.02 -23.44
C GLY H 128 -10.26 -10.98 -24.90
N GLU H 129 -10.40 -12.14 -25.53
CA GLU H 129 -10.84 -12.20 -26.92
C GLU H 129 -12.33 -11.96 -27.06
N ALA H 130 -13.13 -12.49 -26.14
CA ALA H 130 -14.58 -12.28 -26.19
C ALA H 130 -14.94 -10.81 -25.95
N ALA H 131 -14.28 -10.17 -25.00
CA ALA H 131 -14.62 -8.79 -24.66
C ALA H 131 -14.47 -7.85 -25.84
N ILE H 132 -13.44 -8.06 -26.66
CA ILE H 132 -13.27 -7.23 -27.86
C ILE H 132 -14.41 -7.47 -28.84
N ASN H 133 -14.88 -8.72 -28.92
CA ASN H 133 -15.91 -9.06 -29.90
C ASN H 133 -17.27 -8.49 -29.53
N ASP H 134 -17.67 -8.60 -28.25
CA ASP H 134 -18.97 -8.10 -27.85
C ASP H 134 -19.05 -6.58 -27.97
N TRP H 135 -18.00 -5.88 -27.53
CA TRP H 135 -18.03 -4.42 -27.55
C TRP H 135 -18.24 -3.89 -28.96
N PHE H 136 -17.59 -4.49 -29.95
CA PHE H 136 -17.83 -4.10 -31.34
C PHE H 136 -19.17 -4.57 -31.85
N ARG H 137 -19.67 -5.71 -31.35
CA ARG H 137 -20.93 -6.24 -31.84
C ARG H 137 -22.10 -5.33 -31.53
N GLN H 138 -21.94 -4.50 -30.51
CA GLN H 138 -22.96 -3.56 -30.12
C GLN H 138 -22.90 -2.27 -30.91
N ARG H 139 -21.81 -2.03 -31.58
CA ARG H 139 -21.65 -0.83 -32.36
C ARG H 139 -21.81 -1.07 -33.85
N LEU H 140 -21.68 -2.30 -34.31
CA LEU H 140 -21.74 -2.59 -35.73
C LEU H 140 -22.89 -3.45 -36.18
N HIS H 141 -23.48 -4.23 -35.30
CA HIS H 141 -24.62 -5.09 -35.61
C HIS H 141 -24.54 -5.80 -36.94
N PRO H 142 -23.61 -6.75 -37.06
CA PRO H 142 -23.36 -7.50 -38.29
C PRO H 142 -24.55 -8.33 -38.76
N GLU H 143 -25.41 -8.78 -37.86
CA GLU H 143 -26.55 -9.58 -38.23
C GLU H 143 -27.61 -8.83 -39.00
N ASP H 144 -27.53 -7.51 -39.06
CA ASP H 144 -28.51 -6.72 -39.79
C ASP H 144 -28.09 -6.44 -41.22
N ALA H 145 -26.91 -6.88 -41.65
CA ALA H 145 -26.42 -6.67 -43.00
C ALA H 145 -26.37 -7.94 -43.81
N GLU H 146 -26.99 -9.02 -43.34
CA GLU H 146 -26.95 -10.30 -44.06
C GLU H 146 -27.78 -10.24 -45.33
N SER H 147 -28.88 -9.50 -45.32
CA SER H 147 -29.83 -9.48 -46.43
C SER H 147 -30.05 -8.03 -46.85
N GLN H 148 -31.07 -7.82 -47.70
CA GLN H 148 -31.48 -6.52 -48.21
C GLN H 148 -31.65 -5.52 -47.07
N PRO H 149 -31.53 -4.21 -47.35
CA PRO H 149 -31.58 -3.20 -46.27
C PRO H 149 -32.85 -3.30 -45.43
N LEU H 150 -32.68 -3.19 -44.11
CA LEU H 150 -33.80 -3.35 -43.18
C LEU H 150 -34.42 -2.01 -42.83
N ASP H 153 -32.04 -0.75 -39.35
CA ASP H 153 -30.58 -0.77 -39.24
C ASP H 153 -30.14 -0.17 -37.90
N ARG H 154 -29.51 -0.99 -37.07
CA ARG H 154 -29.07 -0.56 -35.75
C ARG H 154 -27.63 -0.09 -35.72
N CYS H 155 -26.98 0.04 -36.88
CA CYS H 155 -25.59 0.46 -36.93
C CYS H 155 -25.44 1.88 -36.39
N SER H 156 -24.39 2.11 -35.61
CA SER H 156 -24.13 3.40 -35.01
C SER H 156 -23.24 4.29 -35.88
N VAL H 157 -22.80 3.81 -37.04
CA VAL H 157 -21.95 4.56 -37.94
C VAL H 157 -22.75 4.86 -39.21
N ALA H 158 -22.79 6.13 -39.60
CA ALA H 158 -23.55 6.53 -40.78
C ALA H 158 -22.94 5.95 -42.06
N ALA H 159 -21.61 5.92 -42.14
CA ALA H 159 -20.95 5.45 -43.35
C ALA H 159 -21.08 3.94 -43.57
N LEU H 160 -21.30 3.17 -42.51
CA LEU H 160 -21.40 1.71 -42.62
C LEU H 160 -22.84 1.22 -42.60
N ARG H 161 -23.82 2.12 -42.67
CA ARG H 161 -25.23 1.73 -42.70
C ARG H 161 -25.67 1.47 -44.12
N LEU H 162 -26.42 0.38 -44.32
CA LEU H 162 -26.88 0.01 -45.64
C LEU H 162 -27.91 1.01 -46.15
N ARG H 163 -27.74 1.47 -47.38
CA ARG H 163 -28.64 2.46 -47.97
C ARG H 163 -29.01 2.09 -49.40
N GLU H 166 -27.52 1.31 -53.96
CA GLU H 166 -26.10 1.29 -53.67
C GLU H 166 -25.60 -0.15 -53.52
N GLU H 167 -25.90 -0.98 -54.53
CA GLU H 167 -25.47 -2.37 -54.49
C GLU H 167 -23.96 -2.53 -54.45
N PRO H 168 -23.16 -1.86 -55.29
CA PRO H 168 -21.70 -2.05 -55.25
C PRO H 168 -21.06 -1.65 -53.93
N LEU H 169 -21.68 -0.75 -53.15
CA LEU H 169 -21.09 -0.29 -51.90
C LEU H 169 -21.58 -1.06 -50.68
N ASN H 170 -22.69 -1.78 -50.78
CA ASN H 170 -23.20 -2.52 -49.64
C ASN H 170 -22.39 -3.78 -49.34
N GLU H 171 -21.81 -4.40 -50.36
CA GLU H 171 -20.99 -5.59 -50.14
C GLU H 171 -19.77 -5.27 -49.28
N LEU H 172 -19.10 -4.16 -49.60
CA LEU H 172 -17.97 -3.72 -48.78
C LEU H 172 -18.43 -3.39 -47.36
N ARG H 173 -19.60 -2.76 -47.23
CA ARG H 173 -20.12 -2.42 -45.90
C ARG H 173 -20.33 -3.67 -45.05
N ARG H 174 -20.99 -4.68 -45.62
CA ARG H 174 -21.25 -5.90 -44.84
C ARG H 174 -19.95 -6.67 -44.58
N LYS H 175 -19.02 -6.67 -45.53
CA LYS H 175 -17.74 -7.33 -45.30
C LYS H 175 -16.99 -6.68 -44.14
N ILE H 176 -16.95 -5.34 -44.12
CA ILE H 176 -16.26 -4.63 -43.06
C ILE H 176 -16.95 -4.84 -41.72
N ARG H 177 -18.28 -4.82 -41.72
CA ARG H 177 -19.02 -5.01 -40.48
C ARG H 177 -18.82 -6.41 -39.92
N GLN H 178 -18.74 -7.43 -40.80
CA GLN H 178 -18.55 -8.79 -40.32
C GLN H 178 -17.12 -9.03 -39.86
N ASP H 179 -16.13 -8.48 -40.58
CA ASP H 179 -14.74 -8.73 -40.23
C ASP H 179 -14.39 -8.13 -38.87
N LEU H 180 -14.89 -6.92 -38.60
CA LEU H 180 -14.48 -6.21 -37.39
C LEU H 180 -14.97 -6.88 -36.12
N CYS H 181 -16.00 -7.72 -36.20
CA CYS H 181 -16.53 -8.43 -35.04
C CYS H 181 -15.94 -9.83 -34.90
N HIS H 182 -14.91 -10.15 -35.68
CA HIS H 182 -14.27 -11.46 -35.64
C HIS H 182 -12.77 -11.24 -35.40
N PHE H 183 -12.39 -11.15 -34.13
CA PHE H 183 -10.99 -11.06 -33.73
C PHE H 183 -10.50 -12.42 -33.26
N GLU H 184 -9.43 -12.91 -33.86
CA GLU H 184 -8.87 -14.19 -33.53
C GLU H 184 -7.39 -14.00 -33.35
N GLY H 185 -6.77 -14.72 -32.43
CA GLY H 185 -5.35 -14.58 -32.20
C GLY H 185 -4.49 -15.08 -33.35
N ASN H 186 -4.90 -16.18 -33.98
CA ASN H 186 -4.15 -16.70 -35.12
C ASN H 186 -4.14 -15.71 -36.28
N ALA H 187 -5.29 -15.07 -36.54
CA ALA H 187 -5.34 -14.05 -37.59
C ALA H 187 -4.51 -12.83 -37.22
N GLN H 188 -4.39 -12.52 -35.92
CA GLN H 188 -3.56 -11.42 -35.50
C GLN H 188 -2.07 -11.75 -35.59
N GLY H 189 -1.73 -13.04 -35.54
CA GLY H 189 -0.33 -13.43 -35.65
C GLY H 189 0.28 -13.11 -37.00
N ILE H 190 -0.48 -13.34 -38.08
CA ILE H 190 0.01 -13.02 -39.42
C ILE H 190 0.20 -11.51 -39.57
N ARG H 191 -0.77 -10.74 -39.09
CA ARG H 191 -0.68 -9.28 -39.19
C ARG H 191 0.50 -8.75 -38.39
N LEU H 192 0.72 -9.28 -37.18
CA LEU H 192 1.81 -8.82 -36.35
C LEU H 192 3.16 -9.14 -36.98
N VAL H 193 3.30 -10.32 -37.57
CA VAL H 193 4.59 -10.76 -38.11
C VAL H 193 4.96 -10.01 -39.39
N HIS H 194 3.99 -9.52 -40.16
CA HIS H 194 4.26 -8.90 -41.44
C HIS H 194 4.15 -7.38 -41.43
N THR H 195 3.03 -6.84 -40.95
CA THR H 195 2.78 -5.40 -41.06
C THR H 195 3.37 -4.61 -39.89
N LEU H 196 3.25 -5.11 -38.66
CA LEU H 196 3.68 -4.37 -37.49
C LEU H 196 5.16 -4.54 -37.19
N MET H 197 5.60 -5.77 -36.96
CA MET H 197 6.99 -6.01 -36.60
C MET H 197 7.94 -5.87 -37.79
N ARG H 198 7.47 -6.15 -39.00
CA ARG H 198 8.26 -6.06 -40.23
C ARG H 198 9.52 -6.92 -40.11
N MET H 199 9.32 -8.19 -39.78
CA MET H 199 10.43 -9.13 -39.63
C MET H 199 10.96 -9.60 -40.98
N ASN H 200 10.11 -9.63 -42.01
CA ASN H 200 10.49 -10.04 -43.36
C ASN H 200 11.02 -11.48 -43.38
N LEU H 201 10.16 -12.41 -42.98
CA LEU H 201 10.51 -13.81 -42.95
C LEU H 201 10.29 -14.46 -44.33
N THR H 202 10.81 -15.67 -44.47
CA THR H 202 10.65 -16.41 -45.71
C THR H 202 9.22 -16.89 -45.87
N TRP H 203 8.86 -17.23 -47.11
CA TRP H 203 7.49 -17.67 -47.39
C TRP H 203 7.17 -18.97 -46.66
N ALA H 204 8.14 -19.90 -46.60
CA ALA H 204 7.89 -21.17 -45.92
C ALA H 204 7.65 -20.97 -44.43
N GLN H 205 8.34 -20.00 -43.83
CA GLN H 205 8.16 -19.75 -42.40
C GLN H 205 6.79 -19.14 -42.10
N VAL H 206 6.31 -18.24 -42.95
CA VAL H 206 5.00 -17.64 -42.73
C VAL H 206 3.89 -18.66 -42.90
N GLY H 207 4.04 -19.59 -43.84
CA GLY H 207 3.01 -20.60 -44.07
C GLY H 207 2.84 -21.58 -42.94
N GLY H 208 3.84 -21.69 -42.05
CA GLY H 208 3.75 -22.62 -40.94
C GLY H 208 2.88 -22.13 -39.80
N ILE H 209 2.48 -20.87 -39.80
CA ILE H 209 1.64 -20.30 -38.76
C ILE H 209 0.24 -19.98 -39.27
N LEU H 210 -0.13 -20.52 -40.44
CA LEU H 210 -1.46 -20.35 -41.00
C LEU H 210 -2.27 -21.60 -40.64
N LYS H 211 -2.82 -21.59 -39.45
CA LYS H 211 -3.55 -22.72 -38.96
C LYS H 211 -4.89 -22.99 -39.63
N TYR H 212 -5.66 -21.95 -39.92
CA TYR H 212 -6.98 -22.08 -40.53
C TYR H 212 -7.07 -21.18 -41.76
N THR H 213 -8.02 -21.50 -42.64
CA THR H 213 -8.13 -20.85 -43.94
C THR H 213 -9.42 -20.06 -44.13
N ARG H 214 -10.30 -20.02 -43.14
CA ARG H 214 -11.55 -19.29 -43.30
C ARG H 214 -11.31 -17.79 -43.19
N PRO H 215 -11.74 -17.00 -44.16
CA PRO H 215 -11.62 -15.54 -44.05
C PRO H 215 -12.47 -15.00 -42.91
N ALA H 216 -11.99 -13.89 -42.32
CA ALA H 216 -12.69 -13.29 -41.19
C ALA H 216 -14.03 -12.69 -41.58
N TRP H 217 -14.20 -12.28 -42.84
CA TRP H 217 -15.45 -11.70 -43.32
C TRP H 217 -16.42 -12.73 -43.87
N TRP H 218 -16.15 -14.00 -43.71
CA TRP H 218 -17.02 -15.03 -44.24
C TRP H 218 -18.34 -15.14 -43.53
N ARG H 219 -19.44 -15.09 -44.26
CA ARG H 219 -20.74 -15.31 -43.63
C ARG H 219 -21.49 -16.35 -44.44
N GLY H 220 -21.93 -17.42 -43.80
CA GLY H 220 -22.67 -18.46 -44.48
C GLY H 220 -22.20 -19.83 -44.07
N GLU H 221 -22.49 -20.84 -44.88
CA GLU H 221 -22.04 -22.19 -44.62
C GLU H 221 -20.79 -22.51 -45.43
N THR H 222 -19.84 -23.17 -44.78
CA THR H 222 -18.59 -23.58 -45.40
C THR H 222 -18.78 -24.88 -46.16
N PRO H 223 -17.98 -25.12 -47.20
CA PRO H 223 -18.08 -26.39 -47.93
C PRO H 223 -17.79 -27.58 -47.03
N GLU H 224 -18.51 -28.68 -47.29
CA GLU H 224 -18.33 -29.88 -46.48
C GLU H 224 -16.96 -30.51 -46.67
N THR H 225 -16.27 -30.20 -47.77
CA THR H 225 -14.94 -30.76 -47.98
C THR H 225 -13.90 -30.08 -47.10
N HIS H 226 -14.18 -28.88 -46.59
CA HIS H 226 -13.26 -28.16 -45.74
C HIS H 226 -13.92 -27.70 -44.44
N HIS H 227 -14.83 -28.51 -43.88
CA HIS H 227 -15.54 -28.08 -42.68
C HIS H 227 -14.66 -28.08 -41.45
N TYR H 228 -13.52 -28.77 -41.47
CA TYR H 228 -12.60 -28.74 -40.34
C TYR H 228 -11.51 -27.68 -40.50
N LEU H 229 -11.00 -27.50 -41.71
CA LEU H 229 -9.95 -26.52 -41.94
C LEU H 229 -10.47 -25.09 -41.89
N MET H 230 -11.79 -24.90 -41.90
CA MET H 230 -12.40 -23.58 -41.88
C MET H 230 -13.34 -23.41 -40.69
N LYS H 231 -13.01 -24.02 -39.57
CA LYS H 231 -13.80 -23.91 -38.36
C LYS H 231 -13.60 -22.59 -37.63
N LYS H 232 -12.48 -21.91 -37.83
CA LYS H 232 -12.17 -20.64 -37.20
C LYS H 232 -11.58 -19.70 -38.24
N PRO H 233 -11.70 -18.39 -38.03
CA PRO H 233 -11.08 -17.44 -38.97
C PRO H 233 -9.57 -17.60 -39.02
N GLY H 234 -9.00 -17.35 -40.20
CA GLY H 234 -7.57 -17.52 -40.39
C GLY H 234 -6.82 -16.24 -40.65
N TYR H 235 -7.45 -15.29 -41.34
CA TYR H 235 -6.78 -14.03 -41.67
C TYR H 235 -7.84 -12.95 -41.85
N TYR H 236 -7.38 -11.70 -41.81
CA TYR H 236 -8.26 -10.54 -41.90
C TYR H 236 -8.39 -10.08 -43.36
N LEU H 237 -9.22 -9.06 -43.56
CA LEU H 237 -9.41 -8.50 -44.89
C LEU H 237 -8.23 -7.64 -45.32
N SER H 238 -7.55 -6.99 -44.37
CA SER H 238 -6.41 -6.15 -44.69
C SER H 238 -5.21 -6.96 -45.17
N GLU H 239 -5.24 -8.28 -45.03
CA GLU H 239 -4.16 -9.14 -45.48
C GLU H 239 -4.55 -9.99 -46.68
N GLU H 240 -5.66 -9.64 -47.35
CA GLU H 240 -6.14 -10.46 -48.47
C GLU H 240 -5.12 -10.49 -49.60
N ALA H 241 -4.52 -9.34 -49.91
CA ALA H 241 -3.52 -9.28 -50.97
C ALA H 241 -2.26 -10.05 -50.58
N TYR H 242 -1.89 -10.02 -49.30
CA TYR H 242 -0.70 -10.74 -48.86
C TYR H 242 -0.90 -12.25 -48.87
N ILE H 243 -2.10 -12.72 -48.54
CA ILE H 243 -2.35 -14.15 -48.53
C ILE H 243 -2.39 -14.72 -49.95
N ALA H 244 -2.90 -13.96 -50.92
CA ALA H 244 -2.90 -14.43 -52.30
C ALA H 244 -1.48 -14.61 -52.83
N ARG H 245 -0.59 -13.66 -52.53
CA ARG H 245 0.80 -13.80 -52.94
C ARG H 245 1.45 -15.01 -52.27
N LEU H 246 1.13 -15.25 -51.00
CA LEU H 246 1.67 -16.42 -50.30
C LEU H 246 1.18 -17.71 -50.93
N ARG H 247 -0.10 -17.78 -51.30
CA ARG H 247 -0.63 -18.96 -51.97
C ARG H 247 0.02 -19.17 -53.32
N LYS H 248 0.23 -18.09 -54.08
CA LYS H 248 0.92 -18.21 -55.36
C LYS H 248 2.36 -18.66 -55.19
N GLU H 249 3.01 -18.25 -54.11
CA GLU H 249 4.41 -18.61 -53.89
C GLU H 249 4.58 -20.05 -53.43
N LEU H 250 3.64 -20.57 -52.63
CA LEU H 250 3.75 -21.91 -52.08
C LEU H 250 2.91 -22.94 -52.83
N ASN H 251 2.30 -22.56 -53.95
CA ASN H 251 1.50 -23.47 -54.77
C ASN H 251 0.39 -24.13 -53.96
N LEU H 252 -0.41 -23.29 -53.29
CA LEU H 252 -1.54 -23.75 -52.50
C LEU H 252 -2.84 -23.30 -53.14
N ALA H 253 -3.81 -24.21 -53.22
CA ALA H 253 -5.12 -23.87 -53.76
C ALA H 253 -5.90 -23.06 -52.73
N LEU H 254 -7.09 -22.61 -53.14
CA LEU H 254 -7.94 -21.84 -52.24
C LEU H 254 -8.37 -22.71 -51.06
N TYR H 255 -8.31 -22.13 -49.85
CA TYR H 255 -8.69 -22.80 -48.61
C TYR H 255 -7.86 -24.06 -48.35
N SER H 256 -6.58 -24.02 -48.68
CA SER H 256 -5.67 -25.15 -48.47
C SER H 256 -4.66 -24.82 -47.37
N ARG H 257 -4.04 -25.87 -46.85
CA ARG H 257 -3.11 -25.78 -45.74
C ARG H 257 -1.70 -26.12 -46.18
N PHE H 258 -0.72 -25.57 -45.47
CA PHE H 258 0.68 -25.92 -45.67
C PHE H 258 0.97 -27.29 -45.04
N PRO H 259 1.75 -28.13 -45.72
CA PRO H 259 1.97 -29.49 -45.19
C PRO H 259 2.57 -29.55 -43.80
N LEU H 260 3.47 -28.62 -43.46
CA LEU H 260 4.15 -28.69 -42.17
C LEU H 260 3.30 -28.19 -41.01
N THR H 261 2.14 -27.59 -41.28
CA THR H 261 1.29 -27.09 -40.21
C THR H 261 0.72 -28.22 -39.37
N TRP H 262 0.56 -29.40 -39.95
CA TRP H 262 -0.01 -30.53 -39.22
C TRP H 262 0.89 -30.96 -38.06
N ILE H 263 2.20 -30.93 -38.24
CA ILE H 263 3.12 -31.33 -37.17
C ILE H 263 3.03 -30.36 -36.00
N MET H 264 2.92 -29.07 -36.27
CA MET H 264 2.78 -28.09 -35.20
C MET H 264 1.47 -28.25 -34.44
N GLU H 265 0.40 -28.61 -35.14
CA GLU H 265 -0.89 -28.82 -34.47
C GLU H 265 -0.85 -30.01 -33.53
N ALA H 266 -0.17 -31.09 -33.92
CA ALA H 266 -0.10 -32.28 -33.06
C ALA H 266 0.75 -32.01 -31.82
N ALA H 267 1.78 -31.17 -31.95
CA ALA H 267 2.63 -30.87 -30.80
C ALA H 267 1.86 -30.11 -29.72
N ASP H 268 0.99 -29.19 -30.12
CA ASP H 268 0.20 -28.44 -29.14
C ASP H 268 -0.80 -29.34 -28.42
N ASP H 269 -1.38 -30.30 -29.13
CA ASP H 269 -2.35 -31.20 -28.52
C ASP H 269 -1.73 -32.12 -27.48
N ILE H 270 -0.46 -32.50 -27.66
CA ILE H 270 0.20 -33.33 -26.65
C ILE H 270 0.47 -32.55 -25.38
N SER H 271 0.94 -31.31 -25.50
CA SER H 271 1.25 -30.47 -24.34
C SER H 271 0.08 -29.55 -24.00
N TYR H 272 -1.08 -30.11 -23.74
CA TYR H 272 -2.26 -29.33 -23.46
C TYR H 272 -2.59 -29.16 -21.97
N CYS H 273 -2.61 -30.26 -21.19
CA CYS H 273 -2.97 -30.20 -19.78
C CYS H 273 -1.91 -30.73 -18.84
N VAL H 274 -0.91 -31.46 -19.34
CA VAL H 274 0.06 -32.11 -18.47
C VAL H 274 0.84 -31.11 -17.63
N ALA H 275 1.18 -29.94 -18.20
CA ALA H 275 1.91 -28.92 -17.45
C ALA H 275 1.05 -28.28 -16.36
N ASP H 276 -0.24 -28.08 -16.63
CA ASP H 276 -1.11 -27.47 -15.64
C ASP H 276 -1.29 -28.37 -14.42
N LEU H 277 -1.33 -29.69 -14.63
CA LEU H 277 -1.42 -30.61 -13.50
C LEU H 277 -0.21 -30.50 -12.60
N GLU H 278 0.99 -30.40 -13.19
CA GLU H 278 2.20 -30.20 -12.39
C GLU H 278 2.20 -28.86 -11.70
N ASP H 279 1.71 -27.80 -12.38
CA ASP H 279 1.66 -26.48 -11.77
C ASP H 279 0.68 -26.44 -10.61
N ALA H 280 -0.37 -27.27 -10.66
CA ALA H 280 -1.34 -27.30 -9.56
C ALA H 280 -0.71 -27.83 -8.28
N VAL H 281 0.17 -28.82 -8.39
CA VAL H 281 0.82 -29.39 -7.21
C VAL H 281 1.72 -28.36 -6.55
N GLU H 282 2.45 -27.59 -7.36
CA GLU H 282 3.35 -26.56 -6.83
C GLU H 282 2.61 -25.46 -6.09
N LYS H 283 1.30 -25.30 -6.32
CA LYS H 283 0.49 -24.32 -5.61
C LYS H 283 -0.30 -24.94 -4.47
N ARG H 284 0.01 -26.19 -4.11
CA ARG H 284 -0.58 -26.88 -2.96
C ARG H 284 -2.10 -27.04 -3.11
N ILE H 285 -2.59 -27.14 -4.35
CA ILE H 285 -4.00 -27.48 -4.55
C ILE H 285 -4.26 -28.89 -4.04
N PHE H 286 -3.33 -29.79 -4.35
CA PHE H 286 -3.35 -31.14 -3.85
C PHE H 286 -1.92 -31.66 -3.76
N THR H 287 -1.76 -32.91 -3.39
CA THR H 287 -0.43 -33.50 -3.29
C THR H 287 -0.22 -34.49 -4.43
N VAL H 288 1.01 -34.99 -4.53
CA VAL H 288 1.35 -35.93 -5.59
C VAL H 288 0.56 -37.22 -5.43
N GLU H 289 0.43 -37.72 -4.19
CA GLU H 289 -0.37 -38.91 -3.95
C GLU H 289 -1.83 -38.70 -4.28
N GLN H 290 -2.37 -37.52 -3.94
CA GLN H 290 -3.76 -37.22 -4.28
C GLN H 290 -3.96 -37.17 -5.79
N LEU H 291 -3.02 -36.57 -6.51
CA LEU H 291 -3.12 -36.53 -7.97
C LEU H 291 -3.03 -37.93 -8.57
N TYR H 292 -2.15 -38.77 -8.03
CA TYR H 292 -2.05 -40.15 -8.51
C TYR H 292 -3.35 -40.91 -8.27
N HIS H 293 -3.94 -40.73 -7.10
CA HIS H 293 -5.22 -41.37 -6.81
C HIS H 293 -6.31 -40.87 -7.74
N HIS H 294 -6.34 -39.56 -8.01
CA HIS H 294 -7.33 -39.01 -8.93
C HIS H 294 -7.16 -39.59 -10.34
N LEU H 295 -5.91 -39.69 -10.80
CA LEU H 295 -5.65 -40.27 -12.11
C LEU H 295 -6.07 -41.74 -12.16
N HIS H 296 -5.78 -42.49 -11.10
CA HIS H 296 -6.19 -43.89 -11.06
C HIS H 296 -7.69 -44.04 -11.09
N GLU H 297 -8.40 -43.16 -10.36
CA GLU H 297 -9.86 -43.21 -10.36
C GLU H 297 -10.44 -42.83 -11.71
N ALA H 298 -9.88 -41.82 -12.36
CA ALA H 298 -10.42 -41.35 -13.63
C ALA H 298 -10.07 -42.28 -14.79
N TRP H 299 -8.95 -43.00 -14.70
CA TRP H 299 -8.51 -43.85 -15.80
C TRP H 299 -9.46 -45.03 -15.98
N GLY H 300 -9.84 -45.69 -14.89
CA GLY H 300 -10.74 -46.83 -14.96
C GLY H 300 -10.17 -48.07 -14.30
N PHE H 308 -2.08 -46.65 -18.69
CA PHE H 308 -1.81 -46.13 -17.35
C PHE H 308 -0.67 -46.89 -16.70
N SER H 309 -0.73 -48.23 -16.78
CA SER H 309 0.31 -49.05 -16.19
C SER H 309 1.66 -48.83 -16.87
N LEU H 310 1.66 -48.75 -18.20
CA LEU H 310 2.92 -48.60 -18.92
C LEU H 310 3.46 -47.17 -18.83
N VAL H 311 2.59 -46.19 -18.63
CA VAL H 311 2.96 -44.79 -18.68
C VAL H 311 3.01 -44.18 -17.28
N VAL H 312 1.92 -44.25 -16.53
CA VAL H 312 1.81 -43.58 -15.24
C VAL H 312 2.40 -44.42 -14.13
N GLU H 313 2.07 -45.72 -14.12
CA GLU H 313 2.57 -46.59 -13.07
C GLU H 313 4.09 -46.72 -13.12
N ASN H 314 4.67 -46.75 -14.32
CA ASN H 314 6.12 -46.84 -14.43
C ASN H 314 6.80 -45.62 -13.81
N ALA H 315 6.21 -44.44 -14.02
CA ALA H 315 6.77 -43.22 -13.44
C ALA H 315 6.54 -43.14 -11.93
N TRP H 316 5.41 -43.67 -11.45
CA TRP H 316 5.10 -43.59 -10.03
C TRP H 316 6.09 -44.39 -9.20
N GLU H 317 6.46 -45.58 -9.67
CA GLU H 317 7.40 -46.45 -8.96
C GLU H 317 8.85 -46.08 -9.20
N LYS H 318 9.12 -45.09 -10.06
CA LYS H 318 10.48 -44.68 -10.38
C LYS H 318 10.88 -43.41 -9.63
N SER H 319 10.09 -42.99 -8.63
CA SER H 319 10.39 -41.79 -7.88
C SER H 319 10.50 -42.06 -6.38
N THR H 328 10.03 -36.93 -4.88
CA THR H 328 8.87 -37.60 -5.43
C THR H 328 8.03 -36.71 -6.33
N GLU H 329 8.17 -35.39 -6.23
CA GLU H 329 7.40 -34.46 -7.07
C GLU H 329 8.10 -34.21 -8.40
N ASP H 330 9.41 -33.99 -8.34
CA ASP H 330 10.20 -33.73 -9.54
C ASP H 330 10.75 -35.02 -10.12
N GLN H 331 10.11 -36.13 -9.76
CA GLN H 331 10.53 -37.44 -10.25
C GLN H 331 9.36 -38.26 -10.75
N PHE H 332 8.15 -37.71 -10.65
CA PHE H 332 6.96 -38.41 -11.12
C PHE H 332 6.59 -37.96 -12.52
N PHE H 333 6.63 -36.65 -12.75
CA PHE H 333 6.28 -36.11 -14.06
C PHE H 333 7.43 -36.27 -15.05
N MET H 334 8.67 -36.24 -14.55
CA MET H 334 9.85 -36.34 -15.42
C MET H 334 9.87 -37.64 -16.20
N TYR H 335 9.30 -38.71 -15.64
CA TYR H 335 9.19 -39.98 -16.34
C TYR H 335 7.85 -40.18 -17.01
N LEU H 336 6.79 -39.56 -16.49
CA LEU H 336 5.48 -39.63 -17.15
C LEU H 336 5.53 -38.97 -18.52
N ARG H 337 6.22 -37.84 -18.62
CA ARG H 337 6.35 -37.17 -19.91
C ARG H 337 7.07 -38.05 -20.93
N VAL H 338 8.17 -38.69 -20.49
CA VAL H 338 8.91 -39.57 -21.37
C VAL H 338 8.05 -40.75 -21.80
N ASN H 339 7.32 -41.34 -20.83
CA ASN H 339 6.50 -42.51 -21.13
C ASN H 339 5.39 -42.18 -22.12
N THR H 340 4.76 -41.02 -21.98
CA THR H 340 3.70 -40.67 -22.94
C THR H 340 4.28 -40.25 -24.29
N LEU H 341 5.45 -39.61 -24.31
CA LEU H 341 6.06 -39.25 -25.58
C LEU H 341 6.44 -40.48 -26.39
N ASN H 342 7.05 -41.47 -25.73
CA ASN H 342 7.49 -42.68 -26.43
C ASN H 342 6.33 -43.47 -27.01
N LYS H 343 5.10 -43.22 -26.55
CA LYS H 343 3.93 -43.89 -27.10
C LYS H 343 3.13 -43.02 -28.05
N LEU H 344 3.26 -41.69 -27.96
CA LEU H 344 2.49 -40.81 -28.82
C LEU H 344 3.23 -40.38 -30.08
N VAL H 345 4.54 -40.13 -29.99
CA VAL H 345 5.27 -39.62 -31.15
C VAL H 345 5.27 -40.60 -32.32
N PRO H 346 5.58 -41.90 -32.14
CA PRO H 346 5.53 -42.81 -33.30
C PRO H 346 4.17 -42.89 -33.97
N TYR H 347 3.09 -42.82 -33.19
CA TYR H 347 1.76 -42.84 -33.78
C TYR H 347 1.53 -41.62 -34.67
N ALA H 348 1.96 -40.44 -34.21
CA ALA H 348 1.83 -39.24 -35.02
C ALA H 348 2.67 -39.33 -36.28
N ALA H 349 3.89 -39.86 -36.17
CA ALA H 349 4.74 -40.01 -37.36
C ALA H 349 4.11 -40.96 -38.37
N GLN H 350 3.57 -42.09 -37.90
CA GLN H 350 2.92 -43.04 -38.79
C GLN H 350 1.68 -42.44 -39.45
N ARG H 351 0.88 -41.68 -38.69
CA ARG H 351 -0.29 -41.03 -39.26
C ARG H 351 0.10 -40.00 -40.31
N PHE H 352 1.17 -39.25 -40.06
CA PHE H 352 1.65 -38.30 -41.05
C PHE H 352 2.11 -39.01 -42.32
N ILE H 353 2.84 -40.11 -42.17
CA ILE H 353 3.39 -40.80 -43.32
C ILE H 353 2.30 -41.49 -44.14
N ASP H 354 1.31 -42.09 -43.48
CA ASP H 354 0.29 -42.85 -44.19
C ASP H 354 -0.54 -41.96 -45.11
N ASN H 355 -1.04 -40.84 -44.58
CA ASN H 355 -1.86 -39.91 -45.36
C ASN H 355 -1.02 -38.79 -45.96
N LEU H 356 0.01 -39.16 -46.72
CA LEU H 356 0.96 -38.18 -47.25
C LEU H 356 0.43 -37.42 -48.46
N PRO H 357 -0.17 -38.08 -49.46
CA PRO H 357 -0.66 -37.30 -50.62
C PRO H 357 -1.69 -36.25 -50.26
N ALA H 358 -2.62 -36.57 -49.35
CA ALA H 358 -3.64 -35.60 -48.98
C ALA H 358 -3.04 -34.43 -48.20
N ILE H 359 -2.10 -34.70 -47.31
CA ILE H 359 -1.44 -33.62 -46.56
C ILE H 359 -0.63 -32.74 -47.51
N PHE H 360 0.08 -33.35 -48.46
CA PHE H 360 0.84 -32.57 -49.43
C PHE H 360 -0.07 -31.71 -50.29
N ALA H 361 -1.22 -32.25 -50.71
CA ALA H 361 -2.16 -31.46 -51.48
C ALA H 361 -2.79 -30.36 -50.64
N GLY H 362 -2.85 -30.55 -49.33
CA GLY H 362 -3.45 -29.56 -48.45
C GLY H 362 -4.94 -29.70 -48.24
N THR H 363 -5.52 -30.85 -48.59
CA THR H 363 -6.96 -31.06 -48.49
C THR H 363 -7.32 -32.11 -47.45
N PHE H 364 -6.42 -32.43 -46.52
CA PHE H 364 -6.71 -33.40 -45.47
C PHE H 364 -7.61 -32.76 -44.42
N ASN H 365 -8.84 -33.25 -44.31
CA ASN H 365 -9.86 -32.65 -43.46
C ASN H 365 -9.90 -33.26 -42.06
N HIS H 366 -8.78 -33.81 -41.58
CA HIS H 366 -8.71 -34.42 -40.26
C HIS H 366 -7.41 -34.00 -39.59
N ALA H 367 -7.29 -34.37 -38.32
CA ALA H 367 -6.08 -34.14 -37.55
C ALA H 367 -5.31 -35.44 -37.37
N LEU H 368 -4.02 -35.32 -37.07
CA LEU H 368 -3.17 -36.49 -36.90
C LEU H 368 -3.64 -37.34 -35.73
N LEU H 369 -3.99 -36.70 -34.62
CA LEU H 369 -4.47 -37.41 -33.44
C LEU H 369 -5.99 -37.42 -33.37
N ALA H 372 -9.10 -42.01 -32.70
CA ALA H 372 -10.08 -42.89 -32.07
C ALA H 372 -9.46 -44.24 -31.71
N SER H 373 -8.48 -44.21 -30.83
CA SER H 373 -7.78 -45.42 -30.40
C SER H 373 -7.34 -45.22 -28.96
N GLU H 374 -6.46 -46.10 -28.47
CA GLU H 374 -5.96 -46.02 -27.11
C GLU H 374 -5.07 -44.80 -26.92
N CYS H 375 -4.57 -44.24 -28.02
CA CYS H 375 -3.72 -43.06 -27.97
C CYS H 375 -4.54 -41.79 -27.74
N SER H 376 -5.59 -41.60 -28.53
CA SER H 376 -6.45 -40.44 -28.36
C SER H 376 -7.27 -40.49 -27.08
N ASP H 377 -7.62 -41.69 -26.60
CA ASP H 377 -8.36 -41.81 -25.35
C ASP H 377 -7.50 -41.44 -24.15
N LEU H 378 -6.18 -41.62 -24.26
CA LEU H 378 -5.29 -41.26 -23.16
C LEU H 378 -5.26 -39.76 -22.90
N LEU H 379 -5.27 -38.94 -23.94
CA LEU H 379 -5.25 -37.49 -23.76
C LEU H 379 -6.50 -37.01 -23.02
N LYS H 380 -7.65 -37.63 -23.28
CA LYS H 380 -8.86 -37.25 -22.58
C LYS H 380 -8.77 -37.51 -21.08
N LEU H 381 -7.89 -38.43 -20.66
CA LEU H 381 -7.69 -38.67 -19.24
C LEU H 381 -7.13 -37.43 -18.55
N TYR H 382 -6.11 -36.83 -19.17
CA TYR H 382 -5.52 -35.62 -18.64
C TYR H 382 -6.46 -34.45 -18.83
N LYS H 383 -7.26 -34.50 -19.89
CA LYS H 383 -8.21 -33.43 -20.19
C LYS H 383 -9.30 -33.34 -19.12
N ASN H 384 -9.84 -34.49 -18.70
CA ASN H 384 -10.97 -34.50 -17.79
C ASN H 384 -10.53 -34.16 -16.36
N VAL H 385 -9.35 -34.60 -15.95
CA VAL H 385 -8.86 -34.30 -14.61
C VAL H 385 -8.57 -32.81 -14.47
N ALA H 386 -8.01 -32.19 -15.50
CA ALA H 386 -7.65 -30.78 -15.44
C ALA H 386 -8.87 -29.87 -15.36
N VAL H 387 -9.94 -30.19 -16.10
CA VAL H 387 -11.10 -29.31 -16.12
C VAL H 387 -11.89 -29.40 -14.82
N LYS H 388 -11.78 -30.51 -14.09
CA LYS H 388 -12.59 -30.72 -12.89
C LYS H 388 -11.89 -30.27 -11.62
N HIS H 389 -10.56 -30.37 -11.55
CA HIS H 389 -9.84 -30.09 -10.32
C HIS H 389 -8.93 -28.86 -10.39
N VAL H 390 -8.63 -28.35 -11.57
CA VAL H 390 -7.70 -27.22 -11.74
C VAL H 390 -8.42 -26.01 -12.33
N PHE H 391 -9.13 -26.21 -13.44
CA PHE H 391 -9.76 -25.08 -14.12
C PHE H 391 -10.97 -24.55 -13.36
N SER H 392 -11.46 -25.32 -12.38
CA SER H 392 -12.63 -24.93 -11.59
C SER H 392 -12.25 -24.31 -10.25
N HIS H 393 -10.97 -24.04 -10.02
CA HIS H 393 -10.55 -23.44 -8.77
C HIS H 393 -11.08 -22.01 -8.65
N PRO H 394 -11.49 -21.57 -7.47
CA PRO H 394 -12.02 -20.20 -7.33
C PRO H 394 -11.03 -19.12 -7.75
N ASP H 395 -9.74 -19.32 -7.48
CA ASP H 395 -8.76 -18.30 -7.85
C ASP H 395 -8.59 -18.18 -9.35
N VAL H 396 -8.69 -19.30 -10.08
CA VAL H 396 -8.61 -19.25 -11.54
C VAL H 396 -9.86 -18.59 -12.12
N GLU H 397 -11.02 -18.89 -11.54
CA GLU H 397 -12.27 -18.35 -12.06
C GLU H 397 -12.39 -16.84 -11.83
N ARG H 398 -11.86 -16.34 -10.72
CA ARG H 398 -11.95 -14.91 -10.43
C ARG H 398 -11.18 -14.08 -11.44
N LEU H 399 -9.98 -14.54 -11.83
CA LEU H 399 -9.16 -13.78 -12.77
C LEU H 399 -9.81 -13.68 -14.14
N GLU H 400 -10.66 -14.61 -14.48
CA GLU H 400 -11.31 -14.58 -15.75
C GLU H 400 -12.35 -13.52 -15.81
N LEU H 401 -13.05 -13.28 -14.71
CA LEU H 401 -14.05 -12.21 -14.67
C LEU H 401 -13.41 -10.83 -14.58
N GLN H 402 -12.29 -10.71 -13.87
CA GLN H 402 -11.62 -9.42 -13.77
C GLN H 402 -11.02 -9.00 -15.09
N GLY H 403 -10.49 -9.96 -15.86
CA GLY H 403 -9.93 -9.63 -17.16
C GLY H 403 -10.96 -9.15 -18.16
N TYR H 404 -12.17 -9.72 -18.11
CA TYR H 404 -13.23 -9.28 -19.00
C TYR H 404 -13.63 -7.83 -18.72
N ARG H 405 -13.62 -7.43 -17.45
CA ARG H 405 -13.98 -6.05 -17.10
C ARG H 405 -12.90 -5.06 -17.52
N VAL H 406 -11.64 -5.46 -17.47
CA VAL H 406 -10.55 -4.53 -17.79
C VAL H 406 -10.56 -4.17 -19.27
N ILE H 407 -10.73 -5.16 -20.15
CA ILE H 407 -10.70 -4.90 -21.58
C ILE H 407 -11.90 -4.07 -22.01
N SER H 408 -13.07 -4.33 -21.44
CA SER H 408 -14.26 -3.55 -21.78
C SER H 408 -14.08 -2.09 -21.39
N GLY H 409 -13.50 -1.83 -20.22
CA GLY H 409 -13.29 -0.45 -19.79
C GLY H 409 -12.31 0.31 -20.65
N LEU H 410 -11.24 -0.35 -21.11
CA LEU H 410 -10.26 0.31 -21.96
C LEU H 410 -10.86 0.74 -23.29
N LEU H 411 -11.75 -0.07 -23.86
CA LEU H 411 -12.38 0.29 -25.12
C LEU H 411 -13.34 1.47 -24.96
N GLU H 412 -13.92 1.63 -23.79
CA GLU H 412 -14.82 2.76 -23.57
C GLU H 412 -14.03 4.05 -23.39
N ILE H 413 -12.84 3.97 -22.82
CA ILE H 413 -12.03 5.18 -22.64
C ILE H 413 -11.64 5.78 -23.99
N TYR H 414 -11.30 4.93 -24.96
CA TYR H 414 -10.88 5.38 -26.27
C TYR H 414 -12.05 5.53 -27.24
N ARG H 415 -13.26 5.44 -26.78
CA ARG H 415 -14.37 5.61 -27.67
C ARG H 415 -14.47 6.98 -28.36
N PRO H 416 -14.08 8.10 -27.70
CA PRO H 416 -14.11 9.38 -28.42
C PRO H 416 -13.26 9.40 -29.68
N LEU H 417 -12.20 8.60 -29.76
CA LEU H 417 -11.39 8.55 -30.98
C LEU H 417 -12.19 8.02 -32.16
N LEU H 418 -13.13 7.10 -31.92
CA LEU H 418 -13.94 6.54 -33.00
C LEU H 418 -15.11 7.41 -33.38
N SER H 419 -15.44 8.43 -32.59
CA SER H 419 -16.59 9.29 -32.86
C SER H 419 -16.22 10.52 -33.69
N LEU H 420 -14.93 10.75 -33.96
CA LEU H 420 -14.51 11.92 -34.73
C LEU H 420 -14.83 11.73 -36.20
N SER H 421 -14.64 12.79 -36.99
CA SER H 421 -14.87 12.76 -38.42
C SER H 421 -13.55 12.52 -39.16
N LEU H 422 -13.66 12.33 -40.47
CA LEU H 422 -12.47 12.09 -41.29
C LEU H 422 -11.53 13.30 -41.27
N SER H 423 -12.08 14.49 -41.43
CA SER H 423 -11.26 15.69 -41.45
C SER H 423 -10.59 15.93 -40.09
N ASP H 424 -11.33 15.74 -39.00
CA ASP H 424 -10.77 15.96 -37.68
C ASP H 424 -9.64 14.98 -37.39
N PHE H 425 -9.83 13.69 -37.73
CA PHE H 425 -8.79 12.71 -37.50
C PHE H 425 -7.58 12.94 -38.41
N THR H 426 -7.81 13.39 -39.64
CA THR H 426 -6.71 13.73 -40.52
C THR H 426 -5.89 14.89 -39.97
N GLU H 427 -6.58 15.92 -39.45
CA GLU H 427 -5.88 17.03 -38.82
C GLU H 427 -5.11 16.57 -37.59
N LEU H 428 -5.70 15.65 -36.82
CA LEU H 428 -5.02 15.13 -35.63
C LEU H 428 -3.75 14.37 -36.01
N VAL H 429 -3.82 13.53 -37.04
CA VAL H 429 -2.64 12.75 -37.42
C VAL H 429 -1.61 13.58 -38.17
N GLU H 430 -2.02 14.72 -38.75
CA GLU H 430 -1.09 15.52 -39.54
C GLU H 430 -0.44 16.63 -38.72
N LYS H 431 -1.22 17.39 -37.95
CA LYS H 431 -0.70 18.54 -37.23
C LYS H 431 -0.04 18.13 -35.91
N GLU H 432 -0.69 17.26 -35.15
CA GLU H 432 -0.27 16.73 -33.85
C GLU H 432 -0.38 17.77 -32.74
N ARG H 433 -0.71 19.03 -33.07
CA ARG H 433 -0.94 20.08 -32.08
C ARG H 433 -2.26 20.76 -32.44
N VAL H 434 -3.35 20.22 -31.92
CA VAL H 434 -4.69 20.69 -32.25
C VAL H 434 -5.26 21.47 -31.07
N LYS H 435 -5.77 22.67 -31.34
CA LYS H 435 -6.37 23.51 -30.32
C LYS H 435 -7.88 23.31 -30.19
N ARG H 436 -8.47 22.46 -31.02
CA ARG H 436 -9.91 22.22 -30.96
C ARG H 436 -10.28 20.92 -30.26
N PHE H 437 -9.36 19.98 -30.14
CA PHE H 437 -9.61 18.68 -29.52
C PHE H 437 -8.54 18.41 -28.47
N PRO H 438 -8.67 19.02 -27.28
CA PRO H 438 -7.65 18.78 -26.25
C PRO H 438 -7.69 17.36 -25.69
N ILE H 439 -8.88 16.82 -25.42
CA ILE H 439 -8.97 15.47 -24.87
C ILE H 439 -8.60 14.43 -25.90
N GLU H 440 -9.08 14.58 -27.15
CA GLU H 440 -8.83 13.57 -28.17
C GLU H 440 -7.36 13.51 -28.56
N SER H 441 -6.69 14.66 -28.63
CA SER H 441 -5.28 14.67 -29.02
C SER H 441 -4.40 13.97 -28.00
N ARG H 442 -4.68 14.16 -26.71
CA ARG H 442 -3.87 13.53 -25.67
C ARG H 442 -4.02 12.01 -25.66
N LEU H 443 -5.23 11.50 -25.93
CA LEU H 443 -5.41 10.06 -26.05
C LEU H 443 -4.64 9.51 -27.25
N PHE H 444 -4.52 10.31 -28.31
CA PHE H 444 -3.84 9.86 -29.52
C PHE H 444 -2.35 9.62 -29.29
N HIS H 445 -1.72 10.43 -28.44
CA HIS H 445 -0.28 10.27 -28.22
C HIS H 445 0.05 9.06 -27.37
N LYS H 446 -0.93 8.41 -26.75
CA LYS H 446 -0.66 7.21 -25.96
C LYS H 446 -0.48 5.97 -26.81
N LEU H 447 -0.95 5.98 -28.05
CA LEU H 447 -0.77 4.83 -28.94
C LEU H 447 0.70 4.67 -29.31
N SER H 448 1.10 3.42 -29.50
CA SER H 448 2.49 3.13 -29.87
C SER H 448 2.79 3.68 -31.26
N THR H 449 4.07 4.01 -31.47
CA THR H 449 4.47 4.62 -32.74
C THR H 449 4.39 3.65 -33.91
N ARG H 450 4.62 2.36 -33.67
CA ARG H 450 4.56 1.38 -34.76
C ARG H 450 3.15 1.24 -35.31
N HIS H 451 2.15 1.25 -34.43
CA HIS H 451 0.76 1.16 -34.89
C HIS H 451 0.37 2.39 -35.69
N ARG H 452 0.79 3.57 -35.24
CA ARG H 452 0.52 4.80 -35.98
C ARG H 452 1.19 4.79 -37.35
N LEU H 453 2.44 4.31 -37.41
CA LEU H 453 3.13 4.21 -38.68
C LEU H 453 2.43 3.24 -39.61
N ALA H 454 1.95 2.11 -39.08
CA ALA H 454 1.21 1.15 -39.89
C ALA H 454 -0.07 1.77 -40.43
N TYR H 455 -0.78 2.53 -39.59
CA TYR H 455 -1.99 3.21 -40.04
C TYR H 455 -1.67 4.21 -41.15
N VAL H 456 -0.61 4.99 -40.98
CA VAL H 456 -0.24 5.98 -41.98
C VAL H 456 0.10 5.31 -43.30
N GLU H 457 0.87 4.22 -43.25
CA GLU H 457 1.22 3.50 -44.47
C GLU H 457 -0.01 2.91 -45.13
N ALA H 458 -0.94 2.37 -44.34
CA ALA H 458 -2.13 1.76 -44.90
C ALA H 458 -3.03 2.78 -45.60
N VAL H 459 -3.27 3.91 -44.94
CA VAL H 459 -4.16 4.91 -45.55
C VAL H 459 -3.44 5.76 -46.60
N SER H 460 -2.12 5.68 -46.67
CA SER H 460 -1.37 6.44 -47.66
C SER H 460 -1.36 5.79 -49.04
N LYS H 461 -2.25 4.82 -49.29
CA LYS H 461 -2.28 4.12 -50.56
C LYS H 461 -3.64 4.11 -51.25
N LEU H 462 -4.73 4.27 -50.50
CA LEU H 462 -6.06 4.21 -51.09
C LEU H 462 -6.30 5.43 -51.99
N PRO H 463 -7.02 5.24 -53.10
CA PRO H 463 -7.40 6.38 -53.94
C PRO H 463 -8.23 7.41 -53.17
N SER H 464 -7.71 8.63 -53.06
CA SER H 464 -8.40 9.68 -52.32
C SER H 464 -9.72 10.06 -52.98
N ASP H 465 -9.74 10.15 -54.32
CA ASP H 465 -10.93 10.56 -55.04
C ASP H 465 -11.75 9.33 -55.44
N SER H 466 -12.24 8.63 -54.43
CA SER H 466 -13.06 7.45 -54.60
C SER H 466 -14.19 7.48 -53.60
N PRO H 467 -15.33 6.85 -53.92
CA PRO H 467 -16.45 6.82 -52.96
C PRO H 467 -16.29 5.76 -51.89
N GLU H 468 -15.11 5.16 -51.79
CA GLU H 468 -14.82 4.13 -50.80
C GLU H 468 -13.84 4.58 -49.74
N PHE H 469 -13.34 5.81 -49.80
CA PHE H 469 -12.34 6.26 -48.83
C PHE H 469 -12.83 6.26 -47.39
N PRO H 470 -14.01 6.81 -47.06
CA PRO H 470 -14.43 6.80 -45.64
C PRO H 470 -14.56 5.40 -45.05
N LEU H 471 -15.06 4.44 -45.82
CA LEU H 471 -15.23 3.08 -45.30
C LEU H 471 -13.89 2.45 -44.96
N TRP H 472 -12.93 2.55 -45.88
CA TRP H 472 -11.60 1.99 -45.64
C TRP H 472 -10.90 2.72 -44.49
N GLU H 473 -11.09 4.04 -44.41
CA GLU H 473 -10.47 4.81 -43.33
C GLU H 473 -11.02 4.37 -41.98
N TYR H 474 -12.33 4.17 -41.89
CA TYR H 474 -12.93 3.71 -40.63
C TYR H 474 -12.45 2.30 -40.28
N TYR H 475 -12.35 1.43 -41.29
CA TYR H 475 -11.87 0.08 -41.04
C TYR H 475 -10.43 0.09 -40.51
N TYR H 476 -9.58 0.91 -41.12
CA TYR H 476 -8.19 0.99 -40.67
C TYR H 476 -8.08 1.65 -39.30
N ARG H 477 -8.94 2.61 -38.99
CA ARG H 477 -8.95 3.20 -37.65
C ARG H 477 -9.35 2.17 -36.60
N CYS H 478 -10.37 1.36 -36.90
CA CYS H 478 -10.77 0.31 -35.97
C CYS H 478 -9.66 -0.72 -35.80
N ARG H 479 -8.97 -1.08 -36.89
CA ARG H 479 -7.86 -2.00 -36.79
C ARG H 479 -6.72 -1.41 -35.96
N LEU H 480 -6.45 -0.12 -36.12
CA LEU H 480 -5.44 0.54 -35.31
C LEU H 480 -5.80 0.52 -33.84
N LEU H 481 -7.08 0.72 -33.52
CA LEU H 481 -7.52 0.62 -32.13
C LEU H 481 -7.37 -0.79 -31.60
N GLN H 482 -7.68 -1.80 -32.42
CA GLN H 482 -7.60 -3.19 -31.97
C GLN H 482 -6.15 -3.64 -31.79
N ASP H 483 -5.22 -3.12 -32.60
CA ASP H 483 -3.82 -3.51 -32.45
C ASP H 483 -3.25 -3.05 -31.12
N TYR H 484 -3.62 -1.84 -30.68
CA TYR H 484 -3.06 -1.29 -29.45
C TYR H 484 -3.50 -2.11 -28.23
N ILE H 485 -4.75 -2.55 -28.19
CA ILE H 485 -5.26 -3.29 -27.05
C ILE H 485 -4.64 -4.68 -26.96
N SER H 486 -4.56 -5.38 -28.10
CA SER H 486 -4.10 -6.76 -28.11
C SER H 486 -2.58 -6.90 -27.94
N GLY H 487 -1.83 -5.81 -28.01
CA GLY H 487 -0.39 -5.88 -27.91
C GLY H 487 0.14 -5.61 -26.52
N MET H 488 -0.70 -5.78 -25.50
CA MET H 488 -0.34 -5.48 -24.13
C MET H 488 -0.18 -6.75 -23.32
N THR H 489 0.69 -6.69 -22.32
CA THR H 489 0.71 -7.69 -21.28
C THR H 489 -0.42 -7.44 -20.30
N ASP H 490 -0.87 -8.52 -19.67
CA ASP H 490 -1.93 -8.53 -18.69
C ASP H 490 -1.66 -7.55 -17.56
N LEU H 491 -0.43 -7.48 -17.17
CA LEU H 491 -0.03 -6.60 -16.06
C LEU H 491 -0.04 -5.14 -16.48
N TYR H 492 0.35 -4.84 -17.72
CA TYR H 492 0.35 -3.45 -18.19
C TYR H 492 -1.07 -2.94 -18.41
N ALA H 493 -1.95 -3.79 -18.94
CA ALA H 493 -3.32 -3.36 -19.21
C ALA H 493 -4.05 -3.04 -17.91
N TRP H 494 -3.86 -3.85 -16.87
CA TRP H 494 -4.49 -3.58 -15.59
C TRP H 494 -4.01 -2.26 -15.00
N ASP H 495 -2.70 -2.01 -15.06
CA ASP H 495 -2.17 -0.76 -14.53
C ASP H 495 -2.69 0.44 -15.30
N GLU H 496 -2.74 0.35 -16.64
CA GLU H 496 -3.24 1.46 -17.43
C GLU H 496 -4.72 1.70 -17.16
N TYR H 497 -5.50 0.64 -17.01
CA TYR H 497 -6.93 0.78 -16.72
C TYR H 497 -7.13 1.46 -15.37
N ARG H 498 -6.36 1.04 -14.36
CA ARG H 498 -6.49 1.67 -13.04
C ARG H 498 -6.03 3.12 -13.05
N ARG H 499 -4.99 3.45 -13.78
CA ARG H 499 -4.53 4.82 -13.84
C ARG H 499 -5.44 5.74 -14.63
N LEU H 500 -5.99 5.26 -15.70
CA LEU H 500 -6.88 6.10 -16.51
C LEU H 500 -8.24 6.34 -15.85
N MET H 501 -8.59 5.58 -14.83
CA MET H 501 -9.83 5.77 -14.10
C MET H 501 -9.63 6.55 -12.81
N ALA H 502 -8.46 7.15 -12.61
CA ALA H 502 -8.16 7.97 -11.43
C ALA H 502 -8.32 7.16 -10.14
N VAL H 503 -7.91 5.90 -10.18
CA VAL H 503 -7.95 5.03 -9.00
C VAL H 503 -6.57 4.89 -8.36
N GLU H 504 -5.54 4.73 -9.16
CA GLU H 504 -4.17 4.59 -8.64
C GLU H 504 -3.43 5.92 -8.71
N GLN I 3 46.62 -38.49 -31.86
CA GLN I 3 45.49 -38.92 -32.69
C GLN I 3 44.17 -38.40 -32.13
N ILE I 4 43.47 -37.59 -32.93
CA ILE I 4 42.20 -37.01 -32.53
C ILE I 4 41.08 -38.00 -32.84
N ASP I 5 40.30 -38.33 -31.82
CA ASP I 5 39.18 -39.27 -31.98
C ASP I 5 38.07 -38.83 -31.04
N PHE I 6 37.00 -38.27 -31.59
CA PHE I 6 35.91 -37.73 -30.80
C PHE I 6 35.00 -38.81 -30.23
N ARG I 7 35.16 -40.07 -30.65
CA ARG I 7 34.38 -41.15 -30.05
C ARG I 7 34.77 -41.41 -28.61
N LYS I 8 36.02 -41.12 -28.24
CA LYS I 8 36.48 -41.28 -26.86
C LYS I 8 36.10 -40.10 -25.98
N LYS I 9 35.52 -39.04 -26.54
CA LYS I 9 35.08 -37.88 -25.78
C LYS I 9 33.57 -37.80 -25.63
N ILE I 10 32.82 -38.15 -26.67
CA ILE I 10 31.36 -38.13 -26.60
C ILE I 10 30.88 -39.39 -25.90
N ASN I 11 30.58 -39.27 -24.61
CA ASN I 11 30.17 -40.41 -23.80
C ASN I 11 28.67 -40.34 -23.55
N TRP I 12 27.96 -41.41 -23.92
CA TRP I 12 26.51 -41.47 -23.76
C TRP I 12 26.08 -42.33 -22.56
N HIS I 13 27.03 -42.71 -21.71
CA HIS I 13 26.71 -43.48 -20.51
C HIS I 13 26.24 -42.55 -19.39
N ARG I 14 25.57 -43.13 -18.41
CA ARG I 14 25.05 -42.42 -17.25
C ARG I 14 25.68 -42.99 -15.98
N ARG I 15 25.38 -42.33 -14.86
CA ARG I 15 25.88 -42.77 -13.57
C ARG I 15 24.98 -43.83 -12.94
N TYR I 16 23.67 -43.73 -13.11
CA TYR I 16 22.72 -44.67 -12.57
C TYR I 16 21.89 -45.26 -13.71
N ARG I 17 21.73 -46.59 -13.68
CA ARG I 17 21.01 -47.31 -14.73
C ARG I 17 21.56 -46.99 -16.11
N SER I 18 22.89 -47.03 -16.21
CA SER I 18 23.56 -46.63 -17.44
C SER I 18 23.20 -47.60 -18.57
N PRO I 19 22.95 -47.08 -19.78
CA PRO I 19 22.70 -47.97 -20.92
C PRO I 19 23.95 -48.70 -21.36
N GLN I 20 23.93 -50.02 -21.30
CA GLN I 20 25.06 -50.85 -21.68
C GLN I 20 24.82 -51.46 -23.05
N GLY I 21 25.89 -52.05 -23.60
CA GLY I 21 25.83 -52.68 -24.90
C GLY I 21 26.14 -51.73 -26.04
N VAL I 22 26.23 -52.32 -27.23
CA VAL I 22 26.53 -51.56 -28.44
C VAL I 22 25.25 -50.93 -28.96
N LYS I 23 25.36 -49.68 -29.40
CA LYS I 23 24.21 -48.92 -29.89
C LYS I 23 24.51 -48.41 -31.30
N THR I 24 23.46 -48.32 -32.11
CA THR I 24 23.59 -47.79 -33.46
C THR I 24 23.52 -46.26 -33.44
N GLU I 25 23.64 -45.67 -34.63
CA GLU I 25 23.63 -44.22 -34.74
C GLU I 25 22.28 -43.61 -34.43
N HIS I 26 21.19 -44.37 -34.59
CA HIS I 26 19.87 -43.81 -34.34
C HIS I 26 19.54 -43.78 -32.85
N GLU I 27 19.77 -44.89 -32.15
CA GLU I 27 19.48 -44.94 -30.73
C GLU I 27 20.43 -44.08 -29.90
N ILE I 28 21.65 -43.81 -30.41
CA ILE I 28 22.54 -42.89 -29.72
C ILE I 28 21.95 -41.49 -29.71
N LEU I 29 21.38 -41.06 -30.83
CA LEU I 29 20.73 -39.76 -30.90
C LEU I 29 19.53 -39.66 -29.97
N ARG I 30 18.79 -40.75 -29.79
CA ARG I 30 17.64 -40.75 -28.87
C ARG I 30 18.06 -40.50 -27.43
N ILE I 31 19.29 -40.90 -27.07
CA ILE I 31 19.76 -40.66 -25.71
C ILE I 31 19.94 -39.17 -25.45
N PHE I 32 20.42 -38.43 -26.45
CA PHE I 32 20.68 -37.00 -26.29
C PHE I 32 19.46 -36.14 -26.46
N GLU I 33 18.31 -36.72 -26.81
CA GLU I 33 17.04 -35.99 -26.86
C GLU I 33 16.29 -36.06 -25.53
N SER I 34 16.36 -37.20 -24.84
CA SER I 34 15.79 -37.29 -23.51
C SER I 34 16.47 -36.33 -22.55
N ASP I 35 17.78 -36.12 -22.71
CA ASP I 35 18.48 -35.12 -21.90
C ASP I 35 17.93 -33.72 -22.15
N ARG I 36 17.64 -33.43 -23.41
CA ARG I 36 17.07 -32.15 -23.75
C ARG I 36 15.68 -31.99 -23.13
N GLY I 37 14.87 -33.04 -23.15
CA GLY I 37 13.56 -32.99 -22.52
C GLY I 37 13.66 -32.80 -21.02
N ARG I 38 14.64 -33.46 -20.39
CA ARG I 38 14.85 -33.32 -18.96
C ARG I 38 15.26 -31.89 -18.60
N ILE I 39 16.20 -31.32 -19.36
CA ILE I 39 16.73 -30.00 -19.01
C ILE I 39 15.70 -28.92 -19.25
N ILE I 40 14.99 -28.97 -20.39
CA ILE I 40 14.04 -27.91 -20.72
C ILE I 40 12.86 -27.91 -19.76
N ASN I 41 12.42 -29.08 -19.30
CA ASN I 41 11.28 -29.20 -18.40
C ASN I 41 11.71 -29.35 -16.95
N SER I 42 12.81 -28.69 -16.56
CA SER I 42 13.33 -28.77 -15.20
C SER I 42 12.95 -27.52 -14.40
N PRO I 43 12.71 -27.67 -13.10
CA PRO I 43 12.41 -26.49 -12.27
C PRO I 43 13.53 -25.48 -12.23
N ALA I 44 14.79 -25.91 -12.40
CA ALA I 44 15.91 -24.98 -12.37
C ALA I 44 15.88 -24.01 -13.54
N ILE I 45 15.41 -24.46 -14.70
CA ILE I 45 15.35 -23.58 -15.87
C ILE I 45 14.16 -22.64 -15.77
N ARG I 46 13.04 -23.11 -15.21
CA ARG I 46 11.86 -22.26 -15.05
C ARG I 46 12.14 -21.09 -14.14
N ARG I 47 12.95 -21.30 -13.10
CA ARG I 47 13.26 -20.23 -12.16
C ARG I 47 14.10 -19.13 -12.76
N LEU I 48 14.66 -19.33 -13.96
CA LEU I 48 15.52 -18.33 -14.57
C LEU I 48 14.77 -17.09 -15.04
N GLN I 49 13.44 -17.19 -15.19
CA GLN I 49 12.66 -16.04 -15.64
C GLN I 49 12.31 -15.07 -14.53
N GLN I 50 12.64 -15.39 -13.28
CA GLN I 50 12.41 -14.50 -12.15
C GLN I 50 13.71 -13.93 -11.60
N LYS I 51 14.81 -14.07 -12.33
CA LYS I 51 16.09 -13.50 -11.96
C LYS I 51 16.45 -12.42 -12.99
N THR I 52 16.96 -11.30 -12.49
CA THR I 52 17.20 -10.14 -13.34
C THR I 52 18.61 -10.18 -13.91
N GLN I 53 18.76 -9.69 -15.14
CA GLN I 53 20.08 -9.55 -15.73
C GLN I 53 20.73 -8.24 -15.28
N VAL I 54 20.12 -7.11 -15.65
CA VAL I 54 20.55 -5.80 -15.17
C VAL I 54 19.36 -5.05 -14.58
N PHE I 55 18.28 -4.91 -15.37
CA PHE I 55 17.11 -4.15 -14.97
C PHE I 55 16.04 -5.07 -14.42
N PRO I 56 15.47 -4.79 -13.23
CA PRO I 56 14.45 -5.63 -12.61
C PRO I 56 13.15 -5.65 -13.40
N ALA I 62 9.45 -5.64 -20.94
CA ALA I 62 10.07 -6.00 -22.20
C ALA I 62 11.59 -6.14 -22.04
N VAL I 63 12.04 -6.10 -20.79
CA VAL I 63 13.47 -6.22 -20.50
C VAL I 63 13.84 -7.70 -20.45
N ARG I 64 15.11 -7.99 -20.72
CA ARG I 64 15.58 -9.36 -20.77
C ARG I 64 15.84 -9.90 -19.36
N THR I 65 15.46 -11.15 -19.15
CA THR I 65 15.80 -11.89 -17.95
C THR I 65 16.93 -12.86 -18.27
N ARG I 66 17.30 -13.70 -17.30
CA ARG I 66 18.34 -14.68 -17.54
C ARG I 66 17.87 -15.77 -18.50
N LEU I 67 16.57 -16.09 -18.48
CA LEU I 67 16.04 -17.09 -19.42
C LEU I 67 16.11 -16.58 -20.85
N THR I 68 15.71 -15.33 -21.08
CA THR I 68 15.79 -14.74 -22.42
C THR I 68 17.23 -14.51 -22.85
N HIS I 69 18.14 -14.25 -21.91
CA HIS I 69 19.54 -14.07 -22.25
C HIS I 69 20.19 -15.38 -22.66
N SER I 70 19.92 -16.45 -21.91
CA SER I 70 20.47 -17.76 -22.24
C SER I 70 19.90 -18.34 -23.53
N MET I 71 18.75 -17.87 -23.98
CA MET I 71 18.21 -18.31 -25.26
C MET I 71 18.95 -17.69 -26.43
N GLU I 72 19.48 -16.48 -26.26
CA GLU I 72 20.31 -15.86 -27.30
C GLU I 72 21.69 -16.48 -27.35
N VAL I 73 22.26 -16.86 -26.20
CA VAL I 73 23.56 -17.53 -26.19
C VAL I 73 23.44 -18.90 -26.84
N GLN I 74 22.30 -19.57 -26.66
CA GLN I 74 22.10 -20.88 -27.27
C GLN I 74 22.11 -20.80 -28.79
N GLN I 75 21.55 -19.72 -29.35
CA GLN I 75 21.52 -19.56 -30.81
C GLN I 75 22.91 -19.29 -31.37
N VAL I 76 23.72 -18.51 -30.65
CA VAL I 76 25.08 -18.23 -31.12
C VAL I 76 25.94 -19.49 -31.06
N GLY I 77 25.75 -20.32 -30.03
CA GLY I 77 26.49 -21.56 -29.95
C GLY I 77 26.18 -22.50 -31.09
N ARG I 78 24.91 -22.64 -31.45
CA ARG I 78 24.52 -23.51 -32.54
C ARG I 78 25.28 -23.15 -33.81
N TYR I 79 25.27 -21.89 -34.13
CA TYR I 79 25.90 -21.33 -35.29
C TYR I 79 27.44 -21.49 -35.32
N ILE I 80 28.13 -21.55 -34.18
CA ILE I 80 29.59 -21.76 -34.20
C ILE I 80 29.91 -23.22 -34.44
N ALA I 81 29.11 -24.11 -33.90
CA ALA I 81 29.24 -25.55 -34.09
C ALA I 81 28.93 -25.95 -35.53
N LYS I 82 27.89 -25.35 -36.12
CA LYS I 82 27.56 -25.65 -37.51
C LYS I 82 28.64 -25.16 -38.47
N GLU I 83 29.24 -24.00 -38.20
CA GLU I 83 30.34 -23.53 -39.03
C GLU I 83 31.57 -24.42 -38.91
N ILE I 84 31.86 -24.91 -37.70
CA ILE I 84 33.00 -25.81 -37.51
C ILE I 84 32.76 -27.13 -38.23
N LEU I 85 31.55 -27.70 -38.10
CA LEU I 85 31.25 -28.96 -38.75
C LEU I 85 31.30 -28.85 -40.27
N SER I 86 30.78 -27.77 -40.83
CA SER I 86 30.78 -27.59 -42.28
C SER I 86 32.17 -27.32 -42.84
N ARG I 87 33.03 -26.64 -42.09
CA ARG I 87 34.37 -26.36 -42.56
C ARG I 87 35.25 -27.61 -42.59
N LEU I 88 35.03 -28.54 -41.68
CA LEU I 88 35.80 -29.78 -41.66
C LEU I 88 35.42 -30.70 -42.82
N LYS I 89 34.16 -30.67 -43.25
CA LYS I 89 33.75 -31.50 -44.38
C LYS I 89 34.41 -31.06 -45.67
N GLU I 90 34.73 -29.76 -45.80
CA GLU I 90 35.44 -29.29 -46.98
C GLU I 90 36.85 -29.85 -47.05
N LEU I 91 37.48 -30.09 -45.91
CA LEU I 91 38.82 -30.65 -45.85
C LEU I 91 38.83 -32.17 -45.78
N LYS I 92 37.66 -32.81 -45.81
CA LYS I 92 37.53 -34.26 -45.76
C LYS I 92 38.20 -34.84 -44.52
N LEU I 93 37.98 -34.18 -43.38
CA LEU I 93 38.53 -34.62 -42.10
C LEU I 93 37.46 -35.14 -41.14
N LEU I 94 36.19 -35.14 -41.54
CA LEU I 94 35.13 -35.58 -40.65
C LEU I 94 35.27 -37.06 -40.30
N GLU I 95 35.60 -37.89 -41.29
CA GLU I 95 35.77 -39.32 -41.04
C GLU I 95 37.05 -39.62 -40.27
N ALA I 96 38.12 -38.84 -40.50
CA ALA I 96 39.38 -39.10 -39.82
C ALA I 96 39.31 -38.72 -38.34
N TYR I 97 38.47 -37.77 -37.98
CA TYR I 97 38.37 -37.29 -36.60
C TYR I 97 37.29 -38.00 -35.80
N GLY I 98 36.58 -38.95 -36.40
CA GLY I 98 35.58 -39.71 -35.69
C GLY I 98 34.22 -39.04 -35.59
N LEU I 99 34.00 -37.94 -36.32
CA LEU I 99 32.74 -37.20 -36.25
C LEU I 99 31.78 -37.59 -37.38
N ASP I 100 32.03 -38.72 -38.05
CA ASP I 100 31.17 -39.14 -39.15
C ASP I 100 29.75 -39.44 -38.67
N GLU I 101 29.63 -40.11 -37.53
CA GLU I 101 28.34 -40.50 -36.98
C GLU I 101 28.04 -39.82 -35.65
N LEU I 102 28.55 -38.60 -35.46
CA LEU I 102 28.32 -37.88 -34.22
C LEU I 102 27.98 -36.41 -34.44
N THR I 103 27.57 -36.02 -35.65
CA THR I 103 27.24 -34.62 -35.91
C THR I 103 25.99 -34.16 -35.15
N GLY I 104 25.14 -35.09 -34.75
CA GLY I 104 23.93 -34.75 -34.02
C GLY I 104 24.21 -34.31 -32.60
N PRO I 105 24.74 -35.21 -31.76
CA PRO I 105 25.05 -34.84 -30.38
C PRO I 105 26.06 -33.72 -30.24
N PHE I 106 26.92 -33.51 -31.25
CA PHE I 106 27.94 -32.49 -31.16
C PHE I 106 27.33 -31.10 -30.96
N GLU I 107 26.29 -30.78 -31.72
CA GLU I 107 25.59 -29.50 -31.54
C GLU I 107 24.67 -29.50 -30.34
N SER I 108 24.05 -30.64 -30.01
CA SER I 108 23.13 -30.70 -28.88
C SER I 108 23.84 -30.44 -27.56
N ILE I 109 25.05 -31.00 -27.39
CA ILE I 109 25.80 -30.78 -26.17
C ILE I 109 26.13 -29.30 -25.99
N VAL I 110 26.57 -28.65 -27.08
CA VAL I 110 26.87 -27.22 -27.01
C VAL I 110 25.62 -26.42 -26.69
N GLU I 111 24.52 -26.78 -27.29
CA GLU I 111 23.26 -26.08 -27.07
C GLU I 111 22.73 -26.21 -25.66
N MET I 112 22.87 -27.37 -25.04
CA MET I 112 22.45 -27.55 -23.65
C MET I 112 23.45 -26.98 -22.66
N SER I 113 24.75 -26.94 -23.01
CA SER I 113 25.71 -26.28 -22.15
C SER I 113 25.51 -24.78 -22.14
N CYS I 114 25.18 -24.19 -23.30
CA CYS I 114 24.88 -22.77 -23.36
C CYS I 114 23.60 -22.43 -22.60
N LEU I 115 22.61 -23.34 -22.63
CA LEU I 115 21.35 -23.06 -21.96
C LEU I 115 21.54 -22.98 -20.44
N MET I 116 22.14 -24.00 -19.84
CA MET I 116 22.32 -24.05 -18.39
C MET I 116 23.72 -23.57 -17.98
N HIS I 117 24.05 -22.35 -18.41
CA HIS I 117 25.32 -21.75 -18.03
C HIS I 117 25.18 -20.73 -16.91
N ASP I 118 23.96 -20.51 -16.40
CA ASP I 118 23.74 -19.58 -15.31
C ASP I 118 22.73 -20.10 -14.29
N ILE I 119 22.61 -21.42 -14.15
CA ILE I 119 21.62 -21.99 -13.23
C ILE I 119 22.07 -21.95 -11.78
N GLY I 120 23.36 -21.77 -11.52
CA GLY I 120 23.90 -21.77 -10.18
C GLY I 120 24.16 -20.40 -9.58
N ASN I 121 23.76 -19.32 -10.25
CA ASN I 121 24.01 -17.99 -9.72
C ASN I 121 23.08 -17.71 -8.53
N PRO I 122 23.59 -17.07 -7.48
CA PRO I 122 22.75 -16.75 -6.33
C PRO I 122 21.85 -15.57 -6.63
N PRO I 123 20.84 -15.32 -5.80
CA PRO I 123 20.02 -14.11 -5.98
C PRO I 123 20.86 -12.85 -5.90
N PHE I 124 20.48 -11.86 -6.70
CA PHE I 124 21.14 -10.56 -6.86
C PHE I 124 22.50 -10.67 -7.53
N GLY I 125 22.93 -11.86 -7.95
CA GLY I 125 24.10 -11.97 -8.80
C GLY I 125 25.39 -11.71 -8.04
N HIS I 126 26.25 -10.86 -8.64
CA HIS I 126 27.61 -10.69 -8.16
C HIS I 126 27.65 -10.25 -6.70
N PHE I 127 26.89 -9.20 -6.36
CA PHE I 127 26.87 -8.73 -4.98
C PHE I 127 26.17 -9.70 -4.05
N GLY I 128 25.32 -10.59 -4.58
CA GLY I 128 24.83 -11.70 -3.78
C GLY I 128 25.89 -12.75 -3.54
N GLU I 129 26.86 -12.87 -4.43
CA GLU I 129 27.96 -13.81 -4.24
C GLU I 129 28.97 -13.31 -3.22
N ALA I 130 29.26 -12.01 -3.22
CA ALA I 130 30.20 -11.45 -2.27
C ALA I 130 29.66 -11.53 -0.84
N ALA I 131 28.38 -11.24 -0.66
CA ALA I 131 27.80 -11.20 0.68
C ALA I 131 27.92 -12.54 1.39
N ILE I 132 27.75 -13.65 0.65
CA ILE I 132 27.90 -14.97 1.25
C ILE I 132 29.35 -15.19 1.66
N ASN I 133 30.30 -14.67 0.88
CA ASN I 133 31.71 -14.92 1.16
C ASN I 133 32.20 -14.14 2.38
N ASP I 134 31.82 -12.87 2.51
CA ASP I 134 32.28 -12.08 3.64
C ASP I 134 31.72 -12.59 4.95
N TRP I 135 30.42 -12.93 4.97
CA TRP I 135 29.78 -13.37 6.20
C TRP I 135 30.46 -14.60 6.77
N PHE I 136 30.84 -15.55 5.90
CA PHE I 136 31.56 -16.72 6.36
C PHE I 136 33.01 -16.38 6.70
N ARG I 137 33.60 -15.39 6.03
CA ARG I 137 35.00 -15.05 6.26
C ARG I 137 35.22 -14.53 7.68
N GLN I 138 34.18 -14.01 8.28
CA GLN I 138 34.24 -13.50 9.62
C GLN I 138 34.05 -14.57 10.67
N ARG I 139 33.55 -15.71 10.27
CA ARG I 139 33.31 -16.79 11.18
C ARG I 139 34.36 -17.89 11.08
N LEU I 140 35.09 -17.97 9.97
CA LEU I 140 36.04 -19.03 9.76
C LEU I 140 37.49 -18.62 9.68
N HIS I 141 37.78 -17.38 9.35
CA HIS I 141 39.13 -16.84 9.25
C HIS I 141 40.14 -17.78 8.62
N PRO I 142 39.99 -18.03 7.32
CA PRO I 142 40.84 -18.93 6.55
C PRO I 142 42.30 -18.54 6.51
N GLU I 143 42.60 -17.25 6.59
CA GLU I 143 43.97 -16.79 6.55
C GLU I 143 44.80 -17.17 7.76
N ASP I 144 44.16 -17.65 8.81
CA ASP I 144 44.90 -18.05 10.02
C ASP I 144 45.26 -19.53 10.03
N ALA I 145 44.87 -20.29 9.01
CA ALA I 145 45.18 -21.71 8.92
C ALA I 145 46.18 -22.03 7.81
N GLU I 146 46.84 -21.01 7.26
CA GLU I 146 47.80 -21.25 6.17
C GLU I 146 49.05 -21.96 6.67
N SER I 147 49.48 -21.65 7.89
CA SER I 147 50.73 -22.15 8.42
C SER I 147 50.46 -22.84 9.76
N GLN I 148 51.55 -23.14 10.49
CA GLN I 148 51.52 -23.77 11.80
C GLN I 148 50.56 -23.04 12.75
N PRO I 149 50.02 -23.73 13.78
CA PRO I 149 49.01 -23.10 14.63
C PRO I 149 49.47 -21.79 15.25
N LEU I 150 48.59 -20.81 15.25
CA LEU I 150 48.91 -19.46 15.73
C LEU I 150 48.55 -19.29 17.20
N ASP I 153 44.39 -17.85 16.94
CA ASP I 153 43.32 -18.43 16.13
C ASP I 153 42.00 -17.71 16.39
N ARG I 154 41.47 -17.05 15.36
CA ARG I 154 40.25 -16.28 15.48
C ARG I 154 39.01 -17.07 15.07
N CYS I 155 39.14 -18.37 14.84
CA CYS I 155 38.00 -19.18 14.43
C CYS I 155 36.95 -19.23 15.54
N SER I 156 35.69 -19.14 15.14
CA SER I 156 34.57 -19.15 16.08
C SER I 156 34.03 -20.54 16.34
N VAL I 157 34.58 -21.57 15.70
CA VAL I 157 34.15 -22.95 15.87
C VAL I 157 35.27 -23.72 16.55
N ALA I 158 34.92 -24.42 17.64
CA ALA I 158 35.93 -25.17 18.38
C ALA I 158 36.47 -26.33 17.57
N ALA I 159 35.60 -27.02 16.81
CA ALA I 159 36.02 -28.19 16.06
C ALA I 159 36.92 -27.85 14.87
N LEU I 160 36.85 -26.63 14.34
CA LEU I 160 37.64 -26.24 13.18
C LEU I 160 38.86 -25.41 13.56
N ARG I 161 39.18 -25.29 14.84
CA ARG I 161 40.34 -24.54 15.29
C ARG I 161 41.56 -25.46 15.31
N LEU I 162 42.69 -24.94 14.82
CA LEU I 162 43.91 -25.72 14.75
C LEU I 162 44.45 -25.96 16.16
N ARG I 163 44.80 -27.21 16.45
CA ARG I 163 45.30 -27.58 17.77
C ARG I 163 46.52 -28.50 17.65
N GLU I 166 48.35 -32.76 16.20
CA GLU I 166 47.21 -33.16 15.39
C GLU I 166 47.43 -32.84 13.91
N GLU I 167 48.57 -33.29 13.39
CA GLU I 167 48.90 -33.02 11.99
C GLU I 167 47.89 -33.65 11.02
N PRO I 168 47.49 -34.92 11.16
CA PRO I 168 46.53 -35.50 10.19
C PRO I 168 45.17 -34.81 10.17
N LEU I 169 44.76 -34.15 11.26
CA LEU I 169 43.46 -33.51 11.33
C LEU I 169 43.48 -32.04 10.96
N ASN I 170 44.64 -31.40 10.96
CA ASN I 170 44.70 -29.98 10.62
C ASN I 170 44.54 -29.73 9.13
N GLU I 171 44.99 -30.67 8.28
CA GLU I 171 44.84 -30.50 6.84
C GLU I 171 43.37 -30.45 6.45
N LEU I 172 42.56 -31.35 7.01
CA LEU I 172 41.12 -31.31 6.75
C LEU I 172 40.51 -30.02 7.28
N ARG I 173 40.97 -29.56 8.45
CA ARG I 173 40.44 -28.33 9.02
C ARG I 173 40.69 -27.14 8.09
N ARG I 174 41.93 -26.99 7.60
CA ARG I 174 42.23 -25.87 6.72
C ARG I 174 41.54 -26.00 5.38
N LYS I 175 41.41 -27.23 4.85
CA LYS I 175 40.69 -27.43 3.61
C LYS I 175 39.22 -27.02 3.74
N ILE I 176 38.58 -27.42 4.84
CA ILE I 176 37.18 -27.07 5.06
C ILE I 176 37.03 -25.57 5.26
N ARG I 177 37.95 -24.96 6.01
CA ARG I 177 37.87 -23.52 6.25
C ARG I 177 38.07 -22.72 4.96
N GLN I 178 38.96 -23.18 4.07
CA GLN I 178 39.18 -22.46 2.83
C GLN I 178 38.04 -22.67 1.85
N ASP I 179 37.50 -23.89 1.76
CA ASP I 179 36.44 -24.16 0.79
C ASP I 179 35.18 -23.37 1.11
N LEU I 180 34.82 -23.28 2.39
CA LEU I 180 33.54 -22.67 2.76
C LEU I 180 33.49 -21.18 2.47
N CYS I 181 34.64 -20.52 2.34
CA CYS I 181 34.70 -19.10 2.03
C CYS I 181 34.84 -18.83 0.54
N HIS I 182 34.70 -19.86 -0.29
CA HIS I 182 34.83 -19.73 -1.75
C HIS I 182 33.55 -20.28 -2.39
N PHE I 183 32.54 -19.42 -2.52
CA PHE I 183 31.31 -19.77 -3.21
C PHE I 183 31.33 -19.19 -4.62
N GLU I 184 31.14 -20.03 -5.60
CA GLU I 184 31.15 -19.64 -6.99
C GLU I 184 29.92 -20.23 -7.63
N GLY I 185 29.32 -19.52 -8.57
CA GLY I 185 28.13 -20.03 -9.24
C GLY I 185 28.39 -21.23 -10.13
N ASN I 186 29.53 -21.24 -10.82
CA ASN I 186 29.87 -22.38 -11.68
C ASN I 186 30.05 -23.64 -10.85
N ALA I 187 30.70 -23.53 -9.69
CA ALA I 187 30.85 -24.68 -8.81
C ALA I 187 29.51 -25.13 -8.25
N GLN I 188 28.58 -24.20 -8.05
CA GLN I 188 27.25 -24.57 -7.57
C GLN I 188 26.43 -25.23 -8.67
N GLY I 189 26.74 -24.95 -9.93
CA GLY I 189 26.00 -25.56 -11.03
C GLY I 189 26.18 -27.07 -11.09
N ILE I 190 27.40 -27.55 -10.87
CA ILE I 190 27.65 -28.98 -10.87
C ILE I 190 26.92 -29.66 -9.72
N ARG I 191 26.98 -29.05 -8.53
CA ARG I 191 26.31 -29.61 -7.37
C ARG I 191 24.79 -29.65 -7.56
N LEU I 192 24.23 -28.58 -8.13
CA LEU I 192 22.78 -28.53 -8.35
C LEU I 192 22.34 -29.58 -9.35
N VAL I 193 23.11 -29.79 -10.41
CA VAL I 193 22.71 -30.69 -11.48
C VAL I 193 22.81 -32.16 -11.07
N HIS I 194 23.68 -32.50 -10.12
CA HIS I 194 23.93 -33.88 -9.75
C HIS I 194 23.30 -34.28 -8.42
N THR I 195 23.57 -33.53 -7.35
CA THR I 195 23.14 -33.94 -6.02
C THR I 195 21.73 -33.47 -5.67
N LEU I 196 21.36 -32.24 -6.03
CA LEU I 196 20.08 -31.69 -5.63
C LEU I 196 18.95 -32.07 -6.59
N MET I 197 19.08 -31.71 -7.86
CA MET I 197 18.02 -31.98 -8.82
C MET I 197 17.96 -33.45 -9.23
N ARG I 198 19.09 -34.16 -9.21
CA ARG I 198 19.15 -35.58 -9.57
C ARG I 198 18.61 -35.80 -10.98
N MET I 199 19.15 -35.04 -11.93
CA MET I 199 18.72 -35.15 -13.32
C MET I 199 19.31 -36.38 -14.00
N ASN I 200 20.49 -36.83 -13.57
CA ASN I 200 21.15 -38.01 -14.12
C ASN I 200 21.44 -37.84 -15.61
N LEU I 201 22.26 -36.83 -15.91
CA LEU I 201 22.64 -36.54 -17.29
C LEU I 201 23.83 -37.40 -17.71
N THR I 202 24.10 -37.39 -19.01
CA THR I 202 25.24 -38.12 -19.54
C THR I 202 26.55 -37.45 -19.16
N TRP I 203 27.64 -38.22 -19.24
CA TRP I 203 28.95 -37.69 -18.86
C TRP I 203 29.37 -36.54 -19.78
N ALA I 204 29.08 -36.65 -21.07
CA ALA I 204 29.46 -35.59 -22.01
C ALA I 204 28.71 -34.30 -21.70
N GLN I 205 27.45 -34.40 -21.27
CA GLN I 205 26.68 -33.20 -20.96
C GLN I 205 27.19 -32.50 -19.71
N VAL I 206 27.59 -33.27 -18.69
CA VAL I 206 28.10 -32.66 -17.47
C VAL I 206 29.44 -31.99 -17.71
N GLY I 207 30.28 -32.55 -18.59
CA GLY I 207 31.58 -31.97 -18.85
C GLY I 207 31.53 -30.65 -19.59
N GLY I 208 30.39 -30.34 -20.23
CA GLY I 208 30.27 -29.08 -20.95
C GLY I 208 30.03 -27.88 -20.06
N ILE I 209 29.72 -28.08 -18.79
CA ILE I 209 29.47 -26.99 -17.86
C ILE I 209 30.59 -26.88 -16.83
N LEU I 210 31.74 -27.51 -17.07
CA LEU I 210 32.90 -27.41 -16.20
C LEU I 210 33.83 -26.37 -16.80
N LYS I 211 33.57 -25.13 -16.50
CA LYS I 211 34.32 -24.04 -17.03
C LYS I 211 35.75 -23.90 -16.53
N TYR I 212 35.97 -24.09 -15.24
CA TYR I 212 37.28 -23.97 -14.63
C TYR I 212 37.61 -25.22 -13.83
N THR I 213 38.91 -25.41 -13.58
CA THR I 213 39.40 -26.64 -12.97
C THR I 213 40.05 -26.45 -11.60
N ARG I 214 40.09 -25.22 -11.08
CA ARG I 214 40.73 -25.00 -9.79
C ARG I 214 39.81 -25.48 -8.66
N PRO I 215 40.30 -26.33 -7.76
CA PRO I 215 39.48 -26.73 -6.60
C PRO I 215 39.19 -25.55 -5.70
N ALA I 216 38.04 -25.62 -5.04
CA ALA I 216 37.62 -24.54 -4.15
C ALA I 216 38.50 -24.43 -2.91
N TRP I 217 39.13 -25.52 -2.47
CA TRP I 217 39.99 -25.51 -1.31
C TRP I 217 41.45 -25.22 -1.64
N TRP I 218 41.75 -24.83 -2.85
CA TRP I 218 43.11 -24.56 -3.23
C TRP I 218 43.70 -23.32 -2.60
N ARG I 219 44.84 -23.43 -1.96
CA ARG I 219 45.51 -22.25 -1.43
C ARG I 219 46.95 -22.26 -1.90
N GLY I 220 47.40 -21.19 -2.54
CA GLY I 220 48.76 -21.11 -3.02
C GLY I 220 48.84 -20.56 -4.41
N GLU I 221 49.95 -20.82 -5.10
CA GLU I 221 50.11 -20.39 -6.48
C GLU I 221 49.82 -21.55 -7.43
N THR I 222 49.10 -21.24 -8.50
CA THR I 222 48.76 -22.21 -9.53
C THR I 222 49.91 -22.37 -10.51
N PRO I 223 50.03 -23.53 -11.15
CA PRO I 223 51.08 -23.72 -12.15
C PRO I 223 50.94 -22.74 -13.31
N GLU I 224 52.07 -22.29 -13.84
CA GLU I 224 52.06 -21.33 -14.94
C GLU I 224 51.49 -21.93 -16.22
N THR I 225 51.47 -23.26 -16.34
CA THR I 225 50.92 -23.89 -17.53
C THR I 225 49.39 -23.83 -17.55
N HIS I 226 48.77 -23.63 -16.38
CA HIS I 226 47.31 -23.57 -16.27
C HIS I 226 46.85 -22.32 -15.53
N HIS I 227 47.55 -21.19 -15.71
CA HIS I 227 47.19 -19.99 -14.96
C HIS I 227 45.88 -19.37 -15.44
N TYR I 228 45.43 -19.71 -16.65
CA TYR I 228 44.15 -19.19 -17.13
C TYR I 228 42.99 -20.15 -16.84
N LEU I 229 43.22 -21.45 -16.97
CA LEU I 229 42.16 -22.42 -16.72
C LEU I 229 41.85 -22.58 -15.23
N MET I 230 42.69 -22.03 -14.35
CA MET I 230 42.50 -22.13 -12.92
C MET I 230 42.42 -20.75 -12.26
N LYS I 231 41.86 -19.78 -12.95
CA LYS I 231 41.69 -18.45 -12.42
C LYS I 231 40.54 -18.32 -11.42
N LYS I 232 39.57 -19.22 -11.46
CA LYS I 232 38.41 -19.22 -10.59
C LYS I 232 38.16 -20.64 -10.11
N PRO I 233 37.51 -20.81 -8.96
CA PRO I 233 37.17 -22.16 -8.50
C PRO I 233 36.21 -22.85 -9.45
N GLY I 234 36.35 -24.17 -9.56
CA GLY I 234 35.54 -24.94 -10.48
C GLY I 234 34.58 -25.90 -9.83
N TYR I 235 34.95 -26.47 -8.69
CA TYR I 235 34.10 -27.43 -7.99
C TYR I 235 34.44 -27.43 -6.52
N TYR I 236 33.53 -27.98 -5.72
CA TYR I 236 33.67 -28.00 -4.27
C TYR I 236 34.35 -29.29 -3.81
N LEU I 237 34.56 -29.38 -2.50
CA LEU I 237 35.18 -30.58 -1.93
C LEU I 237 34.20 -31.75 -1.85
N SER I 238 32.91 -31.45 -1.68
CA SER I 238 31.90 -32.51 -1.61
C SER I 238 31.69 -33.22 -2.94
N GLU I 239 32.24 -32.69 -4.03
CA GLU I 239 32.13 -33.30 -5.35
C GLU I 239 33.46 -33.86 -5.84
N GLU I 240 34.45 -34.01 -4.95
CA GLU I 240 35.76 -34.48 -5.36
C GLU I 240 35.69 -35.89 -5.95
N ALA I 241 34.93 -36.77 -5.30
CA ALA I 241 34.79 -38.13 -5.82
C ALA I 241 34.04 -38.16 -7.15
N TYR I 242 33.06 -37.26 -7.33
CA TYR I 242 32.31 -37.23 -8.58
C TYR I 242 33.15 -36.70 -9.73
N ILE I 243 34.02 -35.72 -9.47
CA ILE I 243 34.85 -35.16 -10.54
C ILE I 243 35.91 -36.16 -10.99
N ALA I 244 36.45 -36.96 -10.07
CA ALA I 244 37.43 -37.97 -10.46
C ALA I 244 36.81 -39.01 -11.39
N ARG I 245 35.60 -39.46 -11.09
CA ARG I 245 34.92 -40.40 -11.97
C ARG I 245 34.64 -39.77 -13.33
N LEU I 246 34.27 -38.50 -13.36
CA LEU I 246 34.05 -37.80 -14.63
C LEU I 246 35.33 -37.73 -15.44
N ARG I 247 36.46 -37.41 -14.79
CA ARG I 247 37.73 -37.37 -15.50
C ARG I 247 38.12 -38.74 -16.03
N LYS I 248 37.90 -39.79 -15.24
CA LYS I 248 38.18 -41.15 -15.72
C LYS I 248 37.29 -41.53 -16.89
N GLU I 249 36.04 -41.05 -16.90
CA GLU I 249 35.11 -41.41 -17.97
C GLU I 249 35.40 -40.66 -19.26
N LEU I 250 35.85 -39.41 -19.19
CA LEU I 250 36.08 -38.59 -20.36
C LEU I 250 37.55 -38.51 -20.77
N ASN I 251 38.42 -39.29 -20.12
CA ASN I 251 39.85 -39.34 -20.44
C ASN I 251 40.47 -37.94 -20.37
N LEU I 252 40.29 -37.27 -19.25
CA LEU I 252 40.85 -35.95 -19.01
C LEU I 252 41.91 -36.02 -17.92
N ALA I 253 43.04 -35.36 -18.15
CA ALA I 253 44.09 -35.31 -17.15
C ALA I 253 43.70 -34.33 -16.04
N LEU I 254 44.55 -34.26 -15.01
CA LEU I 254 44.31 -33.36 -13.90
C LEU I 254 44.35 -31.91 -14.40
N TYR I 255 43.37 -31.11 -13.95
CA TYR I 255 43.27 -29.69 -14.30
C TYR I 255 43.11 -29.48 -15.81
N SER I 256 42.38 -30.36 -16.48
CA SER I 256 42.14 -30.26 -17.91
C SER I 256 40.69 -29.91 -18.19
N ARG I 257 40.45 -29.44 -19.41
CA ARG I 257 39.14 -28.97 -19.84
C ARG I 257 38.56 -29.89 -20.91
N PHE I 258 37.23 -29.91 -20.97
CA PHE I 258 36.52 -30.61 -22.03
C PHE I 258 36.60 -29.82 -23.33
N PRO I 259 36.81 -30.48 -24.47
CA PRO I 259 36.99 -29.74 -25.73
C PRO I 259 35.83 -28.84 -26.10
N LEU I 260 34.59 -29.25 -25.83
CA LEU I 260 33.44 -28.47 -26.25
C LEU I 260 33.17 -27.25 -25.37
N THR I 261 33.85 -27.13 -24.23
CA THR I 261 33.61 -25.99 -23.35
C THR I 261 34.06 -24.68 -23.98
N TRP I 262 35.04 -24.74 -24.89
CA TRP I 262 35.54 -23.53 -25.52
C TRP I 262 34.49 -22.84 -26.36
N ILE I 263 33.65 -23.60 -27.06
CA ILE I 263 32.61 -23.03 -27.89
C ILE I 263 31.58 -22.29 -27.03
N MET I 264 31.22 -22.87 -25.88
CA MET I 264 30.27 -22.20 -25.00
C MET I 264 30.85 -20.91 -24.41
N GLU I 265 32.15 -20.89 -24.13
CA GLU I 265 32.77 -19.69 -23.60
C GLU I 265 32.76 -18.55 -24.62
N ALA I 266 33.00 -18.86 -25.89
CA ALA I 266 33.02 -17.82 -26.93
C ALA I 266 31.62 -17.26 -27.17
N ALA I 267 30.59 -18.09 -27.03
CA ALA I 267 29.22 -17.62 -27.24
C ALA I 267 28.82 -16.60 -26.18
N ASP I 268 29.23 -16.80 -24.92
CA ASP I 268 28.89 -15.84 -23.88
C ASP I 268 29.60 -14.52 -24.08
N ASP I 269 30.84 -14.55 -24.57
CA ASP I 269 31.60 -13.32 -24.80
C ASP I 269 31.01 -12.46 -25.90
N ILE I 270 30.39 -13.08 -26.91
CA ILE I 270 29.76 -12.30 -27.97
C ILE I 270 28.51 -11.58 -27.45
N SER I 271 27.68 -12.28 -26.69
CA SER I 271 26.45 -11.72 -26.14
C SER I 271 26.66 -11.17 -24.73
N TYR I 272 27.57 -10.25 -24.57
CA TYR I 272 27.89 -9.71 -23.27
C TYR I 272 27.23 -8.36 -22.95
N CYS I 273 27.31 -7.37 -23.86
CA CYS I 273 26.75 -6.05 -23.61
C CYS I 273 25.73 -5.58 -24.63
N VAL I 274 25.65 -6.24 -25.80
CA VAL I 274 24.77 -5.76 -26.87
C VAL I 274 23.32 -5.73 -26.45
N ALA I 275 22.87 -6.72 -25.67
CA ALA I 275 21.48 -6.74 -25.21
C ALA I 275 21.19 -5.63 -24.21
N ASP I 276 22.14 -5.31 -23.34
CA ASP I 276 21.93 -4.27 -22.35
C ASP I 276 21.79 -2.90 -23.00
N LEU I 277 22.53 -2.65 -24.08
CA LEU I 277 22.40 -1.39 -24.79
C LEU I 277 21.00 -1.23 -25.37
N GLU I 278 20.44 -2.31 -25.94
CA GLU I 278 19.07 -2.26 -26.44
C GLU I 278 18.07 -2.10 -25.31
N ASP I 279 18.31 -2.76 -24.17
CA ASP I 279 17.40 -2.62 -23.03
C ASP I 279 17.43 -1.21 -22.45
N ALA I 280 18.56 -0.52 -22.58
CA ALA I 280 18.65 0.85 -22.08
C ALA I 280 17.75 1.79 -22.86
N VAL I 281 17.65 1.59 -24.18
CA VAL I 281 16.81 2.45 -25.00
C VAL I 281 15.34 2.27 -24.64
N GLU I 282 14.92 1.03 -24.39
CA GLU I 282 13.54 0.75 -24.02
C GLU I 282 13.14 1.38 -22.69
N LYS I 283 14.11 1.73 -21.84
CA LYS I 283 13.83 2.40 -20.58
C LYS I 283 14.04 3.91 -20.67
N ARG I 284 14.20 4.44 -21.88
CA ARG I 284 14.30 5.88 -22.13
C ARG I 284 15.51 6.51 -21.43
N ILE I 285 16.58 5.73 -21.26
CA ILE I 285 17.83 6.31 -20.77
C ILE I 285 18.38 7.29 -21.80
N PHE I 286 18.31 6.87 -23.05
CA PHE I 286 18.66 7.72 -24.18
C PHE I 286 17.86 7.27 -25.40
N THR I 287 18.11 7.89 -26.54
CA THR I 287 17.40 7.54 -27.76
C THR I 287 18.33 6.79 -28.70
N VAL I 288 17.75 6.29 -29.79
CA VAL I 288 18.53 5.54 -30.77
C VAL I 288 19.58 6.43 -31.41
N GLU I 289 19.22 7.66 -31.75
CA GLU I 289 20.18 8.60 -32.33
C GLU I 289 21.30 8.92 -31.34
N GLN I 290 20.95 9.10 -30.05
CA GLN I 290 21.97 9.37 -29.04
C GLN I 290 22.92 8.19 -28.90
N LEU I 291 22.39 6.97 -28.91
CA LEU I 291 23.23 5.79 -28.82
C LEU I 291 24.14 5.67 -30.04
N TYR I 292 23.62 5.97 -31.23
CA TYR I 292 24.44 5.93 -32.43
C TYR I 292 25.56 6.97 -32.37
N HIS I 293 25.24 8.17 -31.88
CA HIS I 293 26.27 9.19 -31.73
C HIS I 293 27.33 8.77 -30.71
N HIS I 294 26.89 8.16 -29.60
CA HIS I 294 27.84 7.68 -28.60
C HIS I 294 28.75 6.60 -29.16
N LEU I 295 28.19 5.67 -29.94
CA LEU I 295 29.00 4.64 -30.56
C LEU I 295 29.98 5.22 -31.56
N HIS I 296 29.55 6.20 -32.35
CA HIS I 296 30.44 6.85 -33.31
C HIS I 296 31.57 7.57 -32.60
N GLU I 297 31.27 8.23 -31.48
CA GLU I 297 32.31 8.93 -30.72
C GLU I 297 33.29 7.95 -30.08
N ALA I 298 32.79 6.84 -29.55
CA ALA I 298 33.65 5.89 -28.86
C ALA I 298 34.47 5.05 -29.83
N TRP I 299 33.96 4.82 -31.05
CA TRP I 299 34.66 3.96 -31.99
C TRP I 299 35.96 4.60 -32.46
N GLY I 300 35.93 5.88 -32.81
CA GLY I 300 37.10 6.58 -33.27
C GLY I 300 36.92 7.25 -34.62
N PHE I 308 33.03 -0.58 -37.87
CA PHE I 308 31.88 0.26 -37.57
C PHE I 308 31.07 0.51 -38.84
N SER I 309 31.77 0.87 -39.91
CA SER I 309 31.09 1.13 -41.18
C SER I 309 30.43 -0.12 -41.73
N LEU I 310 31.12 -1.26 -41.67
CA LEU I 310 30.57 -2.49 -42.23
C LEU I 310 29.49 -3.09 -41.34
N VAL I 311 29.54 -2.82 -40.04
CA VAL I 311 28.66 -3.45 -39.06
C VAL I 311 27.58 -2.50 -38.58
N VAL I 312 27.97 -1.34 -38.05
CA VAL I 312 27.02 -0.42 -37.41
C VAL I 312 26.38 0.48 -38.45
N GLU I 313 27.19 1.04 -39.36
CA GLU I 313 26.67 1.95 -40.37
C GLU I 313 25.70 1.25 -41.30
N ASN I 314 25.96 -0.01 -41.65
CA ASN I 314 25.05 -0.75 -42.52
C ASN I 314 23.69 -0.91 -41.85
N ALA I 315 23.67 -1.17 -40.54
CA ALA I 315 22.40 -1.31 -39.84
C ALA I 315 21.70 0.03 -39.65
N TRP I 316 22.47 1.11 -39.47
CA TRP I 316 21.86 2.42 -39.23
C TRP I 316 21.08 2.90 -40.44
N GLU I 317 21.62 2.69 -41.64
CA GLU I 317 20.97 3.12 -42.87
C GLU I 317 19.91 2.12 -43.36
N LYS I 318 19.76 0.99 -42.69
CA LYS I 318 18.79 -0.03 -43.09
C LYS I 318 17.52 0.02 -42.24
N SER I 319 17.33 1.09 -41.47
CA SER I 319 16.15 1.22 -40.62
C SER I 319 15.37 2.51 -40.90
N THR I 328 12.53 2.42 -36.36
CA THR I 328 13.96 2.70 -36.27
C THR I 328 14.64 2.07 -35.07
N GLU I 329 13.88 1.69 -34.04
CA GLU I 329 14.45 1.06 -32.86
C GLU I 329 14.58 -0.45 -33.03
N ASP I 330 13.53 -1.07 -33.55
CA ASP I 330 13.52 -2.51 -33.77
C ASP I 330 14.05 -2.85 -35.15
N GLN I 331 14.80 -1.93 -35.73
CA GLN I 331 15.37 -2.14 -37.05
C GLN I 331 16.85 -1.77 -37.10
N PHE I 332 17.38 -1.28 -35.98
CA PHE I 332 18.80 -0.92 -35.92
C PHE I 332 19.62 -2.06 -35.33
N PHE I 333 19.12 -2.66 -34.26
CA PHE I 333 19.84 -3.75 -33.62
C PHE I 333 19.65 -5.06 -34.39
N MET I 334 18.50 -5.23 -35.04
CA MET I 334 18.20 -6.46 -35.76
C MET I 334 19.22 -6.73 -36.86
N TYR I 335 19.79 -5.67 -37.44
CA TYR I 335 20.83 -5.83 -38.45
C TYR I 335 22.24 -5.70 -37.88
N LEU I 336 22.40 -4.96 -36.78
CA LEU I 336 23.70 -4.89 -36.13
C LEU I 336 24.13 -6.27 -35.61
N ARG I 337 23.18 -7.01 -35.03
CA ARG I 337 23.50 -8.35 -34.53
C ARG I 337 23.95 -9.26 -35.68
N VAL I 338 23.25 -9.21 -36.81
CA VAL I 338 23.61 -10.03 -37.97
C VAL I 338 24.99 -9.62 -38.48
N ASN I 339 25.24 -8.31 -38.56
CA ASN I 339 26.50 -7.82 -39.10
C ASN I 339 27.67 -8.23 -38.22
N THR I 340 27.52 -8.18 -36.90
CA THR I 340 28.61 -8.59 -36.03
C THR I 340 28.77 -10.11 -35.99
N LEU I 341 27.67 -10.86 -36.10
CA LEU I 341 27.78 -12.32 -36.12
C LEU I 341 28.52 -12.79 -37.37
N ASN I 342 28.18 -12.22 -38.53
CA ASN I 342 28.81 -12.65 -39.78
C ASN I 342 30.30 -12.35 -39.81
N LYS I 343 30.80 -11.48 -38.93
CA LYS I 343 32.21 -11.19 -38.84
C LYS I 343 32.91 -11.89 -37.68
N LEU I 344 32.17 -12.27 -36.64
CA LEU I 344 32.78 -12.89 -35.48
C LEU I 344 32.76 -14.42 -35.52
N VAL I 345 31.68 -15.03 -36.03
CA VAL I 345 31.57 -16.49 -36.01
C VAL I 345 32.67 -17.16 -36.83
N PRO I 346 32.94 -16.77 -38.08
CA PRO I 346 34.02 -17.44 -38.82
C PRO I 346 35.38 -17.34 -38.14
N TYR I 347 35.68 -16.21 -37.49
CA TYR I 347 36.94 -16.09 -36.78
C TYR I 347 37.03 -17.10 -35.63
N ALA I 348 35.94 -17.27 -34.88
CA ALA I 348 35.93 -18.24 -33.81
C ALA I 348 36.08 -19.66 -34.35
N ALA I 349 35.41 -19.97 -35.45
CA ALA I 349 35.54 -21.30 -36.05
C ALA I 349 36.97 -21.56 -36.50
N GLN I 350 37.60 -20.58 -37.15
CA GLN I 350 38.98 -20.75 -37.59
C GLN I 350 39.94 -20.90 -36.40
N ARG I 351 39.72 -20.12 -35.33
CA ARG I 351 40.57 -20.25 -34.14
C ARG I 351 40.41 -21.63 -33.51
N PHE I 352 39.18 -22.14 -33.46
CA PHE I 352 38.95 -23.48 -32.92
C PHE I 352 39.65 -24.53 -33.76
N ILE I 353 39.55 -24.41 -35.09
CA ILE I 353 40.13 -25.43 -35.97
C ILE I 353 41.65 -25.39 -35.95
N ASP I 354 42.25 -24.20 -35.91
CA ASP I 354 43.70 -24.09 -35.99
C ASP I 354 44.39 -24.75 -34.78
N ASN I 355 43.94 -24.41 -33.59
CA ASN I 355 44.52 -24.96 -32.36
C ASN I 355 43.75 -26.19 -31.88
N LEU I 356 43.62 -27.18 -32.75
CA LEU I 356 42.79 -28.35 -32.45
C LEU I 356 43.49 -29.35 -31.52
N PRO I 357 44.75 -29.73 -31.75
CA PRO I 357 45.39 -30.70 -30.83
C PRO I 357 45.43 -30.24 -29.39
N ALA I 358 45.72 -28.95 -29.14
CA ALA I 358 45.77 -28.45 -27.77
C ALA I 358 44.41 -28.44 -27.12
N ILE I 359 43.37 -28.06 -27.86
CA ILE I 359 42.01 -28.06 -27.32
C ILE I 359 41.57 -29.48 -27.02
N PHE I 360 41.88 -30.42 -27.92
CA PHE I 360 41.51 -31.82 -27.68
C PHE I 360 42.24 -32.39 -26.47
N ALA I 361 43.52 -32.04 -26.30
CA ALA I 361 44.24 -32.49 -25.12
C ALA I 361 43.72 -31.82 -23.85
N GLY I 362 43.13 -30.65 -23.97
CA GLY I 362 42.60 -29.93 -22.83
C GLY I 362 43.59 -29.03 -22.12
N THR I 363 44.72 -28.71 -22.77
CA THR I 363 45.75 -27.89 -22.15
C THR I 363 45.92 -26.54 -22.83
N PHE I 364 44.92 -26.08 -23.59
CA PHE I 364 44.99 -24.78 -24.25
C PHE I 364 44.75 -23.69 -23.23
N ASN I 365 45.77 -22.87 -22.96
CA ASN I 365 45.73 -21.87 -21.89
C ASN I 365 45.27 -20.51 -22.39
N HIS I 366 44.48 -20.46 -23.46
CA HIS I 366 43.98 -19.21 -24.00
C HIS I 366 42.51 -19.38 -24.37
N ALA I 367 41.89 -18.26 -24.73
CA ALA I 367 40.52 -18.25 -25.21
C ALA I 367 40.47 -18.06 -26.73
N LEU I 368 39.35 -18.44 -27.33
CA LEU I 368 39.21 -18.34 -28.78
C LEU I 368 39.27 -16.88 -29.22
N LEU I 369 38.61 -15.99 -28.49
CA LEU I 369 38.62 -14.56 -28.82
C LEU I 369 39.65 -13.81 -28.00
N ALA I 372 43.54 -10.42 -30.14
CA ALA I 372 44.29 -9.18 -30.35
C ALA I 372 44.28 -8.76 -31.81
N SER I 373 43.08 -8.49 -32.33
CA SER I 373 42.92 -8.08 -33.71
C SER I 373 41.72 -7.14 -33.79
N GLU I 374 41.25 -6.88 -35.02
CA GLU I 374 40.10 -5.99 -35.21
C GLU I 374 38.82 -6.62 -34.67
N CYS I 375 38.82 -7.93 -34.48
CA CYS I 375 37.66 -8.64 -33.96
C CYS I 375 37.52 -8.46 -32.45
N SER I 376 38.61 -8.69 -31.72
CA SER I 376 38.59 -8.51 -30.27
C SER I 376 38.48 -7.04 -29.88
N ASP I 377 39.01 -6.12 -30.69
CA ASP I 377 38.88 -4.70 -30.37
C ASP I 377 37.45 -4.21 -30.53
N LEU I 378 36.68 -4.84 -31.41
CA LEU I 378 35.29 -4.45 -31.60
C LEU I 378 34.44 -4.70 -30.36
N LEU I 379 34.64 -5.81 -29.67
CA LEU I 379 33.87 -6.11 -28.46
C LEU I 379 34.11 -5.06 -27.38
N LYS I 380 35.34 -4.56 -27.26
CA LYS I 380 35.63 -3.52 -26.28
C LYS I 380 34.85 -2.24 -26.55
N LEU I 381 34.44 -2.03 -27.81
CA LEU I 381 33.61 -0.86 -28.12
C LEU I 381 32.27 -0.92 -27.38
N TYR I 382 31.64 -2.08 -27.44
CA TYR I 382 30.38 -2.28 -26.75
C TYR I 382 30.61 -2.36 -25.25
N LYS I 383 31.77 -2.87 -24.85
CA LYS I 383 32.11 -2.99 -23.44
C LYS I 383 32.24 -1.63 -22.78
N ASN I 384 32.91 -0.69 -23.45
CA ASN I 384 33.19 0.61 -22.83
C ASN I 384 31.95 1.49 -22.78
N VAL I 385 31.11 1.42 -23.81
CA VAL I 385 29.89 2.23 -23.81
C VAL I 385 28.92 1.76 -22.73
N ALA I 386 28.82 0.44 -22.51
CA ALA I 386 27.89 -0.09 -21.53
C ALA I 386 28.28 0.26 -20.10
N VAL I 387 29.58 0.24 -19.79
CA VAL I 387 30.00 0.49 -18.41
C VAL I 387 29.88 1.97 -18.05
N LYS I 388 29.89 2.86 -19.04
CA LYS I 388 29.91 4.28 -18.79
C LYS I 388 28.51 4.90 -18.78
N HIS I 389 27.59 4.37 -19.59
CA HIS I 389 26.27 4.98 -19.75
C HIS I 389 25.13 4.14 -19.23
N VAL I 390 25.32 2.85 -18.96
CA VAL I 390 24.27 1.95 -18.52
C VAL I 390 24.53 1.41 -17.12
N PHE I 391 25.74 0.88 -16.89
CA PHE I 391 26.04 0.27 -15.61
C PHE I 391 26.22 1.30 -14.50
N SER I 392 26.37 2.57 -14.87
CA SER I 392 26.57 3.64 -13.90
C SER I 392 25.29 4.40 -13.59
N HIS I 393 24.14 3.93 -14.07
CA HIS I 393 22.89 4.60 -13.80
C HIS I 393 22.55 4.50 -12.31
N PRO I 394 21.97 5.55 -11.72
CA PRO I 394 21.65 5.50 -10.28
C PRO I 394 20.69 4.37 -9.92
N ASP I 395 19.73 4.05 -10.79
CA ASP I 395 18.78 2.99 -10.48
C ASP I 395 19.44 1.61 -10.47
N VAL I 396 20.42 1.40 -11.35
CA VAL I 396 21.15 0.12 -11.36
C VAL I 396 22.03 0.02 -10.12
N GLU I 397 22.67 1.13 -9.73
CA GLU I 397 23.58 1.10 -8.59
C GLU I 397 22.84 0.90 -7.27
N ARG I 398 21.63 1.42 -7.14
CA ARG I 398 20.88 1.29 -5.90
C ARG I 398 20.52 -0.17 -5.63
N LEU I 399 20.11 -0.91 -6.67
CA LEU I 399 19.70 -2.30 -6.48
C LEU I 399 20.87 -3.17 -6.04
N GLU I 400 22.08 -2.78 -6.36
CA GLU I 400 23.23 -3.55 -5.98
C GLU I 400 23.49 -3.45 -4.51
N LEU I 401 23.27 -2.28 -3.93
CA LEU I 401 23.46 -2.10 -2.50
C LEU I 401 22.33 -2.74 -1.70
N GLN I 402 21.10 -2.70 -2.20
CA GLN I 402 19.99 -3.32 -1.48
C GLN I 402 20.11 -4.84 -1.46
N GLY I 403 20.60 -5.42 -2.55
CA GLY I 403 20.77 -6.86 -2.58
C GLY I 403 21.83 -7.37 -1.62
N TYR I 404 22.90 -6.59 -1.43
CA TYR I 404 23.93 -6.98 -0.48
C TYR I 404 23.40 -7.00 0.94
N ARG I 405 22.50 -6.07 1.28
CA ARG I 405 21.94 -6.03 2.62
C ARG I 405 20.96 -7.17 2.87
N VAL I 406 20.23 -7.61 1.84
CA VAL I 406 19.23 -8.64 2.02
C VAL I 406 19.88 -9.98 2.33
N ILE I 407 20.94 -10.33 1.59
CA ILE I 407 21.59 -11.63 1.78
C ILE I 407 22.29 -11.69 3.14
N SER I 408 22.90 -10.58 3.57
CA SER I 408 23.56 -10.56 4.87
C SER I 408 22.56 -10.75 6.00
N GLY I 409 21.39 -10.13 5.90
CA GLY I 409 20.38 -10.28 6.92
C GLY I 409 19.83 -11.68 7.03
N LEU I 410 19.63 -12.35 5.89
CA LEU I 410 19.10 -13.72 5.92
C LEU I 410 20.06 -14.68 6.60
N LEU I 411 21.37 -14.49 6.41
CA LEU I 411 22.34 -15.38 7.05
C LEU I 411 22.38 -15.14 8.57
N GLU I 412 22.08 -13.95 9.03
CA GLU I 412 22.06 -13.69 10.46
C GLU I 412 20.82 -14.30 11.10
N ILE I 413 19.71 -14.36 10.39
CA ILE I 413 18.50 -14.93 10.95
C ILE I 413 18.70 -16.42 11.24
N TYR I 414 19.38 -17.13 10.35
CA TYR I 414 19.60 -18.57 10.49
C TYR I 414 20.89 -18.89 11.25
N ARG I 415 21.52 -17.90 11.85
CA ARG I 415 22.71 -18.18 12.60
C ARG I 415 22.53 -19.13 13.80
N PRO I 416 21.39 -19.09 14.53
CA PRO I 416 21.22 -20.07 15.61
C PRO I 416 21.31 -21.52 15.16
N LEU I 417 20.98 -21.83 13.90
CA LEU I 417 21.12 -23.20 13.43
C LEU I 417 22.56 -23.66 13.42
N LEU I 418 23.51 -22.76 13.16
CA LEU I 418 24.91 -23.10 13.13
C LEU I 418 25.55 -23.15 14.51
N SER I 419 24.88 -22.65 15.54
CA SER I 419 25.44 -22.62 16.89
C SER I 419 25.08 -23.85 17.72
N LEU I 420 24.22 -24.72 17.20
CA LEU I 420 23.82 -25.91 17.94
C LEU I 420 24.94 -26.94 17.96
N SER I 421 24.75 -28.00 18.74
CA SER I 421 25.72 -29.08 18.85
C SER I 421 25.32 -30.24 17.94
N LEU I 422 26.20 -31.23 17.83
CA LEU I 422 25.93 -32.38 16.97
C LEU I 422 24.72 -33.16 17.47
N SER I 423 24.64 -33.40 18.77
CA SER I 423 23.52 -34.16 19.33
C SER I 423 22.21 -33.42 19.16
N ASP I 424 22.21 -32.11 19.41
CA ASP I 424 20.98 -31.32 19.28
C ASP I 424 20.49 -31.31 17.84
N PHE I 425 21.40 -31.11 16.87
CA PHE I 425 20.98 -31.11 15.48
C PHE I 425 20.54 -32.49 15.02
N THR I 426 21.18 -33.55 15.52
CA THR I 426 20.73 -34.91 15.19
C THR I 426 19.33 -35.16 15.72
N GLU I 427 19.05 -34.71 16.95
CA GLU I 427 17.71 -34.85 17.50
C GLU I 427 16.71 -34.04 16.68
N LEU I 428 17.11 -32.85 16.25
CA LEU I 428 16.22 -32.02 15.43
C LEU I 428 15.89 -32.69 14.11
N VAL I 429 16.89 -33.27 13.44
CA VAL I 429 16.64 -33.89 12.14
C VAL I 429 15.95 -35.24 12.28
N GLU I 430 16.04 -35.88 13.44
CA GLU I 430 15.45 -37.21 13.62
C GLU I 430 14.04 -37.16 14.19
N LYS I 431 13.82 -36.39 15.25
CA LYS I 431 12.53 -36.36 15.93
C LYS I 431 11.52 -35.45 15.23
N GLU I 432 11.97 -34.25 14.85
CA GLU I 432 11.20 -33.20 14.18
C GLU I 432 10.19 -32.54 15.12
N ARG I 433 10.02 -33.04 16.34
CA ARG I 433 9.15 -32.43 17.35
C ARG I 433 9.96 -32.33 18.64
N VAL I 434 10.69 -31.23 18.79
CA VAL I 434 11.59 -31.02 19.92
C VAL I 434 10.98 -30.01 20.87
N LYS I 435 10.94 -30.37 22.16
CA LYS I 435 10.41 -29.49 23.19
C LYS I 435 11.47 -28.63 23.85
N ARG I 436 12.74 -28.79 23.46
CA ARG I 436 13.82 -28.01 24.05
C ARG I 436 14.29 -26.86 23.17
N PHE I 437 14.00 -26.90 21.87
CA PHE I 437 14.44 -25.87 20.93
C PHE I 437 13.24 -25.41 20.12
N PRO I 438 12.40 -24.54 20.69
CA PRO I 438 11.22 -24.07 19.93
C PRO I 438 11.59 -23.17 18.77
N ILE I 439 12.52 -22.23 18.97
CA ILE I 439 12.89 -21.31 17.89
C ILE I 439 13.68 -22.05 16.81
N GLU I 440 14.63 -22.90 17.21
CA GLU I 440 15.48 -23.57 16.22
C GLU I 440 14.70 -24.55 15.37
N SER I 441 13.75 -25.27 15.97
CA SER I 441 12.98 -26.25 15.20
C SER I 441 12.12 -25.58 14.14
N ARG I 442 11.51 -24.44 14.44
CA ARG I 442 10.66 -23.75 13.48
C ARG I 442 11.45 -23.22 12.29
N LEU I 443 12.68 -22.74 12.52
CA LEU I 443 13.53 -22.32 11.42
C LEU I 443 13.90 -23.50 10.53
N PHE I 444 14.04 -24.69 11.13
CA PHE I 444 14.45 -25.87 10.38
C PHE I 444 13.38 -26.29 9.37
N HIS I 445 12.10 -26.12 9.70
CA HIS I 445 11.05 -26.54 8.79
C HIS I 445 10.90 -25.63 7.58
N LYS I 446 11.54 -24.46 7.58
CA LYS I 446 11.46 -23.56 6.43
C LYS I 446 12.37 -23.98 5.29
N LEU I 447 13.38 -24.81 5.56
CA LEU I 447 14.27 -25.27 4.50
C LEU I 447 13.52 -26.22 3.56
N SER I 448 13.91 -26.19 2.29
CA SER I 448 13.29 -27.04 1.29
C SER I 448 13.59 -28.51 1.58
N THR I 449 12.66 -29.38 1.16
CA THR I 449 12.80 -30.80 1.45
C THR I 449 13.95 -31.45 0.68
N ARG I 450 14.24 -30.96 -0.52
CA ARG I 450 15.32 -31.56 -1.32
C ARG I 450 16.68 -31.32 -0.65
N HIS I 451 16.90 -30.12 -0.10
CA HIS I 451 18.16 -29.85 0.58
C HIS I 451 18.31 -30.70 1.83
N ARG I 452 17.23 -30.88 2.59
CA ARG I 452 17.27 -31.75 3.76
C ARG I 452 17.55 -33.19 3.38
N LEU I 453 16.93 -33.67 2.30
CA LEU I 453 17.19 -35.02 1.83
C LEU I 453 18.66 -35.18 1.40
N ALA I 454 19.20 -34.18 0.72
CA ALA I 454 20.61 -34.23 0.33
C ALA I 454 21.51 -34.27 1.55
N TYR I 455 21.20 -33.46 2.57
CA TYR I 455 21.98 -33.50 3.80
C TYR I 455 21.92 -34.87 4.47
N VAL I 456 20.73 -35.45 4.54
CA VAL I 456 20.57 -36.76 5.16
C VAL I 456 21.36 -37.81 4.41
N GLU I 457 21.29 -37.80 3.08
CA GLU I 457 22.04 -38.76 2.29
C GLU I 457 23.55 -38.57 2.46
N ALA I 458 24.00 -37.31 2.53
CA ALA I 458 25.43 -37.04 2.66
C ALA I 458 25.96 -37.51 4.01
N VAL I 459 25.26 -37.20 5.10
CA VAL I 459 25.75 -37.60 6.42
C VAL I 459 25.45 -39.06 6.73
N SER I 460 24.60 -39.71 5.94
CA SER I 460 24.28 -41.11 6.16
C SER I 460 25.33 -42.08 5.62
N LYS I 461 26.52 -41.58 5.29
CA LYS I 461 27.57 -42.41 4.71
C LYS I 461 28.90 -42.34 5.46
N LEU I 462 29.17 -41.27 6.20
CA LEU I 462 30.45 -41.15 6.86
C LEU I 462 30.57 -42.14 8.02
N PRO I 463 31.77 -42.68 8.25
CA PRO I 463 31.98 -43.56 9.42
C PRO I 463 31.66 -42.84 10.73
N SER I 464 30.67 -43.36 11.47
CA SER I 464 30.28 -42.73 12.72
C SER I 464 31.39 -42.79 13.76
N ASP I 465 32.09 -43.92 13.85
CA ASP I 465 33.15 -44.10 14.85
C ASP I 465 34.49 -43.69 14.26
N SER I 466 34.60 -42.41 13.95
CA SER I 466 35.80 -41.81 13.40
C SER I 466 36.03 -40.46 14.05
N PRO I 467 37.28 -40.01 14.14
CA PRO I 467 37.55 -38.69 14.74
C PRO I 467 37.34 -37.54 13.76
N GLU I 468 36.73 -37.84 12.61
CA GLU I 468 36.45 -36.83 11.59
C GLU I 468 34.97 -36.53 11.43
N PHE I 469 34.09 -37.19 12.19
CA PHE I 469 32.66 -36.98 12.02
C PHE I 469 32.21 -35.55 12.29
N PRO I 470 32.60 -34.88 13.39
CA PRO I 470 32.12 -33.51 13.62
C PRO I 470 32.51 -32.53 12.51
N LEU I 471 33.73 -32.65 11.98
CA LEU I 471 34.18 -31.74 10.94
C LEU I 471 33.34 -31.88 9.68
N TRP I 472 33.15 -33.12 9.23
CA TRP I 472 32.33 -33.36 8.04
C TRP I 472 30.88 -32.95 8.27
N GLU I 473 30.36 -33.19 9.48
CA GLU I 473 28.99 -32.81 9.78
C GLU I 473 28.82 -31.30 9.72
N TYR I 474 29.78 -30.55 10.27
CA TYR I 474 29.72 -29.09 10.21
C TYR I 474 29.83 -28.60 8.77
N TYR I 475 30.72 -29.21 7.99
CA TYR I 475 30.86 -28.83 6.59
C TYR I 475 29.56 -29.04 5.82
N TYR I 476 28.92 -30.20 6.03
CA TYR I 476 27.67 -30.49 5.34
C TYR I 476 26.54 -29.60 5.83
N ARG I 477 26.53 -29.23 7.11
CA ARG I 477 25.53 -28.28 7.60
C ARG I 477 25.70 -26.91 6.96
N CYS I 478 26.94 -26.44 6.85
CA CYS I 478 27.19 -25.16 6.19
C CYS I 478 26.80 -25.23 4.71
N ARG I 479 27.08 -26.35 4.05
CA ARG I 479 26.67 -26.51 2.66
C ARG I 479 25.15 -26.51 2.53
N LEU I 480 24.45 -27.16 3.47
CA LEU I 480 22.99 -27.15 3.46
C LEU I 480 22.46 -25.73 3.64
N LEU I 481 23.08 -24.95 4.50
CA LEU I 481 22.67 -23.57 4.67
C LEU I 481 22.92 -22.75 3.41
N GLN I 482 24.04 -23.00 2.74
CA GLN I 482 24.37 -22.24 1.53
C GLN I 482 23.46 -22.62 0.36
N ASP I 483 23.02 -23.88 0.28
CA ASP I 483 22.16 -24.29 -0.81
C ASP I 483 20.80 -23.59 -0.75
N TYR I 484 20.26 -23.40 0.47
CA TYR I 484 18.95 -22.80 0.63
C TYR I 484 18.95 -21.34 0.19
N ILE I 485 20.01 -20.59 0.50
CA ILE I 485 20.07 -19.18 0.16
C ILE I 485 20.22 -18.99 -1.35
N SER I 486 21.11 -19.75 -1.97
CA SER I 486 21.42 -19.55 -3.39
C SER I 486 20.34 -20.07 -4.32
N GLY I 487 19.36 -20.80 -3.82
CA GLY I 487 18.33 -21.36 -4.68
C GLY I 487 17.07 -20.53 -4.74
N MET I 488 17.17 -19.25 -4.41
CA MET I 488 16.02 -18.35 -4.37
C MET I 488 16.05 -17.36 -5.52
N THR I 489 14.86 -16.96 -5.95
CA THR I 489 14.73 -15.79 -6.80
C THR I 489 14.86 -14.52 -5.96
N ASP I 490 15.33 -13.48 -6.61
CA ASP I 490 15.52 -12.15 -6.04
C ASP I 490 14.28 -11.64 -5.37
N LEU I 491 13.15 -11.90 -5.99
CA LEU I 491 11.87 -11.43 -5.47
C LEU I 491 11.43 -12.22 -4.24
N TYR I 492 11.72 -13.52 -4.20
CA TYR I 492 11.35 -14.33 -3.04
C TYR I 492 12.21 -14.01 -1.84
N ALA I 493 13.52 -13.80 -2.06
CA ALA I 493 14.42 -13.51 -0.96
C ALA I 493 14.07 -12.19 -0.28
N TRP I 494 13.73 -11.17 -1.08
CA TRP I 494 13.35 -9.88 -0.50
C TRP I 494 12.08 -10.02 0.35
N ASP I 495 11.09 -10.75 -0.17
CA ASP I 495 9.85 -10.93 0.58
C ASP I 495 10.10 -11.70 1.88
N GLU I 496 10.90 -12.76 1.82
CA GLU I 496 11.19 -13.52 3.03
C GLU I 496 11.96 -12.69 4.04
N TYR I 497 12.91 -11.88 3.58
CA TYR I 497 13.68 -11.02 4.48
C TYR I 497 12.77 -10.00 5.16
N ARG I 498 11.86 -9.40 4.39
CA ARG I 498 10.94 -8.43 4.99
C ARG I 498 9.97 -9.09 5.95
N ARG I 499 9.49 -10.27 5.66
CA ARG I 499 8.57 -10.94 6.55
C ARG I 499 9.22 -11.45 7.83
N LEU I 500 10.42 -11.97 7.73
CA LEU I 500 11.10 -12.48 8.91
C LEU I 500 11.58 -11.38 9.85
N MET I 501 11.61 -10.13 9.41
CA MET I 501 11.99 -9.00 10.25
C MET I 501 10.78 -8.25 10.79
N ALA I 502 9.58 -8.81 10.65
CA ALA I 502 8.34 -8.21 11.17
C ALA I 502 8.11 -6.82 10.59
N VAL I 503 8.41 -6.66 9.30
CA VAL I 503 8.20 -5.40 8.60
C VAL I 503 6.95 -5.46 7.73
N GLU I 504 6.73 -6.56 7.02
CA GLU I 504 5.56 -6.70 6.17
C GLU I 504 4.47 -7.51 6.87
N GLN J 3 -6.42 65.66 -17.83
CA GLN J 3 -5.55 65.91 -16.68
C GLN J 3 -5.34 64.64 -15.88
N ILE J 4 -4.09 64.21 -15.76
CA ILE J 4 -3.74 63.00 -15.02
C ILE J 4 -3.56 63.37 -13.55
N ASP J 5 -4.29 62.67 -12.69
CA ASP J 5 -4.22 62.91 -11.25
C ASP J 5 -4.43 61.57 -10.55
N PHE J 6 -3.36 61.00 -9.99
CA PHE J 6 -3.41 59.69 -9.36
C PHE J 6 -4.07 59.71 -7.99
N ARG J 7 -4.35 60.89 -7.43
CA ARG J 7 -5.07 60.95 -6.17
C ARG J 7 -6.52 60.51 -6.31
N LYS J 8 -7.10 60.66 -7.50
CA LYS J 8 -8.47 60.20 -7.76
C LYS J 8 -8.55 58.71 -8.08
N LYS J 9 -7.41 58.05 -8.20
CA LYS J 9 -7.36 56.61 -8.48
C LYS J 9 -6.95 55.79 -7.27
N ILE J 10 -6.00 56.27 -6.47
CA ILE J 10 -5.57 55.57 -5.28
C ILE J 10 -6.56 55.83 -4.15
N ASN J 11 -7.48 54.89 -3.94
CA ASN J 11 -8.53 55.04 -2.94
C ASN J 11 -8.20 54.16 -1.74
N TRP J 12 -8.15 54.78 -0.56
CA TRP J 12 -7.84 54.08 0.68
C TRP J 12 -9.08 53.83 1.54
N HIS J 13 -10.26 54.02 0.99
CA HIS J 13 -11.50 53.75 1.72
C HIS J 13 -11.84 52.27 1.61
N ARG J 14 -12.71 51.82 2.52
CA ARG J 14 -13.17 50.44 2.57
C ARG J 14 -14.68 50.41 2.41
N ARG J 15 -15.22 49.19 2.31
CA ARG J 15 -16.66 49.00 2.19
C ARG J 15 -17.36 48.97 3.52
N TYR J 16 -16.73 48.39 4.55
CA TYR J 16 -17.30 48.32 5.89
C TYR J 16 -16.35 48.99 6.87
N ARG J 17 -16.91 49.83 7.75
CA ARG J 17 -16.14 50.59 8.74
C ARG J 17 -15.04 51.39 8.05
N SER J 18 -15.41 52.08 6.98
CA SER J 18 -14.43 52.79 6.17
C SER J 18 -13.81 53.94 6.97
N PRO J 19 -12.50 54.14 6.87
CA PRO J 19 -11.87 55.27 7.54
C PRO J 19 -12.25 56.60 6.90
N GLN J 20 -12.90 57.47 7.67
CA GLN J 20 -13.33 58.77 7.19
C GLN J 20 -12.38 59.87 7.69
N GLY J 21 -12.55 61.06 7.12
CA GLY J 21 -11.74 62.19 7.50
C GLY J 21 -10.47 62.32 6.67
N VAL J 22 -9.78 63.43 6.90
CA VAL J 22 -8.53 63.72 6.21
C VAL J 22 -7.40 62.98 6.89
N LYS J 23 -6.49 62.41 6.10
CA LYS J 23 -5.37 61.65 6.61
C LYS J 23 -4.07 62.22 6.05
N THR J 24 -3.01 62.13 6.85
CA THR J 24 -1.70 62.59 6.41
C THR J 24 -1.00 61.49 5.61
N GLU J 25 0.21 61.79 5.15
CA GLU J 25 0.97 60.85 4.34
C GLU J 25 1.43 59.63 5.12
N HIS J 26 1.58 59.75 6.45
CA HIS J 26 2.07 58.63 7.24
C HIS J 26 0.96 57.63 7.53
N GLU J 27 -0.20 58.11 7.97
CA GLU J 27 -1.31 57.21 8.27
C GLU J 27 -1.92 56.59 7.02
N ILE J 28 -1.78 57.23 5.87
CA ILE J 28 -2.23 56.62 4.62
C ILE J 28 -1.40 55.37 4.33
N LEU J 29 -0.08 55.45 4.54
CA LEU J 29 0.78 54.28 4.34
C LEU J 29 0.43 53.15 5.30
N ARG J 30 0.04 53.47 6.54
CA ARG J 30 -0.34 52.43 7.50
C ARG J 30 -1.56 51.64 7.05
N ILE J 31 -2.45 52.27 6.26
CA ILE J 31 -3.62 51.56 5.77
C ILE J 31 -3.23 50.47 4.79
N PHE J 32 -2.22 50.72 3.96
CA PHE J 32 -1.79 49.77 2.94
C PHE J 32 -0.85 48.70 3.47
N GLU J 33 -0.44 48.78 4.73
CA GLU J 33 0.33 47.74 5.38
C GLU J 33 -0.54 46.70 6.07
N SER J 34 -1.65 47.13 6.67
CA SER J 34 -2.61 46.19 7.22
C SER J 34 -3.19 45.29 6.14
N ASP J 35 -3.39 45.84 4.94
CA ASP J 35 -3.84 45.01 3.82
C ASP J 35 -2.82 43.94 3.49
N ARG J 36 -1.55 44.29 3.53
CA ARG J 36 -0.49 43.34 3.28
C ARG J 36 -0.48 42.25 4.36
N GLY J 37 -0.67 42.63 5.62
CA GLY J 37 -0.75 41.65 6.69
C GLY J 37 -1.94 40.72 6.53
N ARG J 38 -3.08 41.27 6.11
CA ARG J 38 -4.26 40.46 5.88
C ARG J 38 -4.05 39.45 4.76
N ILE J 39 -3.48 39.91 3.65
CA ILE J 39 -3.35 39.04 2.48
C ILE J 39 -2.30 37.96 2.73
N ILE J 40 -1.16 38.31 3.30
CA ILE J 40 -0.09 37.33 3.48
C ILE J 40 -0.50 36.26 4.49
N ASN J 41 -1.26 36.62 5.52
CA ASN J 41 -1.68 35.68 6.55
C ASN J 41 -3.10 35.16 6.31
N SER J 42 -3.48 34.98 5.04
CA SER J 42 -4.81 34.51 4.69
C SER J 42 -4.79 33.04 4.32
N PRO J 43 -5.86 32.30 4.64
CA PRO J 43 -5.90 30.87 4.25
C PRO J 43 -5.85 30.66 2.74
N ALA J 44 -6.32 31.62 1.95
CA ALA J 44 -6.30 31.47 0.50
C ALA J 44 -4.88 31.44 -0.05
N ILE J 45 -3.97 32.19 0.56
CA ILE J 45 -2.58 32.20 0.10
C ILE J 45 -1.84 30.95 0.56
N ARG J 46 -2.15 30.46 1.76
CA ARG J 46 -1.50 29.25 2.27
C ARG J 46 -1.82 28.05 1.40
N ARG J 47 -3.05 27.97 0.87
CA ARG J 47 -3.45 26.85 0.04
C ARG J 47 -2.72 26.81 -1.30
N LEU J 48 -2.00 27.87 -1.66
CA LEU J 48 -1.33 27.91 -2.95
C LEU J 48 -0.14 26.97 -3.03
N GLN J 49 0.39 26.52 -1.90
CA GLN J 49 1.54 25.63 -1.89
C GLN J 49 1.18 24.17 -2.11
N GLN J 50 -0.12 23.85 -2.19
CA GLN J 50 -0.57 22.49 -2.47
C GLN J 50 -1.21 22.37 -3.85
N LYS J 51 -1.03 23.38 -4.69
CA LYS J 51 -1.48 23.36 -6.07
C LYS J 51 -0.28 23.35 -6.99
N THR J 52 -0.34 22.52 -8.03
CA THR J 52 0.80 22.30 -8.90
C THR J 52 0.79 23.30 -10.06
N GLN J 53 1.98 23.71 -10.48
CA GLN J 53 2.10 24.54 -11.69
C GLN J 53 2.10 23.66 -12.94
N VAL J 54 3.12 22.81 -13.08
CA VAL J 54 3.17 21.83 -14.15
C VAL J 54 3.42 20.44 -13.57
N PHE J 55 4.50 20.30 -12.77
CA PHE J 55 4.90 19.01 -12.22
C PHE J 55 4.37 18.86 -10.80
N PRO J 56 3.70 17.74 -10.47
CA PRO J 56 3.15 17.51 -9.13
C PRO J 56 4.23 17.38 -8.06
N ALA J 62 11.69 19.92 -5.19
CA ALA J 62 12.37 21.16 -5.54
C ALA J 62 11.68 21.86 -6.70
N VAL J 63 10.51 21.34 -7.08
CA VAL J 63 9.74 21.91 -8.18
C VAL J 63 8.90 23.06 -7.65
N ARG J 64 8.59 24.00 -8.55
CA ARG J 64 7.84 25.19 -8.17
C ARG J 64 6.35 24.90 -8.05
N THR J 65 5.73 25.47 -7.04
CA THR J 65 4.29 25.47 -6.88
C THR J 65 3.74 26.82 -7.28
N ARG J 66 2.43 27.02 -7.09
CA ARG J 66 1.85 28.32 -7.40
C ARG J 66 2.31 29.40 -6.43
N LEU J 67 2.58 29.02 -5.17
CA LEU J 67 3.07 29.99 -4.20
C LEU J 67 4.47 30.48 -4.57
N THR J 68 5.36 29.55 -4.95
CA THR J 68 6.70 29.94 -5.37
C THR J 68 6.69 30.67 -6.71
N HIS J 69 5.72 30.37 -7.58
CA HIS J 69 5.63 31.08 -8.86
C HIS J 69 5.15 32.51 -8.66
N SER J 70 4.14 32.72 -7.83
CA SER J 70 3.64 34.05 -7.56
C SER J 70 4.64 34.93 -6.80
N MET J 71 5.61 34.32 -6.11
CA MET J 71 6.65 35.11 -5.44
C MET J 71 7.64 35.66 -6.44
N GLU J 72 7.88 34.97 -7.55
CA GLU J 72 8.74 35.49 -8.60
C GLU J 72 8.06 36.59 -9.41
N VAL J 73 6.74 36.45 -9.64
CA VAL J 73 6.00 37.50 -10.33
C VAL J 73 5.95 38.76 -9.49
N GLN J 74 5.87 38.61 -8.16
CA GLN J 74 5.86 39.77 -7.29
C GLN J 74 7.15 40.57 -7.37
N GLN J 75 8.29 39.88 -7.53
CA GLN J 75 9.56 40.58 -7.62
C GLN J 75 9.70 41.33 -8.94
N VAL J 76 9.20 40.76 -10.04
CA VAL J 76 9.26 41.43 -11.33
C VAL J 76 8.37 42.66 -11.33
N GLY J 77 7.20 42.58 -10.69
CA GLY J 77 6.32 43.73 -10.61
C GLY J 77 6.94 44.89 -9.84
N ARG J 78 7.60 44.60 -8.73
CA ARG J 78 8.23 45.65 -7.93
C ARG J 78 9.18 46.45 -8.80
N TYR J 79 10.04 45.75 -9.50
CA TYR J 79 11.03 46.29 -10.37
C TYR J 79 10.48 47.12 -11.55
N ILE J 80 9.28 46.85 -12.06
CA ILE J 80 8.72 47.65 -13.16
C ILE J 80 8.16 48.95 -12.61
N ALA J 81 7.57 48.89 -11.44
CA ALA J 81 7.03 50.06 -10.74
C ALA J 81 8.15 51.01 -10.31
N LYS J 82 9.25 50.45 -9.79
CA LYS J 82 10.38 51.28 -9.38
C LYS J 82 11.03 51.98 -10.57
N GLU J 83 11.13 51.30 -11.71
CA GLU J 83 11.68 51.92 -12.91
C GLU J 83 10.77 53.03 -13.42
N ILE J 84 9.45 52.83 -13.37
CA ILE J 84 8.51 53.86 -13.80
C ILE J 84 8.58 55.08 -12.88
N LEU J 85 8.62 54.84 -11.56
CA LEU J 85 8.68 55.96 -10.61
C LEU J 85 9.97 56.75 -10.75
N SER J 86 11.10 56.07 -10.94
CA SER J 86 12.38 56.76 -11.08
C SER J 86 12.51 57.52 -12.39
N ARG J 87 11.90 57.02 -13.47
CA ARG J 87 11.98 57.70 -14.75
C ARG J 87 11.16 58.98 -14.77
N LEU J 88 10.04 59.01 -14.05
CA LEU J 88 9.22 60.21 -13.99
C LEU J 88 9.89 61.33 -13.19
N LYS J 89 10.68 60.97 -12.17
CA LYS J 89 11.37 61.99 -11.39
C LYS J 89 12.43 62.72 -12.22
N GLU J 90 13.00 62.03 -13.22
CA GLU J 90 13.97 62.68 -14.09
C GLU J 90 13.31 63.76 -14.96
N LEU J 91 12.03 63.57 -15.31
CA LEU J 91 11.29 64.53 -16.11
C LEU J 91 10.53 65.54 -15.26
N LYS J 92 10.67 65.47 -13.93
CA LYS J 92 10.01 66.40 -13.01
C LYS J 92 8.49 66.41 -13.21
N LEU J 93 7.92 65.22 -13.37
CA LEU J 93 6.49 65.05 -13.55
C LEU J 93 5.81 64.38 -12.36
N LEU J 94 6.57 64.03 -11.31
CA LEU J 94 5.97 63.36 -10.16
C LEU J 94 4.97 64.26 -9.44
N GLU J 95 5.30 65.54 -9.28
CA GLU J 95 4.39 66.46 -8.61
C GLU J 95 3.20 66.82 -9.48
N ALA J 96 3.39 66.89 -10.80
CA ALA J 96 2.29 67.26 -11.69
C ALA J 96 1.26 66.15 -11.81
N TYR J 97 1.67 64.90 -11.64
CA TYR J 97 0.77 63.76 -11.79
C TYR J 97 0.15 63.31 -10.48
N GLY J 98 0.44 63.98 -9.37
CA GLY J 98 -0.15 63.65 -8.10
C GLY J 98 0.52 62.52 -7.35
N LEU J 99 1.68 62.06 -7.80
CA LEU J 99 2.39 60.95 -7.17
C LEU J 99 3.46 61.41 -6.19
N ASP J 100 3.42 62.68 -5.78
CA ASP J 100 4.43 63.20 -4.86
C ASP J 100 4.37 62.50 -3.50
N GLU J 101 3.15 62.27 -3.00
CA GLU J 101 2.94 61.65 -1.69
C GLU J 101 2.25 60.30 -1.80
N LEU J 102 2.48 59.57 -2.90
CA LEU J 102 1.85 58.27 -3.08
C LEU J 102 2.82 57.22 -3.64
N THR J 103 4.13 57.44 -3.53
CA THR J 103 5.08 56.47 -4.05
C THR J 103 5.09 55.16 -3.26
N GLY J 104 4.61 55.19 -2.02
CA GLY J 104 4.56 54.00 -1.19
C GLY J 104 3.49 53.03 -1.64
N PRO J 105 2.22 53.43 -1.55
CA PRO J 105 1.13 52.53 -1.98
C PRO J 105 1.19 52.14 -3.45
N PHE J 106 1.84 52.94 -4.29
CA PHE J 106 1.90 52.64 -5.72
C PHE J 106 2.56 51.29 -5.97
N GLU J 107 3.68 51.02 -5.31
CA GLU J 107 4.34 49.73 -5.44
C GLU J 107 3.64 48.63 -4.65
N SER J 108 3.06 48.96 -3.49
CA SER J 108 2.41 47.96 -2.67
C SER J 108 1.20 47.36 -3.37
N ILE J 109 0.41 48.20 -4.06
CA ILE J 109 -0.76 47.70 -4.77
C ILE J 109 -0.34 46.73 -5.87
N VAL J 110 0.70 47.07 -6.62
CA VAL J 110 1.19 46.19 -7.67
C VAL J 110 1.70 44.89 -7.08
N GLU J 111 2.41 44.97 -5.97
CA GLU J 111 2.95 43.80 -5.33
C GLU J 111 1.90 42.85 -4.78
N MET J 112 0.81 43.37 -4.23
CA MET J 112 -0.28 42.53 -3.75
C MET J 112 -1.17 42.03 -4.88
N SER J 113 -1.29 42.79 -5.97
CA SER J 113 -2.02 42.28 -7.13
C SER J 113 -1.28 41.14 -7.80
N CYS J 114 0.05 41.24 -7.88
CA CYS J 114 0.84 40.15 -8.44
C CYS J 114 0.78 38.92 -7.54
N LEU J 115 0.74 39.11 -6.22
CA LEU J 115 0.72 37.97 -5.31
C LEU J 115 -0.56 37.15 -5.47
N MET J 116 -1.72 37.80 -5.40
CA MET J 116 -3.00 37.09 -5.48
C MET J 116 -3.59 37.16 -6.89
N HIS J 117 -2.80 36.71 -7.86
CA HIS J 117 -3.25 36.66 -9.24
C HIS J 117 -3.68 35.26 -9.67
N ASP J 118 -3.59 34.27 -8.76
CA ASP J 118 -4.00 32.91 -9.08
C ASP J 118 -4.76 32.25 -7.93
N ILE J 119 -5.42 33.03 -7.08
CA ILE J 119 -6.10 32.46 -5.93
C ILE J 119 -7.44 31.82 -6.29
N GLY J 120 -8.00 32.14 -7.45
CA GLY J 120 -9.29 31.63 -7.86
C GLY J 120 -9.26 30.47 -8.83
N ASN J 121 -8.08 29.92 -9.12
CA ASN J 121 -8.00 28.81 -10.06
C ASN J 121 -8.55 27.53 -9.42
N PRO J 122 -9.30 26.72 -10.17
CA PRO J 122 -9.82 25.48 -9.62
C PRO J 122 -8.74 24.42 -9.56
N PRO J 123 -8.99 23.32 -8.84
CA PRO J 123 -8.01 22.22 -8.83
C PRO J 123 -7.79 21.67 -10.23
N PHE J 124 -6.55 21.27 -10.50
CA PHE J 124 -6.06 20.75 -11.77
C PHE J 124 -5.99 21.82 -12.86
N GLY J 125 -6.33 23.06 -12.55
CA GLY J 125 -6.07 24.15 -13.49
C GLY J 125 -7.01 24.13 -14.69
N HIS J 126 -6.41 24.27 -15.87
CA HIS J 126 -7.18 24.50 -17.09
C HIS J 126 -8.20 23.39 -17.34
N PHE J 127 -7.75 22.13 -17.28
CA PHE J 127 -8.67 21.02 -17.50
C PHE J 127 -9.65 20.85 -16.35
N GLY J 128 -9.34 21.39 -15.17
CA GLY J 128 -10.34 21.49 -14.12
C GLY J 128 -11.37 22.56 -14.40
N GLU J 129 -11.00 23.59 -15.15
CA GLU J 129 -11.94 24.63 -15.54
C GLU J 129 -12.90 24.16 -16.63
N ALA J 130 -12.40 23.40 -17.60
CA ALA J 130 -13.26 22.90 -18.67
C ALA J 130 -14.29 21.91 -18.15
N ALA J 131 -13.89 21.02 -17.22
CA ALA J 131 -14.79 19.98 -16.75
C ALA J 131 -16.02 20.58 -16.08
N ILE J 132 -15.85 21.67 -15.34
CA ILE J 132 -17.00 22.34 -14.72
C ILE J 132 -17.92 22.90 -15.78
N ASN J 133 -17.35 23.40 -16.88
CA ASN J 133 -18.16 24.06 -17.89
C ASN J 133 -18.97 23.07 -18.70
N ASP J 134 -18.38 21.93 -19.10
CA ASP J 134 -19.11 20.96 -19.91
C ASP J 134 -20.25 20.33 -19.11
N TRP J 135 -19.99 19.97 -17.85
CA TRP J 135 -21.00 19.29 -17.03
C TRP J 135 -22.25 20.14 -16.90
N PHE J 136 -22.09 21.45 -16.70
CA PHE J 136 -23.24 22.34 -16.65
C PHE J 136 -23.85 22.56 -18.02
N ARG J 137 -23.03 22.52 -19.08
CA ARG J 137 -23.54 22.79 -20.42
C ARG J 137 -24.55 21.75 -20.86
N GLN J 138 -24.46 20.57 -20.28
CA GLN J 138 -25.36 19.49 -20.58
C GLN J 138 -26.65 19.56 -19.80
N ARG J 139 -26.67 20.34 -18.75
CA ARG J 139 -27.83 20.48 -17.93
C ARG J 139 -28.60 21.77 -18.19
N LEU J 140 -27.95 22.77 -18.77
CA LEU J 140 -28.58 24.06 -18.97
C LEU J 140 -28.80 24.48 -20.40
N HIS J 141 -28.06 23.93 -21.34
CA HIS J 141 -28.19 24.24 -22.76
C HIS J 141 -28.41 25.68 -23.09
N PRO J 142 -27.40 26.52 -22.85
CA PRO J 142 -27.45 27.97 -23.07
C PRO J 142 -27.72 28.38 -24.51
N GLU J 143 -27.31 27.57 -25.48
CA GLU J 143 -27.52 27.90 -26.87
C GLU J 143 -28.97 27.86 -27.31
N ASP J 144 -29.85 27.31 -26.50
CA ASP J 144 -31.27 27.24 -26.84
C ASP J 144 -32.07 28.43 -26.32
N ALA J 145 -31.44 29.36 -25.60
CA ALA J 145 -32.11 30.54 -25.06
C ALA J 145 -31.67 31.82 -25.74
N GLU J 146 -30.97 31.73 -26.86
CA GLU J 146 -30.49 32.94 -27.55
C GLU J 146 -31.63 33.71 -28.18
N SER J 147 -32.65 33.01 -28.67
CA SER J 147 -33.74 33.63 -29.42
C SER J 147 -35.06 33.23 -28.78
N GLN J 148 -36.17 33.53 -29.49
CA GLN J 148 -37.53 33.21 -29.09
C GLN J 148 -37.65 31.75 -28.67
N PRO J 149 -38.64 31.40 -27.82
CA PRO J 149 -38.74 30.02 -27.32
C PRO J 149 -38.80 28.98 -28.42
N LEU J 150 -38.07 27.89 -28.23
CA LEU J 150 -37.96 26.85 -29.25
C LEU J 150 -38.98 25.74 -29.00
N ASP J 153 -36.75 23.01 -26.37
CA ASP J 153 -35.97 23.37 -25.19
C ASP J 153 -35.44 22.13 -24.48
N ARG J 154 -34.11 22.01 -24.45
CA ARG J 154 -33.45 20.85 -23.86
C ARG J 154 -33.06 21.07 -22.40
N CYS J 155 -33.50 22.16 -21.79
CA CYS J 155 -33.15 22.44 -20.40
C CYS J 155 -33.76 21.38 -19.48
N SER J 156 -32.96 20.95 -18.49
CA SER J 156 -33.38 19.93 -17.54
C SER J 156 -34.04 20.52 -16.30
N VAL J 157 -34.17 21.84 -16.20
CA VAL J 157 -34.78 22.51 -15.06
C VAL J 157 -36.06 23.16 -15.53
N ALA J 158 -37.17 22.88 -14.85
CA ALA J 158 -38.46 23.44 -15.23
C ALA J 158 -38.49 24.95 -15.05
N ALA J 159 -37.89 25.45 -13.97
CA ALA J 159 -37.92 26.88 -13.68
C ALA J 159 -37.09 27.72 -14.63
N LEU J 160 -36.08 27.14 -15.27
CA LEU J 160 -35.20 27.87 -16.18
C LEU J 160 -35.54 27.64 -17.64
N ARG J 161 -36.66 26.97 -17.94
CA ARG J 161 -37.06 26.74 -19.31
C ARG J 161 -37.90 27.91 -19.81
N LEU J 162 -37.63 28.34 -21.05
CA LEU J 162 -38.34 29.47 -21.63
C LEU J 162 -39.79 29.10 -21.90
N ARG J 163 -40.71 29.97 -21.48
CA ARG J 163 -42.13 29.71 -21.66
C ARG J 163 -42.86 30.96 -22.16
N GLU J 166 -44.18 35.55 -21.32
CA GLU J 166 -43.32 35.77 -20.17
C GLU J 166 -42.03 36.47 -20.57
N GLU J 167 -42.18 37.60 -21.28
CA GLU J 167 -41.00 38.35 -21.72
C GLU J 167 -40.15 38.86 -20.56
N PRO J 168 -40.71 39.49 -19.52
CA PRO J 168 -39.85 40.00 -18.43
C PRO J 168 -39.08 38.91 -17.69
N LEU J 169 -39.56 37.66 -17.69
CA LEU J 169 -38.88 36.60 -16.96
C LEU J 169 -37.91 35.78 -17.81
N ASN J 170 -38.01 35.87 -19.14
CA ASN J 170 -37.11 35.10 -20.00
C ASN J 170 -35.70 35.69 -20.03
N GLU J 171 -35.57 37.01 -19.90
CA GLU J 171 -34.25 37.63 -19.91
C GLU J 171 -33.42 37.15 -18.72
N LEU J 172 -34.03 37.11 -17.54
CA LEU J 172 -33.33 36.57 -16.38
C LEU J 172 -32.98 35.10 -16.57
N ARG J 173 -33.88 34.33 -17.19
CA ARG J 173 -33.62 32.92 -17.43
C ARG J 173 -32.39 32.74 -18.32
N ARG J 174 -32.34 33.45 -19.44
CA ARG J 174 -31.20 33.30 -20.34
C ARG J 174 -29.91 33.85 -19.72
N LYS J 175 -30.00 34.93 -18.95
CA LYS J 175 -28.81 35.44 -18.27
C LYS J 175 -28.26 34.41 -17.29
N ILE J 176 -29.14 33.79 -16.50
CA ILE J 176 -28.70 32.79 -15.53
C ILE J 176 -28.14 31.57 -16.24
N ARG J 177 -28.78 31.15 -17.33
CA ARG J 177 -28.30 29.98 -18.05
C ARG J 177 -26.95 30.23 -18.70
N GLN J 178 -26.71 31.45 -19.20
CA GLN J 178 -25.43 31.74 -19.81
C GLN J 178 -24.33 31.92 -18.78
N ASP J 179 -24.64 32.57 -17.65
CA ASP J 179 -23.61 32.83 -16.65
C ASP J 179 -23.09 31.53 -16.03
N LEU J 180 -23.99 30.59 -15.76
CA LEU J 180 -23.60 29.38 -15.03
C LEU J 180 -22.67 28.49 -15.83
N CYS J 181 -22.64 28.62 -17.15
CA CYS J 181 -21.77 27.83 -18.01
C CYS J 181 -20.45 28.54 -18.32
N HIS J 182 -20.18 29.67 -17.64
CA HIS J 182 -18.95 30.44 -17.85
C HIS J 182 -18.26 30.60 -16.50
N PHE J 183 -17.43 29.63 -16.15
CA PHE J 183 -16.61 29.69 -14.95
C PHE J 183 -15.18 30.08 -15.33
N GLU J 184 -14.68 31.14 -14.72
CA GLU J 184 -13.37 31.64 -14.98
C GLU J 184 -12.69 31.86 -13.66
N GLY J 185 -11.39 31.63 -13.57
CA GLY J 185 -10.68 31.81 -12.31
C GLY J 185 -10.57 33.26 -11.88
N ASN J 186 -10.38 34.18 -12.84
CA ASN J 186 -10.30 35.60 -12.50
C ASN J 186 -11.62 36.10 -11.93
N ALA J 187 -12.74 35.65 -12.50
CA ALA J 187 -14.04 36.03 -11.96
C ALA J 187 -14.27 35.42 -10.57
N GLN J 188 -13.70 34.24 -10.32
CA GLN J 188 -13.83 33.62 -9.01
C GLN J 188 -12.95 34.33 -7.98
N GLY J 189 -11.88 34.99 -8.43
CA GLY J 189 -11.00 35.69 -7.50
C GLY J 189 -11.70 36.85 -6.80
N ILE J 190 -12.50 37.61 -7.54
CA ILE J 190 -13.23 38.73 -6.95
C ILE J 190 -14.25 38.22 -5.94
N ARG J 191 -14.97 37.15 -6.29
CA ARG J 191 -15.96 36.59 -5.39
C ARG J 191 -15.32 36.04 -4.13
N LEU J 192 -14.19 35.36 -4.27
CA LEU J 192 -13.51 34.79 -3.11
C LEU J 192 -13.00 35.88 -2.17
N VAL J 193 -12.47 36.97 -2.73
CA VAL J 193 -11.87 38.01 -1.91
C VAL J 193 -12.91 38.85 -1.16
N HIS J 194 -14.13 38.94 -1.67
CA HIS J 194 -15.15 39.81 -1.09
C HIS J 194 -16.22 39.06 -0.31
N THR J 195 -16.85 38.05 -0.93
CA THR J 195 -17.99 37.40 -0.32
C THR J 195 -17.61 36.24 0.60
N LEU J 196 -16.63 35.43 0.20
CA LEU J 196 -16.29 34.24 0.97
C LEU J 196 -15.30 34.53 2.10
N MET J 197 -14.12 35.05 1.76
CA MET J 197 -13.09 35.30 2.76
C MET J 197 -13.41 36.52 3.63
N ARG J 198 -14.12 37.50 3.09
CA ARG J 198 -14.48 38.72 3.81
C ARG J 198 -13.24 39.43 4.36
N MET J 199 -12.28 39.66 3.47
CA MET J 199 -11.05 40.33 3.84
C MET J 199 -11.23 41.83 4.03
N ASN J 200 -12.18 42.43 3.32
CA ASN J 200 -12.48 43.86 3.41
C ASN J 200 -11.26 44.71 3.04
N LEU J 201 -10.83 44.54 1.79
CA LEU J 201 -9.68 45.29 1.29
C LEU J 201 -10.12 46.66 0.76
N THR J 202 -9.13 47.50 0.50
CA THR J 202 -9.38 48.83 -0.04
C THR J 202 -9.84 48.74 -1.50
N TRP J 203 -10.48 49.81 -1.96
CA TRP J 203 -10.98 49.83 -3.34
C TRP J 203 -9.84 49.73 -4.35
N ALA J 204 -8.72 50.40 -4.08
CA ALA J 204 -7.60 50.36 -5.01
C ALA J 204 -7.01 48.96 -5.11
N GLN J 205 -7.00 48.21 -4.00
CA GLN J 205 -6.45 46.86 -4.02
C GLN J 205 -7.35 45.91 -4.81
N VAL J 206 -8.67 46.04 -4.68
CA VAL J 206 -9.58 45.17 -5.42
C VAL J 206 -9.51 45.45 -6.91
N GLY J 207 -9.32 46.71 -7.31
CA GLY J 207 -9.27 47.04 -8.72
C GLY J 207 -8.04 46.51 -9.43
N GLY J 208 -7.00 46.14 -8.69
CA GLY J 208 -5.79 45.62 -9.30
C GLY J 208 -5.90 44.18 -9.75
N ILE J 209 -6.95 43.47 -9.36
CA ILE J 209 -7.15 42.08 -9.73
C ILE J 209 -8.32 41.93 -10.70
N LEU J 210 -8.77 43.02 -11.30
CA LEU J 210 -9.84 43.00 -12.30
C LEU J 210 -9.18 43.04 -13.67
N LYS J 211 -8.78 41.88 -14.14
CA LYS J 211 -8.09 41.77 -15.39
C LYS J 211 -8.91 42.04 -16.63
N TYR J 212 -10.14 41.55 -16.68
CA TYR J 212 -11.02 41.72 -17.82
C TYR J 212 -12.36 42.28 -17.37
N THR J 213 -13.09 42.86 -18.33
CA THR J 213 -14.31 43.59 -18.04
C THR J 213 -15.56 42.99 -18.65
N ARG J 214 -15.46 41.87 -19.36
CA ARG J 214 -16.64 41.28 -19.98
C ARG J 214 -17.48 40.56 -18.93
N PRO J 215 -18.77 40.87 -18.83
CA PRO J 215 -19.64 40.13 -17.90
C PRO J 215 -19.77 38.67 -18.30
N ALA J 216 -19.96 37.82 -17.29
CA ALA J 216 -20.07 36.38 -17.53
C ALA J 216 -21.34 36.01 -18.29
N TRP J 217 -22.40 36.81 -18.20
CA TRP J 217 -23.65 36.54 -18.87
C TRP J 217 -23.72 37.19 -20.25
N TRP J 218 -22.64 37.73 -20.76
CA TRP J 218 -22.67 38.37 -22.05
C TRP J 218 -22.81 37.43 -23.20
N ARG J 219 -23.78 37.67 -24.08
CA ARG J 219 -23.90 36.85 -25.28
C ARG J 219 -24.00 37.77 -26.48
N GLY J 220 -23.12 37.60 -27.46
CA GLY J 220 -23.15 38.42 -28.65
C GLY J 220 -21.76 38.86 -29.05
N GLU J 221 -21.67 39.92 -29.85
CA GLU J 221 -20.39 40.48 -30.25
C GLU J 221 -20.03 41.68 -29.38
N THR J 222 -18.78 41.74 -28.99
CA THR J 222 -18.24 42.83 -28.19
C THR J 222 -17.88 44.00 -29.07
N PRO J 223 -17.92 45.23 -28.54
CA PRO J 223 -17.52 46.39 -29.33
C PRO J 223 -16.07 46.29 -29.78
N GLU J 224 -15.80 46.80 -30.99
CA GLU J 224 -14.45 46.74 -31.54
C GLU J 224 -13.48 47.62 -30.77
N THR J 225 -13.98 48.60 -30.01
CA THR J 225 -13.09 49.45 -29.22
C THR J 225 -12.55 48.73 -28.00
N HIS J 226 -13.22 47.66 -27.56
CA HIS J 226 -12.80 46.90 -26.39
C HIS J 226 -12.69 45.41 -26.69
N HIS J 227 -12.27 45.04 -27.90
CA HIS J 227 -12.22 43.62 -28.26
C HIS J 227 -11.11 42.86 -27.54
N TYR J 228 -10.11 43.57 -27.00
CA TYR J 228 -9.06 42.90 -26.25
C TYR J 228 -9.35 42.88 -24.75
N LEU J 229 -9.91 43.96 -24.20
CA LEU J 229 -10.21 44.02 -22.78
C LEU J 229 -11.41 43.16 -22.40
N MET J 230 -12.16 42.66 -23.38
CA MET J 230 -13.33 41.84 -23.13
C MET J 230 -13.23 40.48 -23.82
N LYS J 231 -12.04 39.94 -23.91
CA LYS J 231 -11.81 38.64 -24.51
C LYS J 231 -12.20 37.47 -23.60
N LYS J 232 -12.25 37.68 -22.30
CA LYS J 232 -12.60 36.66 -21.32
C LYS J 232 -13.54 37.27 -20.30
N PRO J 233 -14.37 36.45 -19.64
CA PRO J 233 -15.25 36.98 -18.59
C PRO J 233 -14.45 37.56 -17.43
N GLY J 234 -15.01 38.60 -16.81
CA GLY J 234 -14.32 39.28 -15.73
C GLY J 234 -14.98 39.14 -14.38
N TYR J 235 -16.31 39.06 -14.35
CA TYR J 235 -17.03 38.95 -13.09
C TYR J 235 -18.38 38.28 -13.34
N TYR J 236 -18.98 37.80 -12.25
CA TYR J 236 -20.23 37.07 -12.32
C TYR J 236 -21.43 38.02 -12.15
N LEU J 237 -22.63 37.44 -12.25
CA LEU J 237 -23.84 38.24 -12.08
C LEU J 237 -24.11 38.55 -10.62
N SER J 238 -23.70 37.67 -9.70
CA SER J 238 -23.90 37.90 -8.28
C SER J 238 -23.05 39.05 -7.74
N GLU J 239 -22.09 39.54 -8.51
CA GLU J 239 -21.24 40.65 -8.11
C GLU J 239 -21.52 41.92 -8.91
N GLU J 240 -22.65 41.97 -9.62
CA GLU J 240 -22.95 43.13 -10.45
C GLU J 240 -23.09 44.40 -9.62
N ALA J 241 -23.76 44.31 -8.47
CA ALA J 241 -23.91 45.47 -7.60
C ALA J 241 -22.57 45.89 -7.01
N TYR J 242 -21.70 44.93 -6.70
CA TYR J 242 -20.40 45.27 -6.13
C TYR J 242 -19.48 45.93 -7.15
N ILE J 243 -19.54 45.50 -8.41
CA ILE J 243 -18.68 46.08 -9.44
C ILE J 243 -19.11 47.51 -9.76
N ALA J 244 -20.41 47.80 -9.75
CA ALA J 244 -20.86 49.16 -10.00
C ALA J 244 -20.37 50.12 -8.94
N ARG J 245 -20.41 49.71 -7.67
CA ARG J 245 -19.89 50.55 -6.59
C ARG J 245 -18.39 50.76 -6.75
N LEU J 246 -17.66 49.71 -7.16
CA LEU J 246 -16.23 49.84 -7.39
C LEU J 246 -15.93 50.82 -8.52
N ARG J 247 -16.70 50.75 -9.61
CA ARG J 247 -16.52 51.70 -10.71
C ARG J 247 -16.83 53.13 -10.28
N LYS J 248 -17.88 53.31 -9.49
CA LYS J 248 -18.20 54.64 -8.98
C LYS J 248 -17.11 55.16 -8.05
N GLU J 249 -16.47 54.28 -7.28
CA GLU J 249 -15.44 54.70 -6.35
C GLU J 249 -14.13 55.04 -7.03
N LEU J 250 -13.78 54.33 -8.10
CA LEU J 250 -12.50 54.52 -8.78
C LEU J 250 -12.62 55.36 -10.04
N ASN J 251 -13.79 55.93 -10.32
CA ASN J 251 -14.02 56.78 -11.48
C ASN J 251 -13.65 56.06 -12.78
N LEU J 252 -14.22 54.88 -12.97
CA LEU J 252 -14.00 54.09 -14.17
C LEU J 252 -15.29 54.01 -14.98
N ALA J 253 -15.17 54.19 -16.30
CA ALA J 253 -16.32 54.08 -17.17
C ALA J 253 -16.67 52.60 -17.36
N LEU J 254 -17.77 52.36 -18.09
CA LEU J 254 -18.19 51.00 -18.37
C LEU J 254 -17.14 50.29 -19.22
N TYR J 255 -16.83 49.05 -18.85
CA TYR J 255 -15.87 48.20 -19.57
C TYR J 255 -14.47 48.83 -19.59
N SER J 256 -14.07 49.49 -18.51
CA SER J 256 -12.76 50.12 -18.40
C SER J 256 -11.89 49.36 -17.40
N ARG J 257 -10.59 49.62 -17.49
CA ARG J 257 -9.59 48.94 -16.69
C ARG J 257 -8.93 49.91 -15.71
N PHE J 258 -8.44 49.36 -14.60
CA PHE J 258 -7.65 50.12 -13.64
C PHE J 258 -6.24 50.34 -14.19
N PRO J 259 -5.66 51.53 -14.02
CA PRO J 259 -4.35 51.80 -14.62
C PRO J 259 -3.24 50.85 -14.16
N LEU J 260 -3.25 50.42 -12.90
CA LEU J 260 -2.17 49.59 -12.39
C LEU J 260 -2.26 48.14 -12.83
N THR J 261 -3.37 47.73 -13.43
CA THR J 261 -3.51 46.33 -13.86
C THR J 261 -2.54 45.99 -14.99
N TRP J 262 -2.14 46.97 -15.78
CA TRP J 262 -1.24 46.71 -16.90
C TRP J 262 0.13 46.23 -16.42
N ILE J 263 0.63 46.77 -15.32
CA ILE J 263 1.93 46.37 -14.80
C ILE J 263 1.89 44.91 -14.34
N MET J 264 0.80 44.50 -13.69
CA MET J 264 0.68 43.12 -13.25
C MET J 264 0.59 42.16 -14.44
N GLU J 265 -0.07 42.57 -15.52
CA GLU J 265 -0.16 41.72 -16.69
C GLU J 265 1.19 41.50 -17.36
N ALA J 266 2.04 42.54 -17.41
CA ALA J 266 3.35 42.40 -18.03
C ALA J 266 4.27 41.51 -17.20
N ALA J 267 4.11 41.54 -15.87
CA ALA J 267 4.95 40.72 -15.01
C ALA J 267 4.68 39.23 -15.22
N ASP J 268 3.42 38.86 -15.42
CA ASP J 268 3.09 37.45 -15.64
C ASP J 268 3.62 36.97 -16.98
N ASP J 269 3.61 37.83 -18.00
CA ASP J 269 4.09 37.45 -19.33
C ASP J 269 5.59 37.20 -19.34
N ILE J 270 6.36 37.91 -18.51
CA ILE J 270 7.80 37.68 -18.44
C ILE J 270 8.10 36.33 -17.80
N SER J 271 7.43 36.01 -16.70
CA SER J 271 7.64 34.76 -15.99
C SER J 271 6.65 33.68 -16.43
N TYR J 272 6.62 33.36 -17.70
CA TYR J 272 5.69 32.40 -18.24
C TYR J 272 6.26 30.98 -18.44
N CYS J 273 7.43 30.84 -19.07
CA CYS J 273 8.00 29.53 -19.36
C CYS J 273 9.40 29.33 -18.79
N VAL J 274 10.10 30.39 -18.38
CA VAL J 274 11.49 30.28 -17.96
C VAL J 274 11.64 29.35 -16.75
N ALA J 275 10.69 29.40 -15.80
CA ALA J 275 10.77 28.53 -14.64
C ALA J 275 10.53 27.06 -14.99
N ASP J 276 9.64 26.79 -15.93
CA ASP J 276 9.36 25.41 -16.33
C ASP J 276 10.57 24.77 -16.98
N LEU J 277 11.33 25.53 -17.77
CA LEU J 277 12.54 24.99 -18.38
C LEU J 277 13.55 24.58 -17.32
N GLU J 278 13.72 25.40 -16.27
CA GLU J 278 14.60 25.02 -15.18
C GLU J 278 14.08 23.81 -14.42
N ASP J 279 12.75 23.75 -14.21
CA ASP J 279 12.17 22.60 -13.52
C ASP J 279 12.32 21.32 -14.31
N ALA J 280 12.35 21.42 -15.65
CA ALA J 280 12.54 20.22 -16.47
C ALA J 280 13.91 19.60 -16.26
N VAL J 281 14.95 20.44 -16.11
CA VAL J 281 16.29 19.92 -15.91
C VAL J 281 16.40 19.18 -14.59
N GLU J 282 15.77 19.71 -13.54
CA GLU J 282 15.80 19.07 -12.22
C GLU J 282 15.10 17.71 -12.22
N LYS J 283 14.24 17.43 -13.19
CA LYS J 283 13.59 16.13 -13.31
C LYS J 283 14.28 15.23 -14.33
N ARG J 284 15.47 15.61 -14.78
CA ARG J 284 16.29 14.79 -15.68
C ARG J 284 15.60 14.52 -17.01
N ILE J 285 14.75 15.44 -17.46
CA ILE J 285 14.20 15.33 -18.81
C ILE J 285 15.32 15.49 -19.84
N PHE J 286 16.19 16.44 -19.58
CA PHE J 286 17.39 16.65 -20.37
C PHE J 286 18.46 17.27 -19.49
N THR J 287 19.60 17.60 -20.07
CA THR J 287 20.69 18.20 -19.31
C THR J 287 20.82 19.66 -19.69
N VAL J 288 21.69 20.36 -18.96
CA VAL J 288 21.90 21.79 -19.20
C VAL J 288 22.48 22.01 -20.59
N GLU J 289 23.45 21.18 -20.99
CA GLU J 289 24.03 21.29 -22.32
C GLU J 289 22.99 21.01 -23.40
N GLN J 290 22.13 20.00 -23.18
CA GLN J 290 21.07 19.72 -24.15
C GLN J 290 20.11 20.88 -24.28
N LEU J 291 19.74 21.50 -23.15
CA LEU J 291 18.85 22.65 -23.20
C LEU J 291 19.50 23.83 -23.91
N TYR J 292 20.79 24.06 -23.67
CA TYR J 292 21.50 25.12 -24.35
C TYR J 292 21.54 24.87 -25.86
N HIS J 293 21.79 23.63 -26.26
CA HIS J 293 21.79 23.29 -27.68
C HIS J 293 20.40 23.50 -28.29
N HIS J 294 19.36 23.11 -27.57
CA HIS J 294 18.00 23.31 -28.06
C HIS J 294 17.67 24.79 -28.23
N LEU J 295 18.09 25.61 -27.26
CA LEU J 295 17.86 27.04 -27.36
C LEU J 295 18.63 27.64 -28.53
N HIS J 296 19.87 27.20 -28.73
CA HIS J 296 20.66 27.69 -29.86
C HIS J 296 20.02 27.31 -31.19
N GLU J 297 19.50 26.09 -31.28
CA GLU J 297 18.85 25.65 -32.52
C GLU J 297 17.55 26.41 -32.76
N ALA J 298 16.77 26.65 -31.71
CA ALA J 298 15.49 27.32 -31.87
C ALA J 298 15.63 28.82 -32.11
N TRP J 299 16.70 29.43 -31.59
CA TRP J 299 16.87 30.88 -31.70
C TRP J 299 17.12 31.28 -33.15
N GLY J 300 18.00 30.56 -33.85
CA GLY J 300 18.30 30.87 -35.23
C GLY J 300 19.79 31.09 -35.48
N PHE J 308 20.21 36.58 -27.96
CA PHE J 308 20.74 35.31 -27.47
C PHE J 308 22.16 35.48 -26.97
N SER J 309 22.99 36.14 -27.77
CA SER J 309 24.39 36.37 -27.39
C SER J 309 24.48 37.24 -26.15
N LEU J 310 23.69 38.31 -26.08
CA LEU J 310 23.78 39.23 -24.96
C LEU J 310 23.12 38.65 -23.71
N VAL J 311 22.15 37.76 -23.87
CA VAL J 311 21.34 37.26 -22.76
C VAL J 311 21.74 35.84 -22.38
N VAL J 312 21.70 34.91 -23.34
CA VAL J 312 21.90 33.49 -23.05
C VAL J 312 23.38 33.14 -23.06
N GLU J 313 24.11 33.64 -24.07
CA GLU J 313 25.53 33.34 -24.17
C GLU J 313 26.32 33.91 -22.99
N ASN J 314 25.93 35.10 -22.51
CA ASN J 314 26.62 35.68 -21.37
C ASN J 314 26.45 34.80 -20.13
N ALA J 315 25.26 34.24 -19.93
CA ALA J 315 25.03 33.37 -18.78
C ALA J 315 25.71 32.02 -18.95
N TRP J 316 25.80 31.51 -20.19
CA TRP J 316 26.39 30.19 -20.41
C TRP J 316 27.87 30.19 -20.06
N GLU J 317 28.60 31.25 -20.42
CA GLU J 317 30.02 31.35 -20.15
C GLU J 317 30.33 31.83 -18.74
N LYS J 318 29.31 32.18 -17.95
CA LYS J 318 29.49 32.66 -16.60
C LYS J 318 29.24 31.58 -15.56
N SER J 319 29.13 30.32 -15.97
CA SER J 319 28.89 29.22 -15.06
C SER J 319 29.96 28.13 -15.13
N THR J 328 27.09 24.37 -12.62
CA THR J 328 26.69 24.77 -13.96
C THR J 328 25.18 24.84 -14.13
N GLU J 329 24.40 24.19 -13.28
CA GLU J 329 22.95 24.22 -13.37
C GLU J 329 22.36 25.42 -12.63
N ASP J 330 22.87 25.67 -11.43
CA ASP J 330 22.39 26.79 -10.62
C ASP J 330 23.21 28.03 -10.90
N GLN J 331 23.86 28.05 -12.06
CA GLN J 331 24.68 29.20 -12.44
C GLN J 331 24.39 29.64 -13.87
N PHE J 332 23.51 28.92 -14.55
CA PHE J 332 23.15 29.26 -15.93
C PHE J 332 21.89 30.11 -15.96
N PHE J 333 20.87 29.70 -15.18
CA PHE J 333 19.62 30.43 -15.15
C PHE J 333 19.72 31.67 -14.28
N MET J 334 20.57 31.63 -13.25
CA MET J 334 20.71 32.76 -12.33
C MET J 334 21.16 34.02 -13.05
N TYR J 335 21.93 33.87 -14.13
CA TYR J 335 22.35 35.02 -14.93
C TYR J 335 21.47 35.25 -16.15
N LEU J 336 20.85 34.19 -16.67
CA LEU J 336 19.90 34.36 -17.77
C LEU J 336 18.71 35.22 -17.35
N ARG J 337 18.21 34.99 -16.13
CA ARG J 337 17.08 35.78 -15.63
C ARG J 337 17.47 37.26 -15.52
N VAL J 338 18.67 37.54 -14.98
CA VAL J 338 19.13 38.92 -14.86
C VAL J 338 19.28 39.55 -16.25
N ASN J 339 19.86 38.79 -17.19
CA ASN J 339 20.11 39.32 -18.52
C ASN J 339 18.82 39.66 -19.25
N THR J 340 17.79 38.80 -19.11
CA THR J 340 16.53 39.11 -19.77
C THR J 340 15.75 40.21 -19.04
N LEU J 341 15.86 40.29 -17.72
CA LEU J 341 15.19 41.36 -16.99
C LEU J 341 15.77 42.72 -17.37
N ASN J 342 17.09 42.83 -17.44
CA ASN J 342 17.73 44.10 -17.75
C ASN J 342 17.39 44.60 -19.15
N LYS J 343 16.89 43.72 -20.02
CA LYS J 343 16.49 44.11 -21.36
C LYS J 343 14.98 44.26 -21.52
N LEU J 344 14.19 43.60 -20.66
CA LEU J 344 12.75 43.66 -20.79
C LEU J 344 12.10 44.73 -19.92
N VAL J 345 12.60 44.96 -18.70
CA VAL J 345 11.96 45.91 -17.80
C VAL J 345 11.96 47.33 -18.34
N PRO J 346 13.09 47.88 -18.83
CA PRO J 346 13.05 49.25 -19.36
C PRO J 346 12.08 49.42 -20.53
N TYR J 347 11.95 48.41 -21.38
CA TYR J 347 11.00 48.49 -22.48
C TYR J 347 9.57 48.59 -21.96
N ALA J 348 9.23 47.79 -20.96
CA ALA J 348 7.90 47.86 -20.37
C ALA J 348 7.65 49.22 -19.71
N ALA J 349 8.66 49.75 -19.01
CA ALA J 349 8.49 51.06 -18.40
C ALA J 349 8.28 52.15 -19.44
N GLN J 350 9.05 52.12 -20.53
CA GLN J 350 8.88 53.10 -21.59
C GLN J 350 7.52 52.97 -22.26
N ARG J 351 7.06 51.74 -22.49
CA ARG J 351 5.73 51.55 -23.09
C ARG J 351 4.64 52.07 -22.17
N PHE J 352 4.77 51.84 -20.86
CA PHE J 352 3.79 52.37 -19.91
C PHE J 352 3.79 53.89 -19.92
N ILE J 353 4.97 54.50 -19.95
CA ILE J 353 5.05 55.97 -19.87
C ILE J 353 4.54 56.62 -21.16
N ASP J 354 4.85 56.04 -22.32
CA ASP J 354 4.48 56.67 -23.59
C ASP J 354 2.97 56.75 -23.75
N ASN J 355 2.27 55.65 -23.55
CA ASN J 355 0.81 55.60 -23.69
C ASN J 355 0.12 55.83 -22.35
N LEU J 356 0.43 56.96 -21.70
CA LEU J 356 -0.07 57.23 -20.36
C LEU J 356 -1.52 57.72 -20.35
N PRO J 357 -1.92 58.68 -21.20
CA PRO J 357 -3.33 59.12 -21.15
C PRO J 357 -4.34 58.01 -21.41
N ALA J 358 -4.05 57.12 -22.36
CA ALA J 358 -4.98 56.03 -22.66
C ALA J 358 -5.06 55.04 -21.51
N ILE J 359 -3.92 54.72 -20.89
CA ILE J 359 -3.94 53.80 -19.75
C ILE J 359 -4.68 54.42 -18.58
N PHE J 360 -4.46 55.71 -18.33
CA PHE J 360 -5.17 56.39 -17.25
C PHE J 360 -6.67 56.43 -17.50
N ALA J 361 -7.08 56.67 -18.75
CA ALA J 361 -8.49 56.65 -19.06
C ALA J 361 -9.07 55.24 -18.98
N GLY J 362 -8.24 54.22 -19.14
CA GLY J 362 -8.70 52.85 -19.08
C GLY J 362 -9.20 52.27 -20.39
N THR J 363 -8.88 52.91 -21.52
CA THR J 363 -9.37 52.48 -22.82
C THR J 363 -8.25 52.00 -23.73
N PHE J 364 -7.08 51.66 -23.18
CA PHE J 364 -5.98 51.16 -23.98
C PHE J 364 -6.25 49.71 -24.36
N ASN J 365 -6.44 49.46 -25.66
CA ASN J 365 -6.85 48.15 -26.16
C ASN J 365 -5.67 47.27 -26.55
N HIS J 366 -4.50 47.49 -25.96
CA HIS J 366 -3.32 46.69 -26.26
C HIS J 366 -2.61 46.35 -24.96
N ALA J 367 -1.59 45.50 -25.07
CA ALA J 367 -0.73 45.13 -23.96
C ALA J 367 0.62 45.82 -24.07
N LEU J 368 1.31 45.93 -22.93
CA LEU J 368 2.61 46.60 -22.91
C LEU J 368 3.61 45.87 -23.79
N LEU J 369 3.63 44.55 -23.73
CA LEU J 369 4.54 43.74 -24.54
C LEU J 369 3.86 43.23 -25.79
N ALA J 372 5.89 43.84 -30.97
CA ALA J 372 6.36 43.43 -32.28
C ALA J 372 7.77 43.94 -32.54
N SER J 373 8.72 43.51 -31.72
CA SER J 373 10.11 43.93 -31.84
C SER J 373 11.00 42.78 -31.38
N GLU J 374 12.28 43.07 -31.16
CA GLU J 374 13.23 42.05 -30.72
C GLU J 374 12.93 41.60 -29.29
N CYS J 375 12.16 42.40 -28.56
CA CYS J 375 11.80 42.08 -27.19
C CYS J 375 10.68 41.05 -27.13
N SER J 376 9.60 41.28 -27.88
CA SER J 376 8.50 40.34 -27.94
C SER J 376 8.87 39.05 -28.66
N ASP J 377 9.78 39.10 -29.63
CA ASP J 377 10.21 37.89 -30.32
C ASP J 377 11.04 36.99 -29.41
N LEU J 378 11.73 37.56 -28.43
CA LEU J 378 12.53 36.77 -27.50
C LEU J 378 11.67 35.87 -26.64
N LEU J 379 10.52 36.34 -26.17
CA LEU J 379 9.64 35.52 -25.33
C LEU J 379 9.14 34.30 -26.08
N LYS J 380 8.87 34.44 -27.38
CA LYS J 380 8.42 33.30 -28.18
C LYS J 380 9.49 32.22 -28.26
N LEU J 381 10.76 32.58 -28.07
CA LEU J 381 11.82 31.57 -28.04
C LEU J 381 11.63 30.59 -26.89
N TYR J 382 11.36 31.14 -25.72
CA TYR J 382 11.12 30.33 -24.54
C TYR J 382 9.76 29.65 -24.64
N LYS J 383 8.82 30.30 -25.32
CA LYS J 383 7.48 29.75 -25.50
C LYS J 383 7.51 28.48 -26.35
N ASN J 384 8.26 28.52 -27.45
CA ASN J 384 8.25 27.41 -28.39
C ASN J 384 9.02 26.20 -27.86
N VAL J 385 10.11 26.44 -27.15
CA VAL J 385 10.88 25.33 -26.59
C VAL J 385 10.10 24.61 -25.49
N ALA J 386 9.36 25.35 -24.67
CA ALA J 386 8.61 24.75 -23.58
C ALA J 386 7.45 23.89 -24.07
N VAL J 387 6.76 24.32 -25.12
CA VAL J 387 5.59 23.56 -25.58
C VAL J 387 6.01 22.29 -26.30
N LYS J 388 7.22 22.23 -26.83
CA LYS J 388 7.65 21.09 -27.63
C LYS J 388 8.38 20.04 -26.82
N HIS J 389 9.12 20.43 -25.78
CA HIS J 389 9.96 19.52 -25.05
C HIS J 389 9.53 19.27 -23.60
N VAL J 390 8.66 20.12 -23.04
CA VAL J 390 8.24 20.02 -21.65
C VAL J 390 6.74 19.73 -21.54
N PHE J 391 5.92 20.51 -22.23
CA PHE J 391 4.48 20.36 -22.11
C PHE J 391 3.97 19.10 -22.81
N SER J 392 4.80 18.49 -23.66
CA SER J 392 4.42 17.30 -24.40
C SER J 392 4.92 16.01 -23.75
N HIS J 393 5.48 16.09 -22.54
CA HIS J 393 5.98 14.91 -21.87
C HIS J 393 4.82 13.99 -21.50
N PRO J 394 5.00 12.67 -21.61
CA PRO J 394 3.89 11.75 -21.27
C PRO J 394 3.39 11.89 -19.83
N ASP J 395 4.28 12.17 -18.88
CA ASP J 395 3.86 12.31 -17.49
C ASP J 395 3.01 13.56 -17.27
N VAL J 396 3.32 14.64 -17.98
CA VAL J 396 2.51 15.85 -17.87
C VAL J 396 1.14 15.64 -18.52
N GLU J 397 1.11 14.93 -19.65
CA GLU J 397 -0.14 14.73 -20.36
C GLU J 397 -1.08 13.80 -19.61
N ARG J 398 -0.55 12.80 -18.90
CA ARG J 398 -1.40 11.87 -18.16
C ARG J 398 -2.16 12.58 -17.05
N LEU J 399 -1.50 13.47 -16.32
CA LEU J 399 -2.15 14.15 -15.20
C LEU J 399 -3.30 15.04 -15.67
N GLU J 400 -3.26 15.49 -16.89
CA GLU J 400 -4.30 16.34 -17.40
C GLU J 400 -5.55 15.56 -17.65
N LEU J 401 -5.43 14.33 -18.10
CA LEU J 401 -6.60 13.48 -18.32
C LEU J 401 -7.19 12.96 -17.02
N GLN J 402 -6.34 12.67 -16.03
CA GLN J 402 -6.84 12.19 -14.74
C GLN J 402 -7.60 13.28 -14.00
N GLY J 403 -7.12 14.53 -14.09
CA GLY J 403 -7.80 15.63 -13.44
C GLY J 403 -9.17 15.91 -14.01
N TYR J 404 -9.33 15.75 -15.32
CA TYR J 404 -10.64 15.96 -15.94
C TYR J 404 -11.65 14.93 -15.45
N ARG J 405 -11.21 13.69 -15.22
CA ARG J 405 -12.12 12.65 -14.75
C ARG J 405 -12.53 12.87 -13.29
N VAL J 406 -11.61 13.41 -12.47
CA VAL J 406 -11.91 13.58 -11.05
C VAL J 406 -12.98 14.63 -10.84
N ILE J 407 -12.88 15.76 -11.53
CA ILE J 407 -13.85 16.85 -11.34
C ILE J 407 -15.22 16.44 -11.85
N SER J 408 -15.29 15.72 -12.97
CA SER J 408 -16.57 15.28 -13.50
C SER J 408 -17.26 14.32 -12.53
N GLY J 409 -16.50 13.42 -11.91
CA GLY J 409 -17.09 12.49 -10.97
C GLY J 409 -17.62 13.15 -9.72
N LEU J 410 -16.92 14.17 -9.21
CA LEU J 410 -17.39 14.86 -8.01
C LEU J 410 -18.71 15.58 -8.25
N LEU J 411 -18.90 16.15 -9.44
CA LEU J 411 -20.15 16.83 -9.74
C LEU J 411 -21.31 15.85 -9.86
N GLU J 412 -21.05 14.63 -10.26
CA GLU J 412 -22.11 13.64 -10.36
C GLU J 412 -22.51 13.14 -8.99
N ILE J 413 -21.59 13.07 -8.06
CA ILE J 413 -21.91 12.62 -6.71
C ILE J 413 -22.89 13.57 -6.04
N TYR J 414 -22.70 14.87 -6.21
CA TYR J 414 -23.54 15.89 -5.61
C TYR J 414 -24.74 16.26 -6.46
N ARG J 415 -24.99 15.53 -7.53
CA ARG J 415 -26.13 15.84 -8.33
C ARG J 415 -27.51 15.75 -7.62
N PRO J 416 -27.70 14.80 -6.69
CA PRO J 416 -28.99 14.79 -5.97
C PRO J 416 -29.31 16.09 -5.25
N LEU J 417 -28.30 16.87 -4.84
CA LEU J 417 -28.57 18.15 -4.18
C LEU J 417 -29.26 19.12 -5.12
N LEU J 418 -28.94 19.07 -6.42
CA LEU J 418 -29.54 19.97 -7.40
C LEU J 418 -30.92 19.52 -7.86
N SER J 419 -31.31 18.28 -7.57
CA SER J 419 -32.59 17.76 -8.01
C SER J 419 -33.72 17.98 -7.00
N LEU J 420 -33.41 18.50 -5.82
CA LEU J 420 -34.43 18.72 -4.80
C LEU J 420 -35.29 19.93 -5.15
N SER J 421 -36.36 20.15 -4.38
CA SER J 421 -37.24 21.28 -4.58
C SER J 421 -36.88 22.41 -3.62
N LEU J 422 -37.53 23.55 -3.79
CA LEU J 422 -37.25 24.71 -2.95
C LEU J 422 -37.61 24.42 -1.50
N SER J 423 -38.79 23.82 -1.26
CA SER J 423 -39.22 23.54 0.10
C SER J 423 -38.31 22.51 0.76
N ASP J 424 -37.91 21.47 0.04
CA ASP J 424 -37.05 20.44 0.61
C ASP J 424 -35.69 21.01 0.98
N PHE J 425 -35.10 21.83 0.09
CA PHE J 425 -33.80 22.42 0.40
C PHE J 425 -33.90 23.44 1.53
N THR J 426 -35.01 24.18 1.61
CA THR J 426 -35.20 25.10 2.72
C THR J 426 -35.30 24.35 4.04
N GLU J 427 -36.02 23.22 4.05
CA GLU J 427 -36.10 22.41 5.25
C GLU J 427 -34.72 21.84 5.61
N LEU J 428 -33.95 21.44 4.60
CA LEU J 428 -32.61 20.92 4.85
C LEU J 428 -31.71 21.98 5.47
N VAL J 429 -31.75 23.21 4.96
CA VAL J 429 -30.87 24.25 5.48
C VAL J 429 -31.37 24.80 6.80
N GLU J 430 -32.65 24.63 7.12
CA GLU J 430 -33.20 25.20 8.36
C GLU J 430 -33.18 24.20 9.51
N LYS J 431 -33.64 22.97 9.28
CA LYS J 431 -33.78 21.98 10.36
C LYS J 431 -32.45 21.29 10.66
N GLU J 432 -31.73 20.88 9.62
CA GLU J 432 -30.44 20.17 9.64
C GLU J 432 -30.59 18.73 10.14
N ARG J 433 -31.78 18.31 10.57
CA ARG J 433 -32.05 16.93 10.99
C ARG J 433 -33.34 16.50 10.29
N VAL J 434 -33.20 15.99 9.07
CA VAL J 434 -34.35 15.62 8.24
C VAL J 434 -34.47 14.11 8.21
N LYS J 435 -35.69 13.62 8.47
CA LYS J 435 -35.97 12.20 8.44
C LYS J 435 -36.47 11.70 7.09
N ARG J 436 -36.65 12.61 6.11
CA ARG J 436 -37.14 12.23 4.80
C ARG J 436 -36.05 12.13 3.74
N PHE J 437 -34.89 12.76 3.98
CA PHE J 437 -33.78 12.78 3.02
C PHE J 437 -32.50 12.36 3.73
N PRO J 438 -32.31 11.05 3.96
CA PRO J 438 -31.08 10.63 4.65
C PRO J 438 -29.83 10.81 3.82
N ILE J 439 -29.88 10.47 2.53
CA ILE J 439 -28.70 10.61 1.67
C ILE J 439 -28.39 12.09 1.40
N GLU J 440 -29.42 12.89 1.12
CA GLU J 440 -29.19 14.28 0.74
C GLU J 440 -28.67 15.09 1.92
N SER J 441 -29.16 14.82 3.13
CA SER J 441 -28.73 15.58 4.30
C SER J 441 -27.26 15.33 4.62
N ARG J 442 -26.80 14.09 4.48
CA ARG J 442 -25.40 13.77 4.79
C ARG J 442 -24.45 14.42 3.80
N LEU J 443 -24.82 14.51 2.52
CA LEU J 443 -24.00 15.22 1.55
C LEU J 443 -23.92 16.71 1.88
N PHE J 444 -25.01 17.25 2.45
CA PHE J 444 -25.05 18.67 2.76
C PHE J 444 -24.06 19.06 3.85
N HIS J 445 -23.83 18.18 4.82
CA HIS J 445 -22.92 18.50 5.91
C HIS J 445 -21.45 18.48 5.50
N LYS J 446 -21.14 17.96 4.32
CA LYS J 446 -19.76 17.94 3.85
C LYS J 446 -19.29 19.28 3.31
N LEU J 447 -20.23 20.16 2.93
CA LEU J 447 -19.86 21.48 2.43
C LEU J 447 -19.26 22.33 3.55
N SER J 448 -18.32 23.19 3.19
CA SER J 448 -17.68 24.06 4.16
C SER J 448 -18.69 25.06 4.74
N THR J 449 -18.42 25.48 5.98
CA THR J 449 -19.35 26.36 6.67
C THR J 449 -19.39 27.75 6.06
N ARG J 450 -18.26 28.23 5.52
CA ARG J 450 -18.24 29.57 4.94
C ARG J 450 -19.13 29.65 3.69
N HIS J 451 -19.11 28.62 2.86
CA HIS J 451 -19.97 28.61 1.68
C HIS J 451 -21.44 28.57 2.06
N ARG J 452 -21.79 27.78 3.08
CA ARG J 452 -23.16 27.74 3.55
C ARG J 452 -23.60 29.09 4.12
N LEU J 453 -22.72 29.75 4.87
CA LEU J 453 -23.02 31.07 5.39
C LEU J 453 -23.22 32.08 4.27
N ALA J 454 -22.38 32.01 3.24
CA ALA J 454 -22.54 32.90 2.10
C ALA J 454 -23.88 32.65 1.39
N TYR J 455 -24.26 31.38 1.23
CA TYR J 455 -25.55 31.07 0.62
C TYR J 455 -26.69 31.62 1.46
N VAL J 456 -26.62 31.44 2.78
CA VAL J 456 -27.69 31.92 3.66
C VAL J 456 -27.81 33.44 3.57
N GLU J 457 -26.67 34.14 3.59
CA GLU J 457 -26.70 35.60 3.49
C GLU J 457 -27.25 36.05 2.14
N ALA J 458 -26.89 35.34 1.06
CA ALA J 458 -27.35 35.74 -0.26
C ALA J 458 -28.86 35.54 -0.41
N VAL J 459 -29.39 34.40 0.02
CA VAL J 459 -30.82 34.16 -0.14
C VAL J 459 -31.64 34.85 0.95
N SER J 460 -31.00 35.37 1.99
CA SER J 460 -31.71 36.07 3.06
C SER J 460 -32.04 37.52 2.70
N LYS J 461 -31.95 37.90 1.43
CA LYS J 461 -32.19 39.28 1.02
C LYS J 461 -33.22 39.42 -0.10
N LEU J 462 -33.43 38.39 -0.91
CA LEU J 462 -34.35 38.50 -2.03
C LEU J 462 -35.79 38.59 -1.54
N PRO J 463 -36.63 39.38 -2.23
CA PRO J 463 -38.05 39.43 -1.89
C PRO J 463 -38.72 38.06 -1.99
N SER J 464 -39.24 37.55 -0.86
CA SER J 464 -39.86 36.23 -0.86
C SER J 464 -41.12 36.20 -1.71
N ASP J 465 -41.94 37.25 -1.67
CA ASP J 465 -43.19 37.30 -2.41
C ASP J 465 -42.96 37.95 -3.77
N SER J 466 -42.15 37.28 -4.58
CA SER J 466 -41.82 37.72 -5.93
C SER J 466 -41.83 36.52 -6.85
N PRO J 467 -42.12 36.73 -8.14
CA PRO J 467 -42.10 35.60 -9.09
C PRO J 467 -40.71 35.26 -9.58
N GLU J 468 -39.68 35.83 -8.94
CA GLU J 468 -38.29 35.56 -9.30
C GLU J 468 -37.53 34.78 -8.24
N PHE J 469 -38.17 34.41 -7.14
CA PHE J 469 -37.46 33.71 -6.06
C PHE J 469 -36.89 32.37 -6.49
N PRO J 470 -37.63 31.47 -7.15
CA PRO J 470 -37.02 30.17 -7.52
C PRO J 470 -35.81 30.29 -8.42
N LEU J 471 -35.83 31.23 -9.37
CA LEU J 471 -34.70 31.37 -10.28
C LEU J 471 -33.44 31.81 -9.54
N TRP J 472 -33.56 32.83 -8.70
CA TRP J 472 -32.42 33.28 -7.91
C TRP J 472 -31.94 32.21 -6.94
N GLU J 473 -32.88 31.48 -6.34
CA GLU J 473 -32.51 30.41 -5.41
C GLU J 473 -31.71 29.33 -6.13
N TYR J 474 -32.15 28.93 -7.33
CA TYR J 474 -31.41 27.93 -8.08
C TYR J 474 -30.04 28.45 -8.49
N TYR J 475 -29.96 29.72 -8.90
CA TYR J 475 -28.68 30.29 -9.28
C TYR J 475 -27.71 30.28 -8.09
N TYR J 476 -28.20 30.67 -6.91
CA TYR J 476 -27.34 30.70 -5.73
C TYR J 476 -26.96 29.29 -5.28
N ARG J 477 -27.86 28.32 -5.45
CA ARG J 477 -27.51 26.94 -5.13
C ARG J 477 -26.41 26.41 -6.06
N CYS J 478 -26.51 26.72 -7.36
CA CYS J 478 -25.47 26.32 -8.29
C CYS J 478 -24.15 27.00 -7.96
N ARG J 479 -24.20 28.28 -7.59
CA ARG J 479 -22.98 28.99 -7.20
C ARG J 479 -22.38 28.36 -5.94
N LEU J 480 -23.22 27.98 -4.97
CA LEU J 480 -22.73 27.32 -3.77
C LEU J 480 -22.06 26.00 -4.11
N LEU J 481 -22.63 25.24 -5.05
CA LEU J 481 -22.00 24.00 -5.48
C LEU J 481 -20.66 24.26 -6.18
N GLN J 482 -20.59 25.32 -6.98
CA GLN J 482 -19.35 25.61 -7.70
C GLN J 482 -18.25 26.13 -6.78
N ASP J 483 -18.62 26.84 -5.71
CA ASP J 483 -17.62 27.34 -4.77
C ASP J 483 -16.91 26.20 -4.05
N TYR J 484 -17.65 25.16 -3.69
CA TYR J 484 -17.08 24.05 -2.93
C TYR J 484 -16.04 23.29 -3.76
N ILE J 485 -16.32 23.07 -5.04
CA ILE J 485 -15.41 22.31 -5.89
C ILE J 485 -14.13 23.08 -6.16
N SER J 486 -14.26 24.37 -6.48
CA SER J 486 -13.10 25.17 -6.89
C SER J 486 -12.20 25.56 -5.73
N GLY J 487 -12.62 25.34 -4.50
CA GLY J 487 -11.83 25.75 -3.34
C GLY J 487 -10.98 24.63 -2.76
N MET J 488 -10.70 23.61 -3.57
CA MET J 488 -9.96 22.44 -3.12
C MET J 488 -8.56 22.41 -3.72
N THR J 489 -7.63 21.82 -2.97
CA THR J 489 -6.35 21.43 -3.53
C THR J 489 -6.52 20.15 -4.33
N ASP J 490 -5.66 20.00 -5.32
CA ASP J 490 -5.60 18.86 -6.21
C ASP J 490 -5.51 17.57 -5.45
N LEU J 491 -4.75 17.57 -4.39
CA LEU J 491 -4.54 16.38 -3.58
C LEU J 491 -5.77 16.03 -2.74
N TYR J 492 -6.48 17.04 -2.25
CA TYR J 492 -7.69 16.79 -1.46
C TYR J 492 -8.83 16.29 -2.33
N ALA J 493 -8.97 16.86 -3.53
CA ALA J 493 -10.06 16.45 -4.42
C ALA J 493 -9.90 14.99 -4.85
N TRP J 494 -8.68 14.58 -5.16
CA TRP J 494 -8.44 13.18 -5.55
C TRP J 494 -8.79 12.23 -4.41
N ASP J 495 -8.36 12.57 -3.18
CA ASP J 495 -8.66 11.73 -2.04
C ASP J 495 -10.16 11.64 -1.78
N GLU J 496 -10.86 12.78 -1.86
CA GLU J 496 -12.31 12.76 -1.64
C GLU J 496 -13.02 11.96 -2.72
N TYR J 497 -12.58 12.10 -3.97
CA TYR J 497 -13.19 11.34 -5.06
C TYR J 497 -12.99 9.84 -4.86
N ARG J 498 -11.78 9.43 -4.46
CA ARG J 498 -11.53 8.01 -4.24
C ARG J 498 -12.30 7.49 -3.04
N ARG J 499 -12.44 8.26 -1.98
CA ARG J 499 -13.19 7.81 -0.83
C ARG J 499 -14.68 7.75 -1.05
N LEU J 500 -15.22 8.70 -1.77
CA LEU J 500 -16.66 8.70 -2.01
C LEU J 500 -17.10 7.63 -3.00
N MET J 501 -16.18 7.02 -3.73
CA MET J 501 -16.50 5.95 -4.65
C MET J 501 -16.21 4.57 -4.06
N ALA J 502 -15.94 4.49 -2.75
CA ALA J 502 -15.69 3.23 -2.06
C ALA J 502 -14.50 2.49 -2.66
N VAL J 503 -13.47 3.22 -3.03
CA VAL J 503 -12.25 2.65 -3.57
C VAL J 503 -11.15 2.61 -2.53
N GLU J 504 -10.98 3.67 -1.76
CA GLU J 504 -9.95 3.72 -0.72
C GLU J 504 -10.54 3.40 0.65
N GLN K 3 -57.60 -17.79 32.28
CA GLN K 3 -56.71 -18.58 33.13
C GLN K 3 -55.29 -18.60 32.57
N ILE K 4 -54.34 -18.10 33.36
CA ILE K 4 -52.94 -18.03 32.95
C ILE K 4 -52.28 -19.37 33.28
N ASP K 5 -51.67 -19.99 32.28
CA ASP K 5 -50.99 -21.27 32.46
C ASP K 5 -49.79 -21.29 31.52
N PHE K 6 -48.59 -21.15 32.07
CA PHE K 6 -47.37 -21.08 31.28
C PHE K 6 -46.93 -22.44 30.73
N ARG K 7 -47.54 -23.53 31.16
CA ARG K 7 -47.22 -24.83 30.59
C ARG K 7 -47.69 -24.95 29.15
N LYS K 8 -48.73 -24.23 28.77
CA LYS K 8 -49.22 -24.22 27.40
C LYS K 8 -48.43 -23.29 26.49
N LYS K 9 -47.50 -22.51 27.04
CA LYS K 9 -46.66 -21.61 26.27
C LYS K 9 -45.22 -22.10 26.12
N ILE K 10 -44.66 -22.69 27.17
CA ILE K 10 -43.30 -23.22 27.12
C ILE K 10 -43.32 -24.58 26.44
N ASN K 11 -43.01 -24.60 25.15
CA ASN K 11 -43.05 -25.83 24.37
C ASN K 11 -41.62 -26.32 24.13
N TRP K 12 -41.36 -27.57 24.51
CA TRP K 12 -40.04 -28.17 24.36
C TRP K 12 -39.97 -29.14 23.18
N HIS K 13 -40.98 -29.16 22.32
CA HIS K 13 -40.97 -30.00 21.14
C HIS K 13 -40.20 -29.34 20.01
N ARG K 14 -39.79 -30.16 19.04
CA ARG K 14 -39.05 -29.71 17.88
C ARG K 14 -39.83 -30.02 16.61
N ARG K 15 -39.31 -29.54 15.48
CA ARG K 15 -39.94 -29.79 14.20
C ARG K 15 -39.50 -31.11 13.58
N TYR K 16 -38.25 -31.49 13.77
CA TYR K 16 -37.70 -32.74 13.24
C TYR K 16 -37.16 -33.58 14.39
N ARG K 17 -37.51 -34.87 14.40
CA ARG K 17 -37.10 -35.80 15.46
C ARG K 17 -37.50 -35.27 16.83
N SER K 18 -38.75 -34.81 16.93
CA SER K 18 -39.22 -34.17 18.14
C SER K 18 -39.25 -35.17 19.30
N PRO K 19 -38.82 -34.76 20.50
CA PRO K 19 -38.91 -35.66 21.65
C PRO K 19 -40.35 -35.87 22.09
N GLN K 20 -40.82 -37.11 22.06
CA GLN K 20 -42.18 -37.45 22.43
C GLN K 20 -42.19 -38.07 23.83
N GLY K 21 -43.40 -38.21 24.38
CA GLY K 21 -43.57 -38.80 25.69
C GLY K 21 -43.51 -37.79 26.81
N VAL K 22 -43.81 -38.28 28.01
CA VAL K 22 -43.81 -37.45 29.20
C VAL K 22 -42.39 -37.32 29.72
N LYS K 23 -42.01 -36.11 30.14
CA LYS K 23 -40.67 -35.83 30.63
C LYS K 23 -40.76 -35.22 32.03
N THR K 24 -39.75 -35.51 32.84
CA THR K 24 -39.68 -34.95 34.18
C THR K 24 -39.05 -33.56 34.14
N GLU K 25 -38.93 -32.94 35.32
CA GLU K 25 -38.39 -31.60 35.41
C GLU K 25 -36.91 -31.54 35.08
N HIS K 26 -36.18 -32.64 35.28
CA HIS K 26 -34.74 -32.62 35.02
C HIS K 26 -34.43 -32.75 33.54
N GLU K 27 -35.06 -33.70 32.85
CA GLU K 27 -34.81 -33.88 31.42
C GLU K 27 -35.37 -32.74 30.58
N ILE K 28 -36.39 -32.04 31.08
CA ILE K 28 -36.89 -30.86 30.37
C ILE K 28 -35.81 -29.77 30.34
N LEU K 29 -35.12 -29.56 31.46
CA LEU K 29 -34.03 -28.60 31.51
C LEU K 29 -32.89 -28.97 30.58
N ARG K 30 -32.61 -30.27 30.43
CA ARG K 30 -31.54 -30.71 29.52
C ARG K 30 -31.84 -30.34 28.08
N ILE K 31 -33.12 -30.26 27.70
CA ILE K 31 -33.47 -29.89 26.34
C ILE K 31 -33.09 -28.44 26.06
N PHE K 32 -33.25 -27.56 27.03
CA PHE K 32 -32.98 -26.14 26.86
C PHE K 32 -31.51 -25.79 27.01
N GLU K 33 -30.66 -26.74 27.39
CA GLU K 33 -29.22 -26.55 27.43
C GLU K 33 -28.54 -26.90 26.11
N SER K 34 -29.03 -27.96 25.44
CA SER K 34 -28.54 -28.28 24.11
C SER K 34 -28.82 -27.14 23.13
N ASP K 35 -29.95 -26.46 23.28
CA ASP K 35 -30.22 -25.29 22.45
C ASP K 35 -29.20 -24.19 22.68
N ARG K 36 -28.81 -24.01 23.94
CA ARG K 36 -27.80 -23.02 24.26
C ARG K 36 -26.46 -23.40 23.65
N GLY K 37 -26.10 -24.67 23.69
CA GLY K 37 -24.88 -25.14 23.06
C GLY K 37 -24.89 -24.94 21.56
N ARG K 38 -26.04 -25.20 20.94
CA ARG K 38 -26.18 -25.02 19.50
C ARG K 38 -26.04 -23.55 19.12
N ILE K 39 -26.69 -22.66 19.86
CA ILE K 39 -26.70 -21.25 19.49
C ILE K 39 -25.33 -20.62 19.71
N ILE K 40 -24.71 -20.91 20.86
CA ILE K 40 -23.42 -20.27 21.18
C ILE K 40 -22.33 -20.73 20.23
N ASN K 41 -22.35 -21.99 19.81
CA ASN K 41 -21.34 -22.53 18.91
C ASN K 41 -21.79 -22.54 17.45
N SER K 42 -22.57 -21.52 17.04
CA SER K 42 -23.08 -21.43 15.68
C SER K 42 -22.27 -20.42 14.87
N PRO K 43 -22.10 -20.68 13.56
CA PRO K 43 -21.38 -19.71 12.72
C PRO K 43 -22.05 -18.34 12.65
N ALA K 44 -23.37 -18.28 12.83
CA ALA K 44 -24.07 -17.00 12.77
C ALA K 44 -23.68 -16.09 13.92
N ILE K 45 -23.41 -16.67 15.11
CA ILE K 45 -23.02 -15.85 16.25
C ILE K 45 -21.57 -15.43 16.14
N ARG K 46 -20.71 -16.28 15.59
CA ARG K 46 -19.30 -15.94 15.44
C ARG K 46 -19.12 -14.76 14.51
N ARG K 47 -19.95 -14.67 13.46
CA ARG K 47 -19.85 -13.58 12.49
C ARG K 47 -20.22 -12.23 13.08
N LEU K 48 -20.80 -12.19 14.27
CA LEU K 48 -21.23 -10.94 14.87
C LEU K 48 -20.07 -10.06 15.31
N GLN K 49 -18.88 -10.63 15.48
CA GLN K 49 -17.73 -9.85 15.93
C GLN K 49 -17.04 -9.11 14.80
N GLN K 50 -17.47 -9.30 13.55
CA GLN K 50 -16.92 -8.58 12.41
C GLN K 50 -17.92 -7.58 11.83
N LYS K 51 -18.99 -7.29 12.56
CA LYS K 51 -19.97 -6.28 12.19
C LYS K 51 -19.91 -5.13 13.18
N THR K 52 -19.95 -3.91 12.67
CA THR K 52 -19.75 -2.73 13.49
C THR K 52 -21.07 -2.24 14.06
N GLN K 53 -21.03 -1.70 15.28
CA GLN K 53 -22.21 -1.06 15.85
C GLN K 53 -22.32 0.38 15.38
N VAL K 54 -21.33 1.21 15.73
CA VAL K 54 -21.24 2.58 15.22
C VAL K 54 -19.86 2.81 14.63
N PHE K 55 -18.81 2.56 15.43
CA PHE K 55 -17.43 2.83 15.02
C PHE K 55 -16.79 1.56 14.49
N PRO K 56 -16.16 1.60 13.31
CA PRO K 56 -15.51 0.43 12.70
C PRO K 56 -14.32 -0.07 13.51
N ALA K 62 -10.88 -1.31 21.07
CA ALA K 62 -11.60 -1.38 22.33
C ALA K 62 -13.05 -0.95 22.17
N VAL K 63 -13.47 -0.77 20.92
CA VAL K 63 -14.83 -0.35 20.62
C VAL K 63 -15.72 -1.59 20.57
N ARG K 64 -17.00 -1.39 20.87
CA ARG K 64 -17.96 -2.49 20.92
C ARG K 64 -18.40 -2.91 19.53
N THR K 65 -18.51 -4.21 19.33
CA THR K 65 -19.10 -4.79 18.14
C THR K 65 -20.51 -5.27 18.46
N ARG K 66 -21.17 -5.92 17.50
CA ARG K 66 -22.50 -6.45 17.76
C ARG K 66 -22.46 -7.62 18.75
N LEU K 67 -21.37 -8.40 18.74
CA LEU K 67 -21.25 -9.50 19.69
C LEU K 67 -21.13 -8.99 21.11
N THR K 68 -20.30 -7.96 21.33
CA THR K 68 -20.16 -7.37 22.65
C THR K 68 -21.40 -6.60 23.07
N HIS K 69 -22.14 -6.04 22.11
CA HIS K 69 -23.38 -5.34 22.45
C HIS K 69 -24.48 -6.32 22.87
N SER K 70 -24.62 -7.43 22.15
CA SER K 70 -25.62 -8.43 22.49
C SER K 70 -25.30 -9.15 23.80
N MET K 71 -24.06 -9.14 24.25
CA MET K 71 -23.72 -9.73 25.54
C MET K 71 -24.19 -8.86 26.70
N GLU K 72 -24.22 -7.54 26.51
CA GLU K 72 -24.75 -6.64 27.52
C GLU K 72 -26.28 -6.69 27.58
N VAL K 73 -26.93 -6.86 26.43
CA VAL K 73 -28.39 -7.01 26.42
C VAL K 73 -28.80 -8.30 27.09
N GLN K 74 -27.99 -9.35 26.93
CA GLN K 74 -28.29 -10.63 27.56
C GLN K 74 -28.27 -10.52 29.08
N GLN K 75 -27.35 -9.73 29.63
CA GLN K 75 -27.27 -9.56 31.08
C GLN K 75 -28.45 -8.79 31.63
N VAL K 76 -28.92 -7.78 30.90
CA VAL K 76 -30.07 -6.99 31.35
C VAL K 76 -31.33 -7.84 31.31
N GLY K 77 -31.46 -8.70 30.30
CA GLY K 77 -32.62 -9.58 30.22
C GLY K 77 -32.68 -10.56 31.38
N ARG K 78 -31.56 -11.15 31.75
CA ARG K 78 -31.52 -12.09 32.86
C ARG K 78 -32.09 -11.45 34.11
N TYR K 79 -31.60 -10.27 34.42
CA TYR K 79 -31.99 -9.50 35.56
C TYR K 79 -33.47 -9.07 35.59
N ILE K 80 -34.13 -8.90 34.45
CA ILE K 80 -35.57 -8.54 34.46
C ILE K 80 -36.41 -9.77 34.73
N ALA K 81 -35.99 -10.90 34.20
CA ALA K 81 -36.66 -12.18 34.41
C ALA K 81 -36.52 -12.64 35.87
N LYS K 82 -35.33 -12.47 36.45
CA LYS K 82 -35.13 -12.85 37.84
C LYS K 82 -35.96 -11.98 38.79
N GLU K 83 -36.08 -10.68 38.50
CA GLU K 83 -36.92 -9.82 39.31
C GLU K 83 -38.39 -10.20 39.20
N ILE K 84 -38.85 -10.55 38.00
CA ILE K 84 -40.23 -10.97 37.82
C ILE K 84 -40.51 -12.28 38.56
N LEU K 85 -39.60 -13.26 38.45
CA LEU K 85 -39.79 -14.53 39.12
C LEU K 85 -39.80 -14.39 40.64
N SER K 86 -38.90 -13.57 41.18
CA SER K 86 -38.84 -13.37 42.62
C SER K 86 -40.03 -12.59 43.17
N ARG K 87 -40.58 -11.66 42.40
CA ARG K 87 -41.72 -10.88 42.86
C ARG K 87 -43.00 -11.72 42.92
N LEU K 88 -43.14 -12.69 42.00
CA LEU K 88 -44.31 -13.55 42.01
C LEU K 88 -44.31 -14.51 43.19
N LYS K 89 -43.13 -14.96 43.62
CA LYS K 89 -43.04 -15.86 44.77
C LYS K 89 -43.50 -15.18 46.05
N GLU K 90 -43.32 -13.86 46.15
CA GLU K 90 -43.80 -13.14 47.32
C GLU K 90 -45.32 -13.13 47.39
N LEU K 91 -46.00 -13.13 46.26
CA LEU K 91 -47.45 -13.16 46.20
C LEU K 91 -48.02 -14.57 46.14
N LYS K 92 -47.16 -15.59 46.20
CA LYS K 92 -47.59 -16.99 46.17
C LYS K 92 -48.43 -17.30 44.93
N LEU K 93 -47.97 -16.80 43.79
CA LEU K 93 -48.65 -17.03 42.52
C LEU K 93 -47.85 -17.91 41.57
N LEU K 94 -46.67 -18.38 41.98
CA LEU K 94 -45.85 -19.20 41.09
C LEU K 94 -46.54 -20.53 40.78
N GLU K 95 -47.15 -21.16 41.77
CA GLU K 95 -47.84 -22.42 41.54
C GLU K 95 -49.13 -22.24 40.77
N ALA K 96 -49.83 -21.12 40.98
CA ALA K 96 -51.10 -20.90 40.30
C ALA K 96 -50.91 -20.60 38.81
N TYR K 97 -49.76 -20.04 38.44
CA TYR K 97 -49.50 -19.65 37.06
C TYR K 97 -48.77 -20.73 36.27
N GLY K 98 -48.45 -21.87 36.90
CA GLY K 98 -47.79 -22.95 36.20
C GLY K 98 -46.29 -22.84 36.10
N LEU K 99 -45.68 -21.89 36.80
CA LEU K 99 -44.24 -21.67 36.75
C LEU K 99 -43.49 -22.36 37.87
N ASP K 100 -44.15 -23.31 38.56
CA ASP K 100 -43.49 -23.99 39.69
C ASP K 100 -42.30 -24.81 39.22
N GLU K 101 -42.43 -25.50 38.08
CA GLU K 101 -41.38 -26.36 37.55
C GLU K 101 -40.84 -25.86 36.21
N LEU K 102 -40.87 -24.54 36.00
CA LEU K 102 -40.39 -23.97 34.75
C LEU K 102 -39.52 -22.73 34.95
N THR K 103 -38.99 -22.50 36.15
CA THR K 103 -38.17 -21.33 36.38
C THR K 103 -36.85 -21.38 35.64
N GLY K 104 -36.39 -22.56 35.25
CA GLY K 104 -35.15 -22.71 34.52
C GLY K 104 -35.24 -22.22 33.09
N PRO K 105 -36.08 -22.87 32.28
CA PRO K 105 -36.22 -22.44 30.87
C PRO K 105 -36.74 -21.02 30.72
N PHE K 106 -37.46 -20.50 31.72
CA PHE K 106 -38.03 -19.15 31.61
C PHE K 106 -36.95 -18.11 31.39
N GLU K 107 -35.85 -18.18 32.15
CA GLU K 107 -34.74 -17.27 31.96
C GLU K 107 -33.88 -17.63 30.75
N SER K 108 -33.73 -18.92 30.45
CA SER K 108 -32.90 -19.33 29.33
C SER K 108 -33.46 -18.86 28.00
N ILE K 109 -34.79 -18.92 27.84
CA ILE K 109 -35.41 -18.47 26.60
C ILE K 109 -35.17 -16.98 26.40
N VAL K 110 -35.32 -16.19 27.46
CA VAL K 110 -35.08 -14.75 27.37
C VAL K 110 -33.62 -14.48 27.05
N GLU K 111 -32.72 -15.21 27.67
CA GLU K 111 -31.30 -15.03 27.45
C GLU K 111 -30.85 -15.38 26.03
N MET K 112 -31.42 -16.41 25.44
CA MET K 112 -31.10 -16.76 24.05
C MET K 112 -31.81 -15.87 23.05
N SER K 113 -32.99 -15.35 23.39
CA SER K 113 -33.65 -14.39 22.51
C SER K 113 -32.90 -13.07 22.48
N CYS K 114 -32.38 -12.63 23.63
CA CYS K 114 -31.58 -11.43 23.66
C CYS K 114 -30.26 -11.60 22.91
N LEU K 115 -29.68 -12.80 22.97
CA LEU K 115 -28.41 -13.03 22.29
C LEU K 115 -28.55 -12.91 20.78
N MET K 116 -29.50 -13.64 20.19
CA MET K 116 -29.67 -13.65 18.74
C MET K 116 -30.79 -12.70 18.31
N HIS K 117 -30.65 -11.43 18.72
CA HIS K 117 -31.60 -10.39 18.32
C HIS K 117 -31.09 -9.53 17.18
N ASP K 118 -29.88 -9.79 16.68
CA ASP K 118 -29.33 -9.02 15.57
C ASP K 118 -28.59 -9.90 14.57
N ILE K 119 -28.96 -11.17 14.45
CA ILE K 119 -28.25 -12.08 13.55
C ILE K 119 -28.65 -11.91 12.10
N GLY K 120 -29.79 -11.26 11.83
CA GLY K 120 -30.28 -11.09 10.49
C GLY K 120 -30.03 -9.73 9.86
N ASN K 121 -29.26 -8.87 10.51
CA ASN K 121 -28.98 -7.55 9.96
C ASN K 121 -28.03 -7.66 8.77
N PRO K 122 -28.25 -6.89 7.71
CA PRO K 122 -27.36 -6.93 6.55
C PRO K 122 -26.09 -6.15 6.84
N PRO K 123 -25.05 -6.31 6.01
CA PRO K 123 -23.85 -5.50 6.19
C PRO K 123 -24.15 -4.02 6.07
N PHE K 124 -23.44 -3.22 6.87
CA PHE K 124 -23.56 -1.77 6.99
C PHE K 124 -24.87 -1.35 7.66
N GLY K 125 -25.70 -2.29 8.09
CA GLY K 125 -26.84 -1.94 8.94
C GLY K 125 -27.93 -1.23 8.17
N HIS K 126 -28.42 -0.12 8.74
CA HIS K 126 -29.62 0.54 8.25
C HIS K 126 -29.49 0.94 6.79
N PHE K 127 -28.39 1.62 6.44
CA PHE K 127 -28.20 2.03 5.05
C PHE K 127 -27.91 0.85 4.13
N GLY K 128 -27.46 -0.28 4.69
CA GLY K 128 -27.42 -1.50 3.91
C GLY K 128 -28.79 -2.10 3.68
N GLU K 129 -29.74 -1.83 4.57
CA GLU K 129 -31.11 -2.30 4.38
C GLU K 129 -31.86 -1.47 3.35
N ALA K 130 -31.64 -0.15 3.34
CA ALA K 130 -32.31 0.70 2.35
C ALA K 130 -31.83 0.39 0.94
N ALA K 131 -30.53 0.17 0.76
CA ALA K 131 -29.99 -0.02 -0.58
C ALA K 131 -30.60 -1.23 -1.26
N ILE K 132 -30.84 -2.30 -0.51
CA ILE K 132 -31.49 -3.49 -1.08
C ILE K 132 -32.90 -3.16 -1.51
N ASN K 133 -33.59 -2.31 -0.74
CA ASN K 133 -34.99 -2.02 -1.02
C ASN K 133 -35.16 -1.14 -2.25
N ASP K 134 -34.34 -0.10 -2.40
CA ASP K 134 -34.47 0.79 -3.55
C ASP K 134 -34.13 0.07 -4.85
N TRP K 135 -33.06 -0.72 -4.85
CA TRP K 135 -32.62 -1.39 -6.07
C TRP K 135 -33.72 -2.30 -6.63
N PHE K 136 -34.42 -3.02 -5.75
CA PHE K 136 -35.53 -3.84 -6.19
C PHE K 136 -36.76 -2.99 -6.55
N ARG K 137 -36.93 -1.84 -5.90
CA ARG K 137 -38.10 -1.02 -6.14
C ARG K 137 -38.12 -0.48 -7.56
N GLN K 138 -36.94 -0.38 -8.17
CA GLN K 138 -36.81 0.09 -9.53
C GLN K 138 -37.04 -0.99 -10.54
N ARG K 139 -37.00 -2.23 -10.14
CA ARG K 139 -37.18 -3.34 -11.02
C ARG K 139 -38.56 -3.96 -10.90
N LEU K 140 -39.25 -3.75 -9.81
CA LEU K 140 -40.54 -4.37 -9.59
C LEU K 140 -41.74 -3.47 -9.52
N HIS K 141 -41.54 -2.19 -9.21
CA HIS K 141 -42.60 -1.20 -9.13
C HIS K 141 -43.88 -1.67 -8.49
N PRO K 142 -43.83 -1.94 -7.18
CA PRO K 142 -44.96 -2.45 -6.40
C PRO K 142 -46.17 -1.54 -6.38
N GLU K 143 -45.97 -0.24 -6.48
CA GLU K 143 -47.08 0.70 -6.46
C GLU K 143 -47.99 0.63 -7.66
N ASP K 144 -47.57 -0.06 -8.71
CA ASP K 144 -48.40 -0.18 -9.91
C ASP K 144 -49.29 -1.41 -9.90
N ALA K 145 -49.21 -2.25 -8.86
CA ALA K 145 -50.02 -3.45 -8.75
C ALA K 145 -51.07 -3.36 -7.65
N GLU K 146 -51.31 -2.16 -7.12
CA GLU K 146 -52.28 -2.02 -6.03
C GLU K 146 -53.70 -2.20 -6.53
N SER K 147 -53.99 -1.79 -7.75
CA SER K 147 -55.34 -1.79 -8.29
C SER K 147 -55.35 -2.55 -9.61
N GLN K 148 -56.47 -2.45 -10.35
CA GLN K 148 -56.68 -3.06 -11.65
C GLN K 148 -55.51 -2.77 -12.59
N PRO K 149 -55.27 -3.62 -13.60
CA PRO K 149 -54.10 -3.42 -14.48
C PRO K 149 -54.04 -2.05 -15.11
N LEU K 150 -52.85 -1.46 -15.12
CA LEU K 150 -52.66 -0.10 -15.63
C LEU K 150 -52.25 -0.11 -17.10
N ASP K 153 -47.86 -0.31 -16.84
CA ASP K 153 -47.07 -1.22 -16.01
C ASP K 153 -45.59 -1.05 -16.28
N ARG K 154 -44.85 -0.63 -15.25
CA ARG K 154 -43.43 -0.36 -15.36
C ARG K 154 -42.57 -1.55 -14.95
N CYS K 155 -43.18 -2.70 -14.69
CA CYS K 155 -42.41 -3.87 -14.26
C CYS K 155 -41.47 -4.34 -15.36
N SER K 156 -40.25 -4.70 -14.96
CA SER K 156 -39.23 -5.15 -15.90
C SER K 156 -39.24 -6.65 -16.12
N VAL K 157 -40.14 -7.38 -15.47
CA VAL K 157 -40.24 -8.83 -15.61
C VAL K 157 -41.57 -9.15 -16.28
N ALA K 158 -41.51 -9.94 -17.36
CA ALA K 158 -42.72 -10.27 -18.10
C ALA K 158 -43.66 -11.14 -17.27
N ALA K 159 -43.10 -12.07 -16.50
CA ALA K 159 -43.93 -13.00 -15.73
C ALA K 159 -44.64 -12.33 -14.55
N LEU K 160 -44.12 -11.22 -14.04
CA LEU K 160 -44.71 -10.53 -12.90
C LEU K 160 -45.53 -9.31 -13.29
N ARG K 161 -45.78 -9.12 -14.58
CA ARG K 161 -46.59 -8.00 -15.04
C ARG K 161 -48.07 -8.38 -15.07
N LEU K 162 -48.91 -7.48 -14.58
CA LEU K 162 -50.34 -7.75 -14.51
C LEU K 162 -50.93 -7.80 -15.93
N ARG K 163 -51.72 -8.83 -16.19
CA ARG K 163 -52.32 -9.01 -17.50
C ARG K 163 -53.79 -9.41 -17.38
N GLU K 166 -57.07 -12.66 -15.87
CA GLU K 166 -56.16 -13.44 -15.05
C GLU K 166 -56.25 -13.03 -13.59
N GLU K 167 -57.48 -13.02 -13.06
CA GLU K 167 -57.68 -12.64 -11.66
C GLU K 167 -56.97 -13.57 -10.68
N PRO K 168 -57.09 -14.90 -10.79
CA PRO K 168 -56.40 -15.76 -9.81
C PRO K 168 -54.89 -15.64 -9.80
N LEU K 169 -54.27 -15.20 -10.90
CA LEU K 169 -52.81 -15.10 -10.96
C LEU K 169 -52.29 -13.71 -10.61
N ASN K 170 -53.12 -12.69 -10.63
CA ASN K 170 -52.66 -11.33 -10.32
C ASN K 170 -52.41 -11.14 -8.83
N GLU K 171 -53.17 -11.82 -7.97
CA GLU K 171 -52.97 -11.70 -6.54
C GLU K 171 -51.59 -12.19 -6.13
N LEU K 172 -51.18 -13.34 -6.67
CA LEU K 172 -49.83 -13.83 -6.41
C LEU K 172 -48.78 -12.88 -6.95
N ARG K 173 -49.03 -12.30 -8.13
CA ARG K 173 -48.08 -11.36 -8.71
C ARG K 173 -47.88 -10.15 -7.80
N ARG K 174 -48.97 -9.55 -7.34
CA ARG K 174 -48.83 -8.37 -6.47
C ARG K 174 -48.24 -8.73 -5.11
N LYS K 175 -48.58 -9.91 -4.57
CA LYS K 175 -47.98 -10.34 -3.32
C LYS K 175 -46.47 -10.50 -3.46
N ILE K 176 -46.02 -11.14 -4.54
CA ILE K 176 -44.60 -11.34 -4.75
C ILE K 176 -43.89 -10.00 -4.98
N ARG K 177 -44.52 -9.10 -5.74
CA ARG K 177 -43.91 -7.81 -6.01
C ARG K 177 -43.80 -6.97 -4.74
N GLN K 178 -44.79 -7.06 -3.85
CA GLN K 178 -44.73 -6.28 -2.62
C GLN K 178 -43.74 -6.87 -1.62
N ASP K 179 -43.70 -8.21 -1.51
CA ASP K 179 -42.83 -8.84 -0.53
C ASP K 179 -41.36 -8.58 -0.84
N LEU K 180 -40.99 -8.65 -2.13
CA LEU K 180 -39.58 -8.57 -2.51
C LEU K 180 -38.97 -7.20 -2.24
N CYS K 181 -39.80 -6.16 -2.13
CA CYS K 181 -39.32 -4.81 -1.85
C CYS K 181 -39.36 -4.47 -0.35
N HIS K 182 -39.61 -5.47 0.50
CA HIS K 182 -39.68 -5.27 1.95
C HIS K 182 -38.69 -6.25 2.60
N PHE K 183 -37.44 -5.82 2.73
CA PHE K 183 -36.42 -6.60 3.43
C PHE K 183 -36.22 -6.02 4.83
N GLU K 184 -36.36 -6.87 5.83
CA GLU K 184 -36.22 -6.47 7.21
C GLU K 184 -35.31 -7.45 7.87
N GLY K 185 -34.49 -7.02 8.81
CA GLY K 185 -33.57 -7.92 9.48
C GLY K 185 -34.25 -8.91 10.39
N ASN K 186 -35.32 -8.49 11.08
CA ASN K 186 -36.05 -9.40 11.95
C ASN K 186 -36.70 -10.53 11.14
N ALA K 187 -37.26 -10.20 9.97
CA ALA K 187 -37.82 -11.23 9.11
C ALA K 187 -36.75 -12.16 8.57
N GLN K 188 -35.54 -11.64 8.36
CA GLN K 188 -34.44 -12.48 7.90
C GLN K 188 -33.92 -13.39 9.01
N GLY K 189 -34.12 -12.99 10.27
CA GLY K 189 -33.65 -13.81 11.38
C GLY K 189 -34.37 -15.15 11.46
N ILE K 190 -35.69 -15.14 11.24
CA ILE K 190 -36.47 -16.38 11.27
C ILE K 190 -36.03 -17.29 10.12
N ARG K 191 -35.86 -16.73 8.93
CA ARG K 191 -35.44 -17.52 7.78
C ARG K 191 -34.05 -18.11 7.99
N LEU K 192 -33.12 -17.32 8.53
CA LEU K 192 -31.77 -17.81 8.77
C LEU K 192 -31.74 -18.94 9.79
N VAL K 193 -32.54 -18.82 10.85
CA VAL K 193 -32.51 -19.79 11.93
C VAL K 193 -33.14 -21.13 11.55
N HIS K 194 -34.08 -21.13 10.59
CA HIS K 194 -34.83 -22.33 10.24
C HIS K 194 -34.39 -22.96 8.93
N THR K 195 -34.36 -22.17 7.85
CA THR K 195 -34.12 -22.73 6.52
C THR K 195 -32.63 -22.84 6.17
N LEU K 196 -31.83 -21.82 6.53
CA LEU K 196 -30.43 -21.80 6.11
C LEU K 196 -29.53 -22.55 7.09
N MET K 197 -29.52 -22.15 8.35
CA MET K 197 -28.63 -22.78 9.34
C MET K 197 -29.11 -24.15 9.75
N ARG K 198 -30.43 -24.40 9.74
CA ARG K 198 -31.02 -25.68 10.12
C ARG K 198 -30.60 -26.07 11.54
N MET K 199 -30.81 -25.14 12.47
CA MET K 199 -30.47 -25.38 13.87
C MET K 199 -31.46 -26.29 14.58
N ASN K 200 -32.72 -26.27 14.14
CA ASN K 200 -33.78 -27.12 14.70
C ASN K 200 -33.98 -26.81 16.19
N LEU K 201 -34.36 -25.57 16.47
CA LEU K 201 -34.61 -25.14 17.83
C LEU K 201 -36.04 -25.49 18.25
N THR K 202 -36.29 -25.36 19.56
CA THR K 202 -37.61 -25.61 20.10
C THR K 202 -38.59 -24.50 19.69
N TRP K 203 -39.88 -24.81 19.78
CA TRP K 203 -40.89 -23.84 19.39
C TRP K 203 -40.86 -22.60 20.27
N ALA K 204 -40.63 -22.78 21.58
CA ALA K 204 -40.59 -21.64 22.49
C ALA K 204 -39.41 -20.73 22.18
N GLN K 205 -38.28 -21.29 21.76
CA GLN K 205 -37.13 -20.47 21.43
C GLN K 205 -37.34 -19.66 20.16
N VAL K 206 -37.99 -20.24 19.15
CA VAL K 206 -38.24 -19.51 17.91
C VAL K 206 -39.23 -18.37 18.14
N GLY K 207 -40.22 -18.58 19.02
CA GLY K 207 -41.21 -17.55 19.27
C GLY K 207 -40.67 -16.32 19.98
N GLY K 208 -39.50 -16.45 20.62
CA GLY K 208 -38.92 -15.32 21.32
C GLY K 208 -38.25 -14.30 20.42
N ILE K 209 -38.04 -14.63 19.15
CA ILE K 209 -37.41 -13.74 18.20
C ILE K 209 -38.40 -13.23 17.16
N LEU K 210 -39.70 -13.39 17.41
CA LEU K 210 -40.75 -12.88 16.53
C LEU K 210 -41.22 -11.56 17.11
N LYS K 211 -40.51 -10.50 16.79
CA LYS K 211 -40.80 -9.21 17.30
C LYS K 211 -42.08 -8.56 16.79
N TYR K 212 -42.37 -8.67 15.50
CA TYR K 212 -43.53 -8.07 14.87
C TYR K 212 -44.31 -9.12 14.09
N THR K 213 -45.58 -8.83 13.84
CA THR K 213 -46.50 -9.79 13.25
C THR K 213 -47.02 -9.40 11.88
N ARG K 214 -46.61 -8.27 11.33
CA ARG K 214 -47.11 -7.84 10.03
C ARG K 214 -46.45 -8.64 8.92
N PRO K 215 -47.21 -9.27 8.03
CA PRO K 215 -46.60 -9.97 6.89
C PRO K 215 -45.89 -8.99 5.96
N ALA K 216 -44.84 -9.49 5.31
CA ALA K 216 -44.06 -8.65 4.40
C ALA K 216 -44.84 -8.25 3.15
N TRP K 217 -45.82 -9.04 2.74
CA TRP K 217 -46.62 -8.73 1.56
C TRP K 217 -47.86 -7.92 1.88
N TRP K 218 -48.00 -7.41 3.08
CA TRP K 218 -49.16 -6.65 3.45
C TRP K 218 -49.24 -5.30 2.79
N ARG K 219 -50.35 -4.99 2.15
CA ARG K 219 -50.53 -3.66 1.60
C ARG K 219 -51.87 -3.12 2.05
N GLY K 220 -51.89 -1.96 2.68
CA GLY K 220 -53.13 -1.36 3.14
C GLY K 220 -52.99 -0.80 4.53
N GLU K 221 -54.12 -0.60 5.22
CA GLU K 221 -54.11 -0.13 6.59
C GLU K 221 -54.27 -1.29 7.56
N THR K 222 -53.48 -1.26 8.63
CA THR K 222 -53.53 -2.27 9.67
C THR K 222 -54.66 -1.97 10.66
N PRO K 223 -55.20 -2.99 11.31
CA PRO K 223 -56.25 -2.75 12.30
C PRO K 223 -55.74 -1.88 13.44
N GLU K 224 -56.63 -1.03 13.97
CA GLU K 224 -56.27 -0.13 15.06
C GLU K 224 -55.96 -0.88 16.34
N THR K 225 -56.44 -2.12 16.49
CA THR K 225 -56.16 -2.88 17.69
C THR K 225 -54.73 -3.40 17.71
N HIS K 226 -54.07 -3.47 16.55
CA HIS K 226 -52.70 -3.94 16.45
C HIS K 226 -51.80 -2.97 15.69
N HIS K 227 -52.03 -1.67 15.84
CA HIS K 227 -51.25 -0.69 15.08
C HIS K 227 -49.81 -0.60 15.56
N TYR K 228 -49.50 -1.06 16.77
CA TYR K 228 -48.13 -1.05 17.25
C TYR K 228 -47.41 -2.37 16.98
N LEU K 229 -48.11 -3.49 17.14
CA LEU K 229 -47.49 -4.79 16.91
C LEU K 229 -47.26 -5.08 15.43
N MET K 230 -47.83 -4.27 14.54
CA MET K 230 -47.70 -4.46 13.10
C MET K 230 -47.11 -3.22 12.42
N LYS K 231 -46.22 -2.52 13.11
CA LYS K 231 -45.57 -1.35 12.56
C LYS K 231 -44.45 -1.68 11.57
N LYS K 232 -43.89 -2.88 11.62
CA LYS K 232 -42.82 -3.32 10.74
C LYS K 232 -43.11 -4.74 10.30
N PRO K 233 -42.57 -5.16 9.15
CA PRO K 233 -42.75 -6.55 8.72
C PRO K 233 -42.12 -7.53 9.69
N GLY K 234 -42.74 -8.71 9.82
CA GLY K 234 -42.28 -9.70 10.75
C GLY K 234 -41.74 -10.96 10.13
N TYR K 235 -42.30 -11.37 8.99
CA TYR K 235 -41.87 -12.59 8.32
C TYR K 235 -42.19 -12.48 6.84
N TYR K 236 -41.54 -13.35 6.06
CA TYR K 236 -41.67 -13.35 4.62
C TYR K 236 -42.79 -14.30 4.17
N LEU K 237 -43.03 -14.32 2.86
CA LEU K 237 -44.04 -15.21 2.30
C LEU K 237 -43.56 -16.65 2.25
N SER K 238 -42.25 -16.87 2.08
CA SER K 238 -41.72 -18.22 2.03
C SER K 238 -41.78 -18.94 3.37
N GLU K 239 -42.10 -18.23 4.46
CA GLU K 239 -42.22 -18.81 5.78
C GLU K 239 -43.67 -18.83 6.27
N GLU K 240 -44.63 -18.62 5.38
CA GLU K 240 -46.03 -18.56 5.80
C GLU K 240 -46.49 -19.88 6.40
N ALA K 241 -46.11 -21.00 5.79
CA ALA K 241 -46.48 -22.30 6.32
C ALA K 241 -45.80 -22.58 7.64
N TYR K 242 -44.56 -22.12 7.82
CA TYR K 242 -43.85 -22.33 9.07
C TYR K 242 -44.43 -21.51 10.22
N ILE K 243 -44.87 -20.29 9.93
CA ILE K 243 -45.43 -19.45 10.98
C ILE K 243 -46.79 -19.97 11.45
N ALA K 244 -47.59 -20.52 10.54
CA ALA K 244 -48.88 -21.09 10.94
C ALA K 244 -48.70 -22.27 11.89
N ARG K 245 -47.73 -23.14 11.60
CA ARG K 245 -47.44 -24.26 12.50
C ARG K 245 -46.96 -23.75 13.85
N LEU K 246 -46.13 -22.69 13.86
CA LEU K 246 -45.68 -22.12 15.12
C LEU K 246 -46.84 -21.55 15.93
N ARG K 247 -47.76 -20.86 15.27
CA ARG K 247 -48.93 -20.33 15.96
C ARG K 247 -49.81 -21.45 16.51
N LYS K 248 -49.98 -22.52 15.74
CA LYS K 248 -50.75 -23.66 16.23
C LYS K 248 -50.07 -24.34 17.42
N GLU K 249 -48.74 -24.35 17.43
CA GLU K 249 -48.01 -25.01 18.51
C GLU K 249 -48.00 -24.19 19.80
N LEU K 250 -47.95 -22.87 19.70
CA LEU K 250 -47.85 -21.99 20.86
C LEU K 250 -49.18 -21.37 21.25
N ASN K 251 -50.28 -21.78 20.61
CA ASN K 251 -51.63 -21.28 20.92
C ASN K 251 -51.69 -19.75 20.84
N LEU K 252 -51.27 -19.22 19.69
CA LEU K 252 -51.30 -17.79 19.43
C LEU K 252 -52.30 -17.48 18.33
N ALA K 253 -53.11 -16.45 18.54
CA ALA K 253 -54.07 -16.02 17.54
C ALA K 253 -53.35 -15.29 16.41
N LEU K 254 -54.11 -14.93 15.38
CA LEU K 254 -53.54 -14.18 14.26
C LEU K 254 -53.04 -12.82 14.73
N TYR K 255 -51.84 -12.45 14.28
CA TYR K 255 -51.22 -11.16 14.60
C TYR K 255 -51.00 -11.00 16.10
N SER K 256 -50.64 -12.09 16.79
CA SER K 256 -50.39 -12.05 18.23
C SER K 256 -48.91 -12.25 18.51
N ARG K 257 -48.51 -11.90 19.73
CA ARG K 257 -47.11 -11.93 20.16
C ARG K 257 -46.92 -12.99 21.24
N PHE K 258 -45.69 -13.50 21.32
CA PHE K 258 -45.29 -14.40 22.40
C PHE K 258 -45.07 -13.61 23.68
N PRO K 259 -45.51 -14.13 24.83
CA PRO K 259 -45.40 -13.34 26.08
C PRO K 259 -44.00 -12.93 26.44
N LEU K 260 -43.00 -13.78 26.18
CA LEU K 260 -41.63 -13.48 26.60
C LEU K 260 -40.93 -12.47 25.70
N THR K 261 -41.52 -12.12 24.55
CA THR K 261 -40.88 -11.17 23.65
C THR K 261 -40.81 -9.77 24.26
N TRP K 262 -41.74 -9.44 25.16
CA TRP K 262 -41.76 -8.12 25.77
C TRP K 262 -40.51 -7.86 26.61
N ILE K 263 -40.03 -8.87 27.32
CA ILE K 263 -38.84 -8.71 28.15
C ILE K 263 -37.62 -8.42 27.29
N MET K 264 -37.49 -9.11 26.15
CA MET K 264 -36.36 -8.86 25.26
C MET K 264 -36.42 -7.46 24.66
N GLU K 265 -37.63 -6.96 24.36
CA GLU K 265 -37.75 -5.62 23.80
C GLU K 265 -37.32 -4.55 24.81
N ALA K 266 -37.66 -4.73 26.08
CA ALA K 266 -37.28 -3.74 27.10
C ALA K 266 -35.78 -3.73 27.34
N ALA K 267 -35.14 -4.89 27.22
CA ALA K 267 -33.70 -4.96 27.43
C ALA K 267 -32.93 -4.18 26.37
N ASP K 268 -33.39 -4.23 25.12
CA ASP K 268 -32.72 -3.49 24.05
C ASP K 268 -32.89 -1.99 24.22
N ASP K 269 -34.06 -1.56 24.71
CA ASP K 269 -34.30 -0.13 24.91
C ASP K 269 -33.43 0.47 26.00
N ILE K 270 -33.08 -0.31 27.03
CA ILE K 270 -32.21 0.19 28.08
C ILE K 270 -30.79 0.38 27.56
N SER K 271 -30.27 -0.59 26.81
CA SER K 271 -28.92 -0.53 26.26
C SER K 271 -28.91 0.03 24.84
N TYR K 272 -29.42 1.23 24.66
CA TYR K 272 -29.51 1.82 23.35
C TYR K 272 -28.39 2.82 23.00
N CYS K 273 -28.10 3.78 23.90
CA CYS K 273 -27.09 4.80 23.63
C CYS K 273 -25.97 4.87 24.65
N VAL K 274 -26.14 4.25 25.83
CA VAL K 274 -25.16 4.38 26.89
C VAL K 274 -23.78 3.86 26.49
N ALA K 275 -23.73 2.77 25.73
CA ALA K 275 -22.45 2.23 25.28
C ALA K 275 -21.77 3.13 24.27
N ASP K 276 -22.54 3.76 23.38
CA ASP K 276 -21.95 4.64 22.37
C ASP K 276 -21.31 5.87 23.00
N LEU K 277 -21.91 6.39 24.08
CA LEU K 277 -21.32 7.52 24.77
C LEU K 277 -19.96 7.16 25.36
N GLU K 278 -19.84 5.97 25.95
CA GLU K 278 -18.55 5.51 26.46
C GLU K 278 -17.56 5.27 25.32
N ASP K 279 -18.03 4.72 24.19
CA ASP K 279 -17.14 4.49 23.06
C ASP K 279 -16.64 5.81 22.47
N ALA K 280 -17.44 6.87 22.56
CA ALA K 280 -17.01 8.17 22.04
C ALA K 280 -15.82 8.71 22.82
N VAL K 281 -15.81 8.52 24.14
CA VAL K 281 -14.70 9.02 24.95
C VAL K 281 -13.41 8.29 24.61
N GLU K 282 -13.48 6.98 24.37
CA GLU K 282 -12.30 6.21 24.02
C GLU K 282 -11.70 6.62 22.68
N LYS K 283 -12.46 7.28 21.82
CA LYS K 283 -11.97 7.78 20.54
C LYS K 283 -11.59 9.27 20.61
N ARG K 284 -11.54 9.84 21.82
CA ARG K 284 -11.09 11.22 22.04
C ARG K 284 -11.98 12.23 21.33
N ILE K 285 -13.27 11.90 21.15
CA ILE K 285 -14.21 12.90 20.65
C ILE K 285 -14.36 14.04 21.67
N PHE K 286 -14.46 13.64 22.92
CA PHE K 286 -14.46 14.57 24.04
C PHE K 286 -13.88 13.89 25.27
N THR K 287 -13.88 14.57 26.39
CA THR K 287 -13.36 14.00 27.62
C THR K 287 -14.50 13.68 28.57
N VAL K 288 -14.15 13.01 29.67
CA VAL K 288 -15.15 12.62 30.66
C VAL K 288 -15.80 13.85 31.27
N GLU K 289 -15.00 14.86 31.60
CA GLU K 289 -15.55 16.11 32.16
C GLU K 289 -16.45 16.80 31.15
N GLN K 290 -16.07 16.82 29.87
CA GLN K 290 -16.91 17.42 28.85
C GLN K 290 -18.24 16.68 28.71
N LEU K 291 -18.20 15.35 28.74
CA LEU K 291 -19.43 14.57 28.68
C LEU K 291 -20.32 14.81 29.90
N TYR K 292 -19.71 14.92 31.07
CA TYR K 292 -20.49 15.22 32.27
C TYR K 292 -21.14 16.58 32.19
N HIS K 293 -20.40 17.58 31.68
CA HIS K 293 -20.98 18.91 31.51
C HIS K 293 -22.12 18.89 30.49
N HIS K 294 -21.95 18.13 29.39
CA HIS K 294 -23.00 18.03 28.39
C HIS K 294 -24.24 17.38 28.97
N LEU K 295 -24.07 16.32 29.77
CA LEU K 295 -25.22 15.67 30.40
C LEU K 295 -25.90 16.60 31.39
N HIS K 296 -25.12 17.36 32.15
CA HIS K 296 -25.72 18.31 33.10
C HIS K 296 -26.51 19.39 32.37
N GLU K 297 -25.97 19.88 31.24
CA GLU K 297 -26.69 20.89 30.47
C GLU K 297 -27.96 20.34 29.84
N ALA K 298 -27.90 19.11 29.32
CA ALA K 298 -29.06 18.53 28.64
C ALA K 298 -30.14 18.07 29.62
N TRP K 299 -29.75 17.69 30.85
CA TRP K 299 -30.72 17.18 31.80
C TRP K 299 -31.69 18.26 32.25
N GLY K 300 -31.17 19.44 32.57
CA GLY K 300 -32.00 20.54 33.03
C GLY K 300 -31.59 21.11 34.36
N PHE K 308 -30.90 12.46 37.76
CA PHE K 308 -29.51 12.81 37.46
C PHE K 308 -28.66 12.75 38.73
N SER K 309 -29.17 13.37 39.79
CA SER K 309 -28.45 13.39 41.07
C SER K 309 -28.30 11.98 41.63
N LEU K 310 -29.37 11.18 41.58
CA LEU K 310 -29.31 9.84 42.17
C LEU K 310 -28.53 8.87 41.29
N VAL K 311 -28.49 9.11 39.98
CA VAL K 311 -27.90 8.18 39.03
C VAL K 311 -26.54 8.66 38.54
N VAL K 312 -26.47 9.87 37.99
CA VAL K 312 -25.25 10.36 37.34
C VAL K 312 -24.32 10.99 38.37
N GLU K 313 -24.87 11.81 39.26
CA GLU K 313 -24.05 12.48 40.26
C GLU K 313 -23.40 11.49 41.21
N ASN K 314 -24.12 10.42 41.58
CA ASN K 314 -23.54 9.41 42.46
C ASN K 314 -22.33 8.75 41.81
N ALA K 315 -22.42 8.47 40.51
CA ALA K 315 -21.29 7.86 39.81
C ALA K 315 -20.14 8.84 39.60
N TRP K 316 -20.45 10.12 39.40
CA TRP K 316 -19.40 11.11 39.14
C TRP K 316 -18.49 11.28 40.35
N GLU K 317 -19.07 11.31 41.55
CA GLU K 317 -18.31 11.49 42.78
C GLU K 317 -17.70 10.19 43.29
N LYS K 318 -17.98 9.06 42.65
CA LYS K 318 -17.46 7.76 43.06
C LYS K 318 -16.26 7.33 42.22
N SER K 319 -15.69 8.23 41.43
CA SER K 319 -14.55 7.90 40.59
C SER K 319 -13.35 8.81 40.86
N THR K 328 -10.74 7.59 36.34
CA THR K 328 -11.96 8.38 36.24
C THR K 328 -12.83 8.03 35.04
N GLU K 329 -12.27 7.38 34.02
CA GLU K 329 -13.03 6.99 32.84
C GLU K 329 -13.71 5.63 33.03
N ASP K 330 -12.97 4.68 33.59
CA ASP K 330 -13.50 3.34 33.82
C ASP K 330 -14.11 3.24 35.21
N GLN K 331 -14.47 4.40 35.77
CA GLN K 331 -15.07 4.43 37.09
C GLN K 331 -16.30 5.32 37.12
N PHE K 332 -16.62 5.95 35.99
CA PHE K 332 -17.80 6.82 35.91
C PHE K 332 -18.99 6.05 35.34
N PHE K 333 -18.75 5.29 34.27
CA PHE K 333 -19.83 4.53 33.65
C PHE K 333 -20.14 3.26 34.43
N MET K 334 -19.12 2.69 35.10
CA MET K 334 -19.31 1.45 35.85
C MET K 334 -20.35 1.60 36.94
N TYR K 335 -20.49 2.80 37.50
CA TYR K 335 -21.51 3.06 38.51
C TYR K 335 -22.77 3.69 37.93
N LEU K 336 -22.65 4.41 36.82
CA LEU K 336 -23.83 4.95 36.15
C LEU K 336 -24.73 3.83 35.65
N ARG K 337 -24.14 2.77 35.09
CA ARG K 337 -24.93 1.64 34.62
C ARG K 337 -25.69 0.99 35.77
N VAL K 338 -25.01 0.79 36.91
CA VAL K 338 -25.66 0.19 38.07
C VAL K 338 -26.79 1.09 38.56
N ASN K 339 -26.53 2.40 38.63
CA ASN K 339 -27.51 3.33 39.15
C ASN K 339 -28.76 3.37 38.28
N THR K 340 -28.59 3.33 36.95
CA THR K 340 -29.77 3.35 36.09
C THR K 340 -30.48 1.99 36.07
N LEU K 341 -29.74 0.89 36.19
CA LEU K 341 -30.37 -0.42 36.24
C LEU K 341 -31.24 -0.57 37.48
N ASN K 342 -30.72 -0.15 38.64
CA ASN K 342 -31.46 -0.28 39.90
C ASN K 342 -32.73 0.55 39.91
N LYS K 343 -32.86 1.52 39.01
CA LYS K 343 -34.08 2.32 38.92
C LYS K 343 -34.97 1.91 37.76
N LEU K 344 -34.43 1.26 36.73
CA LEU K 344 -35.23 0.89 35.57
C LEU K 344 -35.78 -0.53 35.64
N VAL K 345 -35.00 -1.48 36.17
CA VAL K 345 -35.45 -2.88 36.18
C VAL K 345 -36.71 -3.09 37.00
N PRO K 346 -36.82 -2.59 38.23
CA PRO K 346 -38.08 -2.81 38.98
C PRO K 346 -39.30 -2.22 38.29
N TYR K 347 -39.15 -1.08 37.62
CA TYR K 347 -40.28 -0.51 36.90
C TYR K 347 -40.74 -1.42 35.77
N ALA K 348 -39.79 -1.99 35.02
CA ALA K 348 -40.15 -2.93 33.96
C ALA K 348 -40.82 -4.18 34.52
N ALA K 349 -40.31 -4.69 35.65
CA ALA K 349 -40.92 -5.87 36.26
C ALA K 349 -42.35 -5.58 36.70
N GLN K 350 -42.57 -4.42 37.33
CA GLN K 350 -43.91 -4.05 37.76
C GLN K 350 -44.84 -3.86 36.58
N ARG K 351 -44.37 -3.24 35.50
CA ARG K 351 -45.20 -3.07 34.31
C ARG K 351 -45.56 -4.41 33.69
N PHE K 352 -44.61 -5.34 33.66
CA PHE K 352 -44.90 -6.68 33.15
C PHE K 352 -45.94 -7.39 34.00
N ILE K 353 -45.81 -7.28 35.33
CA ILE K 353 -46.71 -7.99 36.22
C ILE K 353 -48.12 -7.40 36.18
N ASP K 354 -48.24 -6.07 36.12
CA ASP K 354 -49.55 -5.43 36.20
C ASP K 354 -50.42 -5.80 35.00
N ASN K 355 -49.88 -5.68 33.79
CA ASN K 355 -50.61 -5.99 32.56
C ASN K 355 -50.36 -7.43 32.12
N LEU K 356 -50.60 -8.39 33.00
CA LEU K 356 -50.28 -9.79 32.73
C LEU K 356 -51.30 -10.47 31.81
N PRO K 357 -52.61 -10.34 32.04
CA PRO K 357 -53.56 -11.03 31.13
C PRO K 357 -53.42 -10.61 29.68
N ALA K 358 -53.22 -9.31 29.41
CA ALA K 358 -53.09 -8.85 28.03
C ALA K 358 -51.81 -9.36 27.40
N ILE K 359 -50.70 -9.38 28.14
CA ILE K 359 -49.45 -9.89 27.60
C ILE K 359 -49.56 -11.39 27.32
N PHE K 360 -50.20 -12.13 28.24
CA PHE K 360 -50.38 -13.56 28.03
C PHE K 360 -51.26 -13.84 26.82
N ALA K 361 -52.32 -13.04 26.64
CA ALA K 361 -53.16 -13.21 25.45
C ALA K 361 -52.43 -12.82 24.18
N GLY K 362 -51.43 -11.94 24.29
CA GLY K 362 -50.68 -11.50 23.13
C GLY K 362 -51.27 -10.30 22.41
N THR K 363 -52.19 -9.57 23.05
CA THR K 363 -52.85 -8.44 22.41
C THR K 363 -52.50 -7.10 23.07
N PHE K 364 -51.41 -7.04 23.82
CA PHE K 364 -51.00 -5.80 24.46
C PHE K 364 -50.36 -4.89 23.41
N ASN K 365 -51.01 -3.76 23.13
CA ASN K 365 -50.60 -2.87 22.05
C ASN K 365 -49.66 -1.76 22.52
N HIS K 366 -48.91 -1.99 23.61
CA HIS K 366 -47.98 -1.00 24.13
C HIS K 366 -46.68 -1.70 24.51
N ALA K 367 -45.69 -0.89 24.87
CA ALA K 367 -44.41 -1.38 25.34
C ALA K 367 -44.30 -1.19 26.85
N LEU K 368 -43.40 -1.95 27.46
CA LEU K 368 -43.22 -1.88 28.91
C LEU K 368 -42.74 -0.50 29.34
N LEU K 369 -41.80 0.08 28.60
CA LEU K 369 -41.28 1.39 28.91
C LEU K 369 -41.95 2.46 28.06
N ALA K 372 -44.31 7.09 30.13
CA ALA K 372 -44.54 8.53 30.30
C ALA K 372 -44.36 8.93 31.76
N SER K 373 -43.16 8.76 32.28
CA SER K 373 -42.85 9.10 33.66
C SER K 373 -41.39 9.52 33.74
N GLU K 374 -40.86 9.61 34.96
CA GLU K 374 -39.47 10.02 35.15
C GLU K 374 -38.51 8.95 34.62
N CYS K 375 -39.00 7.73 34.45
CA CYS K 375 -38.19 6.63 33.95
C CYS K 375 -37.99 6.72 32.44
N SER K 376 -39.08 6.90 31.70
CA SER K 376 -39.00 7.04 30.25
C SER K 376 -38.35 8.35 29.84
N ASP K 377 -38.49 9.41 30.63
CA ASP K 377 -37.86 10.67 30.30
C ASP K 377 -36.34 10.60 30.46
N LEU K 378 -35.86 9.74 31.35
CA LEU K 378 -34.42 9.59 31.54
C LEU K 378 -33.72 9.03 30.31
N LEU K 379 -34.33 8.05 29.63
CA LEU K 379 -33.72 7.48 28.44
C LEU K 379 -33.55 8.51 27.33
N LYS K 380 -34.50 9.44 27.21
CA LYS K 380 -34.40 10.49 26.21
C LYS K 380 -33.20 11.39 26.46
N LEU K 381 -32.73 11.46 27.71
CA LEU K 381 -31.53 12.24 28.01
C LEU K 381 -30.32 11.68 27.28
N TYR K 382 -30.15 10.37 27.37
CA TYR K 382 -29.05 9.70 26.69
C TYR K 382 -29.30 9.68 25.19
N LYS K 383 -30.57 9.64 24.79
CA LYS K 383 -30.93 9.63 23.38
C LYS K 383 -30.54 10.92 22.69
N ASN K 384 -30.81 12.06 23.34
CA ASN K 384 -30.59 13.36 22.70
C ASN K 384 -29.12 13.71 22.64
N VAL K 385 -28.36 13.35 23.67
CA VAL K 385 -26.93 13.65 23.68
C VAL K 385 -26.21 12.83 22.61
N ALA K 386 -26.60 11.57 22.41
CA ALA K 386 -25.93 10.72 21.45
C ALA K 386 -26.17 11.16 20.01
N VAL K 387 -27.38 11.62 19.69
CA VAL K 387 -27.68 11.98 18.30
C VAL K 387 -27.02 13.30 17.93
N LYS K 388 -26.71 14.15 18.90
CA LYS K 388 -26.18 15.48 18.62
C LYS K 388 -24.65 15.53 18.61
N HIS K 389 -23.99 14.72 19.44
CA HIS K 389 -22.55 14.79 19.61
C HIS K 389 -21.79 13.57 19.10
N VAL K 390 -22.46 12.45 18.86
CA VAL K 390 -21.81 11.21 18.44
C VAL K 390 -22.26 10.79 17.04
N PHE K 391 -23.58 10.74 16.81
CA PHE K 391 -24.08 10.26 15.54
C PHE K 391 -23.87 11.26 14.42
N SER K 392 -23.54 12.51 14.76
CA SER K 392 -23.32 13.56 13.78
C SER K 392 -21.85 13.78 13.46
N HIS K 393 -20.96 12.92 13.95
CA HIS K 393 -19.55 13.08 13.68
C HIS K 393 -19.27 12.82 12.19
N PRO K 394 -18.34 13.58 11.59
CA PRO K 394 -18.06 13.38 10.16
C PRO K 394 -17.59 11.98 9.81
N ASP K 395 -16.82 11.33 10.70
CA ASP K 395 -16.33 9.99 10.41
C ASP K 395 -17.46 8.97 10.41
N VAL K 396 -18.44 9.14 11.30
CA VAL K 396 -19.59 8.23 11.31
C VAL K 396 -20.46 8.44 10.08
N GLU K 397 -20.63 9.70 9.67
CA GLU K 397 -21.49 10.00 8.52
C GLU K 397 -20.89 9.51 7.21
N ARG K 398 -19.55 9.54 7.08
CA ARG K 398 -18.92 9.11 5.84
C ARG K 398 -19.13 7.62 5.60
N LEU K 399 -19.01 6.81 6.65
CA LEU K 399 -19.15 5.36 6.49
C LEU K 399 -20.57 4.98 6.05
N GLU K 400 -21.54 5.79 6.36
CA GLU K 400 -22.90 5.49 5.98
C GLU K 400 -23.10 5.68 4.52
N LEU K 401 -22.46 6.66 3.92
CA LEU K 401 -22.57 6.87 2.48
C LEU K 401 -21.76 5.84 1.69
N GLN K 402 -20.60 5.43 2.21
CA GLN K 402 -19.79 4.43 1.50
C GLN K 402 -20.47 3.07 1.51
N GLY K 403 -21.15 2.72 2.61
CA GLY K 403 -21.85 1.45 2.67
C GLY K 403 -23.02 1.36 1.71
N TYR K 404 -23.72 2.47 1.49
CA TYR K 404 -24.83 2.48 0.54
C TYR K 404 -24.33 2.23 -0.88
N ARG K 405 -23.16 2.76 -1.22
CA ARG K 405 -22.62 2.57 -2.57
C ARG K 405 -22.14 1.14 -2.79
N VAL K 406 -21.62 0.48 -1.75
CA VAL K 406 -21.07 -0.86 -1.91
C VAL K 406 -22.18 -1.86 -2.19
N ILE K 407 -23.29 -1.78 -1.45
CA ILE K 407 -24.38 -2.75 -1.64
C ILE K 407 -25.04 -2.56 -2.99
N SER K 408 -25.21 -1.32 -3.44
CA SER K 408 -25.81 -1.07 -4.75
C SER K 408 -24.96 -1.65 -5.87
N GLY K 409 -23.63 -1.51 -5.77
CA GLY K 409 -22.74 -2.04 -6.79
C GLY K 409 -22.75 -3.55 -6.86
N LEU K 410 -22.82 -4.22 -5.72
CA LEU K 410 -22.84 -5.68 -5.71
C LEU K 410 -24.09 -6.23 -6.39
N LEU K 411 -25.24 -5.57 -6.21
CA LEU K 411 -26.46 -6.03 -6.85
C LEU K 411 -26.42 -5.83 -8.36
N GLU K 412 -25.69 -4.85 -8.84
CA GLU K 412 -25.58 -4.63 -10.27
C GLU K 412 -24.66 -5.67 -10.90
N ILE K 413 -23.66 -6.11 -10.18
CA ILE K 413 -22.74 -7.12 -10.73
C ILE K 413 -23.48 -8.43 -10.99
N TYR K 414 -24.36 -8.82 -10.09
CA TYR K 414 -25.11 -10.07 -10.22
C TYR K 414 -26.42 -9.91 -10.97
N ARG K 415 -26.65 -8.77 -11.60
CA ARG K 415 -27.86 -8.60 -12.35
C ARG K 415 -28.03 -9.57 -13.53
N PRO K 416 -26.96 -9.97 -14.25
CA PRO K 416 -27.17 -10.97 -15.31
C PRO K 416 -27.79 -12.26 -14.84
N LEU K 417 -27.61 -12.65 -13.58
CA LEU K 417 -28.24 -13.87 -13.08
C LEU K 417 -29.76 -13.76 -13.07
N LEU K 418 -30.30 -12.56 -12.84
CA LEU K 418 -31.74 -12.36 -12.81
C LEU K 418 -32.35 -12.18 -14.20
N SER K 419 -31.52 -11.99 -15.23
CA SER K 419 -32.03 -11.77 -16.57
C SER K 419 -32.16 -13.06 -17.38
N LEU K 420 -31.69 -14.19 -16.85
CA LEU K 420 -31.76 -15.46 -17.57
C LEU K 420 -33.18 -16.00 -17.59
N SER K 421 -33.41 -17.07 -18.35
CA SER K 421 -34.70 -17.70 -18.43
C SER K 421 -34.76 -18.91 -17.50
N LEU K 422 -35.95 -19.51 -17.38
CA LEU K 422 -36.13 -20.66 -16.51
C LEU K 422 -35.29 -21.83 -16.99
N SER K 423 -35.31 -22.12 -18.29
CA SER K 423 -34.56 -23.25 -18.82
C SER K 423 -33.05 -23.04 -18.65
N ASP K 424 -32.57 -21.83 -18.92
CA ASP K 424 -31.14 -21.56 -18.80
C ASP K 424 -30.67 -21.70 -17.35
N PHE K 425 -31.45 -21.17 -16.41
CA PHE K 425 -31.06 -21.29 -15.01
C PHE K 425 -31.16 -22.73 -14.52
N THR K 426 -32.15 -23.48 -15.00
CA THR K 426 -32.24 -24.90 -14.66
C THR K 426 -31.03 -25.67 -15.18
N GLU K 427 -30.62 -25.38 -16.41
CA GLU K 427 -29.41 -26.01 -16.94
C GLU K 427 -28.18 -25.62 -16.14
N LEU K 428 -28.11 -24.35 -15.72
CA LEU K 428 -26.98 -23.90 -14.92
C LEU K 428 -26.92 -24.63 -13.57
N VAL K 429 -28.06 -24.78 -12.90
CA VAL K 429 -28.06 -25.43 -11.60
C VAL K 429 -27.93 -26.94 -11.71
N GLU K 430 -28.24 -27.52 -12.86
CA GLU K 430 -28.19 -28.97 -13.01
C GLU K 430 -26.86 -29.47 -13.57
N LYS K 431 -26.37 -28.84 -14.64
CA LYS K 431 -25.16 -29.32 -15.32
C LYS K 431 -23.89 -28.83 -14.62
N GLU K 432 -23.86 -27.55 -14.26
CA GLU K 432 -22.75 -26.85 -13.60
C GLU K 432 -21.57 -26.63 -14.55
N ARG K 433 -21.60 -27.17 -15.77
CA ARG K 433 -20.57 -26.95 -16.77
C ARG K 433 -21.28 -26.58 -18.08
N VAL K 434 -21.54 -25.28 -18.25
CA VAL K 434 -22.31 -24.78 -19.38
C VAL K 434 -21.36 -24.09 -20.34
N LYS K 435 -21.45 -24.46 -21.63
CA LYS K 435 -20.64 -23.86 -22.67
C LYS K 435 -21.31 -22.67 -23.36
N ARG K 436 -22.54 -22.35 -22.98
CA ARG K 436 -23.26 -21.23 -23.59
C ARG K 436 -23.27 -19.98 -22.72
N PHE K 437 -23.01 -20.09 -21.42
CA PHE K 437 -23.04 -18.95 -20.50
C PHE K 437 -21.75 -18.96 -19.68
N PRO K 438 -20.64 -18.48 -20.27
CA PRO K 438 -19.38 -18.47 -19.51
C PRO K 438 -19.38 -17.47 -18.36
N ILE K 439 -19.90 -16.26 -18.58
CA ILE K 439 -19.91 -15.26 -17.52
C ILE K 439 -20.91 -15.62 -16.44
N GLU K 440 -22.11 -16.07 -16.82
CA GLU K 440 -23.14 -16.35 -15.83
C GLU K 440 -22.79 -17.54 -14.95
N SER K 441 -22.17 -18.57 -15.54
CA SER K 441 -21.82 -19.75 -14.75
C SER K 441 -20.77 -19.44 -13.68
N ARG K 442 -19.79 -18.60 -14.01
CA ARG K 442 -18.74 -18.27 -13.05
C ARG K 442 -19.28 -17.45 -11.88
N LEU K 443 -20.23 -16.56 -12.13
CA LEU K 443 -20.86 -15.83 -11.03
C LEU K 443 -21.66 -16.77 -10.14
N PHE K 444 -22.22 -17.83 -10.72
CA PHE K 444 -23.04 -18.77 -9.95
C PHE K 444 -22.22 -19.53 -8.93
N HIS K 445 -20.96 -19.86 -9.25
CA HIS K 445 -20.14 -20.63 -8.32
C HIS K 445 -19.66 -19.82 -7.13
N LYS K 446 -19.82 -18.49 -7.15
CA LYS K 446 -19.41 -17.67 -6.02
C LYS K 446 -20.41 -17.71 -4.88
N LEU K 447 -21.65 -18.09 -5.14
CA LEU K 447 -22.65 -18.17 -4.08
C LEU K 447 -22.32 -19.32 -3.12
N SER K 448 -22.66 -19.12 -1.85
CA SER K 448 -22.40 -20.13 -0.83
C SER K 448 -23.23 -21.39 -1.10
N THR K 449 -22.70 -22.53 -0.66
CA THR K 449 -23.35 -23.81 -0.93
C THR K 449 -24.66 -23.96 -0.16
N ARG K 450 -24.75 -23.38 1.05
CA ARG K 450 -25.97 -23.52 1.83
C ARG K 450 -27.14 -22.80 1.15
N HIS K 451 -26.90 -21.62 0.58
CA HIS K 451 -27.96 -20.90 -0.11
C HIS K 451 -28.42 -21.66 -1.35
N ARG K 452 -27.48 -22.26 -2.09
CA ARG K 452 -27.85 -23.05 -3.26
C ARG K 452 -28.64 -24.29 -2.85
N LEU K 453 -28.25 -24.94 -1.76
CA LEU K 453 -29.00 -26.10 -1.27
C LEU K 453 -30.41 -25.69 -0.85
N ALA K 454 -30.54 -24.54 -0.18
CA ALA K 454 -31.87 -24.05 0.20
C ALA K 454 -32.72 -23.78 -1.03
N TYR K 455 -32.14 -23.17 -2.06
CA TYR K 455 -32.88 -22.92 -3.30
C TYR K 455 -33.33 -24.23 -3.94
N VAL K 456 -32.43 -25.23 -3.98
CA VAL K 456 -32.77 -26.51 -4.60
C VAL K 456 -33.90 -27.17 -3.83
N GLU K 457 -33.83 -27.17 -2.51
CA GLU K 457 -34.89 -27.77 -1.70
C GLU K 457 -36.21 -27.03 -1.88
N ALA K 458 -36.16 -25.70 -1.98
CA ALA K 458 -37.39 -24.92 -2.13
C ALA K 458 -38.06 -25.19 -3.47
N VAL K 459 -37.30 -25.17 -4.56
CA VAL K 459 -37.90 -25.38 -5.87
C VAL K 459 -38.16 -26.86 -6.16
N SER K 460 -37.61 -27.76 -5.35
CA SER K 460 -37.83 -29.19 -5.55
C SER K 460 -39.17 -29.67 -4.99
N LYS K 461 -40.09 -28.77 -4.69
CA LYS K 461 -41.38 -29.14 -4.10
C LYS K 461 -42.59 -28.61 -4.85
N LEU K 462 -42.44 -27.52 -5.61
CA LEU K 462 -43.58 -26.93 -6.29
C LEU K 462 -44.06 -27.83 -7.43
N PRO K 463 -45.37 -27.90 -7.66
CA PRO K 463 -45.89 -28.64 -8.81
C PRO K 463 -45.34 -28.13 -10.14
N SER K 464 -44.61 -28.99 -10.86
CA SER K 464 -44.00 -28.57 -12.12
C SER K 464 -45.06 -28.23 -13.17
N ASP K 465 -46.14 -29.02 -13.24
CA ASP K 465 -47.18 -28.81 -14.24
C ASP K 465 -48.28 -27.92 -13.67
N SER K 466 -47.89 -26.69 -13.38
CA SER K 466 -48.80 -25.68 -12.84
C SER K 466 -48.50 -24.35 -13.52
N PRO K 467 -49.49 -23.47 -13.63
CA PRO K 467 -49.25 -22.16 -14.25
C PRO K 467 -48.63 -21.16 -13.29
N GLU K 468 -48.17 -21.64 -12.13
CA GLU K 468 -47.54 -20.79 -11.13
C GLU K 468 -46.05 -21.05 -10.96
N PHE K 469 -45.50 -21.99 -11.70
CA PHE K 469 -44.08 -22.33 -11.53
C PHE K 469 -43.13 -21.18 -11.82
N PRO K 470 -43.24 -20.44 -12.94
CA PRO K 470 -42.29 -19.34 -13.17
C PRO K 470 -42.29 -18.28 -12.09
N LEU K 471 -43.46 -17.93 -11.57
CA LEU K 471 -43.55 -16.89 -10.54
C LEU K 471 -42.82 -17.31 -9.28
N TRP K 472 -43.10 -18.53 -8.81
CA TRP K 472 -42.43 -19.03 -7.61
C TRP K 472 -40.93 -19.19 -7.84
N GLU K 473 -40.54 -19.64 -9.03
CA GLU K 473 -39.12 -19.79 -9.33
C GLU K 473 -38.40 -18.44 -9.30
N TYR K 474 -39.02 -17.41 -9.86
CA TYR K 474 -38.41 -16.08 -9.82
C TYR K 474 -38.34 -15.56 -8.40
N TYR K 475 -39.39 -15.79 -7.61
CA TYR K 475 -39.37 -15.34 -6.22
C TYR K 475 -38.25 -16.02 -5.44
N TYR K 476 -38.09 -17.33 -5.63
CA TYR K 476 -37.04 -18.05 -4.92
C TYR K 476 -35.65 -17.65 -5.41
N ARG K 477 -35.50 -17.34 -6.70
CA ARG K 477 -34.23 -16.84 -7.21
C ARG K 477 -33.87 -15.49 -6.59
N CYS K 478 -34.85 -14.59 -6.49
CA CYS K 478 -34.61 -13.30 -5.85
C CYS K 478 -34.27 -13.49 -4.38
N ARG K 479 -34.95 -14.41 -3.70
CA ARG K 479 -34.62 -14.69 -2.30
C ARG K 479 -33.21 -15.24 -2.15
N LEU K 480 -32.81 -16.12 -3.08
CA LEU K 480 -31.45 -16.66 -3.07
C LEU K 480 -30.43 -15.55 -3.26
N LEU K 481 -30.72 -14.60 -4.16
CA LEU K 481 -29.81 -13.47 -4.33
C LEU K 481 -29.74 -12.61 -3.08
N GLN K 482 -30.88 -12.40 -2.41
CA GLN K 482 -30.91 -11.55 -1.22
C GLN K 482 -30.21 -12.22 -0.04
N ASP K 483 -30.27 -13.55 0.06
CA ASP K 483 -29.61 -14.25 1.17
C ASP K 483 -28.09 -14.09 1.09
N TYR K 484 -27.53 -14.14 -0.12
CA TYR K 484 -26.08 -14.07 -0.27
C TYR K 484 -25.53 -12.71 0.14
N ILE K 485 -26.24 -11.63 -0.19
CA ILE K 485 -25.77 -10.29 0.12
C ILE K 485 -25.84 -10.02 1.63
N SER K 486 -26.95 -10.39 2.26
CA SER K 486 -27.17 -10.07 3.67
C SER K 486 -26.36 -10.93 4.62
N GLY K 487 -25.72 -11.99 4.13
CA GLY K 487 -24.97 -12.88 5.01
C GLY K 487 -23.49 -12.58 5.07
N MET K 488 -23.11 -11.35 4.72
CA MET K 488 -21.71 -10.95 4.66
C MET K 488 -21.37 -10.00 5.80
N THR K 489 -20.10 -10.06 6.22
CA THR K 489 -19.55 -9.00 7.06
C THR K 489 -19.21 -7.80 6.20
N ASP K 490 -19.25 -6.64 6.84
CA ASP K 490 -18.95 -5.36 6.24
C ASP K 490 -17.60 -5.36 5.57
N LEU K 491 -16.65 -6.00 6.20
CA LEU K 491 -15.29 -6.05 5.68
C LEU K 491 -15.17 -6.96 4.47
N TYR K 492 -15.92 -8.07 4.44
CA TYR K 492 -15.87 -8.98 3.31
C TYR K 492 -16.57 -8.38 2.09
N ALA K 493 -17.70 -7.69 2.31
CA ALA K 493 -18.43 -7.10 1.19
C ALA K 493 -17.61 -6.02 0.49
N TRP K 494 -16.91 -5.19 1.27
CA TRP K 494 -16.07 -4.15 0.68
C TRP K 494 -14.96 -4.76 -0.16
N ASP K 495 -14.30 -5.80 0.37
CA ASP K 495 -13.22 -6.44 -0.37
C ASP K 495 -13.73 -7.08 -1.65
N GLU K 496 -14.88 -7.77 -1.58
CA GLU K 496 -15.43 -8.39 -2.78
C GLU K 496 -15.83 -7.35 -3.82
N TYR K 497 -16.41 -6.24 -3.36
CA TYR K 497 -16.80 -5.17 -4.29
C TYR K 497 -15.58 -4.58 -4.98
N ARG K 498 -14.51 -4.34 -4.22
CA ARG K 498 -13.30 -3.78 -4.82
C ARG K 498 -12.64 -4.78 -5.76
N ARG K 499 -12.64 -6.06 -5.45
CA ARG K 499 -12.04 -7.02 -6.33
C ARG K 499 -12.83 -7.30 -7.60
N LEU K 500 -14.13 -7.31 -7.49
CA LEU K 500 -14.96 -7.56 -8.67
C LEU K 500 -15.00 -6.38 -9.64
N MET K 501 -14.55 -5.19 -9.21
CA MET K 501 -14.49 -4.03 -10.08
C MET K 501 -13.09 -3.78 -10.63
N ALA K 502 -12.18 -4.76 -10.46
CA ALA K 502 -10.81 -4.66 -10.98
C ALA K 502 -10.07 -3.45 -10.43
N VAL K 503 -10.30 -3.16 -9.15
CA VAL K 503 -9.63 -2.07 -8.47
C VAL K 503 -8.49 -2.57 -7.59
N GLU K 504 -8.70 -3.65 -6.86
CA GLU K 504 -7.67 -4.21 -5.99
C GLU K 504 -6.96 -5.38 -6.68
N GLN L 3 -15.88 -31.78 58.39
CA GLN L 3 -17.22 -31.30 58.12
C GLN L 3 -17.24 -30.33 56.94
N ILE L 4 -17.98 -30.69 55.90
CA ILE L 4 -18.08 -29.86 54.70
C ILE L 4 -19.17 -28.82 54.90
N ASP L 5 -18.81 -27.56 54.72
CA ASP L 5 -19.77 -26.46 54.87
C ASP L 5 -19.39 -25.37 53.87
N PHE L 6 -20.18 -25.23 52.82
CA PHE L 6 -19.88 -24.28 51.75
C PHE L 6 -20.19 -22.84 52.12
N ARG L 7 -20.84 -22.60 53.27
CA ARG L 7 -21.06 -21.23 53.71
C ARG L 7 -19.77 -20.55 54.14
N LYS L 8 -18.78 -21.32 54.59
CA LYS L 8 -17.48 -20.78 54.95
C LYS L 8 -16.56 -20.56 53.75
N LYS L 9 -16.98 -20.98 52.57
CA LYS L 9 -16.21 -20.80 51.34
C LYS L 9 -16.77 -19.73 50.43
N ILE L 10 -18.10 -19.64 50.31
CA ILE L 10 -18.74 -18.64 49.48
C ILE L 10 -18.78 -17.32 50.24
N ASN L 11 -17.82 -16.45 49.97
CA ASN L 11 -17.71 -15.17 50.66
C ASN L 11 -18.20 -14.04 49.76
N TRP L 12 -19.17 -13.27 50.25
CA TRP L 12 -19.76 -12.17 49.49
C TRP L 12 -19.24 -10.80 49.95
N HIS L 13 -18.20 -10.78 50.78
CA HIS L 13 -17.61 -9.52 51.22
C HIS L 13 -16.63 -9.00 50.18
N ARG L 14 -16.32 -7.71 50.27
CA ARG L 14 -15.40 -7.04 49.38
C ARG L 14 -14.23 -6.48 50.18
N ARG L 15 -13.25 -5.94 49.45
CA ARG L 15 -12.08 -5.33 50.09
C ARG L 15 -12.32 -3.87 50.45
N TYR L 16 -13.06 -3.14 49.62
CA TYR L 16 -13.37 -1.73 49.87
C TYR L 16 -14.87 -1.55 49.91
N ARG L 17 -15.35 -0.82 50.91
CA ARG L 17 -16.78 -0.57 51.13
C ARG L 17 -17.54 -1.90 51.19
N SER L 18 -17.00 -2.83 51.97
CA SER L 18 -17.57 -4.16 52.03
C SER L 18 -18.98 -4.13 52.65
N PRO L 19 -19.92 -4.88 52.09
CA PRO L 19 -21.26 -4.94 52.70
C PRO L 19 -21.25 -5.71 54.00
N GLN L 20 -21.62 -5.03 55.09
CA GLN L 20 -21.65 -5.62 56.42
C GLN L 20 -23.07 -5.97 56.81
N GLY L 21 -23.20 -6.74 57.90
CA GLY L 21 -24.50 -7.13 58.40
C GLY L 21 -24.99 -8.44 57.82
N VAL L 22 -26.10 -8.90 58.36
CA VAL L 22 -26.72 -10.14 57.92
C VAL L 22 -27.56 -9.87 56.68
N LYS L 23 -27.48 -10.78 55.71
CA LYS L 23 -28.21 -10.64 54.46
C LYS L 23 -29.06 -11.88 54.22
N THR L 24 -30.21 -11.67 53.56
CA THR L 24 -31.08 -12.78 53.22
C THR L 24 -30.62 -13.43 51.91
N GLU L 25 -31.37 -14.47 51.50
CA GLU L 25 -31.01 -15.21 50.30
C GLU L 25 -31.20 -14.39 49.03
N HIS L 26 -32.09 -13.40 49.05
CA HIS L 26 -32.36 -12.62 47.85
C HIS L 26 -31.28 -11.57 47.62
N GLU L 27 -30.93 -10.80 48.66
CA GLU L 27 -29.91 -9.76 48.52
C GLU L 27 -28.51 -10.35 48.33
N ILE L 28 -28.27 -11.57 48.79
CA ILE L 28 -26.99 -12.23 48.52
C ILE L 28 -26.83 -12.47 47.03
N LEU L 29 -27.90 -12.92 46.37
CA LEU L 29 -27.86 -13.14 44.92
C LEU L 29 -27.63 -11.84 44.17
N ARG L 30 -28.18 -10.72 44.65
CA ARG L 30 -27.97 -9.43 43.98
C ARG L 30 -26.51 -9.01 44.00
N ILE L 31 -25.74 -9.44 45.01
CA ILE L 31 -24.33 -9.10 45.06
C ILE L 31 -23.57 -9.77 43.93
N PHE L 32 -23.93 -11.00 43.59
CA PHE L 32 -23.23 -11.77 42.56
C PHE L 32 -23.69 -11.43 41.15
N GLU L 33 -24.71 -10.59 41.00
CA GLU L 33 -25.13 -10.09 39.69
C GLU L 33 -24.41 -8.80 39.30
N SER L 34 -24.17 -7.92 40.28
CA SER L 34 -23.38 -6.73 40.02
C SER L 34 -21.95 -7.10 39.59
N ASP L 35 -21.40 -8.17 40.15
CA ASP L 35 -20.10 -8.65 39.71
C ASP L 35 -20.14 -9.07 38.25
N ARG L 36 -21.21 -9.73 37.86
CA ARG L 36 -21.37 -10.13 36.47
C ARG L 36 -21.47 -8.91 35.56
N GLY L 37 -22.20 -7.89 35.98
CA GLY L 37 -22.29 -6.66 35.20
C GLY L 37 -20.95 -5.96 35.08
N ARG L 38 -20.17 -5.97 36.16
CA ARG L 38 -18.85 -5.36 36.14
C ARG L 38 -17.92 -6.09 35.18
N ILE L 39 -17.91 -7.42 35.25
CA ILE L 39 -16.97 -8.20 34.45
C ILE L 39 -17.33 -8.14 32.98
N ILE L 40 -18.61 -8.29 32.64
CA ILE L 40 -19.01 -8.33 31.24
C ILE L 40 -18.78 -6.98 30.56
N ASN L 41 -18.99 -5.88 31.28
CA ASN L 41 -18.82 -4.54 30.72
C ASN L 41 -17.47 -3.93 31.07
N SER L 42 -16.42 -4.76 31.14
CA SER L 42 -15.08 -4.30 31.48
C SER L 42 -14.22 -4.18 30.22
N PRO L 43 -13.31 -3.20 30.20
CA PRO L 43 -12.41 -3.07 29.03
C PRO L 43 -11.52 -4.29 28.83
N ALA L 44 -11.20 -5.03 29.88
CA ALA L 44 -10.34 -6.21 29.74
C ALA L 44 -11.02 -7.30 28.94
N ILE L 45 -12.34 -7.44 29.07
CA ILE L 45 -13.06 -8.47 28.32
C ILE L 45 -13.25 -8.05 26.87
N ARG L 46 -13.47 -6.75 26.63
CA ARG L 46 -13.65 -6.27 25.27
C ARG L 46 -12.39 -6.49 24.43
N ARG L 47 -11.22 -6.34 25.04
CA ARG L 47 -9.96 -6.50 24.32
C ARG L 47 -9.71 -7.94 23.89
N LEU L 48 -10.50 -8.90 24.39
CA LEU L 48 -10.28 -10.30 24.05
C LEU L 48 -10.64 -10.63 22.60
N GLN L 49 -11.42 -9.78 21.94
CA GLN L 49 -11.82 -10.05 20.56
C GLN L 49 -10.77 -9.63 19.54
N GLN L 50 -9.68 -9.00 19.98
CA GLN L 50 -8.59 -8.61 19.10
C GLN L 50 -7.33 -9.44 19.35
N LYS L 51 -7.46 -10.53 20.09
CA LYS L 51 -6.36 -11.46 20.32
C LYS L 51 -6.69 -12.79 19.65
N THR L 52 -5.70 -13.38 18.99
CA THR L 52 -5.92 -14.57 18.19
C THR L 52 -5.73 -15.82 19.02
N GLN L 53 -6.52 -16.85 18.71
CA GLN L 53 -6.32 -18.15 19.35
C GLN L 53 -5.23 -18.93 18.62
N VAL L 54 -5.48 -19.27 17.35
CA VAL L 54 -4.47 -19.89 16.49
C VAL L 54 -4.33 -19.10 15.21
N PHE L 55 -5.44 -18.89 14.49
CA PHE L 55 -5.44 -18.22 13.20
C PHE L 55 -5.79 -16.74 13.36
N PRO L 56 -4.99 -15.83 12.79
CA PRO L 56 -5.23 -14.38 12.90
C PRO L 56 -6.51 -13.94 12.20
N ALA L 62 -14.48 -15.74 10.22
CA ALA L 62 -15.32 -16.72 10.89
C ALA L 62 -14.51 -17.59 11.84
N VAL L 63 -13.25 -17.21 12.05
CA VAL L 63 -12.38 -17.95 12.95
C VAL L 63 -12.60 -17.47 14.38
N ARG L 64 -12.33 -18.36 15.33
CA ARG L 64 -12.56 -18.05 16.74
C ARG L 64 -11.45 -17.19 17.31
N THR L 65 -11.84 -16.22 18.13
CA THR L 65 -10.92 -15.42 18.91
C THR L 65 -10.94 -15.92 20.36
N ARG L 66 -10.23 -15.22 21.24
CA ARG L 66 -10.24 -15.61 22.65
C ARG L 66 -11.59 -15.32 23.29
N LEU L 67 -12.30 -14.29 22.84
CA LEU L 67 -13.62 -14.00 23.37
C LEU L 67 -14.62 -15.09 23.01
N THR L 68 -14.60 -15.54 21.75
CA THR L 68 -15.48 -16.63 21.34
C THR L 68 -15.07 -17.96 21.95
N HIS L 69 -13.78 -18.16 22.22
CA HIS L 69 -13.34 -19.39 22.87
C HIS L 69 -13.77 -19.44 24.32
N SER L 70 -13.62 -18.33 25.06
CA SER L 70 -14.04 -18.29 26.45
C SER L 70 -15.54 -18.37 26.62
N MET L 71 -16.33 -18.06 25.59
CA MET L 71 -17.77 -18.22 25.67
C MET L 71 -18.18 -19.68 25.59
N GLU L 72 -17.41 -20.51 24.88
CA GLU L 72 -17.69 -21.94 24.85
C GLU L 72 -17.25 -22.63 26.14
N VAL L 73 -16.16 -22.18 26.75
CA VAL L 73 -15.74 -22.73 28.04
C VAL L 73 -16.75 -22.39 29.12
N GLN L 74 -17.35 -21.20 29.03
CA GLN L 74 -18.35 -20.80 30.01
C GLN L 74 -19.58 -21.71 29.96
N GLN L 75 -19.97 -22.16 28.77
CA GLN L 75 -21.13 -23.03 28.65
C GLN L 75 -20.84 -24.42 29.20
N VAL L 76 -19.63 -24.92 29.00
CA VAL L 76 -19.27 -26.25 29.53
C VAL L 76 -19.21 -26.21 31.06
N GLY L 77 -18.71 -25.11 31.61
CA GLY L 77 -18.67 -24.99 33.06
C GLY L 77 -20.05 -24.98 33.70
N ARG L 78 -20.99 -24.27 33.10
CA ARG L 78 -22.35 -24.21 33.62
C ARG L 78 -22.91 -25.61 33.76
N TYR L 79 -22.80 -26.38 32.71
CA TYR L 79 -23.27 -27.72 32.62
C TYR L 79 -22.61 -28.71 33.61
N ILE L 80 -21.37 -28.51 34.04
CA ILE L 80 -20.75 -29.40 35.02
C ILE L 80 -21.24 -29.08 36.41
N ALA L 81 -21.46 -27.82 36.69
CA ALA L 81 -21.99 -27.34 37.96
C ALA L 81 -23.45 -27.77 38.14
N LYS L 82 -24.24 -27.68 37.07
CA LYS L 82 -25.64 -28.11 37.15
C LYS L 82 -25.76 -29.60 37.38
N GLU L 83 -24.89 -30.40 36.74
CA GLU L 83 -24.90 -31.84 36.97
C GLU L 83 -24.50 -32.18 38.40
N ILE L 84 -23.52 -31.47 38.95
CA ILE L 84 -23.10 -31.71 40.33
C ILE L 84 -24.21 -31.34 41.30
N LEU L 85 -24.85 -30.19 41.10
CA LEU L 85 -25.93 -29.76 41.99
C LEU L 85 -27.11 -30.71 41.94
N SER L 86 -27.50 -31.18 40.75
CA SER L 86 -28.62 -32.09 40.63
C SER L 86 -28.34 -33.48 41.19
N ARG L 87 -27.09 -33.94 41.11
CA ARG L 87 -26.76 -35.27 41.63
C ARG L 87 -26.75 -35.29 43.15
N LEU L 88 -26.39 -34.18 43.79
CA LEU L 88 -26.40 -34.11 45.25
C LEU L 88 -27.82 -34.09 45.81
N LYS L 89 -28.76 -33.49 45.08
CA LYS L 89 -30.14 -33.47 45.55
C LYS L 89 -30.76 -34.87 45.58
N GLU L 90 -30.30 -35.76 44.69
CA GLU L 90 -30.79 -37.14 44.71
C GLU L 90 -30.35 -37.87 45.96
N LEU L 91 -29.17 -37.52 46.50
CA LEU L 91 -28.66 -38.14 47.72
C LEU L 91 -29.07 -37.39 48.98
N LYS L 92 -29.86 -36.32 48.84
CA LYS L 92 -30.33 -35.53 49.99
C LYS L 92 -29.16 -35.00 50.82
N LEU L 93 -28.13 -34.52 50.14
CA LEU L 93 -26.96 -33.95 50.79
C LEU L 93 -26.83 -32.45 50.60
N LEU L 94 -27.78 -31.81 49.90
CA LEU L 94 -27.68 -30.37 49.66
C LEU L 94 -27.79 -29.59 50.97
N GLU L 95 -28.70 -29.99 51.85
CA GLU L 95 -28.86 -29.29 53.12
C GLU L 95 -27.70 -29.57 54.07
N ALA L 96 -27.15 -30.79 54.03
CA ALA L 96 -26.06 -31.14 54.94
C ALA L 96 -24.76 -30.43 54.58
N TYR L 97 -24.57 -30.10 53.31
CA TYR L 97 -23.34 -29.48 52.84
C TYR L 97 -23.41 -27.94 52.82
N GLY L 98 -24.54 -27.37 53.22
CA GLY L 98 -24.67 -25.92 53.26
C GLY L 98 -25.03 -25.26 51.95
N LEU L 99 -25.39 -26.03 50.93
CA LEU L 99 -25.72 -25.50 49.61
C LEU L 99 -27.22 -25.31 49.41
N ASP L 100 -28.00 -25.33 50.49
CA ASP L 100 -29.45 -25.19 50.37
C ASP L 100 -29.82 -23.81 49.82
N GLU L 101 -29.15 -22.76 50.29
CA GLU L 101 -29.44 -21.39 49.89
C GLU L 101 -28.28 -20.75 49.13
N LEU L 102 -27.50 -21.56 48.41
CA LEU L 102 -26.36 -21.04 47.66
C LEU L 102 -26.25 -21.62 46.26
N THR L 103 -27.32 -22.21 45.71
CA THR L 103 -27.26 -22.78 44.39
C THR L 103 -27.09 -21.73 43.30
N GLY L 104 -27.46 -20.48 43.58
CA GLY L 104 -27.33 -19.41 42.62
C GLY L 104 -25.89 -19.00 42.39
N PRO L 105 -25.24 -18.47 43.42
CA PRO L 105 -23.83 -18.05 43.26
C PRO L 105 -22.89 -19.18 42.91
N PHE L 106 -23.25 -20.43 43.23
CA PHE L 106 -22.36 -21.55 42.95
C PHE L 106 -22.06 -21.67 41.45
N GLU L 107 -23.09 -21.54 40.61
CA GLU L 107 -22.87 -21.57 39.17
C GLU L 107 -22.32 -20.26 38.63
N SER L 108 -22.71 -19.13 39.23
CA SER L 108 -22.24 -17.83 38.74
C SER L 108 -20.73 -17.68 38.91
N ILE L 109 -20.20 -18.14 40.04
CA ILE L 109 -18.76 -18.05 40.27
C ILE L 109 -18.00 -18.86 39.23
N VAL L 110 -18.47 -20.08 38.94
CA VAL L 110 -17.82 -20.92 37.94
C VAL L 110 -17.92 -20.27 36.56
N GLU L 111 -19.05 -19.70 36.25
CA GLU L 111 -19.25 -19.05 34.97
C GLU L 111 -18.38 -17.82 34.75
N MET L 112 -18.17 -17.02 35.79
CA MET L 112 -17.29 -15.87 35.69
C MET L 112 -15.82 -16.24 35.75
N SER L 113 -15.48 -17.33 36.45
CA SER L 113 -14.10 -17.80 36.44
C SER L 113 -13.73 -18.36 35.08
N CYS L 114 -14.65 -19.07 34.43
CA CYS L 114 -14.40 -19.57 33.09
C CYS L 114 -14.29 -18.43 32.09
N LEU L 115 -15.07 -17.37 32.27
CA LEU L 115 -15.02 -16.25 31.33
C LEU L 115 -13.67 -15.55 31.35
N MET L 116 -13.21 -15.15 32.52
CA MET L 116 -11.94 -14.41 32.64
C MET L 116 -10.79 -15.34 33.03
N HIS L 117 -10.59 -16.38 32.21
CA HIS L 117 -9.50 -17.31 32.41
C HIS L 117 -8.32 -17.05 31.47
N ASP L 118 -8.43 -16.04 30.61
CA ASP L 118 -7.34 -15.70 29.69
C ASP L 118 -7.15 -14.19 29.55
N ILE L 119 -7.50 -13.42 30.57
CA ILE L 119 -7.40 -11.96 30.47
C ILE L 119 -5.98 -11.46 30.67
N GLY L 120 -5.09 -12.27 31.25
CA GLY L 120 -3.74 -11.87 31.53
C GLY L 120 -2.70 -12.34 30.54
N ASN L 121 -3.09 -12.95 29.43
CA ASN L 121 -2.13 -13.44 28.46
C ASN L 121 -1.51 -12.26 27.69
N PRO L 122 -0.21 -12.31 27.43
CA PRO L 122 0.44 -11.24 26.68
C PRO L 122 0.14 -11.36 25.20
N PRO L 123 0.41 -10.31 24.41
CA PRO L 123 0.23 -10.42 22.96
C PRO L 123 1.10 -11.53 22.39
N PHE L 124 0.57 -12.19 21.37
CA PHE L 124 1.16 -13.34 20.67
C PHE L 124 1.22 -14.59 21.52
N GLY L 125 0.71 -14.56 22.75
CA GLY L 125 0.55 -15.79 23.51
C GLY L 125 1.86 -16.35 24.01
N HIS L 126 2.04 -17.66 23.80
CA HIS L 126 3.14 -18.39 24.41
C HIS L 126 4.50 -17.79 24.05
N PHE L 127 4.74 -17.57 22.75
CA PHE L 127 6.01 -17.00 22.33
C PHE L 127 6.14 -15.54 22.72
N GLY L 128 5.02 -14.85 23.00
CA GLY L 128 5.11 -13.56 23.63
C GLY L 128 5.48 -13.63 25.09
N GLU L 129 5.17 -14.74 25.75
CA GLU L 129 5.56 -14.95 27.14
C GLU L 129 7.04 -15.28 27.27
N ALA L 130 7.58 -16.09 26.36
CA ALA L 130 8.99 -16.44 26.41
C ALA L 130 9.87 -15.23 26.15
N ALA L 131 9.50 -14.37 25.19
CA ALA L 131 10.35 -13.24 24.82
C ALA L 131 10.56 -12.30 26.00
N ILE L 132 9.53 -12.09 26.81
CA ILE L 132 9.68 -11.24 27.99
C ILE L 132 10.65 -11.88 28.98
N ASN L 133 10.62 -13.21 29.08
CA ASN L 133 11.45 -13.89 30.08
C ASN L 133 12.92 -13.88 29.70
N ASP L 134 13.24 -14.15 28.42
CA ASP L 134 14.65 -14.19 28.01
C ASP L 134 15.29 -12.81 28.11
N TRP L 135 14.57 -11.77 27.66
CA TRP L 135 15.14 -10.43 27.65
C TRP L 135 15.56 -9.99 29.05
N PHE L 136 14.73 -10.29 30.05
CA PHE L 136 15.09 -9.98 31.43
C PHE L 136 16.17 -10.93 31.95
N ARG L 137 16.20 -12.17 31.47
CA ARG L 137 17.17 -13.14 31.98
C ARG L 137 18.61 -12.73 31.66
N GLN L 138 18.76 -11.92 30.62
CA GLN L 138 20.05 -11.44 30.21
C GLN L 138 20.49 -10.21 30.99
N ARG L 139 19.57 -9.57 31.66
CA ARG L 139 19.86 -8.39 32.40
C ARG L 139 19.95 -8.64 33.90
N LEU L 140 19.36 -9.72 34.38
CA LEU L 140 19.31 -9.99 35.80
C LEU L 140 20.06 -11.21 36.28
N HIS L 141 20.32 -12.17 35.41
CA HIS L 141 21.04 -13.40 35.73
C HIS L 141 20.72 -14.00 37.07
N PRO L 142 19.50 -14.53 37.21
CA PRO L 142 18.99 -15.11 38.45
C PRO L 142 19.77 -16.32 38.94
N GLU L 143 20.40 -17.07 38.05
CA GLU L 143 21.15 -18.24 38.44
C GLU L 143 22.43 -17.93 39.19
N ASP L 144 22.85 -16.67 39.22
CA ASP L 144 24.06 -16.29 39.95
C ASP L 144 23.78 -15.85 41.38
N ALA L 145 22.52 -15.82 41.80
CA ALA L 145 22.15 -15.40 43.15
C ALA L 145 21.63 -16.56 43.99
N GLU L 146 21.80 -17.81 43.53
CA GLU L 146 21.29 -18.95 44.27
C GLU L 146 22.08 -19.19 45.55
N SER L 147 23.38 -18.92 45.52
CA SER L 147 24.26 -19.24 46.64
C SER L 147 25.02 -17.98 47.04
N GLN L 148 26.04 -18.15 47.88
CA GLN L 148 26.92 -17.09 48.37
C GLN L 148 27.45 -16.24 47.22
N PRO L 149 27.83 -14.97 47.47
CA PRO L 149 28.25 -14.10 46.37
C PRO L 149 29.38 -14.67 45.53
N LEU L 150 29.27 -14.53 44.22
CA LEU L 150 30.23 -15.10 43.29
C LEU L 150 31.32 -14.10 42.93
N ASP L 153 29.57 -12.09 39.41
CA ASP L 153 28.22 -11.57 39.30
C ASP L 153 28.02 -10.87 37.96
N ARG L 154 27.13 -11.40 37.13
CA ARG L 154 26.87 -10.87 35.80
C ARG L 154 25.70 -9.88 35.77
N CYS L 155 25.17 -9.50 36.92
CA CYS L 155 24.04 -8.60 36.96
C CYS L 155 24.43 -7.23 36.41
N SER L 156 23.53 -6.64 35.61
CA SER L 156 23.77 -5.34 35.00
C SER L 156 23.29 -4.18 35.84
N VAL L 157 22.71 -4.44 37.01
CA VAL L 157 22.21 -3.40 37.91
C VAL L 157 23.06 -3.42 39.16
N ALA L 158 23.57 -2.23 39.53
CA ALA L 158 24.43 -2.14 40.71
C ALA L 158 23.66 -2.43 41.99
N ALA L 159 22.42 -1.96 42.08
CA ALA L 159 21.63 -2.13 43.30
C ALA L 159 21.19 -3.56 43.53
N LEU L 160 21.10 -4.39 42.49
CA LEU L 160 20.65 -5.76 42.63
C LEU L 160 21.80 -6.76 42.61
N ARG L 161 23.04 -6.30 42.68
CA ARG L 161 24.19 -7.18 42.71
C ARG L 161 24.52 -7.57 44.14
N LEU L 162 24.81 -8.85 44.35
CA LEU L 162 25.10 -9.36 45.69
C LEU L 162 26.43 -8.80 46.17
N ARG L 163 26.45 -8.30 47.40
CA ARG L 163 27.66 -7.71 47.97
C ARG L 163 27.86 -8.17 49.41
N GLU L 166 26.22 -8.25 53.98
CA GLU L 166 24.89 -7.75 53.69
C GLU L 166 23.88 -8.89 53.56
N GLU L 167 23.86 -9.76 54.59
CA GLU L 167 22.93 -10.90 54.56
C GLU L 167 21.47 -10.46 54.53
N PRO L 168 20.99 -9.53 55.36
CA PRO L 168 19.57 -9.17 55.32
C PRO L 168 19.12 -8.58 53.98
N LEU L 169 20.02 -7.98 53.20
CA LEU L 169 19.64 -7.36 51.94
C LEU L 169 19.81 -8.27 50.72
N ASN L 170 20.57 -9.36 50.85
CA ASN L 170 20.76 -10.26 49.71
C ASN L 170 19.53 -11.11 49.44
N GLU L 171 18.76 -11.46 50.47
CA GLU L 171 17.56 -12.26 50.26
C GLU L 171 16.55 -11.51 49.41
N LEU L 172 16.34 -10.22 49.70
CA LEU L 172 15.46 -9.41 48.86
C LEU L 172 16.00 -9.30 47.44
N ARG L 173 17.32 -9.16 47.30
CA ARG L 173 17.91 -9.06 45.97
C ARG L 173 17.64 -10.31 45.14
N ARG L 174 17.88 -11.49 45.72
CA ARG L 174 17.65 -12.72 44.97
C ARG L 174 16.17 -12.95 44.72
N LYS L 175 15.31 -12.60 45.67
CA LYS L 175 13.87 -12.73 45.44
C LYS L 175 13.42 -11.86 44.28
N ILE L 176 13.88 -10.60 44.24
CA ILE L 176 13.50 -9.69 43.16
C ILE L 176 14.05 -10.18 41.83
N ARG L 177 15.30 -10.67 41.83
CA ARG L 177 15.90 -11.13 40.59
C ARG L 177 15.19 -12.37 40.06
N GLN L 178 14.74 -13.27 40.95
CA GLN L 178 14.06 -14.47 40.49
C GLN L 178 12.63 -14.16 40.03
N ASP L 179 11.93 -13.27 40.74
CA ASP L 179 10.53 -12.98 40.40
C ASP L 179 10.44 -12.31 39.03
N LEU L 180 11.34 -11.39 38.73
CA LEU L 180 11.23 -10.59 37.51
C LEU L 180 11.43 -11.42 36.25
N CYS L 181 12.08 -12.58 36.34
CA CYS L 181 12.30 -13.45 35.20
C CYS L 181 11.22 -14.53 35.08
N HIS L 182 10.15 -14.43 35.87
CA HIS L 182 9.05 -15.40 35.85
C HIS L 182 7.74 -14.64 35.60
N PHE L 183 7.42 -14.45 34.33
CA PHE L 183 6.16 -13.84 33.93
C PHE L 183 5.19 -14.93 33.47
N GLU L 184 4.03 -14.96 34.08
CA GLU L 184 3.01 -15.94 33.78
C GLU L 184 1.72 -15.21 33.60
N GLY L 185 0.88 -15.66 32.68
CA GLY L 185 -0.39 -15.00 32.45
C GLY L 185 -1.38 -15.13 33.60
N ASN L 186 -1.40 -16.29 34.26
CA ASN L 186 -2.29 -16.47 35.40
C ASN L 186 -1.92 -15.53 36.54
N ALA L 187 -0.62 -15.37 36.80
CA ALA L 187 -0.18 -14.43 37.82
C ALA L 187 -0.50 -12.99 37.44
N GLN L 188 -0.49 -12.68 36.14
CA GLN L 188 -0.86 -11.34 35.69
C GLN L 188 -2.36 -11.10 35.79
N GLY L 189 -3.16 -12.16 35.75
CA GLY L 189 -4.59 -11.99 35.87
C GLY L 189 -5.03 -11.45 37.21
N ILE L 190 -4.42 -11.93 38.29
CA ILE L 190 -4.74 -11.43 39.62
C ILE L 190 -4.36 -9.96 39.75
N ARG L 191 -3.17 -9.61 39.26
CA ARG L 191 -2.70 -8.23 39.34
C ARG L 191 -3.60 -7.30 38.52
N LEU L 192 -4.00 -7.74 37.33
CA LEU L 192 -4.85 -6.90 36.48
C LEU L 192 -6.23 -6.68 37.11
N VAL L 193 -6.78 -7.72 37.73
CA VAL L 193 -8.14 -7.64 38.27
C VAL L 193 -8.21 -6.78 39.54
N HIS L 194 -7.11 -6.67 40.29
CA HIS L 194 -7.12 -5.98 41.58
C HIS L 194 -6.46 -4.61 41.53
N THR L 195 -5.22 -4.54 41.04
CA THR L 195 -4.45 -3.31 41.12
C THR L 195 -4.70 -2.37 39.95
N LEU L 196 -4.79 -2.90 38.73
CA LEU L 196 -4.90 -2.06 37.55
C LEU L 196 -6.34 -1.67 37.24
N MET L 197 -7.22 -2.65 37.03
CA MET L 197 -8.60 -2.35 36.68
C MET L 197 -9.41 -1.85 37.86
N ARG L 198 -9.08 -2.27 39.09
CA ARG L 198 -9.78 -1.86 40.30
C ARG L 198 -11.27 -2.19 40.20
N MET L 199 -11.56 -3.45 39.88
CA MET L 199 -12.94 -3.91 39.76
C MET L 199 -13.60 -4.11 41.11
N ASN L 200 -12.82 -4.46 42.14
CA ASN L 200 -13.32 -4.67 43.49
C ASN L 200 -14.35 -5.80 43.53
N LEU L 201 -13.90 -6.99 43.16
CA LEU L 201 -14.76 -8.17 43.15
C LEU L 201 -14.80 -8.82 44.54
N THR L 202 -15.73 -9.75 44.70
CA THR L 202 -15.86 -10.48 45.95
C THR L 202 -14.70 -11.46 46.12
N TRP L 203 -14.49 -11.89 47.37
CA TRP L 203 -13.40 -12.80 47.67
C TRP L 203 -13.58 -14.14 46.96
N ALA L 204 -14.82 -14.63 46.90
CA ALA L 204 -15.07 -15.91 46.25
C ALA L 204 -14.79 -15.85 44.75
N GLN L 205 -15.07 -14.70 44.13
CA GLN L 205 -14.81 -14.56 42.70
C GLN L 205 -13.32 -14.51 42.39
N VAL L 206 -12.53 -13.84 43.23
CA VAL L 206 -11.09 -13.78 43.00
C VAL L 206 -10.44 -15.15 43.19
N GLY L 207 -10.93 -15.93 44.15
CA GLY L 207 -10.34 -17.24 44.39
C GLY L 207 -10.57 -18.24 43.27
N GLY L 208 -11.53 -17.98 42.39
CA GLY L 208 -11.80 -18.89 41.29
C GLY L 208 -10.82 -18.80 40.15
N ILE L 209 -9.98 -17.76 40.14
CA ILE L 209 -8.99 -17.57 39.08
C ILE L 209 -7.58 -17.79 39.59
N LEU L 210 -7.43 -18.41 40.77
CA LEU L 210 -6.12 -18.75 41.33
C LEU L 210 -5.85 -20.21 41.00
N LYS L 211 -5.34 -20.43 39.81
CA LYS L 211 -5.08 -21.76 39.34
C LYS L 211 -3.95 -22.50 40.02
N TYR L 212 -2.84 -21.83 40.28
CA TYR L 212 -1.67 -22.43 40.91
C TYR L 212 -1.25 -21.61 42.12
N THR L 213 -0.47 -22.25 43.00
CA THR L 213 -0.12 -21.67 44.28
C THR L 213 1.37 -21.42 44.47
N ARG L 214 2.20 -21.71 43.48
CA ARG L 214 3.63 -21.51 43.64
C ARG L 214 3.97 -20.03 43.50
N PRO L 215 4.67 -19.45 44.46
CA PRO L 215 5.11 -18.05 44.33
C PRO L 215 6.09 -17.89 43.17
N ALA L 216 6.06 -16.70 42.57
CA ALA L 216 6.93 -16.42 41.43
C ALA L 216 8.41 -16.36 41.81
N TRP L 217 8.71 -16.03 43.06
CA TRP L 217 10.10 -15.95 43.53
C TRP L 217 10.60 -17.26 44.11
N TRP L 218 9.88 -18.34 43.97
CA TRP L 218 10.30 -19.59 44.51
C TRP L 218 11.48 -20.22 43.81
N ARG L 219 12.52 -20.58 44.53
CA ARG L 219 13.64 -21.27 43.91
C ARG L 219 13.95 -22.51 44.75
N GLY L 220 13.96 -23.68 44.12
CA GLY L 220 14.25 -24.91 44.82
C GLY L 220 13.30 -26.01 44.43
N GLU L 221 13.19 -27.03 45.27
CA GLU L 221 12.26 -28.13 45.02
C GLU L 221 10.99 -27.94 45.83
N THR L 222 9.86 -28.20 45.19
CA THR L 222 8.55 -28.11 45.81
C THR L 222 8.25 -29.37 46.60
N PRO L 223 7.41 -29.27 47.64
CA PRO L 223 7.04 -30.46 48.40
C PRO L 223 6.32 -31.48 47.51
N GLU L 224 6.56 -32.77 47.79
CA GLU L 224 5.95 -33.82 47.00
C GLU L 224 4.44 -33.89 47.19
N THR L 225 3.92 -33.33 48.29
CA THR L 225 2.49 -33.34 48.51
C THR L 225 1.77 -32.34 47.63
N HIS L 226 2.49 -31.35 47.09
CA HIS L 226 1.90 -30.33 46.22
C HIS L 226 2.67 -30.18 44.92
N HIS L 227 3.21 -31.27 44.37
CA HIS L 227 4.02 -31.18 43.17
C HIS L 227 3.20 -30.86 41.92
N TYR L 228 1.88 -31.07 41.96
CA TYR L 228 1.04 -30.73 40.83
C TYR L 228 0.43 -29.33 40.97
N LEU L 229 0.03 -28.95 42.18
CA LEU L 229 -0.58 -27.63 42.39
C LEU L 229 0.45 -26.51 42.33
N MET L 230 1.74 -26.83 42.33
CA MET L 230 2.80 -25.83 42.29
C MET L 230 3.72 -26.05 41.09
N LYS L 231 3.19 -26.52 39.99
CA LYS L 231 3.96 -26.73 38.78
C LYS L 231 4.27 -25.44 38.01
N LYS L 232 3.49 -24.38 38.22
CA LYS L 232 3.67 -23.10 37.55
C LYS L 232 3.49 -21.99 38.58
N PRO L 233 4.09 -20.82 38.34
CA PRO L 233 3.88 -19.70 39.27
C PRO L 233 2.41 -19.27 39.31
N GLY L 234 1.98 -18.82 40.49
CA GLY L 234 0.60 -18.43 40.68
C GLY L 234 0.38 -16.95 40.93
N TYR L 235 1.32 -16.30 41.60
CA TYR L 235 1.18 -14.88 41.91
C TYR L 235 2.57 -14.27 42.07
N TYR L 236 2.62 -12.94 42.01
CA TYR L 236 3.86 -12.20 42.09
C TYR L 236 4.16 -11.80 43.53
N LEU L 237 5.32 -11.15 43.71
CA LEU L 237 5.70 -10.69 45.04
C LEU L 237 4.94 -9.44 45.45
N SER L 238 4.56 -8.60 44.48
CA SER L 238 3.81 -7.38 44.80
C SER L 238 2.40 -7.68 45.28
N GLU L 239 1.92 -8.91 45.16
CA GLU L 239 0.59 -9.29 45.63
C GLU L 239 0.65 -10.22 46.84
N GLU L 240 1.81 -10.31 47.51
CA GLU L 240 1.95 -11.22 48.65
C GLU L 240 1.00 -10.84 49.78
N ALA L 241 0.89 -9.55 50.06
CA ALA L 241 -0.02 -9.11 51.12
C ALA L 241 -1.48 -9.35 50.74
N TYR L 242 -1.82 -9.20 49.46
CA TYR L 242 -3.19 -9.43 49.02
C TYR L 242 -3.57 -10.90 49.07
N ILE L 243 -2.64 -11.80 48.75
CA ILE L 243 -2.94 -13.22 48.76
C ILE L 243 -3.12 -13.73 50.18
N ALA L 244 -2.36 -13.21 51.15
CA ALA L 244 -2.52 -13.62 52.54
C ALA L 244 -3.90 -13.25 53.07
N ARG L 245 -4.37 -12.04 52.75
CA ARG L 245 -5.72 -11.63 53.15
C ARG L 245 -6.77 -12.53 52.51
N LEU L 246 -6.57 -12.89 51.23
CA LEU L 246 -7.51 -13.78 50.55
C LEU L 246 -7.54 -15.15 51.22
N ARG L 247 -6.37 -15.69 51.58
CA ARG L 247 -6.33 -16.98 52.27
C ARG L 247 -7.00 -16.90 53.64
N LYS L 248 -6.79 -15.81 54.37
CA LYS L 248 -7.46 -15.64 55.66
C LYS L 248 -8.97 -15.52 55.49
N GLU L 249 -9.43 -14.91 54.40
CA GLU L 249 -10.87 -14.73 54.18
C GLU L 249 -11.56 -16.01 53.74
N LEU L 250 -10.88 -16.85 52.96
CA LEU L 250 -11.50 -18.06 52.41
C LEU L 250 -11.10 -19.32 53.19
N ASN L 251 -10.39 -19.17 54.31
CA ASN L 251 -9.98 -20.30 55.15
C ASN L 251 -9.20 -21.34 54.34
N LEU L 252 -8.16 -20.88 53.67
CA LEU L 252 -7.28 -21.75 52.89
C LEU L 252 -5.90 -21.80 53.53
N ALA L 253 -5.35 -23.01 53.62
CA ALA L 253 -4.01 -23.18 54.15
C ALA L 253 -2.98 -22.73 53.11
N LEU L 254 -1.70 -22.76 53.51
CA LEU L 254 -0.63 -22.39 52.60
C LEU L 254 -0.56 -23.37 51.43
N TYR L 255 -0.41 -22.82 50.23
CA TYR L 255 -0.31 -23.62 48.99
C TYR L 255 -1.56 -24.47 48.76
N SER L 256 -2.73 -23.95 49.08
CA SER L 256 -3.99 -24.65 48.89
C SER L 256 -4.81 -23.99 47.78
N ARG L 257 -5.79 -24.74 47.27
CA ARG L 257 -6.62 -24.32 46.16
C ARG L 257 -8.06 -24.10 46.61
N PHE L 258 -8.75 -23.23 45.87
CA PHE L 258 -10.19 -23.03 46.08
C PHE L 258 -10.96 -24.19 45.49
N PRO L 259 -12.00 -24.68 46.17
CA PRO L 259 -12.72 -25.87 45.67
C PRO L 259 -13.30 -25.72 44.27
N LEU L 260 -13.80 -24.53 43.92
CA LEU L 260 -14.46 -24.34 42.63
C LEU L 260 -13.48 -24.23 41.47
N THR L 261 -12.18 -24.09 41.73
CA THR L 261 -11.22 -23.97 40.65
C THR L 261 -11.11 -25.24 39.82
N TRP L 262 -11.40 -26.40 40.43
CA TRP L 262 -11.31 -27.66 39.71
C TRP L 262 -12.29 -27.74 38.56
N ILE L 263 -13.51 -27.22 38.74
CA ILE L 263 -14.51 -27.26 37.69
C ILE L 263 -14.07 -26.41 36.48
N MET L 264 -13.48 -25.25 36.74
CA MET L 264 -12.99 -24.42 35.65
C MET L 264 -11.85 -25.07 34.90
N GLU L 265 -10.97 -25.80 35.61
CA GLU L 265 -9.87 -26.49 34.95
C GLU L 265 -10.36 -27.59 34.02
N ALA L 266 -11.39 -28.33 34.43
CA ALA L 266 -11.90 -29.41 33.59
C ALA L 266 -12.60 -28.87 32.34
N ALA L 267 -13.24 -27.71 32.45
CA ALA L 267 -13.91 -27.12 31.30
C ALA L 267 -12.93 -26.72 30.21
N ASP L 268 -11.76 -26.20 30.59
CA ASP L 268 -10.76 -25.81 29.59
C ASP L 268 -10.17 -27.03 28.91
N ASP L 269 -10.00 -28.13 29.63
CA ASP L 269 -9.44 -29.34 29.04
C ASP L 269 -10.37 -29.97 28.01
N ILE L 270 -11.67 -29.84 28.18
CA ILE L 270 -12.61 -30.39 27.20
C ILE L 270 -12.56 -29.58 25.91
N SER L 271 -12.54 -28.25 26.01
CA SER L 271 -12.51 -27.37 24.83
C SER L 271 -11.09 -26.97 24.49
N TYR L 272 -10.22 -27.93 24.24
CA TYR L 272 -8.84 -27.65 23.94
C TYR L 272 -8.48 -27.65 22.45
N CYS L 273 -8.87 -28.68 21.69
CA CYS L 273 -8.52 -28.78 20.28
C CYS L 273 -9.71 -28.89 19.34
N VAL L 274 -10.91 -29.19 19.85
CA VAL L 274 -12.05 -29.43 18.99
C VAL L 274 -12.41 -28.22 18.13
N ALA L 275 -12.28 -27.01 18.69
CA ALA L 275 -12.58 -25.81 17.92
C ALA L 275 -11.55 -25.55 16.82
N ASP L 276 -10.27 -25.85 17.09
CA ASP L 276 -9.24 -25.63 16.09
C ASP L 276 -9.42 -26.55 14.89
N LEU L 277 -9.87 -27.78 15.11
CA LEU L 277 -10.13 -28.68 14.00
C LEU L 277 -11.24 -28.14 13.09
N GLU L 278 -12.30 -27.58 13.69
CA GLU L 278 -13.34 -26.97 12.88
C GLU L 278 -12.84 -25.72 12.17
N ASP L 279 -12.00 -24.93 12.84
CA ASP L 279 -11.46 -23.73 12.20
C ASP L 279 -10.53 -24.08 11.04
N ALA L 280 -9.86 -25.24 11.10
CA ALA L 280 -8.99 -25.65 10.02
C ALA L 280 -9.78 -25.92 8.73
N VAL L 281 -10.97 -26.52 8.86
CA VAL L 281 -11.79 -26.82 7.69
C VAL L 281 -12.25 -25.52 7.02
N GLU L 282 -12.62 -24.52 7.81
CA GLU L 282 -13.07 -23.25 7.25
C GLU L 282 -11.97 -22.51 6.49
N LYS L 283 -10.70 -22.84 6.73
CA LYS L 283 -9.59 -22.26 6.01
C LYS L 283 -9.10 -23.15 4.87
N ARG L 284 -9.85 -24.20 4.54
CA ARG L 284 -9.56 -25.07 3.41
C ARG L 284 -8.22 -25.79 3.55
N ILE L 285 -7.79 -26.05 4.80
CA ILE L 285 -6.63 -26.89 5.01
C ILE L 285 -6.91 -28.30 4.52
N PHE L 286 -8.10 -28.78 4.85
CA PHE L 286 -8.60 -30.05 4.36
C PHE L 286 -10.12 -30.00 4.29
N THR L 287 -10.74 -31.10 3.94
CA THR L 287 -12.19 -31.15 3.84
C THR L 287 -12.75 -31.97 5.00
N VAL L 288 -14.08 -31.97 5.10
CA VAL L 288 -14.75 -32.71 6.17
C VAL L 288 -14.49 -34.19 6.04
N GLU L 289 -14.57 -34.72 4.82
CA GLU L 289 -14.28 -36.14 4.58
C GLU L 289 -12.83 -36.48 4.93
N GLN L 290 -11.90 -35.59 4.56
CA GLN L 290 -10.50 -35.84 4.90
C GLN L 290 -10.29 -35.84 6.40
N LEU L 291 -10.93 -34.91 7.13
CA LEU L 291 -10.81 -34.89 8.58
C LEU L 291 -11.42 -36.14 9.20
N TYR L 292 -12.56 -36.60 8.68
CA TYR L 292 -13.17 -37.84 9.18
C TYR L 292 -12.25 -39.03 8.95
N HIS L 293 -11.63 -39.11 7.77
CA HIS L 293 -10.69 -40.19 7.50
C HIS L 293 -9.48 -40.12 8.43
N HIS L 294 -8.98 -38.92 8.68
CA HIS L 294 -7.85 -38.76 9.59
C HIS L 294 -8.21 -39.20 11.00
N LEU L 295 -9.41 -38.83 11.46
CA LEU L 295 -9.85 -39.25 12.79
C LEU L 295 -10.02 -40.76 12.87
N HIS L 296 -10.58 -41.37 11.81
CA HIS L 296 -10.73 -42.82 11.80
C HIS L 296 -9.38 -43.51 11.83
N GLU L 297 -8.40 -42.98 11.09
CA GLU L 297 -7.07 -43.59 11.08
C GLU L 297 -6.39 -43.43 12.44
N ALA L 298 -6.51 -42.26 13.06
CA ALA L 298 -5.83 -42.01 14.33
C ALA L 298 -6.50 -42.73 15.50
N TRP L 299 -7.82 -42.97 15.43
CA TRP L 299 -8.53 -43.58 16.53
C TRP L 299 -8.09 -45.02 16.74
N GLY L 300 -8.00 -45.79 15.67
CA GLY L 300 -7.60 -47.19 15.75
C GLY L 300 -8.58 -48.14 15.11
N PHE L 308 -15.54 -43.70 19.46
CA PHE L 308 -15.59 -43.15 18.12
C PHE L 308 -16.94 -43.44 17.47
N SER L 309 -17.38 -44.69 17.58
CA SER L 309 -18.67 -45.08 17.00
C SER L 309 -19.82 -44.36 17.67
N LEU L 310 -19.79 -44.25 19.00
CA LEU L 310 -20.90 -43.63 19.72
C LEU L 310 -20.86 -42.11 19.60
N VAL L 311 -19.69 -41.53 19.39
CA VAL L 311 -19.50 -40.08 19.41
C VAL L 311 -19.33 -39.52 18.00
N VAL L 312 -18.34 -40.03 17.25
CA VAL L 312 -18.00 -39.45 15.96
C VAL L 312 -18.87 -40.03 14.86
N GLU L 313 -19.05 -41.36 14.87
CA GLU L 313 -19.85 -42.00 13.83
C GLU L 313 -21.30 -41.55 13.88
N ASN L 314 -21.85 -41.34 15.08
CA ASN L 314 -23.22 -40.87 15.19
C ASN L 314 -23.38 -39.50 14.55
N ALA L 315 -22.40 -38.61 14.73
CA ALA L 315 -22.47 -37.29 14.14
C ALA L 315 -22.23 -37.34 12.63
N TRP L 316 -21.39 -38.26 12.16
CA TRP L 316 -21.07 -38.32 10.73
C TRP L 316 -22.30 -38.70 9.91
N GLU L 317 -23.08 -39.66 10.41
CA GLU L 317 -24.28 -40.11 9.71
C GLU L 317 -25.49 -39.22 9.94
N LYS L 318 -25.36 -38.21 10.79
CA LYS L 318 -26.47 -37.30 11.09
C LYS L 318 -26.37 -35.99 10.33
N SER L 319 -25.48 -35.91 9.33
CA SER L 319 -25.31 -34.70 8.55
C SER L 319 -25.52 -34.92 7.05
N THR L 328 -23.17 -30.37 5.47
CA THR L 328 -22.33 -31.42 6.03
C THR L 328 -21.22 -30.91 6.92
N GLU L 329 -20.85 -29.62 6.80
CA GLU L 329 -19.79 -29.05 7.62
C GLU L 329 -20.34 -28.52 8.95
N ASP L 330 -21.48 -27.83 8.89
CA ASP L 330 -22.10 -27.27 10.08
C ASP L 330 -23.09 -28.26 10.67
N GLN L 331 -22.92 -29.53 10.34
CA GLN L 331 -23.80 -30.57 10.84
C GLN L 331 -23.02 -31.76 11.36
N PHE L 332 -21.69 -31.71 11.25
CA PHE L 332 -20.85 -32.80 11.73
C PHE L 332 -20.33 -32.49 13.13
N PHE L 333 -19.87 -31.27 13.34
CA PHE L 333 -19.34 -30.88 14.65
C PHE L 333 -20.47 -30.58 15.63
N MET L 334 -21.61 -30.09 15.14
CA MET L 334 -22.72 -29.73 15.99
C MET L 334 -23.23 -30.92 16.80
N TYR L 335 -23.10 -32.13 16.26
CA TYR L 335 -23.48 -33.33 16.98
C TYR L 335 -22.30 -34.02 17.65
N LEU L 336 -21.09 -33.85 17.12
CA LEU L 336 -19.91 -34.39 17.79
C LEU L 336 -19.70 -33.74 19.15
N ARG L 337 -19.91 -32.43 19.23
CA ARG L 337 -19.78 -31.73 20.51
C ARG L 337 -20.78 -32.27 21.54
N VAL L 338 -22.03 -32.44 21.11
CA VAL L 338 -23.05 -32.97 22.01
C VAL L 338 -22.69 -34.40 22.45
N ASN L 339 -22.24 -35.21 21.50
CA ASN L 339 -21.92 -36.60 21.81
C ASN L 339 -20.77 -36.71 22.80
N THR L 340 -19.74 -35.87 22.65
CA THR L 340 -18.64 -35.94 23.60
C THR L 340 -19.00 -35.31 24.94
N LEU L 341 -19.84 -34.27 24.96
CA LEU L 341 -20.27 -33.68 26.22
C LEU L 341 -21.08 -34.67 27.04
N ASN L 342 -22.02 -35.37 26.40
CA ASN L 342 -22.87 -36.30 27.11
C ASN L 342 -22.09 -37.47 27.71
N LYS L 343 -20.87 -37.71 27.25
CA LYS L 343 -20.03 -38.76 27.81
C LYS L 343 -18.96 -38.24 28.75
N LEU L 344 -18.58 -36.96 28.64
CA LEU L 344 -17.52 -36.42 29.48
C LEU L 344 -18.04 -35.72 30.74
N VAL L 345 -19.16 -35.00 30.64
CA VAL L 345 -19.65 -34.24 31.80
C VAL L 345 -20.01 -35.13 32.98
N PRO L 346 -20.79 -36.22 32.82
CA PRO L 346 -21.08 -37.05 34.00
C PRO L 346 -19.85 -37.63 34.66
N TYR L 347 -18.82 -37.98 33.88
CA TYR L 347 -17.59 -38.50 34.48
C TYR L 347 -16.92 -37.43 35.35
N ALA L 348 -16.88 -36.19 34.87
CA ALA L 348 -16.30 -35.10 35.66
C ALA L 348 -17.11 -34.86 36.92
N ALA L 349 -18.44 -34.90 36.81
CA ALA L 349 -19.27 -34.70 38.00
C ALA L 349 -19.04 -35.80 39.03
N GLN L 350 -18.97 -37.05 38.58
CA GLN L 350 -18.72 -38.16 39.50
C GLN L 350 -17.34 -38.06 40.13
N ARG L 351 -16.32 -37.67 39.36
CA ARG L 351 -14.99 -37.51 39.93
C ARG L 351 -14.96 -36.39 40.96
N PHE L 352 -15.67 -35.29 40.70
CA PHE L 352 -15.75 -34.21 41.68
C PHE L 352 -16.44 -34.67 42.95
N ILE L 353 -17.54 -35.42 42.81
CA ILE L 353 -18.30 -35.83 43.99
C ILE L 353 -17.54 -36.87 44.81
N ASP L 354 -16.85 -37.81 44.16
CA ASP L 354 -16.19 -38.89 44.89
C ASP L 354 -15.08 -38.36 45.79
N ASN L 355 -14.19 -37.53 45.25
CA ASN L 355 -13.08 -36.96 46.02
C ASN L 355 -13.44 -35.60 46.59
N LEU L 356 -14.53 -35.53 47.36
CA LEU L 356 -15.04 -34.26 47.86
C LEU L 356 -14.25 -33.74 49.06
N PRO L 357 -13.95 -34.55 50.09
CA PRO L 357 -13.20 -34.00 51.24
C PRO L 357 -11.84 -33.41 50.85
N ALA L 358 -11.11 -34.08 49.96
CA ALA L 358 -9.80 -33.57 49.56
C ALA L 358 -9.92 -32.27 48.77
N ILE L 359 -10.90 -32.18 47.88
CA ILE L 359 -11.11 -30.95 47.12
C ILE L 359 -11.51 -29.81 48.04
N PHE L 360 -12.40 -30.09 49.00
CA PHE L 360 -12.82 -29.06 49.95
C PHE L 360 -11.65 -28.60 50.81
N ALA L 361 -10.79 -29.52 51.24
CA ALA L 361 -9.61 -29.14 52.00
C ALA L 361 -8.61 -28.38 51.14
N GLY L 362 -8.63 -28.59 49.83
CA GLY L 362 -7.71 -27.91 48.93
C GLY L 362 -6.39 -28.60 48.73
N THR L 363 -6.27 -29.87 49.10
CA THR L 363 -5.02 -30.62 49.00
C THR L 363 -5.09 -31.75 47.98
N PHE L 364 -6.04 -31.72 47.05
CA PHE L 364 -6.15 -32.74 46.03
C PHE L 364 -5.07 -32.50 44.97
N ASN L 365 -4.12 -33.43 44.87
CA ASN L 365 -2.96 -33.26 44.00
C ASN L 365 -3.16 -33.87 42.61
N HIS L 366 -4.40 -33.97 42.16
CA HIS L 366 -4.70 -34.52 40.84
C HIS L 366 -5.74 -33.66 40.16
N ALA L 367 -6.01 -33.97 38.89
CA ALA L 367 -7.05 -33.31 38.12
C ALA L 367 -8.25 -34.24 37.95
N LEU L 368 -9.40 -33.64 37.65
CA LEU L 368 -10.62 -34.42 37.50
C LEU L 368 -10.52 -35.40 36.34
N LEU L 369 -9.95 -34.96 35.23
CA LEU L 369 -9.78 -35.80 34.06
C LEU L 369 -8.37 -36.38 34.00
N ALA L 372 -7.22 -41.83 33.40
CA ALA L 372 -6.65 -43.02 32.80
C ALA L 372 -7.72 -44.04 32.45
N SER L 373 -8.64 -43.66 31.57
CA SER L 373 -9.73 -44.53 31.16
C SER L 373 -10.08 -44.20 29.71
N GLU L 374 -11.22 -44.69 29.25
CA GLU L 374 -11.66 -44.45 27.87
C GLU L 374 -12.02 -42.99 27.67
N CYS L 375 -12.27 -42.26 28.75
CA CYS L 375 -12.62 -40.85 28.68
C CYS L 375 -11.39 -39.98 28.43
N SER L 376 -10.33 -40.19 29.23
CA SER L 376 -9.09 -39.44 29.04
C SER L 376 -8.37 -39.82 27.75
N ASP L 377 -8.51 -41.06 27.30
CA ASP L 377 -7.86 -41.47 26.06
C ASP L 377 -8.52 -40.82 24.85
N LEU L 378 -9.82 -40.50 24.95
CA LEU L 378 -10.52 -39.85 23.85
C LEU L 378 -9.97 -38.46 23.55
N LEU L 379 -9.65 -37.67 24.59
CA LEU L 379 -9.12 -36.34 24.39
C LEU L 379 -7.80 -36.36 23.64
N LYS L 380 -6.96 -37.37 23.91
CA LYS L 380 -5.69 -37.49 23.20
C LYS L 380 -5.89 -37.72 21.71
N LEU L 381 -7.05 -38.24 21.31
CA LEU L 381 -7.34 -38.41 19.89
C LEU L 381 -7.39 -37.06 19.18
N TYR L 382 -8.10 -36.12 19.79
CA TYR L 382 -8.20 -34.78 19.24
C TYR L 382 -6.89 -34.04 19.41
N LYS L 383 -6.16 -34.37 20.47
CA LYS L 383 -4.87 -33.74 20.75
C LYS L 383 -3.84 -34.08 19.69
N ASN L 384 -3.78 -35.36 19.29
CA ASN L 384 -2.74 -35.80 18.37
C ASN L 384 -3.02 -35.34 16.94
N VAL L 385 -4.29 -35.32 16.54
CA VAL L 385 -4.63 -34.88 15.19
C VAL L 385 -4.34 -33.39 15.02
N ALA L 386 -4.62 -32.58 16.05
CA ALA L 386 -4.42 -31.14 15.96
C ALA L 386 -2.95 -30.76 15.87
N VAL L 387 -2.08 -31.44 16.61
CA VAL L 387 -0.67 -31.06 16.62
C VAL L 387 0.03 -31.47 15.32
N LYS L 388 -0.51 -32.46 14.61
CA LYS L 388 0.16 -32.99 13.42
C LYS L 388 -0.32 -32.32 12.14
N HIS L 389 -1.59 -31.93 12.07
CA HIS L 389 -2.16 -31.41 10.83
C HIS L 389 -2.54 -29.94 10.88
N VAL L 390 -2.62 -29.32 12.06
CA VAL L 390 -3.05 -27.94 12.20
C VAL L 390 -1.94 -27.07 12.77
N PHE L 391 -1.34 -27.50 13.88
CA PHE L 391 -0.33 -26.68 14.55
C PHE L 391 0.98 -26.66 13.78
N SER L 392 1.15 -27.57 12.81
CA SER L 392 2.37 -27.66 12.02
C SER L 392 2.26 -26.96 10.67
N HIS L 393 1.16 -26.24 10.44
CA HIS L 393 1.00 -25.54 9.16
C HIS L 393 2.02 -24.42 9.04
N PRO L 394 2.56 -24.19 7.84
CA PRO L 394 3.56 -23.12 7.69
C PRO L 394 3.06 -21.73 8.08
N ASP L 395 1.78 -21.44 7.83
CA ASP L 395 1.26 -20.13 8.16
C ASP L 395 1.15 -19.93 9.67
N VAL L 396 0.83 -20.98 10.41
CA VAL L 396 0.78 -20.89 11.86
C VAL L 396 2.19 -20.73 12.43
N GLU L 397 3.16 -21.45 11.87
CA GLU L 397 4.52 -21.42 12.38
C GLU L 397 5.18 -20.07 12.13
N ARG L 398 4.88 -19.42 11.00
CA ARG L 398 5.50 -18.14 10.69
C ARG L 398 5.10 -17.06 11.69
N LEU L 399 3.82 -17.03 12.08
CA LEU L 399 3.35 -16.00 13.01
C LEU L 399 4.00 -16.13 14.38
N GLU L 400 4.43 -17.31 14.74
CA GLU L 400 5.05 -17.51 16.01
C GLU L 400 6.43 -16.91 16.05
N LEU L 401 7.15 -16.97 14.95
CA LEU L 401 8.47 -16.36 14.90
C LEU L 401 8.40 -14.85 14.78
N GLN L 402 7.41 -14.32 14.06
CA GLN L 402 7.28 -12.87 13.94
C GLN L 402 6.88 -12.24 15.27
N GLY L 403 6.03 -12.91 16.04
CA GLY L 403 5.64 -12.38 17.34
C GLY L 403 6.78 -12.31 18.33
N TYR L 404 7.69 -13.28 18.29
CA TYR L 404 8.85 -13.26 19.17
C TYR L 404 9.75 -12.07 18.87
N ARG L 405 9.89 -11.71 17.60
CA ARG L 405 10.73 -10.59 17.23
C ARG L 405 10.12 -9.26 17.63
N VAL L 406 8.79 -9.14 17.58
CA VAL L 406 8.13 -7.88 17.87
C VAL L 406 8.28 -7.52 19.36
N ILE L 407 8.08 -8.49 20.25
CA ILE L 407 8.15 -8.22 21.67
C ILE L 407 9.57 -7.89 22.09
N SER L 408 10.57 -8.58 21.52
CA SER L 408 11.96 -8.29 21.86
C SER L 408 12.34 -6.88 21.44
N GLY L 409 11.89 -6.43 20.27
CA GLY L 409 12.21 -5.09 19.81
C GLY L 409 11.59 -4.00 20.67
N LEU L 410 10.35 -4.20 21.13
CA LEU L 410 9.70 -3.21 21.96
C LEU L 410 10.43 -3.02 23.29
N LEU L 411 10.95 -4.10 23.87
CA LEU L 411 11.67 -3.98 25.13
C LEU L 411 13.00 -3.25 24.94
N GLU L 412 13.60 -3.34 23.78
CA GLU L 412 14.85 -2.64 23.54
C GLU L 412 14.61 -1.14 23.34
N ILE L 413 13.47 -0.78 22.78
CA ILE L 413 13.18 0.64 22.57
C ILE L 413 13.04 1.36 23.90
N TYR L 414 12.41 0.73 24.89
CA TYR L 414 12.20 1.32 26.20
C TYR L 414 13.34 1.04 27.17
N ARG L 415 14.43 0.49 26.70
CA ARG L 415 15.53 0.24 27.59
C ARG L 415 16.13 1.49 28.26
N PRO L 416 16.20 2.66 27.58
CA PRO L 416 16.71 3.85 28.29
C PRO L 416 15.93 4.20 29.55
N LEU L 417 14.64 3.86 29.63
CA LEU L 417 13.89 4.14 30.84
C LEU L 417 14.43 3.37 32.05
N LEU L 418 14.95 2.17 31.83
CA LEU L 418 15.50 1.35 32.91
C LEU L 418 16.92 1.73 33.28
N SER L 419 17.60 2.53 32.47
CA SER L 419 18.98 2.91 32.74
C SER L 419 19.11 4.20 33.53
N LEU L 420 18.01 4.89 33.80
CA LEU L 420 18.05 6.14 34.55
C LEU L 420 18.29 5.88 36.03
N SER L 421 18.51 6.95 36.80
CA SER L 421 18.72 6.85 38.23
C SER L 421 17.42 7.15 38.97
N LEU L 422 17.45 6.95 40.29
CA LEU L 422 16.26 7.18 41.10
C LEU L 422 15.85 8.65 41.06
N SER L 423 16.80 9.56 41.21
CA SER L 423 16.49 10.98 41.20
C SER L 423 15.96 11.43 39.84
N ASP L 424 16.57 10.96 38.75
CA ASP L 424 16.12 11.35 37.43
C ASP L 424 14.71 10.85 37.15
N PHE L 425 14.40 9.60 37.52
CA PHE L 425 13.06 9.08 37.30
C PHE L 425 12.04 9.77 38.20
N THR L 426 12.43 10.11 39.43
CA THR L 426 11.53 10.86 40.30
C THR L 426 11.22 12.23 39.72
N GLU L 427 12.23 12.91 39.19
CA GLU L 427 12.00 14.20 38.54
C GLU L 427 11.10 14.03 37.31
N LEU L 428 11.30 12.95 36.55
CA LEU L 428 10.47 12.71 35.38
C LEU L 428 9.02 12.48 35.77
N VAL L 429 8.76 11.70 36.82
CA VAL L 429 7.38 11.42 37.21
C VAL L 429 6.74 12.60 37.95
N GLU L 430 7.54 13.50 38.51
CA GLU L 430 6.99 14.62 39.27
C GLU L 430 6.80 15.88 38.44
N LYS L 431 7.81 16.26 37.65
CA LYS L 431 7.76 17.52 36.91
C LYS L 431 6.99 17.36 35.60
N GLU L 432 7.25 16.29 34.86
CA GLU L 432 6.67 15.94 33.56
C GLU L 432 7.15 16.85 32.45
N ARG L 433 7.94 17.89 32.74
CA ARG L 433 8.54 18.78 31.74
C ARG L 433 10.01 18.92 32.09
N VAL L 434 10.83 17.99 31.58
CA VAL L 434 12.25 17.93 31.91
C VAL L 434 13.05 18.42 30.71
N LYS L 435 13.97 19.35 30.97
CA LYS L 435 14.84 19.88 29.93
C LYS L 435 16.16 19.13 29.81
N ARG L 436 16.40 18.13 30.66
CA ARG L 436 17.64 17.37 30.61
C ARG L 436 17.50 16.02 29.93
N PHE L 437 16.29 15.49 29.82
CA PHE L 437 16.03 14.17 29.22
C PHE L 437 14.94 14.30 28.17
N PRO L 438 15.28 14.80 26.98
CA PRO L 438 14.24 14.94 25.94
C PRO L 438 13.74 13.62 25.40
N ILE L 439 14.63 12.66 25.15
CA ILE L 439 14.21 11.37 24.63
C ILE L 439 13.48 10.55 25.68
N GLU L 440 13.99 10.54 26.92
CA GLU L 440 13.38 9.71 27.96
C GLU L 440 12.00 10.21 28.35
N SER L 441 11.81 11.53 28.40
CA SER L 441 10.51 12.08 28.79
C SER L 441 9.43 11.74 27.77
N ARG L 442 9.75 11.79 26.48
CA ARG L 442 8.75 11.50 25.45
C ARG L 442 8.33 10.03 25.46
N LEU L 443 9.26 9.12 25.75
CA LEU L 443 8.88 7.71 25.88
C LEU L 443 7.98 7.51 27.10
N PHE L 444 8.17 8.31 28.14
CA PHE L 444 7.37 8.16 29.36
C PHE L 444 5.91 8.49 29.13
N HIS L 445 5.61 9.48 28.27
CA HIS L 445 4.22 9.87 28.04
C HIS L 445 3.45 8.85 27.22
N LYS L 446 4.12 7.87 26.61
CA LYS L 446 3.42 6.86 25.82
C LYS L 446 2.78 5.78 26.70
N LEU L 447 3.22 5.63 27.94
CA LEU L 447 2.64 4.65 28.84
C LEU L 447 1.22 5.06 29.22
N SER L 448 0.37 4.06 29.43
CA SER L 448 -1.01 4.31 29.80
C SER L 448 -1.09 4.96 31.18
N THR L 449 -2.15 5.74 31.39
CA THR L 449 -2.29 6.49 32.64
C THR L 449 -2.56 5.57 33.83
N ARG L 450 -3.27 4.46 33.61
CA ARG L 450 -3.58 3.56 34.72
C ARG L 450 -2.32 2.90 35.27
N HIS L 451 -1.39 2.51 34.40
CA HIS L 451 -0.14 1.92 34.86
C HIS L 451 0.70 2.93 35.64
N ARG L 452 0.74 4.18 35.18
CA ARG L 452 1.47 5.22 35.89
C ARG L 452 0.84 5.49 37.26
N LEU L 453 -0.50 5.51 37.32
CA LEU L 453 -1.18 5.69 38.60
C LEU L 453 -0.88 4.54 39.55
N ALA L 454 -0.87 3.31 39.03
CA ALA L 454 -0.54 2.16 39.86
C ALA L 454 0.89 2.26 40.39
N TYR L 455 1.83 2.69 39.54
CA TYR L 455 3.21 2.87 39.99
C TYR L 455 3.30 3.93 41.08
N VAL L 456 2.59 5.05 40.88
CA VAL L 456 2.63 6.13 41.87
C VAL L 456 2.07 5.65 43.21
N GLU L 457 0.94 4.93 43.17
CA GLU L 457 0.36 4.42 44.41
C GLU L 457 1.28 3.41 45.08
N ALA L 458 1.94 2.56 44.29
CA ALA L 458 2.81 1.54 44.88
C ALA L 458 4.03 2.17 45.55
N VAL L 459 4.69 3.13 44.87
CA VAL L 459 5.88 3.73 45.46
C VAL L 459 5.54 4.79 46.49
N SER L 460 4.28 5.22 46.56
CA SER L 460 3.87 6.22 47.55
C SER L 460 3.63 5.65 48.93
N LYS L 461 4.09 4.41 49.21
CA LYS L 461 3.86 3.77 50.50
C LYS L 461 5.12 3.27 51.17
N LEU L 462 6.19 3.00 50.43
CA LEU L 462 7.40 2.45 51.03
C LEU L 462 8.09 3.50 51.90
N PRO L 463 8.69 3.07 53.01
CA PRO L 463 9.48 4.00 53.84
C PRO L 463 10.63 4.63 53.06
N SER L 464 10.59 5.96 52.92
CA SER L 464 11.63 6.65 52.16
C SER L 464 13.00 6.52 52.83
N ASP L 465 13.06 6.62 54.15
CA ASP L 465 14.32 6.56 54.88
C ASP L 465 14.62 5.12 55.30
N SER L 466 14.81 4.28 54.30
CA SER L 466 15.12 2.87 54.49
C SER L 466 16.18 2.46 53.48
N PRO L 467 16.99 1.45 53.81
CA PRO L 467 18.01 1.00 52.87
C PRO L 467 17.47 0.05 51.81
N GLU L 468 16.15 -0.06 51.72
CA GLU L 468 15.49 -0.92 50.76
C GLU L 468 14.74 -0.15 49.67
N PHE L 469 14.74 1.18 49.71
CA PHE L 469 13.99 1.96 48.75
C PHE L 469 14.44 1.74 47.30
N PRO L 470 15.73 1.80 46.96
CA PRO L 470 16.11 1.61 45.54
C PRO L 470 15.70 0.26 44.97
N LEU L 471 15.79 -0.81 45.76
CA LEU L 471 15.45 -2.14 45.27
C LEU L 471 13.96 -2.22 44.93
N TRP L 472 13.12 -1.76 45.86
CA TRP L 472 11.68 -1.78 45.61
C TRP L 472 11.31 -0.85 44.45
N GLU L 473 11.97 0.30 44.36
CA GLU L 473 11.68 1.22 43.26
C GLU L 473 12.02 0.59 41.91
N TYR L 474 13.17 -0.10 41.83
CA TYR L 474 13.53 -0.76 40.59
C TYR L 474 12.56 -1.90 40.27
N TYR L 475 12.15 -2.65 41.28
CA TYR L 475 11.19 -3.73 41.05
C TYR L 475 9.86 -3.18 40.52
N TYR L 476 9.38 -2.09 41.11
CA TYR L 476 8.12 -1.51 40.66
C TYR L 476 8.25 -0.88 39.27
N ARG L 477 9.42 -0.31 38.95
CA ARG L 477 9.64 0.21 37.61
C ARG L 477 9.62 -0.91 36.57
N CYS L 478 10.27 -2.04 36.88
CA CYS L 478 10.23 -3.18 35.98
C CYS L 478 8.82 -3.72 35.82
N ARG L 479 8.06 -3.77 36.92
CA ARG L 479 6.67 -4.22 36.84
C ARG L 479 5.84 -3.26 35.99
N LEU L 480 6.08 -1.95 36.12
CA LEU L 480 5.38 -0.97 35.30
C LEU L 480 5.71 -1.16 33.83
N LEU L 481 6.96 -1.46 33.52
CA LEU L 481 7.33 -1.73 32.13
C LEU L 481 6.66 -3.00 31.62
N GLN L 482 6.57 -4.03 32.46
CA GLN L 482 5.96 -5.29 32.03
C GLN L 482 4.45 -5.17 31.85
N ASP L 483 3.80 -4.33 32.65
CA ASP L 483 2.35 -4.17 32.52
C ASP L 483 1.98 -3.54 31.17
N TYR L 484 2.78 -2.58 30.71
CA TYR L 484 2.47 -1.88 29.47
C TYR L 484 2.55 -2.81 28.27
N ILE L 485 3.55 -3.70 28.24
CA ILE L 485 3.73 -4.58 27.10
C ILE L 485 2.64 -5.64 27.05
N SER L 486 2.31 -6.24 28.18
CA SER L 486 1.36 -7.36 28.22
C SER L 486 -0.09 -6.91 28.05
N GLY L 487 -0.37 -5.62 28.10
CA GLY L 487 -1.74 -5.15 28.00
C GLY L 487 -2.15 -4.72 26.60
N MET L 488 -1.43 -5.21 25.59
CA MET L 488 -1.66 -4.81 24.22
C MET L 488 -2.29 -5.95 23.42
N THR L 489 -3.07 -5.58 22.43
CA THR L 489 -3.48 -6.53 21.40
C THR L 489 -2.34 -6.73 20.41
N ASP L 490 -2.32 -7.91 19.82
CA ASP L 490 -1.35 -8.33 18.82
C ASP L 490 -1.24 -7.34 17.69
N LEU L 491 -2.36 -6.81 17.28
CA LEU L 491 -2.40 -5.86 16.17
C LEU L 491 -1.85 -4.51 16.56
N TYR L 492 -2.08 -4.06 17.80
CA TYR L 492 -1.56 -2.78 18.24
C TYR L 492 -0.05 -2.83 18.46
N ALA L 493 0.45 -3.93 19.01
CA ALA L 493 1.88 -4.06 19.26
C ALA L 493 2.67 -4.04 17.96
N TRP L 494 2.19 -4.75 16.94
CA TRP L 494 2.86 -4.75 15.65
C TRP L 494 2.92 -3.35 15.05
N ASP L 495 1.80 -2.63 15.09
CA ASP L 495 1.76 -1.28 14.55
C ASP L 495 2.71 -0.36 15.30
N GLU L 496 2.72 -0.44 16.63
CA GLU L 496 3.61 0.42 17.41
C GLU L 496 5.07 0.08 17.14
N TYR L 497 5.39 -1.21 17.01
CA TYR L 497 6.77 -1.61 16.71
C TYR L 497 7.21 -1.08 15.35
N ARG L 498 6.33 -1.18 14.34
CA ARG L 498 6.68 -0.69 13.02
C ARG L 498 6.80 0.84 13.00
N ARG L 499 5.96 1.55 13.73
CA ARG L 499 6.05 2.99 13.75
C ARG L 499 7.25 3.51 14.53
N LEU L 500 7.58 2.88 15.63
CA LEU L 500 8.72 3.34 16.42
C LEU L 500 10.07 3.03 15.76
N MET L 501 10.10 2.17 14.75
CA MET L 501 11.32 1.88 14.02
C MET L 501 11.42 2.66 12.71
N ALA L 502 10.56 3.65 12.51
CA ALA L 502 10.58 4.50 11.31
C ALA L 502 10.42 3.67 10.03
N VAL L 503 9.57 2.66 10.09
CA VAL L 503 9.28 1.82 8.93
C VAL L 503 7.95 2.20 8.28
N GLU L 504 6.92 2.45 9.09
CA GLU L 504 5.61 2.82 8.57
C GLU L 504 5.43 4.34 8.61
#